data_9B04
#
_entry.id   9B04
#
_cell.length_a   1.00
_cell.length_b   1.00
_cell.length_c   1.00
_cell.angle_alpha   90.00
_cell.angle_beta   90.00
_cell.angle_gamma   90.00
#
_symmetry.space_group_name_H-M   'P 1'
#
loop_
_entity.id
_entity.type
_entity.pdbx_description
1 polymer 'Creatine kinase U-type, mitochondrial'
2 non-polymer "ADENOSINE-5'-DIPHOSPHATE"
3 non-polymer 'MAGNESIUM ION'
#
_entity_poly.entity_id   1
_entity_poly.type   'polypeptide(L)'
_entity_poly.pdbx_seq_one_letter_code
;MGSSHHHHHHSSGLVPRGSHMENLYFQGAASERRRLYPPSAEYPDLRKHNNCMASHLTPAVYARLCDKTTPTGWTLDQCI
QTGVDNPGHPFIKTVGMVAGDEETYEVFADLFDPVIQERHNGYDPRTMKHTTDLDASKIRSGYFDERYVLSSRVRTGRSI
RGLSLPPACTRAERREVERVVVDALSGLKGDLAGRYYRLSEMTEAEQQQLIDDHFLFDKPVSPLLTAAGMARDWPDARGI
WHNNEKSFLIWVNEEDHTRVISMEKGGNMKRVFERFCRGLKEVERLIQERGWEFMWNERLGYILTCPSNLGTGLRAGVHI
KLPLLSKDSRFPKILENLRLQKRGTGGVDTAATGGVFDISNLDRLGKSEVELVQLVIDGVNYLIDCERRLERGQDIRIPT
PVIHTKHGSSDYKDDDDK
;
_entity_poly.pdbx_strand_id   A,B,C,D,E,F,G,H
#
loop_
_chem_comp.id
_chem_comp.type
_chem_comp.name
_chem_comp.formula
ADP non-polymer ADENOSINE-5'-DIPHOSPHATE 'C10 H15 N5 O10 P2'
MG non-polymer 'MAGNESIUM ION' 'Mg 2'
#
# COMPACT_ATOMS: atom_id res chain seq x y z
N SER A 31 1.01 -15.40 3.13
CA SER A 31 2.32 -15.51 3.76
C SER A 31 3.43 -15.17 2.78
N GLU A 32 4.41 -14.40 3.24
CA GLU A 32 5.56 -14.02 2.43
C GLU A 32 6.71 -14.99 2.57
N ARG A 33 6.55 -16.06 3.35
CA ARG A 33 7.61 -17.06 3.51
C ARG A 33 7.67 -18.05 2.36
N ARG A 34 6.71 -18.03 1.45
CA ARG A 34 6.75 -18.91 0.30
C ARG A 34 7.87 -18.49 -0.65
N ARG A 35 8.46 -19.48 -1.31
CA ARG A 35 9.61 -19.26 -2.17
C ARG A 35 9.19 -19.28 -3.64
N LEU A 36 9.75 -18.36 -4.42
CA LEU A 36 9.52 -18.34 -5.86
C LEU A 36 10.46 -19.32 -6.54
N TYR A 37 10.07 -19.73 -7.74
CA TYR A 37 10.95 -20.54 -8.56
C TYR A 37 12.24 -19.77 -8.84
N PRO A 38 13.41 -20.36 -8.65
CA PRO A 38 14.65 -19.65 -8.98
C PRO A 38 14.68 -19.28 -10.44
N PRO A 39 15.25 -18.13 -10.80
CA PRO A 39 15.28 -17.75 -12.22
C PRO A 39 15.90 -18.80 -13.11
N SER A 40 16.95 -19.49 -12.62
CA SER A 40 17.57 -20.54 -13.40
C SER A 40 16.60 -21.68 -13.70
N ALA A 41 15.54 -21.83 -12.90
CA ALA A 41 14.55 -22.85 -13.20
C ALA A 41 13.78 -22.52 -14.48
N GLU A 42 13.64 -21.23 -14.79
CA GLU A 42 12.92 -20.80 -15.98
C GLU A 42 13.82 -20.65 -17.20
N TYR A 43 15.12 -20.87 -17.06
CA TYR A 43 16.04 -20.61 -18.15
C TYR A 43 15.70 -21.51 -19.33
N PRO A 44 15.61 -20.97 -20.55
CA PRO A 44 15.27 -21.81 -21.70
C PRO A 44 16.37 -22.81 -22.03
N ASP A 45 15.97 -23.91 -22.66
CA ASP A 45 16.91 -24.94 -23.12
C ASP A 45 17.31 -24.60 -24.55
N LEU A 46 18.46 -23.95 -24.69
CA LEU A 46 18.92 -23.44 -25.98
C LEU A 46 20.11 -24.24 -26.53
N ARG A 47 20.20 -25.52 -26.17
CA ARG A 47 21.35 -26.32 -26.57
C ARG A 47 21.37 -26.61 -28.06
N LYS A 48 20.29 -26.34 -28.79
CA LYS A 48 20.23 -26.61 -30.23
C LYS A 48 19.56 -25.44 -30.95
N HIS A 49 19.95 -24.22 -30.60
CA HIS A 49 19.37 -23.02 -31.16
C HIS A 49 20.42 -22.26 -31.96
N ASN A 50 19.96 -21.53 -32.98
CA ASN A 50 20.84 -20.88 -33.94
C ASN A 50 20.35 -19.46 -34.24
N ASN A 51 20.01 -18.71 -33.20
CA ASN A 51 19.65 -17.31 -33.35
C ASN A 51 20.48 -16.47 -32.38
N CYS A 52 20.62 -15.18 -32.71
CA CYS A 52 21.45 -14.29 -31.91
C CYS A 52 21.01 -14.27 -30.46
N MET A 53 19.71 -14.40 -30.20
CA MET A 53 19.24 -14.45 -28.83
C MET A 53 19.84 -15.64 -28.09
N ALA A 54 19.84 -16.80 -28.72
CA ALA A 54 20.40 -17.99 -28.08
C ALA A 54 21.88 -17.84 -27.82
N SER A 55 22.61 -17.22 -28.76
CA SER A 55 24.06 -17.09 -28.60
C SER A 55 24.42 -16.02 -27.57
N HIS A 56 23.56 -15.01 -27.38
CA HIS A 56 23.87 -13.91 -26.49
C HIS A 56 23.14 -13.98 -25.15
N LEU A 57 22.20 -14.92 -24.99
CA LEU A 57 21.51 -15.09 -23.71
C LEU A 57 22.33 -16.01 -22.83
N THR A 58 22.62 -15.56 -21.62
CA THR A 58 23.41 -16.29 -20.65
C THR A 58 22.66 -16.35 -19.33
N PRO A 59 22.96 -17.33 -18.48
CA PRO A 59 22.22 -17.44 -17.21
C PRO A 59 22.27 -16.17 -16.38
N ALA A 60 23.42 -15.50 -16.34
CA ALA A 60 23.53 -14.28 -15.55
C ALA A 60 22.59 -13.21 -16.08
N VAL A 61 22.58 -13.00 -17.39
CA VAL A 61 21.72 -11.97 -17.97
C VAL A 61 20.26 -12.31 -17.74
N TYR A 62 19.89 -13.58 -17.96
CA TYR A 62 18.50 -13.98 -17.77
C TYR A 62 18.07 -13.76 -16.33
N ALA A 63 18.91 -14.16 -15.37
CA ALA A 63 18.56 -13.97 -13.97
C ALA A 63 18.45 -12.49 -13.63
N ARG A 64 19.34 -11.67 -14.19
CA ARG A 64 19.29 -10.23 -13.93
C ARG A 64 18.00 -9.61 -14.44
N LEU A 65 17.58 -10.00 -15.65
CA LEU A 65 16.41 -9.39 -16.28
C LEU A 65 15.12 -10.17 -16.04
N CYS A 66 15.16 -11.27 -15.30
CA CYS A 66 13.98 -12.12 -15.16
C CYS A 66 12.83 -11.41 -14.45
N ASP A 67 13.12 -10.38 -13.65
CA ASP A 67 12.11 -9.77 -12.81
C ASP A 67 11.68 -8.38 -13.27
N LYS A 68 12.36 -7.80 -14.26
CA LYS A 68 12.00 -6.47 -14.72
C LYS A 68 10.86 -6.54 -15.74
N THR A 69 10.26 -5.40 -16.00
CA THR A 69 9.15 -5.32 -16.95
C THR A 69 8.97 -3.87 -17.37
N THR A 70 8.51 -3.68 -18.60
CA THR A 70 8.17 -2.35 -19.08
C THR A 70 6.90 -1.88 -18.41
N PRO A 71 6.63 -0.56 -18.42
CA PRO A 71 5.43 -0.06 -17.74
C PRO A 71 4.15 -0.69 -18.24
N THR A 72 4.11 -1.16 -19.48
CA THR A 72 2.92 -1.80 -20.03
C THR A 72 2.87 -3.29 -19.73
N GLY A 73 3.86 -3.84 -19.05
CA GLY A 73 3.84 -5.23 -18.64
C GLY A 73 4.66 -6.18 -19.48
N TRP A 74 5.36 -5.68 -20.49
CA TRP A 74 6.20 -6.55 -21.32
C TRP A 74 7.35 -7.09 -20.50
N THR A 75 7.62 -8.39 -20.65
CA THR A 75 8.64 -9.08 -19.87
C THR A 75 9.64 -9.74 -20.81
N LEU A 76 10.77 -10.16 -20.23
CA LEU A 76 11.84 -10.75 -21.03
C LEU A 76 11.40 -12.03 -21.72
N ASP A 77 10.66 -12.88 -21.01
CA ASP A 77 10.20 -14.12 -21.62
C ASP A 77 9.35 -13.83 -22.85
N GLN A 78 8.50 -12.80 -22.77
CA GLN A 78 7.72 -12.42 -23.94
C GLN A 78 8.61 -11.93 -25.07
N CYS A 79 9.72 -11.25 -24.73
CA CYS A 79 10.66 -10.82 -25.76
C CYS A 79 11.27 -12.01 -26.48
N ILE A 80 11.70 -13.02 -25.73
CA ILE A 80 12.50 -14.11 -26.30
C ILE A 80 11.66 -15.34 -26.66
N GLN A 81 10.35 -15.27 -26.51
CA GLN A 81 9.52 -16.43 -26.83
C GLN A 81 9.66 -16.83 -28.30
N THR A 82 9.66 -15.86 -29.21
CA THR A 82 9.76 -16.19 -30.63
C THR A 82 11.06 -16.93 -30.93
N GLY A 83 12.17 -16.47 -30.34
CA GLY A 83 13.44 -17.15 -30.56
C GLY A 83 13.47 -18.53 -29.92
N VAL A 84 12.89 -18.66 -28.72
CA VAL A 84 12.89 -19.95 -28.05
C VAL A 84 12.09 -20.97 -28.83
N ASP A 85 10.90 -20.57 -29.32
CA ASP A 85 10.04 -21.52 -30.02
C ASP A 85 10.69 -22.00 -31.31
N ASN A 86 11.35 -21.09 -32.04
N ASN A 86 11.35 -21.09 -32.03
CA ASN A 86 11.97 -21.44 -33.31
CA ASN A 86 11.98 -21.44 -33.30
C ASN A 86 13.48 -21.57 -33.10
C ASN A 86 13.48 -21.58 -33.09
N PRO A 87 14.04 -22.78 -33.10
N PRO A 87 14.03 -22.81 -33.13
CA PRO A 87 15.49 -22.89 -32.91
CA PRO A 87 15.48 -22.94 -32.88
C PRO A 87 16.28 -22.20 -34.01
C PRO A 87 16.34 -22.26 -33.94
N GLY A 88 15.70 -22.05 -35.20
N GLY A 88 16.10 -22.55 -35.22
CA GLY A 88 16.37 -21.37 -36.29
CA GLY A 88 16.88 -21.96 -36.28
C GLY A 88 17.14 -22.33 -37.18
C GLY A 88 16.07 -21.70 -37.53
N HIS A 89 16.96 -22.20 -38.49
N HIS A 89 16.12 -20.47 -38.04
CA HIS A 89 17.66 -23.06 -39.42
CA HIS A 89 15.37 -20.13 -39.23
C HIS A 89 19.16 -22.74 -39.38
C HIS A 89 15.91 -20.92 -40.42
N PRO A 90 20.03 -23.75 -39.33
N PRO A 90 15.03 -21.40 -41.32
CA PRO A 90 21.47 -23.46 -39.37
CA PRO A 90 15.52 -22.21 -42.44
C PRO A 90 21.86 -22.72 -40.64
C PRO A 90 16.47 -21.48 -43.36
N PHE A 91 22.84 -21.82 -40.51
N PHE A 91 16.26 -20.18 -43.57
CA PHE A 91 23.37 -20.98 -41.58
CA PHE A 91 17.01 -19.43 -44.58
C PHE A 91 22.44 -19.81 -41.89
C PHE A 91 18.15 -18.61 -43.97
N ILE A 92 21.27 -19.72 -41.26
N ILE A 92 17.85 -17.72 -43.03
CA ILE A 92 20.34 -18.61 -41.44
CA ILE A 92 18.81 -16.76 -42.51
C ILE A 92 20.28 -17.83 -40.13
C ILE A 92 18.84 -16.84 -41.00
N LYS A 93 20.50 -16.53 -40.21
N LYS A 93 19.96 -16.41 -40.42
CA LYS A 93 20.56 -15.67 -39.04
CA LYS A 93 20.07 -16.31 -38.97
C LYS A 93 19.21 -14.99 -38.82
C LYS A 93 19.16 -15.20 -38.47
N THR A 94 18.63 -15.20 -37.64
N THR A 94 18.20 -15.55 -37.62
CA THR A 94 17.40 -14.55 -37.22
CA THR A 94 17.19 -14.62 -37.17
C THR A 94 17.61 -13.97 -35.84
C THR A 94 17.59 -13.97 -35.85
N VAL A 95 17.06 -12.78 -35.61
CA VAL A 95 17.28 -12.10 -34.33
C VAL A 95 16.71 -12.93 -33.19
N GLY A 96 15.49 -13.43 -33.36
CA GLY A 96 14.87 -14.26 -32.34
C GLY A 96 14.23 -13.50 -31.21
N MET A 97 14.15 -12.16 -31.29
CA MET A 97 13.52 -11.37 -30.25
C MET A 97 12.67 -10.28 -30.91
N VAL A 98 11.69 -9.81 -30.14
CA VAL A 98 10.84 -8.69 -30.54
C VAL A 98 10.64 -7.79 -29.32
N ALA A 99 10.18 -6.57 -29.59
CA ALA A 99 9.91 -5.59 -28.55
C ALA A 99 8.41 -5.33 -28.49
N GLY A 100 7.89 -5.20 -27.27
CA GLY A 100 6.48 -4.92 -27.07
C GLY A 100 6.11 -3.47 -26.95
N ASP A 101 7.09 -2.58 -26.84
CA ASP A 101 6.85 -1.15 -26.74
C ASP A 101 8.19 -0.44 -26.83
N GLU A 102 8.14 0.89 -26.80
CA GLU A 102 9.36 1.68 -26.91
C GLU A 102 10.28 1.45 -25.72
N GLU A 103 9.72 1.36 -24.52
CA GLU A 103 10.55 1.22 -23.32
C GLU A 103 11.36 -0.07 -23.31
N THR A 104 10.93 -1.08 -24.09
CA THR A 104 11.61 -2.37 -24.06
C THR A 104 13.10 -2.22 -24.31
N TYR A 105 13.46 -1.55 -25.40
CA TYR A 105 14.87 -1.42 -25.77
C TYR A 105 15.68 -0.73 -24.67
N GLU A 106 15.03 0.02 -23.79
CA GLU A 106 15.73 0.63 -22.67
C GLU A 106 15.71 -0.28 -21.45
N VAL A 107 14.59 -0.96 -21.21
CA VAL A 107 14.50 -1.79 -20.01
C VAL A 107 15.39 -3.02 -20.15
N PHE A 108 15.36 -3.68 -21.30
CA PHE A 108 16.14 -4.89 -21.56
C PHE A 108 17.34 -4.62 -22.44
N ALA A 109 17.96 -3.44 -22.30
CA ALA A 109 19.09 -3.09 -23.13
C ALA A 109 20.26 -4.06 -22.91
N ASP A 110 20.39 -4.61 -21.70
CA ASP A 110 21.50 -5.51 -21.43
C ASP A 110 21.53 -6.70 -22.37
N LEU A 111 20.37 -7.11 -22.87
CA LEU A 111 20.29 -8.22 -23.82
C LEU A 111 20.17 -7.77 -25.26
N PHE A 112 19.48 -6.66 -25.51
CA PHE A 112 19.28 -6.21 -26.88
C PHE A 112 20.55 -5.60 -27.47
N ASP A 113 21.31 -4.87 -26.66
CA ASP A 113 22.48 -4.17 -27.19
C ASP A 113 23.48 -5.11 -27.86
N PRO A 114 23.90 -6.22 -27.24
CA PRO A 114 24.76 -7.15 -27.98
C PRO A 114 24.12 -7.67 -29.25
N VAL A 115 22.81 -7.92 -29.22
CA VAL A 115 22.13 -8.44 -30.40
C VAL A 115 22.10 -7.40 -31.51
N ILE A 116 21.77 -6.15 -31.15
CA ILE A 116 21.77 -5.07 -32.14
C ILE A 116 23.16 -4.90 -32.72
N GLN A 117 24.19 -4.94 -31.86
CA GLN A 117 25.55 -4.77 -32.35
C GLN A 117 25.94 -5.89 -33.30
N GLU A 118 25.60 -7.13 -32.97
CA GLU A 118 25.93 -8.25 -33.85
C GLU A 118 25.19 -8.15 -35.17
N ARG A 119 23.91 -7.77 -35.14
CA ARG A 119 23.12 -7.71 -36.37
C ARG A 119 23.65 -6.64 -37.31
N HIS A 120 23.86 -5.43 -36.81
CA HIS A 120 24.23 -4.29 -37.64
C HIS A 120 25.75 -4.10 -37.68
N ASN A 121 26.45 -5.16 -38.07
CA ASN A 121 27.88 -5.15 -38.37
C ASN A 121 28.66 -4.20 -37.46
N GLY A 122 28.41 -4.33 -36.15
CA GLY A 122 29.23 -3.68 -35.15
C GLY A 122 28.76 -2.35 -34.64
N TYR A 123 27.62 -1.85 -35.11
CA TYR A 123 27.09 -0.60 -34.58
C TYR A 123 26.85 -0.76 -33.08
N ASP A 124 27.32 0.21 -32.30
CA ASP A 124 27.22 0.15 -30.85
C ASP A 124 26.12 1.09 -30.36
N PRO A 125 24.97 0.59 -29.94
CA PRO A 125 23.92 1.51 -29.45
C PRO A 125 24.35 2.32 -28.24
N ARG A 126 25.19 1.75 -27.37
CA ARG A 126 25.54 2.44 -26.14
C ARG A 126 26.40 3.68 -26.40
N THR A 127 27.22 3.65 -27.45
CA THR A 127 28.16 4.72 -27.73
C THR A 127 27.80 5.52 -28.98
N MET A 128 27.52 4.85 -30.09
CA MET A 128 27.30 5.54 -31.35
C MET A 128 25.92 6.19 -31.37
N LYS A 129 25.71 7.04 -32.38
CA LYS A 129 24.45 7.75 -32.57
C LYS A 129 24.02 7.60 -34.03
N HIS A 130 22.70 7.65 -34.24
CA HIS A 130 22.11 7.46 -35.56
C HIS A 130 21.64 8.80 -36.11
N THR A 131 21.89 9.02 -37.39
CA THR A 131 21.48 10.23 -38.09
C THR A 131 20.53 9.85 -39.21
N THR A 132 19.39 10.55 -39.28
CA THR A 132 18.37 10.30 -40.30
C THR A 132 18.41 11.43 -41.33
N ASP A 133 18.45 11.06 -42.60
CA ASP A 133 18.48 12.02 -43.69
C ASP A 133 17.71 11.44 -44.86
N LEU A 134 16.60 12.08 -45.23
CA LEU A 134 15.73 11.60 -46.29
C LEU A 134 15.73 12.51 -47.52
N ASP A 135 16.66 13.46 -47.60
CA ASP A 135 16.68 14.40 -48.70
C ASP A 135 16.95 13.69 -50.02
N ALA A 136 15.91 13.57 -50.86
CA ALA A 136 16.06 12.91 -52.16
C ALA A 136 16.86 13.75 -53.15
N SER A 137 17.17 15.00 -52.83
CA SER A 137 17.99 15.81 -53.73
C SER A 137 19.43 15.32 -53.77
N LYS A 138 19.95 14.82 -52.64
CA LYS A 138 21.35 14.42 -52.59
C LYS A 138 21.65 13.29 -53.56
N ILE A 139 20.76 12.30 -53.64
CA ILE A 139 21.02 11.14 -54.49
C ILE A 139 21.20 11.60 -55.93
N ARG A 140 22.13 10.95 -56.63
CA ARG A 140 22.41 11.22 -58.03
C ARG A 140 22.12 9.96 -58.84
N SER A 141 22.49 9.98 -60.13
CA SER A 141 22.25 8.86 -61.03
C SER A 141 20.76 8.57 -61.13
N GLY A 142 20.30 7.49 -60.48
CA GLY A 142 18.88 7.16 -60.49
C GLY A 142 18.48 6.32 -61.68
N TYR A 143 18.64 6.85 -62.89
CA TYR A 143 18.23 6.13 -64.08
C TYR A 143 18.97 4.80 -64.19
N PHE A 144 18.23 3.74 -64.48
CA PHE A 144 18.75 2.39 -64.59
C PHE A 144 18.60 1.90 -66.03
N ASP A 145 19.08 0.68 -66.26
CA ASP A 145 18.95 0.01 -67.55
C ASP A 145 18.00 -1.17 -67.38
N GLU A 146 16.97 -1.23 -68.24
CA GLU A 146 15.94 -2.26 -68.16
C GLU A 146 16.49 -3.58 -68.70
N ARG A 147 17.39 -4.17 -67.92
CA ARG A 147 17.98 -5.46 -68.23
C ARG A 147 17.51 -6.55 -67.27
N TYR A 148 17.70 -6.35 -65.97
CA TYR A 148 17.21 -7.29 -64.96
C TYR A 148 16.53 -6.59 -63.78
N VAL A 149 16.43 -5.25 -63.80
CA VAL A 149 15.83 -4.55 -62.68
C VAL A 149 14.33 -4.81 -62.62
N LEU A 150 13.66 -4.77 -63.78
CA LEU A 150 12.21 -4.97 -63.83
C LEU A 150 11.48 -3.87 -63.07
N SER A 151 11.59 -3.87 -61.75
CA SER A 151 10.90 -2.91 -60.91
C SER A 151 11.79 -2.55 -59.72
N SER A 152 11.51 -1.39 -59.13
CA SER A 152 12.24 -0.89 -57.98
C SER A 152 11.26 -0.58 -56.85
N ARG A 153 11.74 -0.73 -55.61
CA ARG A 153 10.91 -0.57 -54.44
C ARG A 153 11.74 -0.01 -53.30
N VAL A 154 11.08 0.74 -52.41
CA VAL A 154 11.68 1.26 -51.19
C VAL A 154 10.65 1.09 -50.08
N ARG A 155 11.12 0.71 -48.89
CA ARG A 155 10.22 0.39 -47.79
C ARG A 155 10.81 0.87 -46.48
N THR A 156 9.94 1.37 -45.60
CA THR A 156 10.31 1.67 -44.22
C THR A 156 9.14 1.35 -43.31
N GLY A 157 9.37 1.46 -42.02
CA GLY A 157 8.34 1.22 -41.04
C GLY A 157 8.34 2.31 -39.99
N ARG A 158 7.16 2.57 -39.43
CA ARG A 158 6.99 3.60 -38.42
C ARG A 158 6.03 3.11 -37.35
N SER A 159 6.28 3.54 -36.12
CA SER A 159 5.47 3.19 -34.96
C SER A 159 4.98 4.46 -34.29
N ILE A 160 3.70 4.47 -33.93
CA ILE A 160 3.11 5.63 -33.27
C ILE A 160 3.45 5.59 -31.79
N ARG A 161 4.02 6.67 -31.28
CA ARG A 161 4.41 6.73 -29.88
C ARG A 161 3.18 6.68 -28.98
N GLY A 162 3.34 6.03 -27.82
CA GLY A 162 2.27 5.90 -26.87
C GLY A 162 1.41 4.67 -27.04
N LEU A 163 1.61 3.90 -28.10
CA LEU A 163 0.82 2.71 -28.37
C LEU A 163 1.73 1.49 -28.42
N SER A 164 1.24 0.39 -27.83
CA SER A 164 2.04 -0.82 -27.77
C SER A 164 2.29 -1.37 -29.18
N LEU A 165 3.41 -2.04 -29.34
CA LEU A 165 3.79 -2.59 -30.63
C LEU A 165 2.99 -3.86 -30.92
N PRO A 166 2.98 -4.31 -32.17
CA PRO A 166 2.08 -5.39 -32.57
C PRO A 166 2.20 -6.61 -31.68
N PRO A 167 3.40 -6.98 -31.24
CA PRO A 167 3.51 -8.16 -30.36
C PRO A 167 2.71 -8.03 -29.08
N ALA A 168 2.56 -6.81 -28.55
CA ALA A 168 1.89 -6.60 -27.27
C ALA A 168 0.61 -5.81 -27.36
N CYS A 169 0.30 -5.19 -28.49
CA CYS A 169 -0.86 -4.31 -28.57
C CYS A 169 -2.15 -5.09 -28.35
N THR A 170 -3.07 -4.48 -27.61
CA THR A 170 -4.40 -5.04 -27.43
C THR A 170 -5.27 -4.67 -28.63
N ARG A 171 -6.53 -5.13 -28.61
CA ARG A 171 -7.45 -4.79 -29.69
C ARG A 171 -7.68 -3.30 -29.75
N ALA A 172 -7.88 -2.66 -28.59
CA ALA A 172 -8.13 -1.22 -28.57
C ALA A 172 -6.95 -0.44 -29.12
N GLU A 173 -5.73 -0.83 -28.74
CA GLU A 173 -4.55 -0.12 -29.23
C GLU A 173 -4.40 -0.29 -30.74
N ARG A 174 -4.64 -1.49 -31.25
CA ARG A 174 -4.55 -1.70 -32.70
C ARG A 174 -5.59 -0.86 -33.43
N ARG A 175 -6.81 -0.81 -32.90
CA ARG A 175 -7.85 0.01 -33.52
C ARG A 175 -7.47 1.49 -33.47
N GLU A 176 -6.85 1.92 -32.37
CA GLU A 176 -6.40 3.31 -32.27
C GLU A 176 -5.33 3.62 -33.31
N VAL A 177 -4.38 2.70 -33.50
CA VAL A 177 -3.35 2.90 -34.52
C VAL A 177 -4.01 3.03 -35.89
N GLU A 178 -4.96 2.15 -36.19
CA GLU A 178 -5.62 2.21 -37.48
C GLU A 178 -6.35 3.54 -37.65
N ARG A 179 -7.04 3.99 -36.60
N ARG A 179 -7.05 3.98 -36.60
CA ARG A 179 -7.78 5.25 -36.68
CA ARG A 179 -7.77 5.25 -36.66
C ARG A 179 -6.83 6.41 -36.94
C ARG A 179 -6.83 6.40 -36.94
N VAL A 180 -5.73 6.48 -36.20
CA VAL A 180 -4.79 7.58 -36.36
C VAL A 180 -4.24 7.60 -37.78
N VAL A 181 -3.79 6.43 -38.26
CA VAL A 181 -3.17 6.38 -39.58
C VAL A 181 -4.18 6.73 -40.66
N VAL A 182 -5.39 6.19 -40.57
CA VAL A 182 -6.39 6.44 -41.61
C VAL A 182 -6.79 7.90 -41.63
N ASP A 183 -7.04 8.49 -40.44
CA ASP A 183 -7.42 9.89 -40.39
C ASP A 183 -6.31 10.77 -40.97
N ALA A 184 -5.06 10.47 -40.63
CA ALA A 184 -3.95 11.24 -41.19
C ALA A 184 -3.90 11.11 -42.70
N LEU A 185 -3.90 9.88 -43.21
CA LEU A 185 -3.80 9.68 -44.65
C LEU A 185 -4.97 10.28 -45.40
N SER A 186 -6.12 10.45 -44.74
CA SER A 186 -7.25 11.11 -45.41
C SER A 186 -6.88 12.52 -45.86
N GLY A 187 -5.92 13.15 -45.19
CA GLY A 187 -5.50 14.49 -45.54
C GLY A 187 -4.52 14.59 -46.68
N LEU A 188 -4.00 13.47 -47.16
CA LEU A 188 -3.10 13.50 -48.31
C LEU A 188 -3.82 14.04 -49.54
N LYS A 189 -3.14 14.90 -50.28
CA LYS A 189 -3.67 15.50 -51.49
C LYS A 189 -2.69 15.30 -52.64
N GLY A 190 -3.05 15.83 -53.80
CA GLY A 190 -2.17 15.73 -54.95
C GLY A 190 -2.04 14.31 -55.46
N ASP A 191 -0.89 14.01 -56.06
CA ASP A 191 -0.67 12.69 -56.62
C ASP A 191 -0.76 11.60 -55.55
N LEU A 192 -0.33 11.90 -54.32
CA LEU A 192 -0.39 10.91 -53.25
C LEU A 192 -1.77 10.86 -52.64
N ALA A 193 -2.80 10.74 -53.45
CA ALA A 193 -4.18 10.65 -52.99
C ALA A 193 -4.73 9.28 -53.34
N GLY A 194 -5.27 8.59 -52.35
CA GLY A 194 -5.70 7.23 -52.54
C GLY A 194 -6.80 6.82 -51.59
N ARG A 195 -6.94 5.51 -51.43
CA ARG A 195 -8.00 4.94 -50.61
C ARG A 195 -7.44 3.92 -49.64
N TYR A 196 -8.14 3.76 -48.52
CA TYR A 196 -7.83 2.77 -47.51
C TYR A 196 -8.81 1.61 -47.63
N TYR A 197 -8.28 0.40 -47.75
CA TYR A 197 -9.06 -0.82 -47.85
C TYR A 197 -8.83 -1.66 -46.61
N ARG A 198 -9.92 -2.05 -45.96
CA ARG A 198 -9.86 -2.87 -44.76
C ARG A 198 -9.85 -4.34 -45.17
N LEU A 199 -8.96 -5.12 -44.55
CA LEU A 199 -8.88 -6.54 -44.87
C LEU A 199 -10.20 -7.24 -44.57
N SER A 200 -10.81 -6.92 -43.43
CA SER A 200 -12.07 -7.57 -43.06
C SER A 200 -13.16 -7.32 -44.09
N GLU A 201 -13.06 -6.22 -44.84
CA GLU A 201 -14.05 -5.86 -45.84
C GLU A 201 -13.63 -6.21 -47.26
N MET A 202 -12.51 -6.92 -47.43
CA MET A 202 -11.96 -7.23 -48.74
C MET A 202 -12.21 -8.70 -49.06
N THR A 203 -12.64 -8.96 -50.29
CA THR A 203 -12.92 -10.33 -50.70
C THR A 203 -11.64 -11.14 -50.78
N GLU A 204 -11.78 -12.46 -50.61
CA GLU A 204 -10.62 -13.34 -50.66
C GLU A 204 -9.94 -13.27 -52.03
N ALA A 205 -10.73 -13.25 -53.10
CA ALA A 205 -10.16 -13.17 -54.44
C ALA A 205 -9.38 -11.87 -54.63
N GLU A 206 -9.96 -10.75 -54.17
CA GLU A 206 -9.27 -9.47 -54.28
C GLU A 206 -7.97 -9.47 -53.49
N GLN A 207 -8.00 -10.02 -52.28
CA GLN A 207 -6.80 -10.09 -51.46
C GLN A 207 -5.72 -10.94 -52.14
N GLN A 208 -6.12 -12.09 -52.70
CA GLN A 208 -5.16 -12.94 -53.38
C GLN A 208 -4.57 -12.23 -54.60
N GLN A 209 -5.41 -11.53 -55.37
CA GLN A 209 -4.91 -10.79 -56.52
C GLN A 209 -3.92 -9.71 -56.10
N LEU A 210 -4.24 -8.97 -55.03
CA LEU A 210 -3.33 -7.95 -54.55
C LEU A 210 -2.01 -8.56 -54.08
N ILE A 211 -2.08 -9.69 -53.38
CA ILE A 211 -0.86 -10.34 -52.90
C ILE A 211 0.00 -10.78 -54.09
N ASP A 212 -0.61 -11.40 -55.08
CA ASP A 212 0.14 -11.87 -56.24
C ASP A 212 0.79 -10.71 -56.99
N ASP A 213 0.15 -9.54 -56.99
CA ASP A 213 0.69 -8.36 -57.64
C ASP A 213 1.72 -7.63 -56.79
N HIS A 214 2.17 -8.24 -55.68
CA HIS A 214 3.15 -7.63 -54.79
C HIS A 214 2.63 -6.35 -54.13
N PHE A 215 1.30 -6.20 -54.04
CA PHE A 215 0.69 -5.00 -53.50
C PHE A 215 -0.12 -5.29 -52.24
N LEU A 216 0.18 -6.38 -51.53
CA LEU A 216 -0.57 -6.70 -50.34
C LEU A 216 0.22 -7.72 -49.52
N PHE A 217 -0.19 -7.88 -48.26
CA PHE A 217 0.43 -8.82 -47.34
C PHE A 217 -0.56 -9.93 -47.01
N ASP A 218 -0.03 -11.13 -46.84
CA ASP A 218 -0.85 -12.29 -46.53
C ASP A 218 -0.92 -12.52 -45.02
N LYS A 219 -1.82 -13.41 -44.62
CA LYS A 219 -1.93 -13.74 -43.20
C LYS A 219 -0.62 -14.35 -42.71
N PRO A 220 -0.06 -13.88 -41.59
CA PRO A 220 1.21 -14.46 -41.12
C PRO A 220 1.07 -15.95 -40.86
N VAL A 221 1.84 -16.74 -41.61
CA VAL A 221 1.81 -18.20 -41.49
C VAL A 221 3.17 -18.68 -40.99
N SER A 222 4.22 -17.93 -41.29
CA SER A 222 5.55 -18.33 -40.84
C SER A 222 5.59 -18.32 -39.32
N PRO A 223 6.22 -19.32 -38.69
CA PRO A 223 6.17 -19.41 -37.23
C PRO A 223 6.79 -18.21 -36.52
N LEU A 224 7.67 -17.45 -37.18
CA LEU A 224 8.33 -16.35 -36.51
C LEU A 224 7.33 -15.31 -36.01
N LEU A 225 6.37 -14.94 -36.87
CA LEU A 225 5.39 -13.93 -36.46
C LEU A 225 4.36 -14.50 -35.50
N THR A 226 3.88 -15.72 -35.75
CA THR A 226 2.85 -16.30 -34.89
C THR A 226 3.38 -16.52 -33.49
N ALA A 227 4.60 -17.06 -33.35
CA ALA A 227 5.17 -17.26 -32.03
C ALA A 227 5.39 -15.93 -31.31
N ALA A 228 5.63 -14.86 -32.06
CA ALA A 228 5.77 -13.53 -31.48
C ALA A 228 4.44 -12.93 -31.04
N GLY A 229 3.32 -13.56 -31.39
CA GLY A 229 2.03 -13.02 -31.03
C GLY A 229 1.59 -11.86 -31.89
N MET A 230 2.01 -11.82 -33.16
CA MET A 230 1.68 -10.74 -34.06
C MET A 230 0.58 -11.10 -35.05
N ALA A 231 -0.06 -12.27 -34.89
CA ALA A 231 -1.18 -12.66 -35.71
C ALA A 231 -2.50 -12.70 -34.93
N ARG A 232 -2.51 -12.14 -33.73
CA ARG A 232 -3.72 -12.17 -32.91
C ARG A 232 -4.83 -11.34 -33.56
N ASP A 233 -6.05 -11.84 -33.45
CA ASP A 233 -7.25 -11.13 -33.88
C ASP A 233 -7.25 -10.85 -35.38
N TRP A 234 -6.49 -11.60 -36.16
CA TRP A 234 -6.47 -11.38 -37.59
C TRP A 234 -7.86 -11.64 -38.18
N PRO A 235 -8.32 -10.81 -39.12
CA PRO A 235 -7.71 -9.63 -39.73
C PRO A 235 -8.20 -8.32 -39.11
N ASP A 236 -8.57 -8.32 -37.83
CA ASP A 236 -9.18 -7.15 -37.22
C ASP A 236 -8.17 -6.00 -37.17
N ALA A 237 -8.51 -4.88 -37.80
CA ALA A 237 -7.75 -3.64 -37.75
C ALA A 237 -6.48 -3.68 -38.58
N ARG A 238 -6.39 -4.57 -39.56
CA ARG A 238 -5.30 -4.58 -40.53
C ARG A 238 -5.82 -4.09 -41.87
N GLY A 239 -5.06 -3.23 -42.52
CA GLY A 239 -5.53 -2.64 -43.76
C GLY A 239 -4.40 -2.23 -44.68
N ILE A 240 -4.79 -1.69 -45.84
CA ILE A 240 -3.81 -1.21 -46.83
C ILE A 240 -4.36 0.06 -47.43
N TRP A 241 -3.60 1.15 -47.32
CA TRP A 241 -3.93 2.41 -47.97
C TRP A 241 -3.01 2.59 -49.15
N HIS A 242 -3.57 2.71 -50.36
CA HIS A 242 -2.75 2.85 -51.55
C HIS A 242 -3.27 3.99 -52.41
N ASN A 243 -2.32 4.64 -53.10
CA ASN A 243 -2.66 5.74 -53.98
C ASN A 243 -3.32 5.21 -55.26
N ASN A 244 -3.90 6.13 -56.03
CA ASN A 244 -4.63 5.72 -57.23
C ASN A 244 -3.72 5.01 -58.21
N GLU A 245 -2.50 5.53 -58.42
CA GLU A 245 -1.54 4.87 -59.29
C GLU A 245 -0.98 3.60 -58.69
N LYS A 246 -1.25 3.32 -57.41
CA LYS A 246 -0.73 2.14 -56.73
C LYS A 246 0.80 2.16 -56.67
N SER A 247 1.39 3.34 -56.76
CA SER A 247 2.83 3.53 -56.62
C SER A 247 3.24 3.95 -55.21
N PHE A 248 2.27 4.09 -54.31
CA PHE A 248 2.55 4.47 -52.92
C PHE A 248 1.56 3.74 -52.03
N LEU A 249 2.07 2.83 -51.20
CA LEU A 249 1.25 1.99 -50.36
C LEU A 249 1.67 2.12 -48.90
N ILE A 250 0.74 1.78 -48.02
CA ILE A 250 0.96 1.81 -46.58
C ILE A 250 0.20 0.65 -45.98
N TRP A 251 0.91 -0.33 -45.44
CA TRP A 251 0.30 -1.45 -44.72
C TRP A 251 0.10 -1.04 -43.28
N VAL A 252 -1.12 -1.23 -42.78
CA VAL A 252 -1.49 -0.86 -41.42
C VAL A 252 -1.68 -2.15 -40.62
N ASN A 253 -0.82 -2.32 -39.60
CA ASN A 253 -0.92 -3.41 -38.63
C ASN A 253 -0.77 -4.79 -39.30
N GLU A 254 0.38 -4.99 -39.93
CA GLU A 254 0.77 -6.32 -40.41
C GLU A 254 2.01 -6.84 -39.71
N GLU A 255 3.12 -6.11 -39.80
CA GLU A 255 4.33 -6.40 -39.05
C GLU A 255 4.74 -5.28 -38.13
N ASP A 256 4.31 -4.06 -38.42
CA ASP A 256 4.54 -2.90 -37.57
C ASP A 256 3.29 -2.03 -37.62
N HIS A 257 3.29 -0.93 -36.87
CA HIS A 257 2.15 -0.03 -36.90
C HIS A 257 1.89 0.47 -38.32
N THR A 258 2.93 0.89 -39.02
CA THR A 258 2.80 1.32 -40.40
C THR A 258 4.01 0.87 -41.19
N ARG A 259 3.77 0.39 -42.41
CA ARG A 259 4.82 0.04 -43.35
C ARG A 259 4.61 0.85 -44.62
N VAL A 260 5.49 1.80 -44.88
CA VAL A 260 5.39 2.71 -46.01
C VAL A 260 6.24 2.17 -47.16
N ILE A 261 5.63 2.03 -48.33
CA ILE A 261 6.27 1.45 -49.50
C ILE A 261 6.08 2.38 -50.69
N SER A 262 7.16 2.64 -51.41
CA SER A 262 7.13 3.36 -52.68
C SER A 262 7.62 2.41 -53.76
N MET A 263 6.79 2.21 -54.79
CA MET A 263 7.03 1.19 -55.79
C MET A 263 7.04 1.81 -57.18
N GLU A 264 7.70 1.13 -58.12
CA GLU A 264 7.67 1.55 -59.51
C GLU A 264 8.02 0.36 -60.38
N LYS A 265 7.23 0.12 -61.42
CA LYS A 265 7.48 -0.96 -62.36
C LYS A 265 8.48 -0.50 -63.44
N GLY A 266 9.66 -0.11 -62.98
CA GLY A 266 10.69 0.39 -63.85
C GLY A 266 12.07 0.34 -63.23
N GLY A 267 12.86 1.39 -63.46
CA GLY A 267 14.20 1.46 -62.90
C GLY A 267 14.61 2.86 -62.48
N ASN A 268 13.66 3.79 -62.49
CA ASN A 268 13.93 5.18 -62.11
C ASN A 268 13.92 5.30 -60.59
N MET A 269 14.96 4.73 -59.97
CA MET A 269 15.04 4.72 -58.52
C MET A 269 15.01 6.12 -57.94
N LYS A 270 15.52 7.12 -58.68
CA LYS A 270 15.48 8.49 -58.19
C LYS A 270 14.04 8.94 -57.98
N ARG A 271 13.17 8.69 -58.96
CA ARG A 271 11.78 9.08 -58.82
C ARG A 271 11.11 8.34 -57.68
N VAL A 272 11.38 7.04 -57.55
CA VAL A 272 10.77 6.26 -56.48
C VAL A 272 11.17 6.81 -55.13
N PHE A 273 12.46 7.12 -54.96
CA PHE A 273 12.92 7.64 -53.68
C PHE A 273 12.39 9.04 -53.40
N GLU A 274 12.25 9.86 -54.45
CA GLU A 274 11.70 11.19 -54.27
C GLU A 274 10.25 11.10 -53.80
N ARG A 275 9.46 10.25 -54.44
CA ARG A 275 8.08 10.04 -54.01
C ARG A 275 8.04 9.52 -52.59
N PHE A 276 8.91 8.56 -52.27
CA PHE A 276 8.99 8.02 -50.92
C PHE A 276 9.23 9.12 -49.90
N CYS A 277 10.25 9.96 -50.16
CA CYS A 277 10.61 11.00 -49.21
C CYS A 277 9.47 11.99 -49.01
N ARG A 278 8.88 12.48 -50.11
CA ARG A 278 7.84 13.49 -49.96
C ARG A 278 6.60 12.91 -49.30
N GLY A 279 6.23 11.69 -49.65
CA GLY A 279 5.09 11.06 -49.00
C GLY A 279 5.31 10.83 -47.52
N LEU A 280 6.51 10.38 -47.15
CA LEU A 280 6.82 10.19 -45.74
C LEU A 280 6.77 11.51 -44.99
N LYS A 281 7.30 12.57 -45.58
CA LYS A 281 7.26 13.88 -44.93
C LYS A 281 5.83 14.34 -44.73
N GLU A 282 4.99 14.19 -45.75
CA GLU A 282 3.59 14.60 -45.61
C GLU A 282 2.88 13.76 -44.55
N VAL A 283 3.12 12.46 -44.53
CA VAL A 283 2.48 11.59 -43.54
C VAL A 283 2.90 11.99 -42.13
N GLU A 284 4.19 12.25 -41.94
CA GLU A 284 4.66 12.66 -40.62
C GLU A 284 4.04 13.99 -40.21
N ARG A 285 3.94 14.94 -41.15
CA ARG A 285 3.33 16.22 -40.82
C ARG A 285 1.88 16.03 -40.39
N LEU A 286 1.13 15.21 -41.12
CA LEU A 286 -0.28 15.00 -40.78
C LEU A 286 -0.41 14.27 -39.45
N ILE A 287 0.50 13.34 -39.16
CA ILE A 287 0.47 12.66 -37.86
C ILE A 287 0.69 13.66 -36.74
N GLN A 288 1.70 14.53 -36.91
CA GLN A 288 1.99 15.52 -35.88
C GLN A 288 0.86 16.53 -35.73
N GLU A 289 0.09 16.76 -36.80
CA GLU A 289 -1.00 17.72 -36.72
C GLU A 289 -1.97 17.37 -35.60
N ARG A 290 -2.31 16.09 -35.48
CA ARG A 290 -3.29 15.65 -34.49
C ARG A 290 -2.69 15.38 -33.12
N GLY A 291 -1.37 15.52 -32.96
CA GLY A 291 -0.74 15.33 -31.68
C GLY A 291 -0.05 14.00 -31.48
N TRP A 292 0.18 13.23 -32.55
CA TRP A 292 0.86 11.95 -32.48
C TRP A 292 2.28 12.09 -33.02
N GLU A 293 3.17 11.26 -32.49
CA GLU A 293 4.57 11.25 -32.92
C GLU A 293 5.00 9.83 -33.24
N PHE A 294 6.01 9.73 -34.10
CA PHE A 294 6.66 8.46 -34.36
C PHE A 294 7.67 8.16 -33.26
N MET A 295 7.72 6.90 -32.82
CA MET A 295 8.75 6.50 -31.88
C MET A 295 10.12 6.75 -32.48
N TRP A 296 10.99 7.41 -31.73
CA TRP A 296 12.31 7.74 -32.23
C TRP A 296 13.22 8.24 -31.12
N ASN A 297 14.45 7.71 -31.06
CA ASN A 297 15.46 8.20 -30.14
C ASN A 297 16.81 8.19 -30.84
N GLU A 298 17.73 9.01 -30.33
CA GLU A 298 18.99 9.24 -31.02
C GLU A 298 19.80 7.96 -31.16
N ARG A 299 19.85 7.14 -30.10
CA ARG A 299 20.71 5.96 -30.12
C ARG A 299 20.27 4.98 -31.19
N LEU A 300 18.96 4.72 -31.30
CA LEU A 300 18.44 3.65 -32.14
C LEU A 300 17.75 4.15 -33.39
N GLY A 301 17.40 5.44 -33.47
CA GLY A 301 16.61 5.92 -34.58
C GLY A 301 15.15 5.56 -34.42
N TYR A 302 14.50 5.15 -35.50
CA TYR A 302 13.10 4.79 -35.45
C TYR A 302 12.93 3.42 -34.81
N ILE A 303 12.04 3.33 -33.82
CA ILE A 303 11.86 2.11 -33.04
C ILE A 303 10.85 1.22 -33.74
N LEU A 304 11.20 -0.06 -33.88
CA LEU A 304 10.35 -1.04 -34.54
C LEU A 304 10.40 -2.35 -33.75
N THR A 305 9.62 -3.34 -34.17
CA THR A 305 9.51 -4.58 -33.41
C THR A 305 10.79 -5.41 -33.53
N CYS A 306 11.11 -5.83 -34.74
CA CYS A 306 12.30 -6.66 -34.93
C CYS A 306 13.55 -5.80 -34.79
N PRO A 307 14.50 -6.16 -33.93
CA PRO A 307 15.72 -5.36 -33.81
C PRO A 307 16.49 -5.26 -35.11
N SER A 308 16.28 -6.18 -36.05
CA SER A 308 16.94 -6.09 -37.34
C SER A 308 16.49 -4.87 -38.14
N ASN A 309 15.32 -4.32 -37.84
CA ASN A 309 14.76 -3.21 -38.60
C ASN A 309 15.03 -1.86 -37.95
N LEU A 310 15.77 -1.82 -36.84
CA LEU A 310 16.01 -0.57 -36.14
C LEU A 310 16.74 0.42 -37.04
N GLY A 311 16.83 1.66 -36.57
CA GLY A 311 17.53 2.70 -37.30
C GLY A 311 16.63 3.43 -38.28
N THR A 312 16.71 3.04 -39.56
CA THR A 312 15.88 3.63 -40.59
C THR A 312 14.80 2.69 -41.10
N GLY A 313 14.96 1.38 -40.93
CA GLY A 313 14.01 0.44 -41.48
C GLY A 313 13.97 0.41 -42.99
N LEU A 314 14.94 1.04 -43.65
CA LEU A 314 14.92 1.16 -45.10
C LEU A 314 15.40 -0.12 -45.76
N ARG A 315 14.67 -0.55 -46.78
CA ARG A 315 15.02 -1.74 -47.55
C ARG A 315 14.90 -1.48 -49.05
N ALA A 316 15.51 -0.39 -49.50
CA ALA A 316 15.54 -0.11 -50.93
C ALA A 316 16.11 -1.31 -51.68
N GLY A 317 15.39 -1.74 -52.71
CA GLY A 317 15.78 -2.95 -53.42
C GLY A 317 15.18 -3.00 -54.80
N VAL A 318 15.44 -4.13 -55.48
CA VAL A 318 15.00 -4.35 -56.85
C VAL A 318 14.81 -5.83 -57.09
N HIS A 319 14.01 -6.14 -58.11
CA HIS A 319 13.87 -7.51 -58.60
C HIS A 319 15.01 -7.79 -59.58
N ILE A 320 15.57 -9.00 -59.53
CA ILE A 320 16.69 -9.36 -60.38
C ILE A 320 16.43 -10.74 -60.97
N LYS A 321 16.84 -10.92 -62.23
CA LYS A 321 16.57 -12.13 -62.99
C LYS A 321 17.75 -13.09 -62.90
N LEU A 322 17.59 -14.26 -63.54
CA LEU A 322 18.57 -15.33 -63.52
C LEU A 322 19.72 -15.18 -64.52
N PRO A 323 19.46 -14.76 -65.77
CA PRO A 323 20.40 -15.08 -66.86
C PRO A 323 21.84 -14.68 -66.59
N LEU A 324 22.09 -13.39 -66.37
CA LEU A 324 23.45 -12.89 -66.18
C LEU A 324 23.91 -12.95 -64.74
N LEU A 325 23.07 -13.41 -63.82
CA LEU A 325 23.37 -13.44 -62.40
C LEU A 325 23.34 -14.83 -61.80
N SER A 326 22.43 -15.70 -62.26
CA SER A 326 22.39 -17.06 -61.75
C SER A 326 23.69 -17.79 -62.06
N LYS A 327 24.21 -17.62 -63.27
CA LYS A 327 25.46 -18.23 -63.69
C LYS A 327 26.67 -17.37 -63.38
N ASP A 328 26.57 -16.48 -62.38
CA ASP A 328 27.67 -15.62 -62.03
C ASP A 328 28.85 -16.42 -61.47
N SER A 329 30.05 -15.88 -61.63
CA SER A 329 31.25 -16.59 -61.19
C SER A 329 31.31 -16.68 -59.67
N ARG A 330 31.39 -15.54 -59.00
CA ARG A 330 31.51 -15.47 -57.55
C ARG A 330 30.50 -14.48 -56.97
N PHE A 331 29.25 -14.64 -57.40
CA PHE A 331 28.20 -13.67 -57.04
C PHE A 331 28.10 -13.42 -55.54
N PRO A 332 28.06 -14.43 -54.67
CA PRO A 332 27.95 -14.14 -53.24
C PRO A 332 29.07 -13.26 -52.72
N LYS A 333 30.30 -13.46 -53.20
CA LYS A 333 31.41 -12.62 -52.78
C LYS A 333 31.19 -11.18 -53.20
N ILE A 334 30.74 -10.96 -54.44
CA ILE A 334 30.49 -9.60 -54.91
C ILE A 334 29.40 -8.95 -54.09
N LEU A 335 28.33 -9.69 -53.79
CA LEU A 335 27.24 -9.13 -52.99
C LEU A 335 27.74 -8.75 -51.60
N GLU A 336 28.48 -9.65 -50.95
CA GLU A 336 28.97 -9.36 -49.60
C GLU A 336 29.90 -8.15 -49.61
N ASN A 337 30.80 -8.09 -50.60
CA ASN A 337 31.72 -6.95 -50.68
C ASN A 337 30.97 -5.65 -50.92
N LEU A 338 29.94 -5.69 -51.77
CA LEU A 338 29.14 -4.52 -52.07
C LEU A 338 28.09 -4.21 -51.00
N ARG A 339 27.95 -5.07 -50.00
CA ARG A 339 26.96 -4.89 -48.94
C ARG A 339 25.54 -4.93 -49.49
N LEU A 340 25.26 -5.96 -50.28
CA LEU A 340 23.95 -6.18 -50.86
C LEU A 340 23.41 -7.54 -50.43
N GLN A 341 22.19 -7.54 -49.91
CA GLN A 341 21.50 -8.76 -49.52
C GLN A 341 20.67 -9.27 -50.70
N LYS A 342 20.63 -10.59 -50.83
CA LYS A 342 19.84 -11.26 -51.88
C LYS A 342 18.93 -12.27 -51.22
N ARG A 343 17.63 -12.16 -51.48
CA ARG A 343 16.65 -13.08 -50.90
C ARG A 343 15.74 -13.60 -52.01
N GLY A 344 14.87 -14.54 -51.63
CA GLY A 344 13.99 -15.16 -52.61
C GLY A 344 12.80 -14.28 -52.95
N THR A 345 12.47 -14.23 -54.24
CA THR A 345 11.34 -13.43 -54.69
C THR A 345 10.03 -14.00 -54.14
N GLY A 346 9.06 -13.11 -53.93
CA GLY A 346 7.77 -13.49 -53.39
C GLY A 346 7.67 -13.43 -51.89
N GLY A 347 8.76 -13.13 -51.19
CA GLY A 347 8.75 -13.03 -49.75
C GLY A 347 9.99 -13.67 -49.14
N VAL A 348 10.29 -13.27 -47.91
CA VAL A 348 11.45 -13.83 -47.22
C VAL A 348 11.25 -15.33 -46.97
N ASP A 349 10.03 -15.73 -46.58
CA ASP A 349 9.76 -17.13 -46.33
C ASP A 349 9.93 -17.96 -47.60
N THR A 350 9.46 -17.44 -48.73
CA THR A 350 9.56 -18.17 -49.98
C THR A 350 11.01 -18.26 -50.44
N ALA A 351 11.31 -19.32 -51.18
CA ALA A 351 12.65 -19.56 -51.71
C ALA A 351 12.74 -19.09 -53.16
N ALA A 352 13.97 -18.82 -53.58
CA ALA A 352 14.20 -18.34 -54.95
C ALA A 352 13.76 -19.41 -55.95
N THR A 353 13.04 -18.97 -56.98
CA THR A 353 12.56 -19.85 -58.04
C THR A 353 12.89 -19.25 -59.39
N GLY A 354 13.31 -20.10 -60.32
CA GLY A 354 13.65 -19.64 -61.65
C GLY A 354 14.84 -18.70 -61.70
N GLY A 355 15.67 -18.68 -60.67
CA GLY A 355 16.82 -17.79 -60.66
C GLY A 355 16.48 -16.32 -60.54
N VAL A 356 15.31 -15.99 -60.00
CA VAL A 356 14.87 -14.62 -59.81
C VAL A 356 14.91 -14.32 -58.32
N PHE A 357 15.63 -13.28 -57.94
CA PHE A 357 15.81 -12.92 -56.53
C PHE A 357 15.46 -11.46 -56.32
N ASP A 358 15.56 -11.02 -55.07
CA ASP A 358 15.39 -9.63 -54.68
C ASP A 358 16.69 -9.15 -54.07
N ILE A 359 17.22 -8.05 -54.61
CA ILE A 359 18.50 -7.50 -54.18
C ILE A 359 18.23 -6.19 -53.47
N SER A 360 18.59 -6.12 -52.20
CA SER A 360 18.36 -4.94 -51.37
C SER A 360 19.61 -4.69 -50.54
N ASN A 361 19.50 -3.79 -49.56
CA ASN A 361 20.59 -3.53 -48.64
C ASN A 361 20.49 -4.44 -47.42
N LEU A 362 21.61 -4.56 -46.70
CA LEU A 362 21.68 -5.43 -45.54
C LEU A 362 21.40 -4.69 -44.24
N ASP A 363 22.11 -3.60 -43.99
CA ASP A 363 22.08 -2.92 -42.70
C ASP A 363 21.09 -1.76 -42.73
N ARG A 364 20.44 -1.54 -41.59
CA ARG A 364 19.49 -0.44 -41.40
C ARG A 364 20.02 0.61 -40.43
N LEU A 365 20.40 0.19 -39.23
CA LEU A 365 20.97 1.12 -38.26
C LEU A 365 22.36 1.54 -38.69
N GLY A 366 22.75 2.75 -38.28
CA GLY A 366 24.03 3.30 -38.68
C GLY A 366 23.91 4.27 -39.83
N LYS A 367 24.07 3.78 -41.06
CA LYS A 367 24.00 4.64 -42.22
C LYS A 367 22.61 5.29 -42.32
N SER A 368 22.53 6.35 -43.12
CA SER A 368 21.31 7.09 -43.32
C SER A 368 20.58 6.59 -44.57
N GLU A 369 19.33 7.06 -44.72
CA GLU A 369 18.50 6.59 -45.83
C GLU A 369 19.13 6.95 -47.17
N VAL A 370 19.61 8.19 -47.31
CA VAL A 370 20.25 8.59 -48.55
C VAL A 370 21.49 7.74 -48.80
N GLU A 371 22.29 7.50 -47.76
CA GLU A 371 23.48 6.68 -47.91
C GLU A 371 23.11 5.27 -48.34
N LEU A 372 22.08 4.68 -47.73
CA LEU A 372 21.69 3.32 -48.09
C LEU A 372 21.20 3.26 -49.52
N VAL A 373 20.39 4.23 -49.94
CA VAL A 373 19.90 4.23 -51.32
C VAL A 373 21.05 4.39 -52.30
N GLN A 374 21.99 5.28 -52.00
CA GLN A 374 23.15 5.45 -52.87
C GLN A 374 23.97 4.17 -52.94
N LEU A 375 24.14 3.48 -51.80
CA LEU A 375 24.86 2.23 -51.79
C LEU A 375 24.17 1.19 -52.67
N VAL A 376 22.85 1.09 -52.56
CA VAL A 376 22.12 0.11 -53.37
C VAL A 376 22.25 0.46 -54.85
N ILE A 377 22.14 1.74 -55.19
CA ILE A 377 22.24 2.15 -56.60
C ILE A 377 23.63 1.82 -57.14
N ASP A 378 24.67 2.13 -56.37
CA ASP A 378 26.02 1.84 -56.83
C ASP A 378 26.23 0.34 -56.98
N GLY A 379 25.73 -0.45 -56.03
CA GLY A 379 25.88 -1.89 -56.11
C GLY A 379 25.19 -2.48 -57.33
N VAL A 380 23.96 -2.04 -57.59
CA VAL A 380 23.24 -2.56 -58.75
C VAL A 380 23.90 -2.10 -60.05
N ASN A 381 24.41 -0.86 -60.08
CA ASN A 381 25.15 -0.40 -61.25
C ASN A 381 26.38 -1.27 -61.50
N TYR A 382 27.12 -1.59 -60.42
CA TYR A 382 28.26 -2.46 -60.56
C TYR A 382 27.85 -3.85 -61.05
N LEU A 383 26.77 -4.38 -60.50
CA LEU A 383 26.33 -5.72 -60.88
C LEU A 383 25.92 -5.78 -62.35
N ILE A 384 25.15 -4.79 -62.80
CA ILE A 384 24.76 -4.75 -64.21
C ILE A 384 25.98 -4.51 -65.09
N ASP A 385 26.97 -3.78 -64.58
CA ASP A 385 28.24 -3.66 -65.28
C ASP A 385 29.08 -4.93 -65.17
N CYS A 386 28.98 -5.64 -64.05
CA CYS A 386 29.72 -6.87 -63.82
C CYS A 386 28.83 -8.11 -63.97
N GLU A 387 27.87 -8.07 -64.89
CA GLU A 387 27.08 -9.24 -65.26
C GLU A 387 27.70 -10.01 -66.41
N ARG A 388 29.03 -9.93 -66.55
CA ARG A 388 29.73 -10.30 -67.78
C ARG A 388 29.26 -11.64 -68.34
N ARG A 389 28.64 -11.60 -69.51
CA ARG A 389 28.39 -12.79 -70.32
C ARG A 389 28.90 -12.50 -71.72
N LEU A 390 28.82 -11.22 -72.14
CA LEU A 390 29.46 -10.81 -73.37
C LEU A 390 30.96 -11.01 -73.32
N GLU A 391 31.57 -10.71 -72.17
CA GLU A 391 33.00 -10.94 -71.95
C GLU A 391 33.17 -11.44 -70.52
N ARG A 392 34.42 -11.47 -70.06
CA ARG A 392 34.75 -11.88 -68.71
C ARG A 392 35.58 -10.78 -68.03
N GLY A 393 35.95 -11.02 -66.78
CA GLY A 393 36.76 -10.06 -66.04
C GLY A 393 36.06 -9.49 -64.82
N GLN A 394 35.19 -10.28 -64.19
CA GLN A 394 34.56 -9.84 -62.96
C GLN A 394 35.62 -9.48 -61.93
N ASP A 395 35.47 -8.30 -61.31
CA ASP A 395 36.49 -7.75 -60.45
C ASP A 395 36.12 -7.74 -58.97
N ILE A 396 34.85 -7.93 -58.64
CA ILE A 396 34.39 -7.91 -57.25
C ILE A 396 34.65 -6.53 -56.67
N ARG A 397 35.92 -6.16 -56.52
CA ARG A 397 36.32 -4.81 -56.12
C ARG A 397 35.72 -4.42 -54.77
N ILE A 398 36.14 -5.14 -53.74
CA ILE A 398 35.77 -4.80 -52.36
C ILE A 398 36.11 -3.34 -52.09
N SER B 31 -7.69 -5.61 -12.55
CA SER B 31 -6.59 -6.06 -13.39
C SER B 31 -5.75 -4.89 -13.87
N GLU B 32 -4.43 -5.06 -13.83
CA GLU B 32 -3.50 -4.04 -14.29
C GLU B 32 -3.15 -4.19 -15.77
N ARG B 33 -3.75 -5.16 -16.46
CA ARG B 33 -3.50 -5.35 -17.88
C ARG B 33 -4.30 -4.40 -18.75
N ARG B 34 -5.24 -3.64 -18.18
CA ARG B 34 -5.99 -2.68 -18.96
C ARG B 34 -5.10 -1.51 -19.37
N ARG B 35 -5.38 -0.96 -20.54
CA ARG B 35 -4.55 0.08 -21.13
C ARG B 35 -5.23 1.45 -20.96
N LEU B 36 -4.42 2.45 -20.61
CA LEU B 36 -4.91 3.81 -20.53
C LEU B 36 -4.93 4.46 -21.92
N TYR B 37 -5.73 5.50 -22.06
CA TYR B 37 -5.73 6.27 -23.28
C TYR B 37 -4.34 6.87 -23.49
N PRO B 38 -3.75 6.74 -24.67
CA PRO B 38 -2.45 7.37 -24.91
C PRO B 38 -2.55 8.87 -24.71
N PRO B 39 -1.50 9.50 -24.20
CA PRO B 39 -1.57 10.96 -24.00
C PRO B 39 -1.93 11.72 -25.25
N SER B 40 -1.43 11.28 -26.41
CA SER B 40 -1.75 11.95 -27.66
C SER B 40 -3.24 11.89 -27.97
N ALA B 41 -3.97 10.94 -27.37
CA ALA B 41 -5.41 10.90 -27.56
C ALA B 41 -6.09 12.08 -26.89
N GLU B 42 -5.51 12.60 -25.81
CA GLU B 42 -6.06 13.73 -25.07
C GLU B 42 -5.55 15.08 -25.58
N TYR B 43 -4.65 15.08 -26.55
CA TYR B 43 -4.04 16.33 -26.97
C TYR B 43 -5.10 17.27 -27.53
N PRO B 44 -5.13 18.53 -27.11
CA PRO B 44 -6.16 19.46 -27.61
C PRO B 44 -5.97 19.75 -29.09
N ASP B 45 -7.08 20.10 -29.74
CA ASP B 45 -7.08 20.51 -31.15
C ASP B 45 -6.89 22.01 -31.20
N LEU B 46 -5.64 22.45 -31.42
CA LEU B 46 -5.29 23.86 -31.38
C LEU B 46 -4.96 24.42 -32.76
N ARG B 47 -5.58 23.85 -33.80
CA ARG B 47 -5.27 24.27 -35.17
C ARG B 47 -5.76 25.67 -35.49
N LYS B 48 -6.59 26.26 -34.64
CA LYS B 48 -7.12 27.60 -34.87
C LYS B 48 -7.10 28.42 -33.59
N HIS B 49 -6.00 28.35 -32.85
CA HIS B 49 -5.86 29.05 -31.58
C HIS B 49 -4.78 30.12 -31.67
N ASN B 50 -4.94 31.17 -30.87
CA ASN B 50 -4.09 32.36 -30.96
C ASN B 50 -3.69 32.84 -29.56
N ASN B 51 -3.26 31.91 -28.70
CA ASN B 51 -2.74 32.25 -27.39
C ASN B 51 -1.38 31.59 -27.21
N CYS B 52 -0.59 32.16 -26.28
CA CYS B 52 0.76 31.67 -26.07
C CYS B 52 0.77 30.18 -25.71
N MET B 53 -0.26 29.72 -25.00
CA MET B 53 -0.33 28.30 -24.67
C MET B 53 -0.41 27.45 -25.94
N ALA B 54 -1.25 27.87 -26.89
CA ALA B 54 -1.38 27.11 -28.12
C ALA B 54 -0.08 27.10 -28.91
N SER B 55 0.63 28.22 -28.93
CA SER B 55 1.86 28.31 -29.71
C SER B 55 3.01 27.56 -29.05
N HIS B 56 2.99 27.43 -27.71
CA HIS B 56 4.09 26.81 -27.00
C HIS B 56 3.79 25.39 -26.53
N LEU B 57 2.55 24.92 -26.69
CA LEU B 57 2.20 23.54 -26.33
C LEU B 57 2.50 22.64 -27.51
N THR B 58 3.26 21.58 -27.28
CA THR B 58 3.64 20.63 -28.30
C THR B 58 3.33 19.22 -27.81
N PRO B 59 3.17 18.27 -28.72
CA PRO B 59 2.82 16.91 -28.29
C PRO B 59 3.81 16.33 -27.29
N ALA B 60 5.10 16.59 -27.47
CA ALA B 60 6.09 16.05 -26.55
C ALA B 60 5.89 16.61 -25.14
N VAL B 61 5.71 17.93 -25.03
CA VAL B 61 5.53 18.55 -23.73
C VAL B 61 4.25 18.04 -23.08
N TYR B 62 3.16 17.98 -23.85
CA TYR B 62 1.89 17.52 -23.30
C TYR B 62 2.02 16.09 -22.78
N ALA B 63 2.63 15.21 -23.57
CA ALA B 63 2.79 13.83 -23.14
C ALA B 63 3.66 13.74 -21.90
N ARG B 64 4.71 14.57 -21.83
CA ARG B 64 5.59 14.55 -20.67
C ARG B 64 4.84 14.98 -19.41
N LEU B 65 4.02 16.01 -19.51
CA LEU B 65 3.40 16.63 -18.33
C LEU B 65 2.00 16.12 -18.03
N CYS B 66 1.47 15.17 -18.80
CA CYS B 66 0.09 14.77 -18.61
C CYS B 66 -0.12 13.80 -17.45
N ASP B 67 0.96 13.31 -16.83
CA ASP B 67 0.83 12.44 -15.66
C ASP B 67 1.09 13.17 -14.35
N LYS B 68 1.76 14.31 -14.38
CA LYS B 68 2.14 14.98 -13.15
C LYS B 68 0.96 15.77 -12.58
N THR B 69 1.08 16.15 -11.32
CA THR B 69 0.05 16.91 -10.64
C THR B 69 0.64 17.54 -9.39
N THR B 70 0.14 18.72 -9.04
CA THR B 70 0.55 19.38 -7.83
C THR B 70 0.00 18.61 -6.62
N PRO B 71 0.58 18.82 -5.44
CA PRO B 71 0.10 18.06 -4.27
C PRO B 71 -1.37 18.24 -3.99
N THR B 72 -1.96 19.37 -4.39
CA THR B 72 -3.38 19.61 -4.19
C THR B 72 -4.24 19.03 -5.31
N GLY B 73 -3.65 18.42 -6.33
CA GLY B 73 -4.38 17.76 -7.38
C GLY B 73 -4.52 18.53 -8.67
N TRP B 74 -3.91 19.71 -8.78
CA TRP B 74 -3.96 20.48 -10.01
C TRP B 74 -3.21 19.76 -11.12
N THR B 75 -3.82 19.70 -12.31
CA THR B 75 -3.26 18.98 -13.44
C THR B 75 -3.10 19.92 -14.63
N LEU B 76 -2.35 19.45 -15.63
CA LEU B 76 -2.05 20.27 -16.79
C LEU B 76 -3.32 20.66 -17.55
N ASP B 77 -4.23 19.70 -17.73
CA ASP B 77 -5.47 20.01 -18.45
C ASP B 77 -6.22 21.12 -17.75
N GLN B 78 -6.25 21.11 -16.43
CA GLN B 78 -6.88 22.20 -15.69
C GLN B 78 -6.16 23.51 -15.92
N CYS B 79 -4.83 23.47 -16.06
CA CYS B 79 -4.08 24.68 -16.35
C CYS B 79 -4.48 25.27 -17.70
N ILE B 80 -4.59 24.43 -18.72
CA ILE B 80 -4.75 24.90 -20.09
C ILE B 80 -6.20 24.91 -20.55
N GLN B 81 -7.14 24.58 -19.68
CA GLN B 81 -8.55 24.56 -20.09
C GLN B 81 -9.01 25.94 -20.56
N THR B 82 -8.64 26.99 -19.85
CA THR B 82 -9.08 28.32 -20.24
C THR B 82 -8.59 28.68 -21.64
N GLY B 83 -7.32 28.36 -21.94
CA GLY B 83 -6.81 28.63 -23.27
C GLY B 83 -7.45 27.77 -24.34
N VAL B 84 -7.71 26.50 -24.02
CA VAL B 84 -8.32 25.61 -25.00
C VAL B 84 -9.73 26.06 -25.33
N ASP B 85 -10.52 26.43 -24.32
CA ASP B 85 -11.89 26.82 -24.55
C ASP B 85 -11.98 28.08 -25.39
N ASN B 86 -11.10 29.05 -25.14
N ASN B 86 -11.09 29.05 -25.14
CA ASN B 86 -11.11 30.31 -25.86
CA ASN B 86 -11.11 30.32 -25.87
C ASN B 86 -9.99 30.33 -26.87
C ASN B 86 -9.99 30.31 -26.90
N PRO B 87 -10.27 30.19 -28.17
N PRO B 87 -10.29 30.20 -28.20
CA PRO B 87 -9.18 30.21 -29.15
CA PRO B 87 -9.20 30.16 -29.19
C PRO B 87 -8.41 31.51 -29.17
C PRO B 87 -8.38 31.43 -29.22
N GLY B 88 -9.02 32.61 -28.73
N GLY B 88 -9.03 32.58 -29.41
CA GLY B 88 -8.34 33.88 -28.69
CA GLY B 88 -8.32 33.84 -29.48
C GLY B 88 -8.52 34.68 -29.96
C GLY B 88 -9.08 34.98 -28.83
N HIS B 89 -8.91 35.94 -29.82
N HIS B 89 -8.43 35.70 -27.93
CA HIS B 89 -9.11 36.80 -30.99
CA HIS B 89 -9.09 36.81 -27.26
C HIS B 89 -7.76 37.05 -31.67
C HIS B 89 -9.42 37.90 -28.27
N PRO B 90 -7.69 36.96 -32.99
N PRO B 90 -10.59 38.55 -28.15
CA PRO B 90 -6.42 37.25 -33.68
CA PRO B 90 -10.95 39.57 -29.14
C PRO B 90 -5.96 38.68 -33.40
C PRO B 90 -10.00 40.74 -29.21
N PHE B 91 -4.65 38.84 -33.29
N PHE B 91 -9.42 41.15 -28.08
CA PHE B 91 -3.97 40.11 -33.00
CA PHE B 91 -8.63 42.38 -28.01
C PHE B 91 -4.06 40.47 -31.53
C PHE B 91 -7.13 42.10 -28.05
N ILE B 92 -4.77 39.71 -30.70
N ILE B 92 -6.61 41.30 -27.11
CA ILE B 92 -4.87 39.95 -29.27
CA ILE B 92 -5.18 41.12 -26.93
C ILE B 92 -4.14 38.81 -28.56
C ILE B 92 -4.86 39.63 -26.93
N LYS B 93 -3.22 39.17 -27.67
N LYS B 93 -3.61 39.32 -27.25
CA LYS B 93 -2.38 38.20 -26.97
CA LYS B 93 -3.12 37.96 -27.16
C LYS B 93 -2.97 37.92 -25.60
C LYS B 93 -3.04 37.55 -25.70
N THR B 94 -3.26 36.65 -25.34
N THR B 94 -3.79 36.51 -25.33
CA THR B 94 -3.70 36.18 -24.04
CA THR B 94 -3.90 36.08 -23.94
C THR B 94 -2.89 34.97 -23.64
C THR B 94 -2.91 34.97 -23.63
N VAL B 95 -2.55 34.87 -22.35
CA VAL B 95 -1.69 33.79 -21.90
C VAL B 95 -2.37 32.44 -22.13
N GLY B 96 -3.65 32.34 -21.78
CA GLY B 96 -4.39 31.12 -21.97
C GLY B 96 -4.17 30.05 -20.93
N MET B 97 -3.45 30.36 -19.85
CA MET B 97 -3.22 29.39 -18.78
C MET B 97 -3.38 30.08 -17.44
N VAL B 98 -3.68 29.29 -16.42
CA VAL B 98 -3.76 29.74 -15.04
C VAL B 98 -3.10 28.70 -14.15
N ALA B 99 -2.79 29.11 -12.93
CA ALA B 99 -2.18 28.24 -11.93
C ALA B 99 -3.17 27.99 -10.80
N GLY B 100 -3.21 26.76 -10.31
CA GLY B 100 -4.09 26.40 -9.21
C GLY B 100 -3.48 26.50 -7.83
N ASP B 101 -2.17 26.68 -7.75
CA ASP B 101 -1.48 26.81 -6.47
C ASP B 101 -0.04 27.23 -6.75
N GLU B 102 0.72 27.42 -5.67
CA GLU B 102 2.10 27.85 -5.81
C GLU B 102 2.94 26.80 -6.52
N GLU B 103 2.74 25.52 -6.18
CA GLU B 103 3.56 24.46 -6.73
C GLU B 103 3.41 24.34 -8.25
N THR B 104 2.31 24.85 -8.81
CA THR B 104 2.07 24.69 -10.24
C THR B 104 3.25 25.19 -11.06
N TYR B 105 3.68 26.43 -10.81
CA TYR B 105 4.76 27.01 -11.60
C TYR B 105 6.04 26.20 -11.52
N GLU B 106 6.19 25.38 -10.48
CA GLU B 106 7.35 24.49 -10.38
C GLU B 106 7.07 23.14 -11.03
N VAL B 107 5.86 22.61 -10.86
CA VAL B 107 5.56 21.29 -11.39
C VAL B 107 5.48 21.33 -12.91
N PHE B 108 4.80 22.34 -13.46
CA PHE B 108 4.61 22.48 -14.90
C PHE B 108 5.50 23.57 -15.46
N ALA B 109 6.72 23.73 -14.93
CA ALA B 109 7.61 24.77 -15.41
C ALA B 109 7.98 24.56 -16.87
N ASP B 110 8.03 23.31 -17.32
CA ASP B 110 8.42 23.03 -18.70
C ASP B 110 7.51 23.74 -19.69
N LEU B 111 6.26 23.99 -19.32
CA LEU B 111 5.32 24.69 -20.19
C LEU B 111 5.17 26.16 -19.83
N PHE B 112 5.25 26.51 -18.55
CA PHE B 112 5.05 27.89 -18.14
C PHE B 112 6.25 28.76 -18.48
N ASP B 113 7.47 28.21 -18.35
CA ASP B 113 8.66 29.03 -18.54
C ASP B 113 8.72 29.66 -19.93
N PRO B 114 8.52 28.92 -21.03
CA PRO B 114 8.46 29.61 -22.33
C PRO B 114 7.37 30.64 -22.41
N VAL B 115 6.22 30.38 -21.79
CA VAL B 115 5.11 31.33 -21.83
C VAL B 115 5.47 32.59 -21.05
N ILE B 116 6.04 32.42 -19.85
CA ILE B 116 6.45 33.57 -19.06
C ILE B 116 7.50 34.38 -19.82
N GLN B 117 8.45 33.69 -20.44
CA GLN B 117 9.50 34.38 -21.19
C GLN B 117 8.91 35.18 -22.35
N GLU B 118 7.99 34.58 -23.09
CA GLU B 118 7.37 35.28 -24.21
C GLU B 118 6.56 36.48 -23.74
N ARG B 119 5.81 36.32 -22.65
CA ARG B 119 4.96 37.41 -22.18
C ARG B 119 5.79 38.60 -21.72
N HIS B 120 6.78 38.35 -20.86
CA HIS B 120 7.56 39.44 -20.25
C HIS B 120 8.84 39.73 -21.03
N ASN B 121 8.66 40.00 -22.33
CA ASN B 121 9.71 40.50 -23.22
C ASN B 121 11.08 39.90 -22.90
N GLY B 122 11.12 38.58 -22.81
CA GLY B 122 12.38 37.86 -22.76
C GLY B 122 12.90 37.52 -21.39
N TYR B 123 12.22 37.91 -20.33
CA TYR B 123 12.67 37.54 -18.99
C TYR B 123 12.73 36.02 -18.88
N ASP B 124 13.84 35.51 -18.37
CA ASP B 124 14.05 34.07 -18.29
C ASP B 124 13.89 33.61 -16.85
N PRO B 125 12.79 32.93 -16.50
CA PRO B 125 12.64 32.45 -15.11
C PRO B 125 13.73 31.48 -14.69
N ARG B 126 14.24 30.67 -15.62
CA ARG B 126 15.20 29.64 -15.24
C ARG B 126 16.54 30.23 -14.82
N THR B 127 16.90 31.39 -15.35
CA THR B 127 18.20 32.00 -15.10
C THR B 127 18.12 33.30 -14.33
N MET B 128 17.27 34.22 -14.76
CA MET B 128 17.21 35.54 -14.15
C MET B 128 16.52 35.48 -12.79
N LYS B 129 16.67 36.57 -12.03
CA LYS B 129 16.07 36.72 -10.72
C LYS B 129 15.30 38.02 -10.65
N HIS B 130 14.30 38.07 -9.77
CA HIS B 130 13.43 39.21 -9.61
C HIS B 130 13.73 39.92 -8.30
N THR B 131 13.74 41.25 -8.35
CA THR B 131 13.99 42.09 -7.18
C THR B 131 12.76 42.96 -6.94
N THR B 132 12.30 42.99 -5.69
CA THR B 132 11.15 43.79 -5.29
C THR B 132 11.61 45.00 -4.50
N ASP B 133 11.08 46.17 -4.87
CA ASP B 133 11.44 47.41 -4.20
C ASP B 133 10.23 48.33 -4.24
N LEU B 134 9.71 48.67 -3.07
CA LEU B 134 8.50 49.49 -2.97
C LEU B 134 8.76 50.85 -2.34
N ASP B 135 10.02 51.24 -2.17
CA ASP B 135 10.33 52.52 -1.51
C ASP B 135 9.82 53.68 -2.34
N ALA B 136 8.77 54.34 -1.87
CA ALA B 136 8.21 55.49 -2.56
C ALA B 136 9.07 56.73 -2.46
N SER B 137 10.12 56.71 -1.62
CA SER B 137 11.01 57.86 -1.53
C SER B 137 11.80 58.05 -2.81
N LYS B 138 12.19 56.95 -3.46
CA LYS B 138 13.05 57.05 -4.64
C LYS B 138 12.37 57.83 -5.76
N ILE B 139 11.08 57.59 -5.99
CA ILE B 139 10.41 58.23 -7.11
C ILE B 139 10.43 59.74 -6.92
N ARG B 140 10.59 60.46 -8.03
CA ARG B 140 10.60 61.92 -8.05
C ARG B 140 9.44 62.41 -8.92
N SER B 141 9.40 63.72 -9.17
CA SER B 141 8.35 64.33 -9.96
C SER B 141 6.99 64.10 -9.30
N GLY B 142 6.18 63.20 -9.87
CA GLY B 142 4.89 62.90 -9.29
C GLY B 142 3.78 63.82 -9.76
N TYR B 143 3.92 65.11 -9.52
CA TYR B 143 2.90 66.07 -9.90
C TYR B 143 2.70 66.06 -11.41
N PHE B 144 1.44 66.03 -11.83
CA PHE B 144 1.06 66.01 -13.24
C PHE B 144 0.32 67.30 -13.59
N ASP B 145 -0.13 67.37 -14.84
CA ASP B 145 -0.93 68.48 -15.33
C ASP B 145 -2.34 67.99 -15.63
N GLU B 146 -3.33 68.67 -15.06
CA GLU B 146 -4.73 68.26 -15.20
C GLU B 146 -5.22 68.60 -16.61
N ARG B 147 -4.68 67.87 -17.58
CA ARG B 147 -5.06 68.01 -18.98
C ARG B 147 -5.82 66.80 -19.49
N TYR B 148 -5.25 65.60 -19.37
CA TYR B 148 -5.91 64.37 -19.77
C TYR B 148 -5.79 63.25 -18.74
N VAL B 149 -5.07 63.47 -17.64
CA VAL B 149 -4.87 62.41 -16.66
C VAL B 149 -6.17 62.11 -15.93
N LEU B 150 -6.91 63.15 -15.53
CA LEU B 150 -8.15 62.98 -14.77
C LEU B 150 -7.87 62.34 -13.42
N SER B 151 -7.50 61.06 -13.42
CA SER B 151 -7.27 60.33 -12.19
C SER B 151 -6.10 59.36 -12.39
N SER B 152 -5.48 58.98 -11.27
CA SER B 152 -4.36 58.05 -11.27
C SER B 152 -4.66 56.88 -10.35
N ARG B 153 -4.08 55.72 -10.68
CA ARG B 153 -4.32 54.50 -9.93
C ARG B 153 -3.08 53.63 -9.94
N VAL B 154 -2.95 52.82 -8.89
CA VAL B 154 -1.91 51.80 -8.80
C VAL B 154 -2.55 50.53 -8.25
N ARG B 155 -2.10 49.38 -8.73
CA ARG B 155 -2.74 48.12 -8.38
C ARG B 155 -1.70 47.01 -8.32
N THR B 156 -1.88 46.10 -7.36
CA THR B 156 -1.09 44.87 -7.28
C THR B 156 -1.99 43.76 -6.77
N GLY B 157 -1.44 42.54 -6.75
CA GLY B 157 -2.17 41.40 -6.24
C GLY B 157 -1.28 40.56 -5.37
N ARG B 158 -1.91 39.90 -4.39
CA ARG B 158 -1.20 39.06 -3.44
C ARG B 158 -2.00 37.79 -3.16
N SER B 159 -1.26 36.71 -2.92
CA SER B 159 -1.83 35.40 -2.65
C SER B 159 -1.30 34.90 -1.31
N ILE B 160 -2.20 34.36 -0.48
CA ILE B 160 -1.82 33.84 0.82
C ILE B 160 -1.23 32.44 0.65
N ARG B 161 -0.04 32.23 1.18
CA ARG B 161 0.61 30.93 1.06
C ARG B 161 -0.16 29.87 1.82
N GLY B 162 -0.15 28.65 1.28
CA GLY B 162 -0.83 27.53 1.88
C GLY B 162 -2.27 27.35 1.45
N LEU B 163 -2.82 28.27 0.66
CA LEU B 163 -4.20 28.20 0.21
C LEU B 163 -4.23 28.16 -1.31
N SER B 164 -5.13 27.32 -1.85
CA SER B 164 -5.23 27.17 -3.29
C SER B 164 -5.69 28.47 -3.93
N LEU B 165 -5.24 28.69 -5.16
CA LEU B 165 -5.58 29.89 -5.90
C LEU B 165 -7.02 29.83 -6.40
N PRO B 166 -7.58 30.96 -6.81
CA PRO B 166 -9.01 31.02 -7.12
C PRO B 166 -9.44 29.95 -8.11
N PRO B 167 -8.63 29.63 -9.12
CA PRO B 167 -9.05 28.59 -10.07
C PRO B 167 -9.29 27.24 -9.41
N ALA B 168 -8.57 26.92 -8.33
CA ALA B 168 -8.67 25.62 -7.69
C ALA B 168 -9.20 25.65 -6.28
N CYS B 169 -9.34 26.83 -5.66
CA CYS B 169 -9.72 26.90 -4.26
C CYS B 169 -11.13 26.34 -4.05
N THR B 170 -11.30 25.59 -2.98
CA THR B 170 -12.62 25.12 -2.58
C THR B 170 -13.35 26.22 -1.81
N ARG B 171 -14.57 25.93 -1.38
CA ARG B 171 -15.33 26.91 -0.61
C ARG B 171 -14.64 27.20 0.72
N ALA B 172 -14.14 26.17 1.39
CA ALA B 172 -13.48 26.37 2.68
C ALA B 172 -12.23 27.22 2.53
N GLU B 173 -11.43 26.97 1.48
CA GLU B 173 -10.22 27.74 1.29
C GLU B 173 -10.53 29.20 0.98
N ARG B 174 -11.55 29.44 0.16
CA ARG B 174 -11.95 30.82 -0.13
C ARG B 174 -12.41 31.53 1.13
N ARG B 175 -13.21 30.85 1.95
CA ARG B 175 -13.65 31.45 3.21
C ARG B 175 -12.46 31.73 4.13
N GLU B 176 -11.48 30.83 4.15
CA GLU B 176 -10.29 31.04 4.97
C GLU B 176 -9.52 32.26 4.49
N VAL B 177 -9.37 32.42 3.18
CA VAL B 177 -8.69 33.60 2.63
C VAL B 177 -9.43 34.86 3.07
N GLU B 178 -10.75 34.86 2.94
CA GLU B 178 -11.52 36.03 3.33
C GLU B 178 -11.34 36.33 4.81
N ARG B 179 -11.37 35.30 5.65
N ARG B 179 -11.38 35.30 5.65
CA ARG B 179 -11.22 35.51 7.09
CA ARG B 179 -11.22 35.49 7.08
C ARG B 179 -9.85 36.10 7.41
C ARG B 179 -9.86 36.10 7.40
N VAL B 180 -8.79 35.53 6.83
CA VAL B 180 -7.45 36.02 7.11
C VAL B 180 -7.34 37.49 6.71
N VAL B 181 -7.78 37.81 5.49
CA VAL B 181 -7.63 39.18 5.01
C VAL B 181 -8.44 40.14 5.85
N VAL B 182 -9.68 39.77 6.18
CA VAL B 182 -10.55 40.68 6.93
C VAL B 182 -10.00 40.91 8.34
N ASP B 183 -9.58 39.83 9.02
CA ASP B 183 -9.03 39.98 10.35
C ASP B 183 -7.78 40.85 10.33
N ALA B 184 -6.92 40.66 9.33
CA ALA B 184 -5.73 41.50 9.23
C ALA B 184 -6.11 42.96 9.02
N LEU B 185 -6.95 43.23 8.01
CA LEU B 185 -7.33 44.61 7.71
C LEU B 185 -8.04 45.27 8.88
N SER B 186 -8.67 44.51 9.76
CA SER B 186 -9.29 45.10 10.93
C SER B 186 -8.27 45.84 11.78
N GLY B 187 -6.99 45.45 11.70
CA GLY B 187 -5.95 46.08 12.47
C GLY B 187 -5.40 47.36 11.89
N LEU B 188 -5.78 47.72 10.67
CA LEU B 188 -5.32 48.97 10.08
C LEU B 188 -5.85 50.15 10.89
N LYS B 189 -4.97 51.14 11.11
CA LYS B 189 -5.30 52.34 11.86
C LYS B 189 -4.92 53.56 11.03
N GLY B 190 -5.17 54.74 11.61
CA GLY B 190 -4.81 55.97 10.92
C GLY B 190 -5.67 56.22 9.70
N ASP B 191 -5.09 56.93 8.72
CA ASP B 191 -5.83 57.26 7.52
C ASP B 191 -6.31 56.02 6.79
N LEU B 192 -5.53 54.94 6.81
CA LEU B 192 -5.91 53.72 6.13
C LEU B 192 -6.87 52.90 6.99
N ALA B 193 -7.93 53.52 7.49
CA ALA B 193 -8.93 52.86 8.29
C ALA B 193 -10.25 52.85 7.53
N GLY B 194 -10.84 51.68 7.39
CA GLY B 194 -12.02 51.55 6.57
C GLY B 194 -12.89 50.40 6.97
N ARG B 195 -13.75 49.98 6.05
CA ARG B 195 -14.72 48.93 6.31
C ARG B 195 -14.68 47.89 5.21
N TYR B 196 -15.06 46.66 5.58
CA TYR B 196 -15.18 45.55 4.66
C TYR B 196 -16.65 45.31 4.35
N TYR B 197 -16.99 45.27 3.07
CA TYR B 197 -18.34 45.03 2.60
C TYR B 197 -18.38 43.71 1.85
N ARG B 198 -19.28 42.83 2.28
CA ARG B 198 -19.46 41.53 1.66
C ARG B 198 -20.42 41.65 0.47
N LEU B 199 -20.03 41.09 -0.67
CA LEU B 199 -20.88 41.18 -1.85
C LEU B 199 -22.25 40.57 -1.59
N SER B 200 -22.28 39.45 -0.87
CA SER B 200 -23.55 38.78 -0.59
C SER B 200 -24.49 39.66 0.22
N GLU B 201 -23.97 40.68 0.91
CA GLU B 201 -24.78 41.54 1.74
C GLU B 201 -25.00 42.93 1.15
N MET B 202 -24.64 43.14 -0.11
CA MET B 202 -24.77 44.42 -0.77
C MET B 202 -25.92 44.39 -1.77
N THR B 203 -26.71 45.46 -1.78
CA THR B 203 -27.82 45.57 -2.72
C THR B 203 -27.29 45.69 -4.15
N GLU B 204 -28.12 45.27 -5.10
CA GLU B 204 -27.72 45.34 -6.50
C GLU B 204 -27.45 46.78 -6.92
N ALA B 205 -28.29 47.71 -6.47
CA ALA B 205 -28.08 49.12 -6.81
C ALA B 205 -26.76 49.63 -6.26
N GLU B 206 -26.45 49.28 -5.01
CA GLU B 206 -25.18 49.72 -4.42
C GLU B 206 -23.99 49.14 -5.18
N GLN B 207 -24.07 47.86 -5.53
CA GLN B 207 -22.99 47.23 -6.28
C GLN B 207 -22.81 47.90 -7.64
N GLN B 208 -23.92 48.17 -8.33
CA GLN B 208 -23.83 48.84 -9.63
C GLN B 208 -23.22 50.23 -9.49
N GLN B 209 -23.63 50.98 -8.46
CA GLN B 209 -23.07 52.30 -8.25
C GLN B 209 -21.57 52.23 -7.98
N LEU B 210 -21.15 51.27 -7.15
CA LEU B 210 -19.72 51.11 -6.87
C LEU B 210 -18.96 50.75 -8.14
N ILE B 211 -19.52 49.86 -8.96
CA ILE B 211 -18.85 49.46 -10.19
C ILE B 211 -18.70 50.64 -11.13
N ASP B 212 -19.78 51.42 -11.30
CA ASP B 212 -19.73 52.57 -12.20
C ASP B 212 -18.70 53.59 -11.73
N ASP B 213 -18.50 53.72 -10.42
CA ASP B 213 -17.53 54.64 -9.86
C ASP B 213 -16.11 54.10 -9.88
N HIS B 214 -15.87 52.98 -10.58
CA HIS B 214 -14.54 52.38 -10.67
C HIS B 214 -14.04 51.93 -9.30
N PHE B 215 -14.95 51.62 -8.38
CA PHE B 215 -14.60 51.23 -7.03
C PHE B 215 -15.10 49.83 -6.68
N LEU B 216 -15.37 48.99 -7.67
CA LEU B 216 -15.88 47.66 -7.41
C LEU B 216 -15.69 46.80 -8.65
N PHE B 217 -15.83 45.49 -8.46
CA PHE B 217 -15.70 44.51 -9.52
C PHE B 217 -17.05 43.84 -9.77
N ASP B 218 -17.33 43.54 -11.02
CA ASP B 218 -18.59 42.91 -11.41
C ASP B 218 -18.44 41.39 -11.46
N LYS B 219 -19.57 40.71 -11.58
CA LYS B 219 -19.55 39.27 -11.69
C LYS B 219 -18.76 38.88 -12.95
N PRO B 220 -17.80 37.97 -12.85
CA PRO B 220 -17.03 37.60 -14.04
C PRO B 220 -17.94 37.05 -15.13
N VAL B 221 -18.00 37.78 -16.25
CA VAL B 221 -18.81 37.35 -17.38
C VAL B 221 -17.95 37.01 -18.60
N SER B 222 -16.75 37.59 -18.73
CA SER B 222 -15.90 37.26 -19.85
C SER B 222 -15.53 35.78 -19.80
N PRO B 223 -15.50 35.08 -20.94
CA PRO B 223 -15.26 33.63 -20.88
C PRO B 223 -13.91 33.25 -20.29
N LEU B 224 -12.93 34.16 -20.29
CA LEU B 224 -11.61 33.79 -19.79
C LEU B 224 -11.66 33.36 -18.33
N LEU B 225 -12.37 34.11 -17.49
CA LEU B 225 -12.44 33.77 -16.07
C LEU B 225 -13.36 32.58 -15.83
N THR B 226 -14.51 32.53 -16.49
CA THR B 226 -15.45 31.44 -16.26
C THR B 226 -14.85 30.11 -16.69
N ALA B 227 -14.19 30.06 -17.85
CA ALA B 227 -13.55 28.83 -18.29
C ALA B 227 -12.45 28.40 -17.34
N ALA B 228 -11.77 29.36 -16.71
CA ALA B 228 -10.74 29.05 -15.72
C ALA B 228 -11.33 28.54 -14.41
N GLY B 229 -12.64 28.60 -14.24
CA GLY B 229 -13.25 28.15 -13.00
C GLY B 229 -13.09 29.13 -11.86
N MET B 230 -13.02 30.42 -12.15
CA MET B 230 -12.82 31.45 -11.13
C MET B 230 -14.11 32.19 -10.80
N ALA B 231 -15.25 31.72 -11.29
CA ALA B 231 -16.55 32.29 -10.96
C ALA B 231 -17.41 31.34 -10.14
N ARG B 232 -16.82 30.26 -9.62
CA ARG B 232 -17.58 29.28 -8.86
C ARG B 232 -18.09 29.90 -7.56
N ASP B 233 -19.31 29.51 -7.18
CA ASP B 233 -19.90 29.88 -5.90
C ASP B 233 -20.09 31.39 -5.76
N TRP B 234 -20.13 32.13 -6.85
CA TRP B 234 -20.30 33.57 -6.76
C TRP B 234 -21.66 33.88 -6.14
N PRO B 235 -21.73 34.89 -5.25
CA PRO B 235 -20.68 35.77 -4.73
C PRO B 235 -20.16 35.33 -3.37
N ASP B 236 -20.16 34.04 -3.08
CA ASP B 236 -19.78 33.56 -1.75
C ASP B 236 -18.31 33.86 -1.48
N ALA B 237 -18.06 34.63 -0.42
CA ALA B 237 -16.72 34.91 0.09
C ALA B 237 -15.95 35.91 -0.78
N ARG B 238 -16.63 36.71 -1.58
CA ARG B 238 -16.01 37.81 -2.31
C ARG B 238 -16.44 39.12 -1.67
N GLY B 239 -15.48 40.03 -1.50
CA GLY B 239 -15.79 41.27 -0.81
C GLY B 239 -14.87 42.40 -1.24
N ILE B 240 -15.11 43.57 -0.65
CA ILE B 240 -14.31 44.75 -0.92
C ILE B 240 -14.09 45.50 0.40
N TRP B 241 -12.84 45.71 0.78
CA TRP B 241 -12.49 46.52 1.94
C TRP B 241 -11.95 47.84 1.45
N HIS B 242 -12.58 48.94 1.83
CA HIS B 242 -12.15 50.25 1.37
C HIS B 242 -12.06 51.21 2.53
N ASN B 243 -11.10 52.14 2.43
CA ASN B 243 -10.90 53.15 3.45
C ASN B 243 -12.01 54.19 3.39
N ASN B 244 -12.10 55.01 4.46
CA ASN B 244 -13.15 56.00 4.53
C ASN B 244 -13.06 57.00 3.38
N GLU B 245 -11.85 57.45 3.06
CA GLU B 245 -11.66 58.35 1.93
C GLU B 245 -11.89 57.68 0.59
N LYS B 246 -12.03 56.35 0.56
CA LYS B 246 -12.21 55.60 -0.68
C LYS B 246 -11.03 55.79 -1.62
N SER B 247 -9.84 56.00 -1.06
CA SER B 247 -8.61 56.09 -1.83
C SER B 247 -7.72 54.86 -1.68
N PHE B 248 -8.14 53.89 -0.88
CA PHE B 248 -7.39 52.65 -0.69
C PHE B 248 -8.38 51.50 -0.61
N LEU B 249 -8.33 50.61 -1.59
CA LEU B 249 -9.29 49.52 -1.71
C LEU B 249 -8.56 48.19 -1.80
N ILE B 250 -9.27 47.13 -1.44
CA ILE B 250 -8.76 45.77 -1.49
C ILE B 250 -9.91 44.87 -1.90
N TRP B 251 -9.82 44.28 -3.08
CA TRP B 251 -10.78 43.29 -3.53
C TRP B 251 -10.38 41.92 -3.03
N VAL B 252 -11.31 41.22 -2.39
CA VAL B 252 -11.07 39.90 -1.81
C VAL B 252 -11.79 38.87 -2.65
N ASN B 253 -11.01 37.98 -3.27
CA ASN B 253 -11.52 36.83 -4.01
C ASN B 253 -12.37 37.25 -5.21
N GLU B 254 -11.75 38.00 -6.12
CA GLU B 254 -12.35 38.28 -7.42
C GLU B 254 -11.54 37.68 -8.56
N GLU B 255 -10.26 38.06 -8.69
CA GLU B 255 -9.35 37.45 -9.63
C GLU B 255 -8.15 36.82 -8.95
N ASP B 256 -7.80 37.28 -7.75
CA ASP B 256 -6.75 36.69 -6.94
C ASP B 256 -7.22 36.71 -5.50
N HIS B 257 -6.39 36.19 -4.59
CA HIS B 257 -6.75 36.21 -3.19
C HIS B 257 -6.98 37.64 -2.71
N THR B 258 -6.08 38.55 -3.06
CA THR B 258 -6.23 39.95 -2.71
C THR B 258 -5.75 40.82 -3.86
N ARG B 259 -6.49 41.88 -4.14
CA ARG B 259 -6.12 42.89 -5.12
C ARG B 259 -6.09 44.24 -4.42
N VAL B 260 -4.89 44.79 -4.22
CA VAL B 260 -4.69 46.04 -3.51
C VAL B 260 -4.64 47.18 -4.52
N ILE B 261 -5.46 48.21 -4.30
CA ILE B 261 -5.58 49.33 -5.23
C ILE B 261 -5.48 50.62 -4.46
N SER B 262 -4.75 51.58 -5.02
CA SER B 262 -4.65 52.94 -4.48
C SER B 262 -5.03 53.92 -5.59
N MET B 263 -6.08 54.68 -5.37
CA MET B 263 -6.64 55.58 -6.38
C MET B 263 -6.51 57.03 -5.92
N GLU B 264 -6.63 57.94 -6.88
CA GLU B 264 -6.68 59.37 -6.57
C GLU B 264 -7.28 60.09 -7.76
N LYS B 265 -8.37 60.83 -7.54
CA LYS B 265 -9.02 61.59 -8.60
C LYS B 265 -8.22 62.86 -8.86
N GLY B 266 -7.01 62.65 -9.39
CA GLY B 266 -6.11 63.75 -9.67
C GLY B 266 -4.93 63.32 -10.53
N GLY B 267 -3.74 63.85 -10.21
CA GLY B 267 -2.55 63.51 -10.96
C GLY B 267 -1.30 63.44 -10.09
N ASN B 268 -1.49 63.42 -8.77
CA ASN B 268 -0.37 63.36 -7.84
C ASN B 268 0.05 61.90 -7.64
N MET B 269 0.66 61.35 -8.69
CA MET B 269 1.07 59.95 -8.65
C MET B 269 1.99 59.66 -7.49
N LYS B 270 2.80 60.64 -7.06
CA LYS B 270 3.70 60.42 -5.93
C LYS B 270 2.92 60.08 -4.67
N ARG B 271 1.86 60.86 -4.38
CA ARG B 271 1.06 60.59 -3.20
C ARG B 271 0.37 59.24 -3.30
N VAL B 272 -0.16 58.92 -4.47
CA VAL B 272 -0.85 57.65 -4.66
C VAL B 272 0.11 56.49 -4.39
N PHE B 273 1.32 56.57 -4.94
CA PHE B 273 2.28 55.49 -4.75
C PHE B 273 2.76 55.41 -3.31
N GLU B 274 2.91 56.56 -2.64
CA GLU B 274 3.32 56.54 -1.24
C GLU B 274 2.27 55.85 -0.38
N ARG B 275 0.99 56.22 -0.58
CA ARG B 275 -0.09 55.56 0.14
C ARG B 275 -0.11 54.08 -0.16
N PHE B 276 0.04 53.72 -1.44
CA PHE B 276 0.07 52.32 -1.83
C PHE B 276 1.16 51.56 -1.09
N CYS B 277 2.38 52.11 -1.08
CA CYS B 277 3.50 51.43 -0.45
C CYS B 277 3.27 51.25 1.04
N ARG B 278 2.87 52.32 1.74
CA ARG B 278 2.71 52.21 3.18
C ARG B 278 1.56 51.26 3.53
N GLY B 279 0.45 51.34 2.79
CA GLY B 279 -0.64 50.42 3.05
C GLY B 279 -0.26 48.98 2.81
N LEU B 280 0.47 48.71 1.73
CA LEU B 280 0.91 47.35 1.46
C LEU B 280 1.83 46.85 2.55
N LYS B 281 2.75 47.71 3.02
CA LYS B 281 3.64 47.30 4.10
C LYS B 281 2.86 46.96 5.36
N GLU B 282 1.89 47.80 5.72
CA GLU B 282 1.09 47.53 6.91
C GLU B 282 0.30 46.23 6.76
N VAL B 283 -0.30 46.02 5.58
CA VAL B 283 -1.08 44.81 5.36
C VAL B 283 -0.19 43.58 5.47
N GLU B 284 1.00 43.62 4.88
CA GLU B 284 1.91 42.50 4.98
C GLU B 284 2.32 42.24 6.42
N ARG B 285 2.59 43.30 7.17
CA ARG B 285 2.96 43.13 8.58
C ARG B 285 1.84 42.45 9.35
N LEU B 286 0.60 42.90 9.13
CA LEU B 286 -0.53 42.30 9.84
C LEU B 286 -0.76 40.86 9.42
N ILE B 287 -0.55 40.55 8.14
CA ILE B 287 -0.67 39.17 7.70
C ILE B 287 0.37 38.30 8.40
N GLN B 288 1.62 38.78 8.45
CA GLN B 288 2.67 38.00 9.10
C GLN B 288 2.43 37.88 10.60
N GLU B 289 1.72 38.83 11.19
CA GLU B 289 1.47 38.78 12.62
C GLU B 289 0.76 37.49 13.02
N ARG B 290 -0.24 37.08 12.25
CA ARG B 290 -1.04 35.91 12.57
C ARG B 290 -0.42 34.60 12.07
N GLY B 291 0.70 34.66 11.37
CA GLY B 291 1.37 33.47 10.89
C GLY B 291 1.14 33.14 9.44
N TRP B 292 0.62 34.07 8.64
CA TRP B 292 0.41 33.86 7.22
C TRP B 292 1.46 34.61 6.41
N GLU B 293 1.78 34.09 5.24
CA GLU B 293 2.76 34.70 4.35
C GLU B 293 2.17 34.82 2.95
N PHE B 294 2.68 35.80 2.21
CA PHE B 294 2.36 35.93 0.79
C PHE B 294 3.21 34.95 -0.01
N MET B 295 2.60 34.31 -1.01
CA MET B 295 3.37 33.47 -1.91
C MET B 295 4.43 34.32 -2.61
N TRP B 296 5.67 33.83 -2.61
CA TRP B 296 6.76 34.60 -3.18
C TRP B 296 7.99 33.70 -3.30
N ASN B 297 8.68 33.81 -4.44
CA ASN B 297 9.95 33.12 -4.62
C ASN B 297 10.83 33.99 -5.51
N GLU B 298 12.14 33.74 -5.43
CA GLU B 298 13.11 34.63 -6.07
C GLU B 298 12.93 34.66 -7.59
N ARG B 299 12.71 33.50 -8.20
CA ARG B 299 12.66 33.43 -9.66
C ARG B 299 11.49 34.24 -10.21
N LEU B 300 10.32 34.09 -9.61
CA LEU B 300 9.09 34.65 -10.17
C LEU B 300 8.55 35.85 -9.40
N GLY B 301 9.05 36.11 -8.19
CA GLY B 301 8.48 37.16 -7.38
C GLY B 301 7.18 36.72 -6.75
N TYR B 302 6.19 37.60 -6.72
CA TYR B 302 4.90 37.28 -6.13
C TYR B 302 4.10 36.38 -7.07
N ILE B 303 3.58 35.28 -6.53
CA ILE B 303 2.89 34.27 -7.33
C ILE B 303 1.41 34.65 -7.44
N LEU B 304 0.89 34.60 -8.67
CA LEU B 304 -0.50 34.93 -8.94
C LEU B 304 -1.05 33.92 -9.95
N THR B 305 -2.32 34.07 -10.29
CA THR B 305 -2.98 33.09 -11.15
C THR B 305 -2.53 33.24 -12.60
N CYS B 306 -2.81 34.38 -13.20
CA CYS B 306 -2.42 34.61 -14.59
C CYS B 306 -0.92 34.81 -14.68
N PRO B 307 -0.21 34.04 -15.51
CA PRO B 307 1.24 34.25 -15.63
C PRO B 307 1.60 35.65 -16.08
N SER B 308 0.68 36.37 -16.72
CA SER B 308 0.95 37.74 -17.13
C SER B 308 1.14 38.68 -15.94
N ASN B 309 0.63 38.30 -14.76
CA ASN B 309 0.70 39.15 -13.58
C ASN B 309 1.85 38.81 -12.66
N LEU B 310 2.70 37.85 -13.03
CA LEU B 310 3.78 37.42 -12.16
C LEU B 310 4.73 38.58 -11.88
N GLY B 311 5.65 38.35 -10.95
CA GLY B 311 6.63 39.35 -10.60
C GLY B 311 6.15 40.31 -9.53
N THR B 312 5.72 41.50 -9.95
CA THR B 312 5.19 42.49 -9.03
C THR B 312 3.68 42.65 -9.12
N GLY B 313 3.07 42.29 -10.24
CA GLY B 313 1.65 42.51 -10.41
C GLY B 313 1.25 43.96 -10.48
N LEU B 314 2.22 44.87 -10.61
CA LEU B 314 1.93 46.29 -10.57
C LEU B 314 1.40 46.79 -11.91
N ARG B 315 0.36 47.59 -11.86
CA ARG B 315 -0.26 48.18 -13.05
C ARG B 315 -0.55 49.65 -12.84
N ALA B 316 0.47 50.39 -12.38
CA ALA B 316 0.32 51.84 -12.24
C ALA B 316 -0.13 52.44 -13.58
N GLY B 317 -1.16 53.28 -13.52
CA GLY B 317 -1.74 53.81 -14.72
C GLY B 317 -2.56 55.04 -14.47
N VAL B 318 -3.19 55.53 -15.54
CA VAL B 318 -3.99 56.75 -15.54
C VAL B 318 -5.06 56.64 -16.60
N HIS B 319 -6.05 57.53 -16.55
CA HIS B 319 -7.04 57.69 -17.60
C HIS B 319 -6.60 58.79 -18.55
N ILE B 320 -6.87 58.60 -19.84
CA ILE B 320 -6.43 59.52 -20.88
C ILE B 320 -7.60 59.82 -21.81
N LYS B 321 -7.72 61.07 -22.22
CA LYS B 321 -8.87 61.53 -22.99
C LYS B 321 -8.57 61.44 -24.50
N LEU B 322 -9.57 61.79 -25.30
CA LEU B 322 -9.52 61.70 -26.75
C LEU B 322 -8.78 62.85 -27.44
N PRO B 323 -9.00 64.11 -27.03
CA PRO B 323 -8.71 65.24 -27.94
C PRO B 323 -7.28 65.24 -28.49
N LEU B 324 -6.28 65.32 -27.61
CA LEU B 324 -4.90 65.42 -28.05
C LEU B 324 -4.27 64.06 -28.35
N LEU B 325 -4.97 62.96 -28.09
CA LEU B 325 -4.43 61.62 -28.28
C LEU B 325 -5.16 60.82 -29.33
N SER B 326 -6.48 61.00 -29.46
CA SER B 326 -7.21 60.30 -30.52
C SER B 326 -6.70 60.72 -31.89
N LYS B 327 -6.44 62.01 -32.08
CA LYS B 327 -5.89 62.53 -33.32
C LYS B 327 -4.36 62.47 -33.36
N ASP B 328 -3.75 61.61 -32.54
CA ASP B 328 -2.30 61.50 -32.52
C ASP B 328 -1.79 60.96 -33.84
N SER B 329 -0.57 61.39 -34.21
CA SER B 329 0.00 61.01 -35.48
C SER B 329 0.38 59.53 -35.51
N ARG B 330 1.31 59.13 -34.64
CA ARG B 330 1.81 57.76 -34.58
C ARG B 330 1.68 57.22 -33.16
N PHE B 331 0.50 57.36 -32.59
CA PHE B 331 0.28 57.01 -31.18
C PHE B 331 0.73 55.60 -30.84
N PRO B 332 0.34 54.56 -31.58
CA PRO B 332 0.81 53.20 -31.20
C PRO B 332 2.31 53.07 -31.19
N LYS B 333 3.00 53.72 -32.13
CA LYS B 333 4.45 53.64 -32.17
C LYS B 333 5.06 54.26 -30.92
N ILE B 334 4.57 55.43 -30.52
CA ILE B 334 5.09 56.08 -29.32
C ILE B 334 4.81 55.23 -28.09
N LEU B 335 3.60 54.68 -28.00
CA LEU B 335 3.26 53.84 -26.85
C LEU B 335 4.19 52.63 -26.76
N GLU B 336 4.36 51.91 -27.88
CA GLU B 336 5.22 50.74 -27.87
C GLU B 336 6.66 51.11 -27.53
N ASN B 337 7.15 52.21 -28.10
CA ASN B 337 8.52 52.63 -27.84
C ASN B 337 8.72 52.99 -26.37
N LEU B 338 7.73 53.63 -25.77
CA LEU B 338 7.82 54.06 -24.37
C LEU B 338 7.42 52.96 -23.39
N ARG B 339 7.05 51.78 -23.88
CA ARG B 339 6.68 50.65 -23.03
C ARG B 339 5.44 50.97 -22.21
N LEU B 340 4.39 51.43 -22.89
CA LEU B 340 3.11 51.74 -22.27
C LEU B 340 2.01 50.99 -22.99
N GLN B 341 1.07 50.47 -22.21
CA GLN B 341 -0.11 49.78 -22.73
C GLN B 341 -1.31 50.71 -22.68
N LYS B 342 -2.17 50.61 -23.69
CA LYS B 342 -3.41 51.37 -23.75
C LYS B 342 -4.56 50.40 -23.91
N ARG B 343 -5.55 50.47 -23.03
CA ARG B 343 -6.71 49.60 -23.09
C ARG B 343 -7.98 50.43 -22.97
N GLY B 344 -9.12 49.77 -23.19
CA GLY B 344 -10.39 50.47 -23.16
C GLY B 344 -10.80 50.79 -21.73
N THR B 345 -11.31 52.02 -21.55
CA THR B 345 -11.78 52.44 -20.25
C THR B 345 -12.98 51.63 -19.81
N GLY B 346 -13.11 51.43 -18.50
CA GLY B 346 -14.19 50.65 -17.94
C GLY B 346 -13.91 49.18 -17.79
N GLY B 347 -12.75 48.71 -18.22
CA GLY B 347 -12.37 47.31 -18.09
C GLY B 347 -11.65 46.82 -19.33
N VAL B 348 -10.89 45.74 -19.16
CA VAL B 348 -10.17 45.16 -20.28
C VAL B 348 -11.15 44.62 -21.31
N ASP B 349 -12.22 43.97 -20.86
CA ASP B 349 -13.21 43.43 -21.79
C ASP B 349 -13.87 44.55 -22.59
N THR B 350 -14.22 45.65 -21.93
CA THR B 350 -14.88 46.75 -22.61
C THR B 350 -13.92 47.42 -23.59
N ALA B 351 -14.47 47.86 -24.73
CA ALA B 351 -13.69 48.54 -25.74
C ALA B 351 -13.68 50.05 -25.50
N ALA B 352 -12.68 50.71 -26.06
CA ALA B 352 -12.54 52.15 -25.90
C ALA B 352 -13.75 52.86 -26.52
N THR B 353 -14.29 53.83 -25.78
CA THR B 353 -15.43 54.61 -26.23
C THR B 353 -15.15 56.09 -26.04
N GLY B 354 -15.54 56.90 -27.02
CA GLY B 354 -15.32 58.33 -26.94
C GLY B 354 -13.86 58.73 -26.97
N GLY B 355 -12.97 57.84 -27.40
CA GLY B 355 -11.57 58.18 -27.46
C GLY B 355 -10.88 58.28 -26.10
N VAL B 356 -11.48 57.71 -25.06
CA VAL B 356 -10.93 57.74 -23.72
C VAL B 356 -10.39 56.35 -23.42
N PHE B 357 -9.12 56.26 -23.05
CA PHE B 357 -8.45 54.99 -22.79
C PHE B 357 -7.83 55.01 -21.40
N ASP B 358 -7.27 53.87 -21.02
CA ASP B 358 -6.48 53.72 -19.81
C ASP B 358 -5.06 53.37 -20.20
N ILE B 359 -4.10 54.17 -19.72
CA ILE B 359 -2.70 54.05 -20.06
C ILE B 359 -1.96 53.53 -18.83
N SER B 360 -1.32 52.37 -18.96
CA SER B 360 -0.60 51.74 -17.86
C SER B 360 0.72 51.20 -18.41
N ASN B 361 1.40 50.40 -17.60
CA ASN B 361 2.62 49.73 -18.03
C ASN B 361 2.30 48.34 -18.58
N LEU B 362 3.26 47.78 -19.32
CA LEU B 362 3.07 46.49 -19.97
C LEU B 362 3.60 45.33 -19.14
N ASP B 363 4.86 45.42 -18.73
CA ASP B 363 5.55 44.29 -18.10
C ASP B 363 5.48 44.39 -16.59
N ARG B 364 5.39 43.21 -15.96
CA ARG B 364 5.35 43.10 -14.51
C ARG B 364 6.59 42.41 -13.96
N LEU B 365 6.92 41.23 -14.44
CA LEU B 365 8.11 40.52 -14.02
C LEU B 365 9.36 41.22 -14.56
N GLY B 366 10.46 41.10 -13.83
CA GLY B 366 11.69 41.78 -14.21
C GLY B 366 11.88 43.06 -13.42
N LYS B 367 11.48 44.18 -14.01
CA LYS B 367 11.63 45.48 -13.36
C LYS B 367 10.93 45.47 -12.00
N SER B 368 11.32 46.44 -11.16
CA SER B 368 10.77 46.58 -9.83
C SER B 368 9.64 47.62 -9.83
N GLU B 369 8.93 47.68 -8.70
CA GLU B 369 7.77 48.56 -8.61
C GLU B 369 8.17 50.02 -8.78
N VAL B 370 9.25 50.44 -8.12
CA VAL B 370 9.72 51.81 -8.26
C VAL B 370 10.09 52.09 -9.71
N GLU B 371 10.80 51.15 -10.35
CA GLU B 371 11.17 51.32 -11.75
C GLU B 371 9.94 51.43 -12.63
N LEU B 372 8.93 50.58 -12.38
CA LEU B 372 7.73 50.60 -13.21
C LEU B 372 6.98 51.92 -13.07
N VAL B 373 6.83 52.42 -11.84
CA VAL B 373 6.11 53.67 -11.65
C VAL B 373 6.89 54.83 -12.23
N GLN B 374 8.22 54.81 -12.12
CA GLN B 374 9.03 55.84 -12.74
C GLN B 374 8.88 55.81 -14.25
N LEU B 375 8.86 54.61 -14.83
CA LEU B 375 8.65 54.48 -16.27
C LEU B 375 7.30 55.06 -16.68
N VAL B 376 6.25 54.74 -15.92
CA VAL B 376 4.92 55.24 -16.26
C VAL B 376 4.89 56.76 -16.16
N ILE B 377 5.51 57.31 -15.12
CA ILE B 377 5.51 58.76 -14.95
C ILE B 377 6.25 59.44 -16.09
N ASP B 378 7.42 58.90 -16.46
CA ASP B 378 8.16 59.48 -17.57
C ASP B 378 7.38 59.36 -18.87
N GLY B 379 6.73 58.23 -19.10
CA GLY B 379 5.96 58.06 -20.32
C GLY B 379 4.79 59.03 -20.40
N VAL B 380 4.06 59.21 -19.30
CA VAL B 380 2.94 60.13 -19.33
C VAL B 380 3.42 61.57 -19.48
N ASN B 381 4.56 61.90 -18.86
CA ASN B 381 5.12 63.23 -19.06
C ASN B 381 5.48 63.46 -20.52
N TYR B 382 6.09 62.46 -21.17
CA TYR B 382 6.44 62.60 -22.57
C TYR B 382 5.19 62.74 -23.44
N LEU B 383 4.17 61.92 -23.17
CA LEU B 383 2.95 61.98 -23.97
C LEU B 383 2.24 63.32 -23.81
N ILE B 384 2.14 63.83 -22.58
CA ILE B 384 1.51 65.13 -22.39
C ILE B 384 2.36 66.22 -23.03
N ASP B 385 3.68 66.04 -23.05
CA ASP B 385 4.54 66.96 -23.80
C ASP B 385 4.41 66.73 -25.30
N CYS B 386 4.19 65.48 -25.73
CA CYS B 386 4.07 65.13 -27.14
C CYS B 386 2.61 64.94 -27.55
N GLU B 387 1.71 65.72 -26.97
CA GLU B 387 0.31 65.76 -27.38
C GLU B 387 0.06 66.80 -28.45
N ARG B 388 1.08 67.13 -29.24
CA ARG B 388 1.09 68.34 -30.07
C ARG B 388 -0.20 68.55 -30.84
N ARG B 389 -0.93 69.60 -30.49
CA ARG B 389 -2.02 70.11 -31.29
C ARG B 389 -1.81 71.61 -31.47
N LEU B 390 -1.20 72.24 -30.46
CA LEU B 390 -0.78 73.63 -30.60
C LEU B 390 0.28 73.77 -31.69
N GLU B 391 1.21 72.82 -31.76
CA GLU B 391 2.22 72.79 -32.82
C GLU B 391 2.40 71.33 -33.25
N ARG B 392 3.44 71.08 -34.03
CA ARG B 392 3.78 69.75 -34.51
C ARG B 392 5.22 69.43 -34.13
N GLY B 393 5.65 68.22 -34.49
CA GLY B 393 7.01 67.80 -34.21
C GLY B 393 7.10 66.62 -33.27
N GLN B 394 6.11 65.73 -33.29
CA GLN B 394 6.17 64.52 -32.49
C GLN B 394 7.44 63.74 -32.83
N ASP B 395 8.19 63.37 -31.80
CA ASP B 395 9.51 62.76 -31.98
C ASP B 395 9.55 61.28 -31.65
N ILE B 396 8.54 60.73 -31.00
CA ILE B 396 8.52 59.32 -30.63
C ILE B 396 9.66 59.06 -29.66
N ARG B 397 10.90 59.15 -30.16
CA ARG B 397 12.10 59.06 -29.33
C ARG B 397 12.17 57.73 -28.59
N ILE B 398 12.29 56.66 -29.36
CA ILE B 398 12.49 55.33 -28.80
C ILE B 398 13.70 55.34 -27.87
N SER C 31 -12.13 10.00 -0.31
CA SER C 31 -11.75 10.94 -1.37
C SER C 31 -10.51 11.73 -0.97
N GLU C 32 -9.58 11.88 -1.91
CA GLU C 32 -8.37 12.64 -1.70
C GLU C 32 -8.52 14.11 -2.09
N ARG C 33 -9.71 14.52 -2.52
CA ARG C 33 -9.94 15.92 -2.90
C ARG C 33 -10.19 16.82 -1.70
N ARG C 34 -10.34 16.26 -0.50
CA ARG C 34 -10.52 17.07 0.69
C ARG C 34 -9.23 17.81 1.02
N ARG C 35 -9.38 19.01 1.57
CA ARG C 35 -8.26 19.90 1.85
C ARG C 35 -7.93 19.88 3.34
N LEU C 36 -6.63 19.84 3.64
CA LEU C 36 -6.18 19.93 5.02
C LEU C 36 -6.14 21.39 5.46
N TYR C 37 -6.17 21.59 6.77
CA TYR C 37 -5.98 22.92 7.31
C TYR C 37 -4.60 23.44 6.92
N PRO C 38 -4.47 24.65 6.39
CA PRO C 38 -3.15 25.18 6.06
C PRO C 38 -2.28 25.24 7.31
N PRO C 39 -0.98 25.00 7.18
CA PRO C 39 -0.12 25.04 8.38
C PRO C 39 -0.23 26.36 9.13
N SER C 40 -0.35 27.47 8.41
CA SER C 40 -0.50 28.76 9.08
C SER C 40 -1.75 28.84 9.93
N ALA C 41 -2.74 27.99 9.67
CA ALA C 41 -3.92 27.95 10.52
C ALA C 41 -3.60 27.40 11.89
N GLU C 42 -2.60 26.54 12.00
CA GLU C 42 -2.19 25.95 13.26
C GLU C 42 -1.11 26.76 13.98
N TYR C 43 -0.63 27.83 13.38
CA TYR C 43 0.49 28.56 13.95
C TYR C 43 0.10 29.11 15.32
N PRO C 44 0.93 28.93 16.35
CA PRO C 44 0.57 29.43 17.68
C PRO C 44 0.55 30.95 17.73
N ASP C 45 -0.23 31.47 18.67
CA ASP C 45 -0.32 32.91 18.90
C ASP C 45 0.72 33.27 19.97
N LEU C 46 1.88 33.74 19.53
CA LEU C 46 3.01 34.02 20.42
C LEU C 46 3.27 35.51 20.58
N ARG C 47 2.21 36.32 20.48
CA ARG C 47 2.39 37.77 20.54
C ARG C 47 2.80 38.26 21.92
N LYS C 48 2.70 37.43 22.95
CA LYS C 48 3.04 37.83 24.31
C LYS C 48 3.83 36.72 25.00
N HIS C 49 4.81 36.16 24.30
CA HIS C 49 5.62 35.06 24.82
C HIS C 49 7.07 35.51 24.99
N ASN C 50 7.76 34.89 25.94
CA ASN C 50 9.10 35.30 26.32
C ASN C 50 10.00 34.09 26.53
N ASN C 51 9.96 33.15 25.58
CA ASN C 51 10.87 32.01 25.59
C ASN C 51 11.57 31.91 24.25
N CYS C 52 12.73 31.24 24.25
CA CYS C 52 13.53 31.15 23.02
C CYS C 52 12.73 30.54 21.88
N MET C 53 11.83 29.60 22.19
CA MET C 53 11.00 29.02 21.15
C MET C 53 10.15 30.09 20.47
N ALA C 54 9.53 30.96 21.26
CA ALA C 54 8.70 32.01 20.69
C ALA C 54 9.51 32.96 19.84
N SER C 55 10.73 33.29 20.28
CA SER C 55 11.55 34.25 19.55
C SER C 55 12.14 33.64 18.27
N HIS C 56 12.36 32.33 18.25
CA HIS C 56 12.98 31.68 17.12
C HIS C 56 12.01 30.93 16.22
N LEU C 57 10.75 30.79 16.62
CA LEU C 57 9.75 30.16 15.77
C LEU C 57 9.17 31.19 14.82
N THR C 58 9.17 30.87 13.54
CA THR C 58 8.67 31.76 12.49
C THR C 58 7.70 30.98 11.61
N PRO C 59 6.79 31.67 10.92
CA PRO C 59 5.82 30.95 10.09
C PRO C 59 6.47 30.03 9.07
N ALA C 60 7.57 30.44 8.47
CA ALA C 60 8.23 29.59 7.48
C ALA C 60 8.73 28.30 8.11
N VAL C 61 9.39 28.40 9.26
CA VAL C 61 9.92 27.22 9.93
C VAL C 61 8.77 26.30 10.36
N TYR C 62 7.73 26.89 10.94
CA TYR C 62 6.59 26.08 11.39
C TYR C 62 5.97 25.34 10.23
N ALA C 63 5.74 26.04 9.10
CA ALA C 63 5.15 25.38 7.94
C ALA C 63 6.07 24.29 7.41
N ARG C 64 7.38 24.54 7.41
CA ARG C 64 8.31 23.54 6.91
C ARG C 64 8.28 22.28 7.76
N LEU C 65 8.23 22.43 9.09
CA LEU C 65 8.29 21.30 10.00
C LEU C 65 6.93 20.79 10.44
N CYS C 66 5.84 21.39 9.97
CA CYS C 66 4.51 21.02 10.47
C CYS C 66 4.14 19.59 10.14
N ASP C 67 4.74 18.99 9.11
CA ASP C 67 4.33 17.68 8.63
C ASP C 67 5.32 16.56 8.96
N LYS C 68 6.50 16.88 9.47
CA LYS C 68 7.47 15.85 9.78
C LYS C 68 7.19 15.25 11.15
N THR C 69 7.85 14.12 11.42
CA THR C 69 7.68 13.43 12.70
C THR C 69 8.81 12.42 12.87
N THR C 70 9.19 12.20 14.13
CA THR C 70 10.18 11.19 14.44
C THR C 70 9.58 9.80 14.23
N PRO C 71 10.42 8.77 14.10
CA PRO C 71 9.87 7.43 13.86
C PRO C 71 8.90 6.98 14.93
N THR C 72 9.03 7.47 16.15
CA THR C 72 8.12 7.11 17.23
C THR C 72 6.86 7.98 17.27
N GLY C 73 6.72 8.94 16.36
CA GLY C 73 5.52 9.73 16.27
C GLY C 73 5.58 11.10 16.92
N TRP C 74 6.74 11.52 17.40
CA TRP C 74 6.87 12.84 18.00
C TRP C 74 6.78 13.91 16.92
N THR C 75 5.98 14.94 17.19
CA THR C 75 5.72 16.01 16.22
C THR C 75 6.15 17.35 16.80
N LEU C 76 6.21 18.35 15.92
CA LEU C 76 6.68 19.67 16.32
C LEU C 76 5.76 20.29 17.37
N ASP C 77 4.45 20.15 17.19
CA ASP C 77 3.52 20.72 18.15
C ASP C 77 3.75 20.14 19.53
N GLN C 78 4.03 18.84 19.59
CA GLN C 78 4.35 18.23 20.89
C GLN C 78 5.64 18.80 21.45
N CYS C 79 6.61 19.12 20.58
CA CYS C 79 7.85 19.73 21.06
C CYS C 79 7.58 21.08 21.69
N ILE C 80 6.76 21.92 21.05
CA ILE C 80 6.61 23.31 21.45
C ILE C 80 5.39 23.54 22.34
N GLN C 81 4.67 22.49 22.71
CA GLN C 81 3.48 22.68 23.54
C GLN C 81 3.83 23.32 24.88
N THR C 82 4.92 22.87 25.51
CA THR C 82 5.28 23.42 26.81
C THR C 82 5.56 24.92 26.71
N GLY C 83 6.27 25.34 25.67
CA GLY C 83 6.53 26.76 25.49
C GLY C 83 5.27 27.54 25.17
N VAL C 84 4.39 26.98 24.34
CA VAL C 84 3.16 27.67 23.97
C VAL C 84 2.28 27.88 25.20
N ASP C 85 2.12 26.84 26.01
CA ASP C 85 1.24 26.93 27.17
C ASP C 85 1.73 27.97 28.17
N ASN C 86 3.05 28.02 28.39
N ASN C 86 3.05 28.03 28.39
CA ASN C 86 3.63 28.95 29.36
CA ASN C 86 3.63 28.96 29.35
C ASN C 86 4.26 30.11 28.60
C ASN C 86 4.24 30.13 28.60
N PRO C 87 3.66 31.30 28.62
N PRO C 87 3.64 31.32 28.63
CA PRO C 87 4.29 32.42 27.90
CA PRO C 87 4.21 32.44 27.86
C PRO C 87 5.66 32.78 28.45
C PRO C 87 5.60 32.84 28.33
N GLY C 88 5.93 32.48 29.71
N GLY C 88 5.75 33.13 29.62
CA GLY C 88 7.22 32.77 30.29
CA GLY C 88 7.04 33.54 30.14
C GLY C 88 7.27 34.14 30.95
C GLY C 88 7.30 33.02 31.55
N HIS C 89 7.75 34.19 32.18
N HIS C 89 8.44 32.37 31.74
CA HIS C 89 7.84 35.46 32.88
CA HIS C 89 8.77 31.83 33.05
C HIS C 89 8.88 36.34 32.20
C HIS C 89 8.93 32.96 34.06
N PRO C 90 8.60 37.63 31.99
N PRO C 90 8.46 32.79 35.29
CA PRO C 90 9.61 38.51 31.39
CA PRO C 90 8.56 33.88 36.27
C PRO C 90 10.87 38.57 32.24
C PRO C 90 9.99 34.30 36.57
N PHE C 91 12.01 38.68 31.57
N PHE C 91 10.94 33.36 36.59
CA PHE C 91 13.36 38.73 32.16
CA PHE C 91 12.30 33.63 37.04
C PHE C 91 13.84 37.35 32.59
C PHE C 91 13.27 33.83 35.88
N ILE C 92 13.01 36.31 32.48
N ILE C 92 13.39 32.85 35.00
CA ILE C 92 13.41 34.94 32.81
CA ILE C 92 14.43 32.84 33.97
C ILE C 92 13.47 34.15 31.51
C ILE C 92 13.79 32.64 32.61
N LYS C 93 14.58 33.47 31.28
N LYS C 93 14.52 33.07 31.58
CA LYS C 93 14.80 32.74 30.03
CA LYS C 93 14.10 32.81 30.20
C LYS C 93 14.49 31.27 30.24
C LYS C 93 14.24 31.32 29.91
N THR C 94 13.58 30.75 29.44
N THR C 94 13.12 30.67 29.64
CA THR C 94 13.24 29.33 29.42
CA THR C 94 13.09 29.22 29.46
C THR C 94 13.23 28.85 27.98
C THR C 94 13.24 28.84 28.00
N VAL C 95 13.74 27.62 27.77
CA VAL C 95 13.85 27.11 26.41
C VAL C 95 12.48 26.99 25.78
N GLY C 96 11.51 26.44 26.51
CA GLY C 96 10.16 26.30 26.01
C GLY C 96 9.93 25.14 25.08
N MET C 97 10.91 24.24 24.93
CA MET C 97 10.76 23.07 24.10
C MET C 97 11.35 21.86 24.81
N VAL C 98 10.88 20.67 24.41
CA VAL C 98 11.40 19.41 24.88
C VAL C 98 11.50 18.46 23.71
N ALA C 99 12.25 17.39 23.89
CA ALA C 99 12.43 16.35 22.89
C ALA C 99 11.78 15.06 23.36
N GLY C 100 11.13 14.36 22.45
CA GLY C 100 10.48 13.10 22.77
C GLY C 100 11.33 11.87 22.53
N ASP C 101 12.46 12.01 21.87
CA ASP C 101 13.36 10.89 21.61
C ASP C 101 14.65 11.45 21.03
N GLU C 102 15.60 10.55 20.76
CA GLU C 102 16.89 10.97 20.23
C GLU C 102 16.75 11.59 18.85
N GLU C 103 15.91 11.00 18.00
CA GLU C 103 15.78 11.47 16.63
C GLU C 103 15.26 12.90 16.55
N THR C 104 14.59 13.38 17.60
CA THR C 104 13.97 14.70 17.55
C THR C 104 15.00 15.76 17.17
N TYR C 105 16.13 15.80 17.89
CA TYR C 105 17.12 16.83 17.63
C TYR C 105 17.64 16.80 16.21
N GLU C 106 17.51 15.67 15.53
CA GLU C 106 17.89 15.58 14.12
C GLU C 106 16.73 15.92 13.20
N VAL C 107 15.52 15.48 13.54
CA VAL C 107 14.38 15.72 12.67
C VAL C 107 14.00 17.19 12.67
N PHE C 108 13.95 17.81 13.86
CA PHE C 108 13.56 19.21 14.01
C PHE C 108 14.77 20.09 14.29
N ALA C 109 15.92 19.77 13.68
CA ALA C 109 17.12 20.55 13.92
C ALA C 109 16.95 21.99 13.45
N ASP C 110 16.13 22.22 12.42
CA ASP C 110 15.96 23.57 11.90
C ASP C 110 15.46 24.53 12.97
N LEU C 111 14.73 24.03 13.95
CA LEU C 111 14.22 24.85 15.04
C LEU C 111 15.06 24.75 16.30
N PHE C 112 15.62 23.57 16.59
CA PHE C 112 16.38 23.39 17.82
C PHE C 112 17.75 24.07 17.73
N ASP C 113 18.38 24.02 16.56
CA ASP C 113 19.75 24.53 16.45
C ASP C 113 19.86 25.99 16.83
N PRO C 114 19.01 26.91 16.33
CA PRO C 114 19.08 28.28 16.82
C PRO C 114 18.85 28.38 18.32
N VAL C 115 17.93 27.57 18.86
CA VAL C 115 17.64 27.62 20.29
C VAL C 115 18.84 27.13 21.08
N ILE C 116 19.45 26.03 20.66
CA ILE C 116 20.63 25.52 21.35
C ILE C 116 21.75 26.55 21.29
N GLN C 117 21.94 27.18 20.13
CA GLN C 117 22.99 28.19 19.99
C GLN C 117 22.75 29.36 20.92
N GLU C 118 21.50 29.85 20.98
CA GLU C 118 21.20 30.97 21.86
C GLU C 118 21.39 30.61 23.32
N ARG C 119 20.97 29.41 23.72
CA ARG C 119 21.07 29.02 25.12
C ARG C 119 22.52 28.90 25.56
N HIS C 120 23.33 28.18 24.80
CA HIS C 120 24.72 27.90 25.19
C HIS C 120 25.70 28.90 24.59
N ASN C 121 25.43 30.17 24.85
CA ASN C 121 26.33 31.29 24.55
C ASN C 121 27.10 31.08 23.25
N GLY C 122 26.36 30.76 22.19
CA GLY C 122 26.91 30.77 20.85
C GLY C 122 27.43 29.45 20.33
N TYR C 123 27.38 28.39 21.11
CA TYR C 123 27.80 27.08 20.60
C TYR C 123 26.97 26.72 19.38
N ASP C 124 27.64 26.29 18.32
CA ASP C 124 26.96 25.98 17.07
C ASP C 124 26.88 24.48 16.88
N PRO C 125 25.72 23.85 17.04
CA PRO C 125 25.64 22.40 16.84
C PRO C 125 25.99 21.96 15.44
N ARG C 126 25.69 22.78 14.43
CA ARG C 126 25.91 22.38 13.05
C ARG C 126 27.39 22.25 12.71
N THR C 127 28.23 23.11 13.30
CA THR C 127 29.65 23.16 12.98
C THR C 127 30.54 22.62 14.09
N MET C 128 30.32 23.06 15.33
CA MET C 128 31.21 22.70 16.42
C MET C 128 30.95 21.27 16.88
N LYS C 129 31.85 20.76 17.72
CA LYS C 129 31.77 19.41 18.27
C LYS C 129 31.99 19.46 19.77
N HIS C 130 31.44 18.48 20.46
CA HIS C 130 31.49 18.40 21.91
C HIS C 130 32.45 17.30 22.34
N THR C 131 33.25 17.57 23.36
CA THR C 131 34.20 16.62 23.92
C THR C 131 33.84 16.36 25.38
N THR C 132 33.78 15.08 25.76
CA THR C 132 33.44 14.67 27.10
C THR C 132 34.71 14.19 27.80
N ASP C 133 34.92 14.67 29.03
CA ASP C 133 36.10 14.28 29.81
C ASP C 133 35.71 14.31 31.28
N LEU C 134 35.76 13.15 31.93
CA LEU C 134 35.35 13.02 33.33
C LEU C 134 36.51 12.69 34.26
N ASP C 135 37.74 12.78 33.79
CA ASP C 135 38.89 12.41 34.61
C ASP C 135 39.01 13.33 35.81
N ALA C 136 38.70 12.81 37.01
CA ALA C 136 38.79 13.59 38.23
C ALA C 136 40.23 13.86 38.65
N SER C 137 41.21 13.21 38.01
CA SER C 137 42.60 13.48 38.35
C SER C 137 43.03 14.88 37.93
N LYS C 138 42.50 15.37 36.81
CA LYS C 138 42.94 16.66 36.28
C LYS C 138 42.63 17.79 37.26
N ILE C 139 41.45 17.78 37.86
CA ILE C 139 41.06 18.86 38.75
C ILE C 139 42.06 18.98 39.90
N ARG C 140 42.35 20.21 40.29
CA ARG C 140 43.24 20.52 41.40
C ARG C 140 42.46 21.26 42.48
N SER C 141 43.18 21.75 43.49
CA SER C 141 42.57 22.47 44.60
C SER C 141 41.58 21.56 45.33
N GLY C 142 40.28 21.79 45.13
CA GLY C 142 39.28 20.95 45.76
C GLY C 142 38.90 21.41 47.15
N TYR C 143 39.87 21.50 48.04
CA TYR C 143 39.59 21.91 49.41
C TYR C 143 38.98 23.32 49.43
N PHE C 144 37.93 23.48 50.23
CA PHE C 144 37.20 24.73 50.36
C PHE C 144 37.33 25.26 51.78
N ASP C 145 36.73 26.42 52.02
CA ASP C 145 36.66 27.02 53.34
C ASP C 145 35.22 27.01 53.82
N GLU C 146 34.99 26.46 55.01
CA GLU C 146 33.65 26.31 55.57
C GLU C 146 33.16 27.67 56.08
N ARG C 147 32.92 28.57 55.12
CA ARG C 147 32.41 29.90 55.41
C ARG C 147 30.97 30.06 54.93
N TYR C 148 30.72 29.80 53.64
CA TYR C 148 29.38 29.87 53.09
C TYR C 148 29.04 28.70 52.18
N VAL C 149 29.98 27.76 51.97
CA VAL C 149 29.72 26.65 51.06
C VAL C 149 28.70 25.69 51.65
N LEU C 150 28.80 25.40 52.95
CA LEU C 150 27.90 24.47 53.61
C LEU C 150 28.04 23.07 53.02
N SER C 151 27.59 22.89 51.78
CA SER C 151 27.64 21.59 51.13
C SER C 151 27.91 21.79 49.65
N SER C 152 28.39 20.72 49.01
CA SER C 152 28.69 20.72 47.59
C SER C 152 27.97 19.57 46.90
N ARG C 153 27.66 19.77 45.63
CA ARG C 153 26.90 18.79 44.86
C ARG C 153 27.33 18.83 43.40
N VAL C 154 27.19 17.69 42.74
CA VAL C 154 27.39 17.56 41.30
C VAL C 154 26.27 16.71 40.73
N ARG C 155 25.80 17.04 39.53
CA ARG C 155 24.65 16.38 38.97
C ARG C 155 24.80 16.27 37.45
N THR C 156 24.33 15.15 36.90
CA THR C 156 24.23 14.98 35.46
C THR C 156 22.98 14.14 35.17
N GLY C 157 22.69 13.98 33.89
CA GLY C 157 21.56 13.19 33.46
C GLY C 157 21.94 12.30 32.29
N ARG C 158 21.30 11.15 32.22
CA ARG C 158 21.56 10.18 31.17
C ARG C 158 20.26 9.56 30.69
N SER C 159 20.23 9.24 29.39
CA SER C 159 19.08 8.65 28.73
C SER C 159 19.49 7.34 28.08
N ILE C 160 18.67 6.31 28.26
CA ILE C 160 18.95 5.00 27.68
C ILE C 160 18.51 5.01 26.22
N ARG C 161 19.44 4.63 25.33
CA ARG C 161 19.14 4.61 23.90
C ARG C 161 18.07 3.56 23.59
N GLY C 162 17.24 3.88 22.60
CA GLY C 162 16.18 2.99 22.18
C GLY C 162 14.87 3.16 22.90
N LEU C 163 14.82 4.02 23.92
CA LEU C 163 13.62 4.23 24.71
C LEU C 163 13.21 5.70 24.62
N SER C 164 11.91 5.94 24.50
CA SER C 164 11.41 7.30 24.37
C SER C 164 11.68 8.10 25.64
N LEU C 165 11.88 9.39 25.47
CA LEU C 165 12.17 10.28 26.59
C LEU C 165 10.91 10.55 27.40
N PRO C 166 11.05 11.06 28.62
CA PRO C 166 9.92 11.16 29.54
C PRO C 166 8.73 11.86 28.91
N PRO C 167 8.92 12.92 28.11
CA PRO C 167 7.77 13.58 27.51
C PRO C 167 6.93 12.66 26.64
N ALA C 168 7.54 11.67 26.00
CA ALA C 168 6.83 10.80 25.07
C ALA C 168 6.77 9.34 25.49
N CYS C 169 7.50 8.94 26.53
CA CYS C 169 7.57 7.53 26.89
C CYS C 169 6.20 7.02 27.34
N THR C 170 5.86 5.81 26.91
CA THR C 170 4.66 5.14 27.38
C THR C 170 4.93 4.48 28.73
N ARG C 171 3.91 3.85 29.29
CA ARG C 171 4.08 3.15 30.56
C ARG C 171 5.09 2.02 30.43
N ALA C 172 5.01 1.24 29.35
CA ALA C 172 5.93 0.13 29.16
C ALA C 172 7.36 0.62 29.04
N GLU C 173 7.59 1.70 28.29
CA GLU C 173 8.95 2.21 28.14
C GLU C 173 9.50 2.73 29.46
N ARG C 174 8.66 3.42 30.24
CA ARG C 174 9.11 3.89 31.55
C ARG C 174 9.47 2.72 32.45
N ARG C 175 8.64 1.68 32.46
CA ARG C 175 8.95 0.50 33.26
C ARG C 175 10.23 -0.17 32.79
N GLU C 176 10.45 -0.20 31.47
CA GLU C 176 11.69 -0.78 30.95
C GLU C 176 12.90 0.02 31.40
N VAL C 177 12.81 1.35 31.37
CA VAL C 177 13.92 2.19 31.84
C VAL C 177 14.20 1.88 33.31
N GLU C 178 13.15 1.81 34.12
CA GLU C 178 13.34 1.53 35.54
C GLU C 178 14.00 0.17 35.73
N ARG C 179 13.55 -0.84 34.99
N ARG C 179 13.55 -0.84 34.99
CA ARG C 179 14.12 -2.18 35.14
CA ARG C 179 14.11 -2.18 35.13
C ARG C 179 15.60 -2.19 34.77
C ARG C 179 15.59 -2.18 34.77
N VAL C 180 15.94 -1.56 33.64
CA VAL C 180 17.33 -1.55 33.20
C VAL C 180 18.20 -0.87 34.25
N VAL C 181 17.77 0.29 34.73
CA VAL C 181 18.60 1.04 35.66
C VAL C 181 18.73 0.27 36.98
N VAL C 182 17.63 -0.30 37.48
CA VAL C 182 17.69 -1.00 38.75
C VAL C 182 18.56 -2.24 38.65
N ASP C 183 18.40 -3.02 37.58
CA ASP C 183 19.22 -4.22 37.42
C ASP C 183 20.70 -3.85 37.33
N ALA C 184 21.02 -2.78 36.60
CA ALA C 184 22.41 -2.35 36.51
C ALA C 184 22.93 -1.94 37.88
N LEU C 185 22.22 -1.05 38.57
CA LEU C 185 22.69 -0.57 39.86
C LEU C 185 22.79 -1.69 40.88
N SER C 186 22.05 -2.78 40.72
CA SER C 186 22.20 -3.90 41.63
C SER C 186 23.62 -4.44 41.62
N GLY C 187 24.34 -4.27 40.51
CA GLY C 187 25.70 -4.76 40.40
C GLY C 187 26.76 -3.87 41.03
N LEU C 188 26.40 -2.68 41.48
CA LEU C 188 27.35 -1.82 42.15
C LEU C 188 27.85 -2.48 43.44
N LYS C 189 29.15 -2.34 43.69
CA LYS C 189 29.78 -2.92 44.87
C LYS C 189 30.62 -1.84 45.56
N GLY C 190 31.26 -2.23 46.66
CA GLY C 190 32.12 -1.30 47.36
C GLY C 190 31.32 -0.19 48.04
N ASP C 191 31.97 0.98 48.17
CA ASP C 191 31.32 2.10 48.83
C ASP C 191 30.05 2.52 48.11
N LEU C 192 30.02 2.42 46.79
CA LEU C 192 28.84 2.81 46.03
C LEU C 192 27.81 1.69 46.02
N ALA C 193 27.47 1.16 47.19
CA ALA C 193 26.48 0.10 47.34
C ALA C 193 25.29 0.64 48.12
N GLY C 194 24.10 0.49 47.56
CA GLY C 194 22.94 1.08 48.17
C GLY C 194 21.67 0.34 47.83
N ARG C 195 20.55 1.04 47.98
CA ARG C 195 19.24 0.46 47.77
C ARG C 195 18.40 1.35 46.87
N TYR C 196 17.46 0.72 46.17
CA TYR C 196 16.49 1.39 45.32
C TYR C 196 15.15 1.43 46.04
N TYR C 197 14.58 2.63 46.15
CA TYR C 197 13.29 2.83 46.78
C TYR C 197 12.29 3.32 45.73
N ARG C 198 11.16 2.63 45.64
CA ARG C 198 10.11 2.97 44.69
C ARG C 198 9.18 3.99 45.32
N LEU C 199 8.90 5.08 44.59
CA LEU C 199 8.02 6.11 45.11
C LEU C 199 6.66 5.54 45.50
N SER C 200 6.13 4.63 44.67
CA SER C 200 4.83 4.05 44.96
C SER C 200 4.81 3.28 46.28
N GLU C 201 5.96 2.88 46.79
CA GLU C 201 6.05 2.10 48.01
C GLU C 201 6.58 2.90 49.19
N MET C 202 6.72 4.21 49.06
CA MET C 202 7.23 5.08 50.11
C MET C 202 6.09 5.86 50.75
N THR C 203 6.12 5.94 52.08
CA THR C 203 5.11 6.71 52.79
C THR C 203 5.25 8.19 52.50
N GLU C 204 4.15 8.93 52.65
CA GLU C 204 4.18 10.36 52.39
C GLU C 204 5.15 11.06 53.33
N ALA C 205 5.16 10.67 54.60
CA ALA C 205 6.08 11.29 55.55
C ALA C 205 7.53 11.03 55.15
N GLU C 206 7.85 9.80 54.76
CA GLU C 206 9.22 9.49 54.34
C GLU C 206 9.62 10.30 53.10
N GLN C 207 8.71 10.41 52.14
CA GLN C 207 9.00 11.19 50.93
C GLN C 207 9.22 12.66 51.28
N GLN C 208 8.38 13.21 52.16
CA GLN C 208 8.56 14.60 52.55
C GLN C 208 9.88 14.81 53.27
N GLN C 209 10.24 13.88 54.16
CA GLN C 209 11.52 13.99 54.86
C GLN C 209 12.69 13.94 53.88
N LEU C 210 12.63 13.03 52.92
CA LEU C 210 13.69 12.95 51.92
C LEU C 210 13.78 14.22 51.10
N ILE C 211 12.64 14.77 50.70
CA ILE C 211 12.63 16.01 49.92
C ILE C 211 13.24 17.15 50.72
N ASP C 212 12.83 17.29 51.98
CA ASP C 212 13.36 18.38 52.80
C ASP C 212 14.85 18.26 53.00
N ASP C 213 15.38 17.03 53.02
CA ASP C 213 16.81 16.81 53.18
C ASP C 213 17.58 16.93 51.87
N HIS C 214 16.94 17.44 50.81
CA HIS C 214 17.58 17.61 49.52
C HIS C 214 18.01 16.27 48.93
N PHE C 215 17.33 15.20 49.29
CA PHE C 215 17.67 13.85 48.84
C PHE C 215 16.53 13.19 48.08
N LEU C 216 15.61 13.98 47.53
CA LEU C 216 14.47 13.40 46.81
C LEU C 216 13.83 14.49 45.95
N PHE C 217 13.00 14.04 45.02
CA PHE C 217 12.26 14.93 44.13
C PHE C 217 10.79 14.85 44.43
N ASP C 218 10.09 15.98 44.30
CA ASP C 218 8.67 16.06 44.57
C ASP C 218 7.87 15.85 43.28
N LYS C 219 6.56 15.67 43.45
CA LYS C 219 5.68 15.53 42.30
C LYS C 219 5.77 16.80 41.45
N PRO C 220 5.99 16.68 40.14
CA PRO C 220 6.10 17.89 39.31
C PRO C 220 4.82 18.72 39.39
N VAL C 221 4.95 19.93 39.95
CA VAL C 221 3.82 20.83 40.06
C VAL C 221 4.00 22.09 39.20
N SER C 222 5.23 22.49 38.90
CA SER C 222 5.43 23.65 38.06
C SER C 222 4.84 23.39 36.68
N PRO C 223 4.18 24.37 36.07
CA PRO C 223 3.48 24.09 34.80
C PRO C 223 4.39 23.64 33.68
N LEU C 224 5.69 23.94 33.76
CA LEU C 224 6.58 23.58 32.64
C LEU C 224 6.65 22.08 32.43
N LEU C 225 6.76 21.31 33.51
CA LEU C 225 6.85 19.86 33.36
C LEU C 225 5.50 19.25 33.01
N THR C 226 4.42 19.72 33.66
CA THR C 226 3.11 19.16 33.38
C THR C 226 2.68 19.41 31.94
N ALA C 227 2.91 20.63 31.45
CA ALA C 227 2.57 20.94 30.06
C ALA C 227 3.38 20.10 29.09
N ALA C 228 4.62 19.77 29.47
CA ALA C 228 5.45 18.91 28.64
C ALA C 228 4.99 17.46 28.65
N GLY C 229 4.06 17.09 29.53
CA GLY C 229 3.61 15.73 29.62
C GLY C 229 4.58 14.81 30.34
N MET C 230 5.33 15.34 31.31
CA MET C 230 6.31 14.57 32.04
C MET C 230 5.83 14.16 33.43
N ALA C 231 4.56 14.43 33.76
CA ALA C 231 3.99 14.01 35.03
C ALA C 231 2.94 12.91 34.85
N ARG C 232 2.88 12.30 33.66
CA ARG C 232 1.89 11.27 33.40
C ARG C 232 2.15 10.04 34.26
N ASP C 233 1.08 9.42 34.73
CA ASP C 233 1.13 8.15 35.45
C ASP C 233 1.92 8.25 36.76
N TRP C 234 2.07 9.45 37.31
CA TRP C 234 2.82 9.60 38.54
C TRP C 234 2.10 8.85 39.67
N PRO C 235 2.83 8.15 40.55
CA PRO C 235 4.30 7.96 40.61
C PRO C 235 4.75 6.63 40.01
N ASP C 236 4.05 6.12 39.01
CA ASP C 236 4.35 4.80 38.48
C ASP C 236 5.73 4.81 37.81
N ALA C 237 6.62 3.95 38.31
CA ALA C 237 7.93 3.71 37.73
C ALA C 237 8.92 4.84 37.98
N ARG C 238 8.70 5.66 39.00
CA ARG C 238 9.65 6.67 39.43
C ARG C 238 10.26 6.22 40.75
N GLY C 239 11.57 6.36 40.88
CA GLY C 239 12.24 5.87 42.08
C GLY C 239 13.52 6.61 42.38
N ILE C 240 14.16 6.21 43.47
CA ILE C 240 15.43 6.80 43.88
C ILE C 240 16.33 5.70 44.41
N TRP C 241 17.51 5.54 43.80
CA TRP C 241 18.52 4.60 44.27
C TRP C 241 19.62 5.41 44.95
N HIS C 242 19.87 5.14 46.23
CA HIS C 242 20.88 5.88 46.95
C HIS C 242 21.80 4.93 47.72
N ASN C 243 23.05 5.35 47.84
CA ASN C 243 24.05 4.56 48.57
C ASN C 243 23.79 4.66 50.07
N ASN C 244 24.46 3.79 50.82
CA ASN C 244 24.24 3.73 52.25
C ASN C 244 24.59 5.06 52.92
N GLU C 245 25.71 5.66 52.53
CA GLU C 245 26.08 6.97 53.06
C GLU C 245 25.20 8.09 52.55
N LYS C 246 24.34 7.82 51.55
CA LYS C 246 23.48 8.83 50.94
C LYS C 246 24.30 9.94 50.30
N SER C 247 25.53 9.64 49.92
CA SER C 247 26.39 10.56 49.19
C SER C 247 26.38 10.32 47.69
N PHE C 248 25.61 9.35 47.22
CA PHE C 248 25.51 9.04 45.79
C PHE C 248 24.08 8.61 45.51
N LEU C 249 23.35 9.41 44.74
CA LEU C 249 21.94 9.18 44.47
C LEU C 249 21.69 9.14 42.97
N ILE C 250 20.60 8.49 42.59
CA ILE C 250 20.18 8.36 41.21
C ILE C 250 18.65 8.43 41.20
N TRP C 251 18.11 9.49 40.61
CA TRP C 251 16.67 9.61 40.42
C TRP C 251 16.29 8.93 39.12
N VAL C 252 15.29 8.06 39.18
CA VAL C 252 14.83 7.28 38.03
C VAL C 252 13.46 7.81 37.63
N ASN C 253 13.40 8.37 36.42
CA ASN C 253 12.15 8.80 35.79
C ASN C 253 11.47 9.92 36.59
N GLU C 254 12.19 11.04 36.74
CA GLU C 254 11.60 12.26 37.28
C GLU C 254 11.62 13.39 36.25
N GLU C 255 12.79 13.77 35.76
CA GLU C 255 12.93 14.72 34.66
C GLU C 255 13.63 14.12 33.46
N ASP C 256 14.42 13.06 33.67
CA ASP C 256 15.07 12.33 32.60
C ASP C 256 15.05 10.87 32.98
N HIS C 257 15.59 10.02 32.09
CA HIS C 257 15.65 8.59 32.40
C HIS C 257 16.43 8.36 33.67
N THR C 258 17.58 8.99 33.81
CA THR C 258 18.37 8.89 35.03
C THR C 258 19.00 10.23 35.35
N ARG C 259 19.00 10.58 36.63
CA ARG C 259 19.67 11.77 37.14
C ARG C 259 20.66 11.33 38.21
N VAL C 260 21.95 11.44 37.91
CA VAL C 260 23.02 10.98 38.80
C VAL C 260 23.51 12.18 39.60
N ILE C 261 23.53 12.04 40.93
CA ILE C 261 23.88 13.12 41.83
C ILE C 261 24.92 12.62 42.82
N SER C 262 25.93 13.43 43.07
CA SER C 262 26.94 13.16 44.09
C SER C 262 26.99 14.36 45.03
N MET C 263 26.68 14.12 46.31
CA MET C 263 26.54 15.18 47.30
C MET C 263 27.62 15.02 48.36
N GLU C 264 27.82 16.09 49.13
CA GLU C 264 28.70 16.04 50.30
C GLU C 264 28.41 17.24 51.18
N LYS C 265 28.11 16.99 52.46
CA LYS C 265 27.83 18.05 53.42
C LYS C 265 29.15 18.67 53.90
N GLY C 266 29.86 19.26 52.95
CA GLY C 266 31.14 19.88 53.23
C GLY C 266 31.61 20.81 52.13
N GLY C 267 32.90 20.76 51.82
CA GLY C 267 33.44 21.60 50.76
C GLY C 267 34.54 20.93 49.97
N ASN C 268 34.71 19.62 50.16
CA ASN C 268 35.75 18.85 49.47
C ASN C 268 35.24 18.47 48.07
N MET C 269 35.12 19.49 47.21
CA MET C 269 34.59 19.28 45.87
C MET C 269 35.40 18.25 45.10
N LYS C 270 36.70 18.14 45.38
CA LYS C 270 37.53 17.14 44.71
C LYS C 270 37.00 15.73 44.99
N ARG C 271 36.74 15.44 46.26
CA ARG C 271 36.23 14.11 46.62
C ARG C 271 34.86 13.87 45.98
N VAL C 272 33.99 14.88 46.01
CA VAL C 272 32.65 14.73 45.43
C VAL C 272 32.76 14.41 43.95
N PHE C 273 33.61 15.14 43.23
CA PHE C 273 33.74 14.90 41.80
C PHE C 273 34.39 13.56 41.51
N GLU C 274 35.35 13.14 42.35
CA GLU C 274 35.96 11.83 42.15
C GLU C 274 34.93 10.71 42.31
N ARG C 275 34.13 10.80 43.38
CA ARG C 275 33.07 9.82 43.57
C ARG C 275 32.09 9.84 42.41
N PHE C 276 31.70 11.04 41.97
CA PHE C 276 30.80 11.17 40.83
C PHE C 276 31.37 10.48 39.60
N CYS C 277 32.63 10.74 39.27
CA CYS C 277 33.23 10.18 38.08
C CYS C 277 33.28 8.66 38.15
N ARG C 278 33.76 8.11 39.27
CA ARG C 278 33.90 6.67 39.36
C ARG C 278 32.54 5.98 39.35
N GLY C 279 31.56 6.55 40.06
CA GLY C 279 30.23 5.98 40.04
C GLY C 279 29.61 6.01 38.66
N LEU C 280 29.76 7.13 37.94
CA LEU C 280 29.23 7.21 36.59
C LEU C 280 29.90 6.20 35.67
N LYS C 281 31.21 6.02 35.80
CA LYS C 281 31.91 5.03 34.98
C LYS C 281 31.40 3.63 35.27
N GLU C 282 31.23 3.29 36.55
CA GLU C 282 30.72 1.97 36.90
C GLU C 282 29.31 1.76 36.37
N VAL C 283 28.45 2.78 36.50
CA VAL C 283 27.08 2.67 36.03
C VAL C 283 27.05 2.46 34.52
N GLU C 284 27.87 3.22 33.80
CA GLU C 284 27.91 3.05 32.34
C GLU C 284 28.41 1.66 31.97
N ARG C 285 29.43 1.16 32.66
CA ARG C 285 29.92 -0.18 32.38
C ARG C 285 28.82 -1.22 32.59
N LEU C 286 28.10 -1.11 33.69
CA LEU C 286 27.04 -2.08 33.97
C LEU C 286 25.91 -1.96 32.96
N ILE C 287 25.59 -0.75 32.52
CA ILE C 287 24.56 -0.58 31.49
C ILE C 287 25.00 -1.27 30.21
N GLN C 288 26.25 -1.04 29.80
CA GLN C 288 26.74 -1.65 28.57
C GLN C 288 26.83 -3.16 28.69
N GLU C 289 26.98 -3.67 29.92
CA GLU C 289 27.09 -5.12 30.09
C GLU C 289 25.86 -5.84 29.55
N ARG C 290 24.68 -5.30 29.81
CA ARG C 290 23.43 -5.94 29.40
C ARG C 290 23.01 -5.59 27.97
N GLY C 291 23.76 -4.74 27.29
CA GLY C 291 23.46 -4.38 25.92
C GLY C 291 22.76 -3.07 25.72
N TRP C 292 22.74 -2.20 26.73
CA TRP C 292 22.12 -0.88 26.63
C TRP C 292 23.20 0.19 26.54
N GLU C 293 22.87 1.28 25.87
CA GLU C 293 23.78 2.41 25.71
C GLU C 293 23.09 3.70 26.09
N PHE C 294 23.89 4.68 26.49
CA PHE C 294 23.40 6.02 26.71
C PHE C 294 23.29 6.77 25.38
N MET C 295 22.22 7.52 25.22
CA MET C 295 22.10 8.37 24.04
C MET C 295 23.26 9.35 24.01
N TRP C 296 23.92 9.45 22.86
CA TRP C 296 25.10 10.31 22.76
C TRP C 296 25.48 10.44 21.29
N ASN C 297 25.83 11.66 20.89
CA ASN C 297 26.35 11.91 19.55
C ASN C 297 27.34 13.07 19.64
N GLU C 298 28.22 13.14 18.64
CA GLU C 298 29.34 14.06 18.71
C GLU C 298 28.88 15.51 18.76
N ARG C 299 27.89 15.87 17.95
CA ARG C 299 27.48 17.26 17.86
C ARG C 299 26.93 17.77 19.19
N LEU C 300 26.07 17.00 19.83
CA LEU C 300 25.33 17.45 21.00
C LEU C 300 25.81 16.84 22.31
N GLY C 301 26.62 15.79 22.26
CA GLY C 301 26.99 15.10 23.48
C GLY C 301 25.87 14.21 23.97
N TYR C 302 25.64 14.20 25.28
CA TYR C 302 24.59 13.38 25.85
C TYR C 302 23.22 14.02 25.60
N ILE C 303 22.28 13.22 25.10
CA ILE C 303 20.97 13.70 24.70
C ILE C 303 20.04 13.66 25.90
N LEU C 304 19.33 14.77 26.13
CA LEU C 304 18.38 14.88 27.24
C LEU C 304 17.14 15.61 26.74
N THR C 305 16.16 15.77 27.63
CA THR C 305 14.88 16.34 27.22
C THR C 305 14.99 17.85 26.99
N CYS C 306 15.33 18.59 28.03
CA CYS C 306 15.42 20.03 27.89
C CYS C 306 16.69 20.39 27.11
N PRO C 307 16.59 21.15 26.02
CA PRO C 307 17.81 21.53 25.29
C PRO C 307 18.81 22.28 26.14
N SER C 308 18.38 22.89 27.25
CA SER C 308 19.32 23.57 28.13
C SER C 308 20.29 22.62 28.81
N ASN C 309 19.96 21.33 28.87
CA ASN C 309 20.77 20.34 29.56
C ASN C 309 21.67 19.54 28.61
N LEU C 310 21.66 19.86 27.31
CA LEU C 310 22.45 19.10 26.36
C LEU C 310 23.93 19.18 26.69
N GLY C 311 24.71 18.37 25.99
CA GLY C 311 26.15 18.35 26.18
C GLY C 311 26.60 17.41 27.28
N THR C 312 26.85 17.96 28.47
CA THR C 312 27.24 17.17 29.62
C THR C 312 26.16 17.05 30.68
N GLY C 313 25.21 17.99 30.72
CA GLY C 313 24.21 17.98 31.76
C GLY C 313 24.76 18.26 33.13
N LEU C 314 26.01 18.72 33.23
CA LEU C 314 26.66 18.88 34.53
C LEU C 314 26.25 20.20 35.17
N ARG C 315 25.92 20.13 36.46
CA ARG C 315 25.51 21.30 37.24
C ARG C 315 26.24 21.31 38.59
N ALA C 316 27.56 21.15 38.55
CA ALA C 316 28.35 21.25 39.77
C ALA C 316 28.07 22.58 40.47
N GLY C 317 27.76 22.52 41.77
CA GLY C 317 27.37 23.72 42.48
C GLY C 317 27.52 23.55 43.98
N VAL C 318 27.12 24.60 44.69
CA VAL C 318 27.22 24.68 46.14
C VAL C 318 26.08 25.55 46.67
N HIS C 319 25.90 25.50 47.99
CA HIS C 319 25.00 26.41 48.69
C HIS C 319 25.79 27.62 49.18
N ILE C 320 25.15 28.78 49.17
CA ILE C 320 25.80 30.02 49.57
C ILE C 320 24.85 30.81 50.46
N LYS C 321 25.41 31.42 51.51
CA LYS C 321 24.62 32.06 52.55
C LYS C 321 24.48 33.56 52.26
N LEU C 322 23.68 34.23 53.10
CA LEU C 322 23.35 35.64 52.96
C LEU C 322 24.43 36.60 53.46
N PRO C 323 25.04 36.35 54.63
CA PRO C 323 25.69 37.46 55.37
C PRO C 323 26.69 38.26 54.55
N LEU C 324 27.72 37.60 54.03
CA LEU C 324 28.74 38.27 53.24
C LEU C 324 28.38 38.35 51.76
N LEU C 325 27.26 37.77 51.35
CA LEU C 325 26.87 37.72 49.95
C LEU C 325 25.57 38.47 49.64
N SER C 326 24.80 38.83 50.66
CA SER C 326 23.52 39.49 50.41
C SER C 326 23.70 40.99 50.12
N LYS C 327 24.73 41.60 50.69
CA LYS C 327 24.80 43.06 50.73
C LYS C 327 26.14 43.61 50.24
N ASP C 328 26.64 43.10 49.12
CA ASP C 328 27.83 43.66 48.48
C ASP C 328 27.42 44.65 47.39
N SER C 329 28.39 45.06 46.56
CA SER C 329 28.14 46.13 45.61
C SER C 329 27.43 45.63 44.36
N ARG C 330 28.10 44.81 43.55
CA ARG C 330 27.66 44.50 42.20
C ARG C 330 27.79 43.01 41.91
N PHE C 331 27.32 42.18 42.84
CA PHE C 331 27.45 40.73 42.67
C PHE C 331 26.93 40.24 41.33
N PRO C 332 25.73 40.60 40.88
CA PRO C 332 25.23 40.00 39.63
C PRO C 332 26.19 40.15 38.47
N LYS C 333 26.84 41.32 38.35
CA LYS C 333 27.86 41.48 37.31
C LYS C 333 29.01 40.52 37.52
N ILE C 334 29.44 40.34 38.77
CA ILE C 334 30.53 39.41 39.06
C ILE C 334 30.16 38.00 38.63
N LEU C 335 28.93 37.57 38.96
CA LEU C 335 28.49 36.24 38.59
C LEU C 335 28.43 36.09 37.08
N GLU C 336 27.90 37.09 36.38
CA GLU C 336 27.83 37.02 34.92
C GLU C 336 29.22 36.92 34.32
N ASN C 337 30.17 37.71 34.81
CA ASN C 337 31.53 37.66 34.29
C ASN C 337 32.18 36.32 34.58
N LEU C 338 31.95 35.75 35.77
CA LEU C 338 32.54 34.47 36.13
C LEU C 338 31.78 33.27 35.60
N ARG C 339 30.62 33.48 34.97
CA ARG C 339 29.83 32.39 34.41
C ARG C 339 29.27 31.50 35.51
N LEU C 340 28.74 32.13 36.56
CA LEU C 340 28.13 31.43 37.68
C LEU C 340 26.68 31.87 37.81
N GLN C 341 25.79 30.89 37.96
CA GLN C 341 24.35 31.12 38.09
C GLN C 341 23.94 30.97 39.55
N LYS C 342 23.17 31.93 40.04
CA LYS C 342 22.61 31.89 41.39
C LYS C 342 21.11 31.72 41.28
N ARG C 343 20.58 30.68 41.92
CA ARG C 343 19.15 30.40 41.89
C ARG C 343 18.63 30.20 43.31
N GLY C 344 17.31 30.23 43.44
CA GLY C 344 16.70 30.10 44.75
C GLY C 344 16.95 28.71 45.33
N THR C 345 17.34 28.69 46.61
CA THR C 345 17.55 27.43 47.30
C THR C 345 16.25 26.67 47.45
N GLY C 346 16.36 25.34 47.45
CA GLY C 346 15.20 24.48 47.55
C GLY C 346 14.57 24.10 46.23
N GLY C 347 15.07 24.61 45.12
CA GLY C 347 14.56 24.28 43.80
C GLY C 347 14.53 25.50 42.90
N VAL C 348 14.51 25.24 41.59
CA VAL C 348 14.46 26.34 40.64
C VAL C 348 13.14 27.10 40.77
N ASP C 349 12.04 26.38 40.96
CA ASP C 349 10.74 27.03 41.10
C ASP C 349 10.71 27.92 42.35
N THR C 350 11.27 27.44 43.45
CA THR C 350 11.27 28.21 44.68
C THR C 350 12.18 29.42 44.55
N ALA C 351 11.78 30.51 45.22
CA ALA C 351 12.53 31.75 45.21
C ALA C 351 13.50 31.79 46.39
N ALA C 352 14.55 32.59 46.24
CA ALA C 352 15.55 32.72 47.29
C ALA C 352 14.93 33.28 48.56
N THR C 353 15.25 32.66 49.69
CA THR C 353 14.74 33.08 50.99
C THR C 353 15.90 33.20 51.98
N GLY C 354 15.87 34.26 52.78
CA GLY C 354 16.92 34.46 53.76
C GLY C 354 18.28 34.75 53.16
N GLY C 355 18.34 35.15 51.90
CA GLY C 355 19.61 35.44 51.27
C GLY C 355 20.49 34.24 51.03
N VAL C 356 19.92 33.05 50.98
CA VAL C 356 20.65 31.82 50.73
C VAL C 356 20.29 31.33 49.34
N PHE C 357 21.30 31.13 48.50
CA PHE C 357 21.11 30.75 47.11
C PHE C 357 21.93 29.50 46.79
N ASP C 358 21.73 29.00 45.57
CA ASP C 358 22.50 27.90 45.02
C ASP C 358 23.34 28.44 43.87
N ILE C 359 24.65 28.23 43.95
CA ILE C 359 25.60 28.75 42.97
C ILE C 359 26.11 27.58 42.14
N SER C 360 25.88 27.63 40.83
CA SER C 360 26.30 26.58 39.92
C SER C 360 26.87 27.23 38.67
N ASN C 361 27.07 26.42 37.62
CA ASN C 361 27.54 26.94 36.34
C ASN C 361 26.35 27.19 35.41
N LEU C 362 26.60 28.00 34.38
CA LEU C 362 25.57 28.34 33.40
C LEU C 362 25.45 27.30 32.30
N ASP C 363 26.54 27.06 31.58
CA ASP C 363 26.52 26.33 30.33
C ASP C 363 26.87 24.87 30.53
N ARG C 364 26.25 24.02 29.72
CA ARG C 364 26.49 22.58 29.72
C ARG C 364 27.17 22.11 28.45
N LEU C 365 26.61 22.46 27.30
CA LEU C 365 27.22 22.11 26.02
C LEU C 365 28.47 22.95 25.78
N GLY C 366 29.41 22.39 25.03
CA GLY C 366 30.67 23.06 24.76
C GLY C 366 31.79 22.56 25.65
N LYS C 367 32.05 23.26 26.75
CA LYS C 367 33.11 22.86 27.66
C LYS C 367 32.83 21.46 28.21
N SER C 368 33.88 20.85 28.76
CA SER C 368 33.80 19.49 29.29
C SER C 368 33.54 19.51 30.79
N GLU C 369 33.28 18.32 31.33
CA GLU C 369 32.92 18.21 32.75
C GLU C 369 34.05 18.70 33.64
N VAL C 370 35.29 18.29 33.34
CA VAL C 370 36.43 18.75 34.13
C VAL C 370 36.56 20.26 34.02
N GLU C 371 36.41 20.80 32.81
CA GLU C 371 36.51 22.24 32.64
C GLU C 371 35.43 22.97 33.44
N LEU C 372 34.20 22.46 33.40
CA LEU C 372 33.11 23.10 34.13
C LEU C 372 33.36 23.06 35.64
N VAL C 373 33.82 21.91 36.14
CA VAL C 373 34.09 21.80 37.58
C VAL C 373 35.21 22.74 37.99
N GLN C 374 36.27 22.81 37.18
CA GLN C 374 37.36 23.74 37.48
C GLN C 374 36.88 25.18 37.46
N LEU C 375 36.03 25.52 36.49
CA LEU C 375 35.47 26.86 36.41
C LEU C 375 34.69 27.18 37.69
N VAL C 376 33.84 26.25 38.13
CA VAL C 376 33.04 26.49 39.32
C VAL C 376 33.94 26.65 40.55
N ILE C 377 34.96 25.81 40.66
CA ILE C 377 35.85 25.86 41.81
C ILE C 377 36.58 27.20 41.85
N ASP C 378 37.13 27.62 40.71
CA ASP C 378 37.82 28.91 40.67
C ASP C 378 36.87 30.05 40.98
N GLY C 379 35.66 29.99 40.44
CA GLY C 379 34.69 31.05 40.69
C GLY C 379 34.34 31.17 42.15
N VAL C 380 34.06 30.03 42.80
CA VAL C 380 33.70 30.07 44.21
C VAL C 380 34.89 30.52 45.05
N ASN C 381 36.10 30.11 44.68
CA ASN C 381 37.29 30.58 45.39
C ASN C 381 37.41 32.08 45.30
N TYR C 382 37.18 32.65 44.12
CA TYR C 382 37.34 34.09 43.97
C TYR C 382 36.21 34.84 44.68
N LEU C 383 34.98 34.32 44.63
CA LEU C 383 33.88 34.89 45.40
C LEU C 383 34.20 34.93 46.89
N ILE C 384 34.60 33.80 47.46
CA ILE C 384 34.94 33.80 48.88
C ILE C 384 36.15 34.67 49.13
N ASP C 385 36.97 34.90 48.11
CA ASP C 385 38.03 35.90 48.21
C ASP C 385 37.48 37.31 48.08
N CYS C 386 36.46 37.50 47.25
CA CYS C 386 35.84 38.80 47.02
C CYS C 386 34.47 38.91 47.72
N GLU C 387 34.38 38.32 48.91
CA GLU C 387 33.23 38.52 49.80
C GLU C 387 33.44 39.69 50.75
N ARG C 388 34.26 40.67 50.34
CA ARG C 388 34.83 41.66 51.24
C ARG C 388 33.79 42.27 52.18
N ARG C 389 33.97 42.00 53.48
CA ARG C 389 33.27 42.72 54.53
C ARG C 389 34.31 43.20 55.54
N LEU C 390 35.39 42.43 55.68
CA LEU C 390 36.52 42.87 56.47
C LEU C 390 37.15 44.12 55.86
N GLU C 391 37.25 44.16 54.54
CA GLU C 391 37.76 45.33 53.82
C GLU C 391 36.92 45.50 52.56
N ARG C 392 37.38 46.36 51.66
CA ARG C 392 36.74 46.61 50.38
C ARG C 392 37.75 46.39 49.25
N GLY C 393 37.28 46.58 48.02
CA GLY C 393 38.15 46.42 46.87
C GLY C 393 37.73 45.31 45.93
N GLN C 394 36.43 45.05 45.84
CA GLN C 394 35.93 44.07 44.89
C GLN C 394 36.38 44.43 43.48
N ASP C 395 36.98 43.47 42.79
CA ASP C 395 37.61 43.71 41.51
C ASP C 395 36.82 43.21 40.31
N ILE C 396 35.77 42.41 40.53
CA ILE C 396 34.98 41.86 39.44
C ILE C 396 35.87 40.96 38.59
N ARG C 397 36.83 41.56 37.87
CA ARG C 397 37.85 40.83 37.13
C ARG C 397 37.22 39.91 36.08
N ILE C 398 36.55 40.54 35.12
CA ILE C 398 35.99 39.81 33.98
C ILE C 398 37.11 39.09 33.25
N SER D 31 8.39 -8.00 -10.69
CA SER D 31 7.33 -8.55 -11.54
C SER D 31 6.48 -9.55 -10.77
N GLU D 32 5.17 -9.48 -10.97
CA GLU D 32 4.24 -10.41 -10.35
C GLU D 32 3.96 -11.62 -11.20
N ARG D 33 4.61 -11.74 -12.36
CA ARG D 33 4.41 -12.90 -13.23
C ARG D 33 5.22 -14.11 -12.79
N ARG D 34 6.12 -13.96 -11.81
CA ARG D 34 6.88 -15.08 -11.32
C ARG D 34 5.98 -16.03 -10.54
N ARG D 35 6.29 -17.33 -10.62
CA ARG D 35 5.47 -18.36 -10.03
C ARG D 35 6.10 -18.87 -8.74
N LEU D 36 5.26 -19.08 -7.73
CA LEU D 36 5.72 -19.66 -6.48
C LEU D 36 5.78 -21.18 -6.60
N TYR D 37 6.56 -21.79 -5.72
CA TYR D 37 6.58 -23.24 -5.64
C TYR D 37 5.19 -23.74 -5.26
N PRO D 38 4.65 -24.73 -5.98
CA PRO D 38 3.34 -25.26 -5.60
C PRO D 38 3.39 -25.83 -4.18
N PRO D 39 2.30 -25.70 -3.42
CA PRO D 39 2.34 -26.22 -2.04
C PRO D 39 2.72 -27.69 -1.98
N SER D 40 2.28 -28.50 -2.94
CA SER D 40 2.63 -29.90 -2.95
C SER D 40 4.14 -30.11 -3.10
N ALA D 41 4.86 -29.11 -3.62
CA ALA D 41 6.31 -29.23 -3.69
C ALA D 41 6.94 -29.20 -2.31
N GLU D 42 6.30 -28.53 -1.35
CA GLU D 42 6.80 -28.44 0.01
C GLU D 42 6.28 -29.54 0.91
N TYR D 43 5.42 -30.42 0.41
CA TYR D 43 4.79 -31.41 1.27
C TYR D 43 5.86 -32.33 1.87
N PRO D 44 5.84 -32.58 3.17
CA PRO D 44 6.87 -33.44 3.78
C PRO D 44 6.74 -34.88 3.31
N ASP D 45 7.85 -35.60 3.35
CA ASP D 45 7.90 -37.02 3.01
C ASP D 45 7.68 -37.81 4.30
N LEU D 46 6.44 -38.24 4.52
CA LEU D 46 6.04 -38.90 5.76
C LEU D 46 5.76 -40.39 5.56
N ARG D 47 6.44 -41.01 4.59
CA ARG D 47 6.17 -42.40 4.28
C ARG D 47 6.63 -43.36 5.37
N LYS D 48 7.42 -42.89 6.33
CA LYS D 48 7.93 -43.75 7.40
C LYS D 48 7.84 -43.02 8.75
N HIS D 49 6.71 -42.37 9.00
CA HIS D 49 6.49 -41.59 10.21
C HIS D 49 5.40 -42.22 11.06
N ASN D 50 5.49 -42.04 12.37
CA ASN D 50 4.60 -42.70 13.31
C ASN D 50 4.14 -41.72 14.40
N ASN D 51 3.71 -40.53 13.98
CA ASN D 51 3.13 -39.56 14.89
C ASN D 51 1.77 -39.11 14.36
N CYS D 52 0.93 -38.61 15.27
CA CYS D 52 -0.42 -38.22 14.88
C CYS D 52 -0.41 -37.18 13.77
N MET D 53 0.60 -36.31 13.75
CA MET D 53 0.69 -35.33 12.68
C MET D 53 0.85 -36.02 11.33
N ALA D 54 1.71 -37.04 11.26
CA ALA D 54 1.93 -37.74 10.01
C ALA D 54 0.65 -38.45 9.56
N SER D 55 -0.08 -39.03 10.50
CA SER D 55 -1.27 -39.79 10.15
C SER D 55 -2.43 -38.87 9.76
N HIS D 56 -2.46 -37.65 10.29
CA HIS D 56 -3.58 -36.74 10.05
C HIS D 56 -3.26 -35.64 9.05
N LEU D 57 -2.01 -35.51 8.63
CA LEU D 57 -1.64 -34.52 7.63
C LEU D 57 -1.85 -35.12 6.25
N THR D 58 -2.60 -34.41 5.41
CA THR D 58 -2.92 -34.84 4.06
C THR D 58 -2.60 -33.72 3.09
N PRO D 59 -2.37 -34.05 1.81
CA PRO D 59 -2.01 -33.00 0.85
C PRO D 59 -3.03 -31.87 0.79
N ALA D 60 -4.32 -32.19 0.88
CA ALA D 60 -5.34 -31.15 0.82
C ALA D 60 -5.20 -30.19 2.01
N VAL D 61 -5.05 -30.74 3.21
CA VAL D 61 -4.94 -29.90 4.40
C VAL D 61 -3.68 -29.04 4.33
N TYR D 62 -2.56 -29.66 3.94
CA TYR D 62 -1.31 -28.92 3.85
C TYR D 62 -1.42 -27.78 2.86
N ALA D 63 -1.99 -28.05 1.68
CA ALA D 63 -2.15 -27.00 0.68
C ALA D 63 -3.06 -25.90 1.19
N ARG D 64 -4.13 -26.28 1.90
CA ARG D 64 -5.07 -25.28 2.41
C ARG D 64 -4.38 -24.36 3.42
N LEU D 65 -3.57 -24.94 4.31
CA LEU D 65 -2.96 -24.17 5.39
C LEU D 65 -1.55 -23.67 5.07
N CYS D 66 -1.03 -23.97 3.88
CA CYS D 66 0.35 -23.64 3.57
C CYS D 66 0.62 -22.14 3.56
N ASP D 67 -0.41 -21.32 3.36
CA ASP D 67 -0.22 -19.88 3.19
C ASP D 67 -0.68 -19.05 4.38
N LYS D 68 -1.35 -19.65 5.36
CA LYS D 68 -1.82 -18.89 6.50
C LYS D 68 -0.71 -18.73 7.54
N THR D 69 -0.95 -17.84 8.49
CA THR D 69 0.02 -17.58 9.55
C THR D 69 -0.66 -16.83 10.68
N THR D 70 -0.19 -17.06 11.90
CA THR D 70 -0.67 -16.32 13.04
C THR D 70 -0.16 -14.89 12.98
N PRO D 71 -0.80 -13.97 13.72
CA PRO D 71 -0.35 -12.56 13.66
C PRO D 71 1.12 -12.37 14.01
N THR D 72 1.69 -13.26 14.82
CA THR D 72 3.09 -13.17 15.19
C THR D 72 4.02 -13.85 14.20
N GLY D 73 3.49 -14.44 13.13
CA GLY D 73 4.30 -15.02 12.08
C GLY D 73 4.46 -16.52 12.13
N TRP D 74 3.82 -17.20 13.08
CA TRP D 74 3.91 -18.65 13.14
C TRP D 74 3.23 -19.27 11.94
N THR D 75 3.86 -20.28 11.36
CA THR D 75 3.39 -20.93 10.15
C THR D 75 3.25 -22.43 10.38
N LEU D 76 2.56 -23.10 9.45
CA LEU D 76 2.29 -24.52 9.59
C LEU D 76 3.57 -25.33 9.61
N ASP D 77 4.52 -24.99 8.73
CA ASP D 77 5.78 -25.73 8.70
C ASP D 77 6.48 -25.65 10.04
N GLN D 78 6.44 -24.48 10.68
CA GLN D 78 7.02 -24.37 12.01
C GLN D 78 6.27 -25.23 13.01
N CYS D 79 4.95 -25.36 12.85
CA CYS D 79 4.18 -26.22 13.74
C CYS D 79 4.62 -27.67 13.61
N ILE D 80 4.81 -28.15 12.38
CA ILE D 80 5.01 -29.58 12.14
C ILE D 80 6.47 -29.95 11.98
N GLN D 81 7.40 -29.00 12.16
CA GLN D 81 8.82 -29.32 12.00
C GLN D 81 9.27 -30.39 12.98
N THR D 82 8.83 -30.29 14.23
CA THR D 82 9.26 -31.28 15.22
C THR D 82 8.82 -32.68 14.84
N GLY D 83 7.58 -32.82 14.36
CA GLY D 83 7.10 -34.12 13.92
C GLY D 83 7.82 -34.61 12.68
N VAL D 84 8.09 -33.72 11.73
CA VAL D 84 8.77 -34.11 10.50
C VAL D 84 10.17 -34.60 10.80
N ASP D 85 10.90 -33.87 11.65
CA ASP D 85 12.29 -34.24 11.93
C ASP D 85 12.37 -35.59 12.63
N ASN D 86 11.46 -35.85 13.56
N ASN D 86 11.46 -35.85 13.56
CA ASN D 86 11.48 -37.10 14.31
CA ASN D 86 11.47 -37.11 14.31
C ASN D 86 10.39 -38.02 13.77
C ASN D 86 10.39 -38.02 13.76
N PRO D 87 10.73 -39.07 13.02
N PRO D 87 10.74 -39.10 13.05
CA PRO D 87 9.68 -39.96 12.52
CA PRO D 87 9.70 -39.96 12.47
C PRO D 87 8.87 -40.62 13.63
C PRO D 87 8.84 -40.65 13.51
N GLY D 88 9.46 -40.81 14.80
N GLY D 88 9.49 -41.31 14.48
CA GLY D 88 8.75 -41.39 15.92
CA GLY D 88 8.76 -42.03 15.51
C GLY D 88 8.96 -42.89 16.02
C GLY D 88 9.45 -42.00 16.85
N HIS D 89 9.28 -43.37 17.21
N HIS D 89 8.74 -41.60 17.88
CA HIS D 89 9.48 -44.79 17.42
CA HIS D 89 9.32 -41.54 19.22
C HIS D 89 8.15 -45.53 17.25
C HIS D 89 9.65 -42.94 19.70
N PRO D 90 8.11 -46.63 16.49
N PRO D 90 10.80 -43.13 20.38
CA PRO D 90 6.85 -47.38 16.38
CA PRO D 90 11.17 -44.49 20.80
C PRO D 90 6.36 -47.87 17.74
C PRO D 90 10.18 -45.13 21.75
N PHE D 91 5.04 -47.88 17.89
N PHE D 91 9.54 -44.35 22.63
CA PHE D 91 4.32 -48.26 19.10
CA PHE D 91 8.72 -44.90 23.71
C PHE D 91 4.35 -47.17 20.15
C PHE D 91 7.23 -44.84 23.38
N ILE D 92 5.04 -46.06 19.91
N ILE D 92 6.70 -43.64 23.12
CA ILE D 92 5.06 -44.92 20.83
CA ILE D 92 5.27 -43.42 22.98
C ILE D 92 4.36 -43.75 20.15
C ILE D 92 5.00 -42.72 21.66
N LYS D 93 3.39 -43.17 20.84
N LYS D 93 3.77 -42.87 21.17
CA LYS D 93 2.57 -42.11 20.29
CA LYS D 93 3.33 -42.14 19.99
C LYS D 93 3.11 -40.76 20.73
C LYS D 93 3.21 -40.67 20.34
N THR D 94 3.44 -39.91 19.76
N THR D 94 3.97 -39.83 19.65
CA THR D 94 3.86 -38.54 20.00
CA THR D 94 4.05 -38.41 19.96
C THR D 94 3.06 -37.62 19.09
C THR D 94 3.07 -37.62 19.11
N VAL D 95 2.67 -36.46 19.63
CA VAL D 95 1.81 -35.56 18.86
C VAL D 95 2.53 -35.08 17.61
N GLY D 96 3.79 -34.70 17.74
CA GLY D 96 4.57 -34.27 16.61
C GLY D 96 4.34 -32.84 16.18
N MET D 97 3.57 -32.05 16.95
CA MET D 97 3.32 -30.66 16.63
C MET D 97 3.41 -29.82 17.89
N VAL D 98 3.68 -28.53 17.70
CA VAL D 98 3.68 -27.56 18.78
C VAL D 98 3.02 -26.29 18.28
N ALA D 99 2.64 -25.43 19.21
CA ALA D 99 2.03 -24.15 18.91
C ALA D 99 2.97 -23.02 19.29
N GLY D 100 3.02 -21.99 18.46
CA GLY D 100 3.85 -20.84 18.72
C GLY D 100 3.19 -19.70 19.44
N ASP D 101 1.86 -19.75 19.60
CA ASP D 101 1.13 -18.71 20.30
C ASP D 101 -0.30 -19.19 20.47
N GLU D 102 -1.11 -18.37 21.13
CA GLU D 102 -2.51 -18.74 21.38
C GLU D 102 -3.28 -18.86 20.08
N GLU D 103 -3.07 -17.93 19.15
CA GLU D 103 -3.85 -17.92 17.91
C GLU D 103 -3.62 -19.18 17.07
N THR D 104 -2.52 -19.89 17.29
CA THR D 104 -2.21 -21.05 16.46
C THR D 104 -3.37 -22.04 16.45
N TYR D 105 -3.83 -22.44 17.63
CA TYR D 105 -4.89 -23.43 17.71
C TYR D 105 -6.15 -23.00 16.99
N GLU D 106 -6.33 -21.69 16.78
CA GLU D 106 -7.48 -21.20 16.00
C GLU D 106 -7.14 -21.10 14.52
N VAL D 107 -5.92 -20.67 14.19
CA VAL D 107 -5.56 -20.47 12.79
C VAL D 107 -5.42 -21.82 12.09
N PHE D 108 -4.74 -22.77 12.73
CA PHE D 108 -4.50 -24.10 12.16
C PHE D 108 -5.40 -25.15 12.80
N ALA D 109 -6.63 -24.77 13.14
CA ALA D 109 -7.53 -25.72 13.78
C ALA D 109 -7.84 -26.90 12.87
N ASP D 110 -7.83 -26.69 11.56
CA ASP D 110 -8.17 -27.78 10.63
C ASP D 110 -7.24 -28.97 10.81
N LEU D 111 -6.00 -28.73 11.24
CA LEU D 111 -5.05 -29.81 11.48
C LEU D 111 -4.94 -30.21 12.94
N PHE D 112 -5.08 -29.26 13.87
CA PHE D 112 -4.93 -29.58 15.28
C PHE D 112 -6.15 -30.33 15.82
N ASP D 113 -7.35 -29.97 15.35
CA ASP D 113 -8.55 -30.57 15.92
C ASP D 113 -8.57 -32.09 15.79
N PRO D 114 -8.30 -32.68 14.63
CA PRO D 114 -8.21 -34.15 14.58
C PRO D 114 -7.14 -34.70 15.51
N VAL D 115 -6.01 -34.00 15.62
CA VAL D 115 -4.92 -34.48 16.48
C VAL D 115 -5.34 -34.42 17.94
N ILE D 116 -5.97 -33.31 18.35
CA ILE D 116 -6.44 -33.19 19.73
C ILE D 116 -7.47 -34.27 20.02
N GLN D 117 -8.39 -34.50 19.08
CA GLN D 117 -9.42 -35.52 19.28
C GLN D 117 -8.80 -36.90 19.42
N GLU D 118 -7.82 -37.24 18.58
CA GLU D 118 -7.19 -38.55 18.67
C GLU D 118 -6.43 -38.69 19.98
N ARG D 119 -5.72 -37.64 20.41
CA ARG D 119 -4.92 -37.74 21.63
C ARG D 119 -5.81 -37.94 22.85
N HIS D 120 -6.82 -37.10 23.02
CA HIS D 120 -7.64 -37.10 24.22
C HIS D 120 -8.91 -37.94 24.02
N ASN D 121 -8.67 -39.21 23.68
CA ASN D 121 -9.68 -40.26 23.65
C ASN D 121 -11.04 -39.74 23.18
N GLY D 122 -11.03 -39.01 22.08
CA GLY D 122 -12.26 -38.64 21.39
C GLY D 122 -12.85 -37.30 21.75
N TYR D 123 -12.24 -36.54 22.66
CA TYR D 123 -12.74 -35.21 22.95
C TYR D 123 -12.74 -34.36 21.68
N ASP D 124 -13.87 -33.73 21.41
CA ASP D 124 -14.02 -32.96 20.18
C ASP D 124 -13.92 -31.47 20.50
N PRO D 125 -12.83 -30.79 20.13
CA PRO D 125 -12.75 -29.35 20.43
C PRO D 125 -13.84 -28.54 19.75
N ARG D 126 -14.29 -28.96 18.57
CA ARG D 126 -15.24 -28.14 17.82
C ARG D 126 -16.61 -28.10 18.48
N THR D 127 -16.99 -29.17 19.20
CA THR D 127 -18.32 -29.29 19.76
C THR D 127 -18.34 -29.24 21.28
N MET D 128 -17.48 -30.01 21.94
CA MET D 128 -17.52 -30.11 23.39
C MET D 128 -16.81 -28.91 24.03
N LYS D 129 -17.03 -28.77 25.34
CA LYS D 129 -16.46 -27.69 26.12
C LYS D 129 -15.73 -28.25 27.33
N HIS D 130 -14.76 -27.50 27.81
CA HIS D 130 -13.92 -27.90 28.94
C HIS D 130 -14.29 -27.10 30.19
N THR D 131 -14.37 -27.78 31.31
CA THR D 131 -14.67 -27.17 32.60
C THR D 131 -13.50 -27.37 33.54
N THR D 132 -13.06 -26.29 34.17
CA THR D 132 -11.94 -26.30 35.10
C THR D 132 -12.46 -26.19 36.53
N ASP D 133 -11.99 -27.08 37.40
CA ASP D 133 -12.40 -27.11 38.79
C ASP D 133 -11.23 -27.55 39.64
N LEU D 134 -10.74 -26.67 40.50
CA LEU D 134 -9.56 -26.94 41.33
C LEU D 134 -9.89 -27.04 42.81
N ASP D 135 -11.17 -27.12 43.17
CA ASP D 135 -11.55 -27.15 44.57
C ASP D 135 -11.02 -28.41 45.25
N ALA D 136 -10.02 -28.24 46.12
CA ALA D 136 -9.45 -29.37 46.84
C ALA D 136 -10.37 -29.91 47.92
N SER D 137 -11.47 -29.22 48.22
CA SER D 137 -12.41 -29.73 49.21
C SER D 137 -13.17 -30.94 48.69
N LYS D 138 -13.46 -30.97 47.39
CA LYS D 138 -14.27 -32.05 46.83
C LYS D 138 -13.59 -33.41 47.00
N ILE D 139 -12.27 -33.45 46.76
CA ILE D 139 -11.57 -34.73 46.83
C ILE D 139 -11.72 -35.34 48.22
N ARG D 140 -11.86 -36.65 48.25
CA ARG D 140 -11.97 -37.42 49.49
C ARG D 140 -10.79 -38.37 49.60
N SER D 141 -10.85 -39.25 50.60
CA SER D 141 -9.77 -40.21 50.86
C SER D 141 -8.47 -39.47 51.17
N GLY D 142 -7.54 -39.42 50.21
CA GLY D 142 -6.31 -38.69 50.41
C GLY D 142 -5.20 -39.52 51.03
N TYR D 143 -5.41 -39.98 52.26
CA TYR D 143 -4.38 -40.75 52.94
C TYR D 143 -4.09 -42.03 52.19
N PHE D 144 -2.80 -42.32 52.00
CA PHE D 144 -2.32 -43.50 51.29
C PHE D 144 -1.58 -44.43 52.26
N ASP D 145 -1.14 -45.56 51.72
CA ASP D 145 -0.34 -46.53 52.47
C ASP D 145 1.07 -46.54 51.89
N GLU D 146 2.07 -46.37 52.76
CA GLU D 146 3.47 -46.29 52.35
C GLU D 146 3.98 -47.71 52.03
N ARG D 147 3.51 -48.21 50.88
CA ARG D 147 3.94 -49.51 50.37
C ARG D 147 4.79 -49.36 49.12
N TYR D 148 4.26 -48.69 48.08
CA TYR D 148 5.02 -48.41 46.87
C TYR D 148 4.88 -46.96 46.41
N VAL D 149 4.12 -46.13 47.13
CA VAL D 149 3.90 -44.76 46.69
C VAL D 149 5.19 -43.95 46.81
N LEU D 150 5.89 -44.10 47.94
CA LEU D 150 7.12 -43.34 48.18
C LEU D 150 6.81 -41.84 48.26
N SER D 151 6.47 -41.24 47.12
CA SER D 151 6.20 -39.81 47.06
C SER D 151 5.09 -39.55 46.06
N SER D 152 4.44 -38.40 46.23
CA SER D 152 3.34 -37.97 45.36
C SER D 152 3.65 -36.60 44.78
N ARG D 153 3.13 -36.36 43.58
CA ARG D 153 3.40 -35.13 42.85
C ARG D 153 2.20 -34.75 42.01
N VAL D 154 2.03 -33.44 41.82
CA VAL D 154 1.00 -32.90 40.93
C VAL D 154 1.64 -31.78 40.12
N ARG D 155 1.31 -31.70 38.85
CA ARG D 155 1.96 -30.75 37.95
C ARG D 155 0.95 -30.17 36.98
N THR D 156 1.10 -28.88 36.67
CA THR D 156 0.34 -28.23 35.61
C THR D 156 1.24 -27.21 34.93
N GLY D 157 0.73 -26.63 33.85
CA GLY D 157 1.45 -25.61 33.12
C GLY D 157 0.54 -24.44 32.81
N ARG D 158 1.14 -23.26 32.73
CA ARG D 158 0.41 -22.04 32.44
C ARG D 158 1.22 -21.15 31.51
N SER D 159 0.51 -20.44 30.64
CA SER D 159 1.10 -19.54 29.66
C SER D 159 0.53 -18.15 29.86
N ILE D 160 1.40 -17.14 29.82
CA ILE D 160 0.98 -15.76 29.99
C ILE D 160 0.44 -15.24 28.66
N ARG D 161 -0.77 -14.71 28.69
CA ARG D 161 -1.38 -14.20 27.47
C ARG D 161 -0.62 -12.99 26.94
N GLY D 162 -0.57 -12.88 25.62
CA GLY D 162 0.12 -11.78 24.96
C GLY D 162 1.57 -12.03 24.65
N LEU D 163 2.13 -13.16 25.10
CA LEU D 163 3.52 -13.50 24.88
C LEU D 163 3.63 -14.80 24.10
N SER D 164 4.56 -14.83 23.15
CA SER D 164 4.73 -16.01 22.32
C SER D 164 5.19 -17.20 23.16
N LEU D 165 4.79 -18.39 22.73
CA LEU D 165 5.11 -19.62 23.43
C LEU D 165 6.58 -19.99 23.20
N PRO D 166 7.13 -20.89 24.01
CA PRO D 166 8.57 -21.15 23.97
C PRO D 166 9.06 -21.47 22.57
N PRO D 167 8.31 -22.23 21.77
CA PRO D 167 8.79 -22.52 20.42
C PRO D 167 9.04 -21.29 19.58
N ALA D 168 8.29 -20.21 19.79
CA ALA D 168 8.38 -19.02 18.97
C ALA D 168 8.86 -17.78 19.71
N CYS D 169 8.94 -17.81 21.04
CA CYS D 169 9.26 -16.62 21.80
C CYS D 169 10.67 -16.14 21.47
N THR D 170 10.82 -14.82 21.35
CA THR D 170 12.13 -14.21 21.19
C THR D 170 12.80 -14.07 22.56
N ARG D 171 14.02 -13.52 22.56
CA ARG D 171 14.72 -13.30 23.82
C ARG D 171 13.96 -12.30 24.70
N ALA D 172 13.46 -11.23 24.09
CA ALA D 172 12.75 -10.21 24.87
C ALA D 172 11.47 -10.80 25.48
N GLU D 173 10.73 -11.60 24.73
CA GLU D 173 9.51 -12.18 25.26
C GLU D 173 9.80 -13.16 26.39
N ARG D 174 10.85 -13.96 26.25
CA ARG D 174 11.22 -14.88 27.32
C ARG D 174 11.61 -14.11 28.57
N ARG D 175 12.39 -13.04 28.42
CA ARG D 175 12.76 -12.23 29.57
C ARG D 175 11.53 -11.59 30.21
N GLU D 176 10.57 -11.17 29.39
CA GLU D 176 9.35 -10.58 29.93
C GLU D 176 8.56 -11.62 30.73
N VAL D 177 8.48 -12.85 30.22
CA VAL D 177 7.79 -13.90 30.96
C VAL D 177 8.47 -14.12 32.30
N GLU D 178 9.80 -14.19 32.29
CA GLU D 178 10.53 -14.39 33.53
C GLU D 178 10.28 -13.25 34.51
N ARG D 179 10.29 -12.02 34.02
N ARG D 179 10.30 -12.02 34.02
CA ARG D 179 10.07 -10.87 34.89
CA ARG D 179 10.06 -10.86 34.87
C ARG D 179 8.67 -10.92 35.50
C ARG D 179 8.68 -10.93 35.50
N VAL D 180 7.65 -11.19 34.69
CA VAL D 180 6.29 -11.23 35.20
C VAL D 180 6.16 -12.29 36.27
N VAL D 181 6.66 -13.49 35.99
CA VAL D 181 6.49 -14.60 36.93
C VAL D 181 7.24 -14.31 38.22
N VAL D 182 8.48 -13.80 38.11
CA VAL D 182 9.28 -13.56 39.31
C VAL D 182 8.66 -12.46 40.16
N ASP D 183 8.23 -11.37 39.53
CA ASP D 183 7.62 -10.29 40.29
C ASP D 183 6.35 -10.77 40.98
N ALA D 184 5.54 -11.57 40.30
CA ALA D 184 4.34 -12.10 40.92
C ALA D 184 4.69 -12.99 42.11
N LEU D 185 5.58 -13.96 41.90
CA LEU D 185 5.92 -14.89 42.98
C LEU D 185 6.58 -14.18 44.16
N SER D 186 7.19 -13.01 43.94
CA SER D 186 7.74 -12.27 45.06
C SER D 186 6.67 -11.91 46.07
N GLY D 187 5.42 -11.80 45.64
CA GLY D 187 4.32 -11.47 46.53
C GLY D 187 3.77 -12.61 47.33
N LEU D 188 4.18 -13.84 47.04
CA LEU D 188 3.73 -14.98 47.82
C LEU D 188 4.19 -14.84 49.27
N LYS D 189 3.28 -15.16 50.20
CA LYS D 189 3.55 -15.09 51.63
C LYS D 189 3.18 -16.41 52.28
N GLY D 190 3.35 -16.48 53.60
CA GLY D 190 2.98 -17.68 54.31
C GLY D 190 3.90 -18.84 53.99
N ASP D 191 3.34 -20.05 54.09
CA ASP D 191 4.13 -21.25 53.84
C ASP D 191 4.67 -21.27 52.42
N LEU D 192 3.91 -20.76 51.45
CA LEU D 192 4.35 -20.75 50.07
C LEU D 192 5.28 -19.57 49.81
N ALA D 193 6.29 -19.40 50.64
CA ALA D 193 7.28 -18.34 50.48
C ALA D 193 8.63 -18.98 50.19
N GLY D 194 9.28 -18.53 49.13
CA GLY D 194 10.50 -19.14 48.70
C GLY D 194 11.38 -18.21 47.90
N ARG D 195 12.28 -18.79 47.13
CA ARG D 195 13.27 -18.03 46.38
C ARG D 195 13.29 -18.49 44.92
N TYR D 196 13.69 -17.56 44.06
CA TYR D 196 13.88 -17.82 42.63
C TYR D 196 15.37 -17.93 42.35
N TYR D 197 15.76 -19.03 41.72
CA TYR D 197 17.14 -19.29 41.34
C TYR D 197 17.25 -19.30 39.82
N ARG D 198 18.16 -18.49 39.30
CA ARG D 198 18.40 -18.39 37.87
C ARG D 198 19.41 -19.45 37.46
N LEU D 199 19.11 -20.16 36.35
CA LEU D 199 20.01 -21.20 35.88
C LEU D 199 21.38 -20.62 35.54
N SER D 200 21.39 -19.47 34.88
CA SER D 200 22.66 -18.86 34.49
C SER D 200 23.53 -18.55 35.70
N GLU D 201 22.92 -18.35 36.87
CA GLU D 201 23.65 -18.03 38.09
C GLU D 201 23.83 -19.23 39.01
N MET D 202 23.49 -20.43 38.55
CA MET D 202 23.54 -21.63 39.37
C MET D 202 24.71 -22.50 38.94
N THR D 203 25.45 -23.00 39.92
CA THR D 203 26.61 -23.84 39.63
C THR D 203 26.18 -25.16 39.01
N GLU D 204 27.08 -25.74 38.22
CA GLU D 204 26.77 -27.02 37.58
C GLU D 204 26.51 -28.11 38.61
N ALA D 205 27.32 -28.15 39.68
CA ALA D 205 27.11 -29.15 40.72
C ALA D 205 25.75 -28.98 41.39
N GLU D 206 25.37 -27.73 41.69
CA GLU D 206 24.08 -27.48 42.31
C GLU D 206 22.95 -27.90 41.37
N GLN D 207 23.07 -27.58 40.09
CA GLN D 207 22.03 -27.97 39.13
C GLN D 207 21.92 -29.49 39.03
N GLN D 208 23.05 -30.18 39.00
CA GLN D 208 23.02 -31.64 38.94
C GLN D 208 22.37 -32.23 40.19
N GLN D 209 22.72 -31.68 41.37
CA GLN D 209 22.12 -32.17 42.60
C GLN D 209 20.61 -31.95 42.60
N LEU D 210 20.16 -30.77 42.15
CA LEU D 210 18.73 -30.50 42.09
C LEU D 210 18.04 -31.45 41.12
N ILE D 211 18.66 -31.70 39.97
CA ILE D 211 18.06 -32.61 38.99
C ILE D 211 17.94 -34.01 39.57
N ASP D 212 19.01 -34.49 40.21
CA ASP D 212 18.97 -35.84 40.79
C ASP D 212 17.90 -35.95 41.87
N ASP D 213 17.63 -34.87 42.59
CA ASP D 213 16.61 -34.86 43.62
C ASP D 213 15.22 -34.64 43.07
N HIS D 214 15.03 -34.71 41.76
CA HIS D 214 13.74 -34.53 41.11
C HIS D 214 13.19 -33.12 41.32
N PHE D 215 14.07 -32.15 41.61
CA PHE D 215 13.66 -30.78 41.90
C PHE D 215 14.17 -29.79 40.87
N LEU D 216 14.50 -30.25 39.67
CA LEU D 216 15.02 -29.35 38.65
C LEU D 216 14.90 -30.02 37.29
N PHE D 217 15.05 -29.21 36.24
CA PHE D 217 14.99 -29.67 34.86
C PHE D 217 16.36 -29.54 34.22
N ASP D 218 16.69 -30.49 33.35
CA ASP D 218 17.96 -30.49 32.66
C ASP D 218 17.85 -29.80 31.30
N LYS D 219 19.00 -29.53 30.70
CA LYS D 219 19.02 -28.92 29.38
C LYS D 219 18.32 -29.85 28.38
N PRO D 220 17.38 -29.36 27.57
CA PRO D 220 16.71 -30.25 26.62
C PRO D 220 17.70 -30.90 25.67
N VAL D 221 17.78 -32.23 25.73
CA VAL D 221 18.69 -33.00 24.89
C VAL D 221 17.88 -33.88 23.94
N SER D 222 16.68 -34.26 24.37
CA SER D 222 15.85 -35.10 23.52
C SER D 222 15.50 -34.35 22.24
N PRO D 223 15.53 -35.00 21.08
CA PRO D 223 15.32 -34.26 19.82
C PRO D 223 13.96 -33.59 19.73
N LEU D 224 12.95 -34.05 20.48
CA LEU D 224 11.62 -33.48 20.35
C LEU D 224 11.62 -31.99 20.67
N LEU D 225 12.27 -31.60 21.76
CA LEU D 225 12.29 -30.19 22.14
C LEU D 225 13.24 -29.38 21.27
N THR D 226 14.41 -29.92 20.95
CA THR D 226 15.37 -29.17 20.15
C THR D 226 14.82 -28.90 18.74
N ALA D 227 14.22 -29.91 18.12
CA ALA D 227 13.65 -29.71 16.80
C ALA D 227 12.51 -28.70 16.83
N ALA D 228 11.78 -28.63 17.95
CA ALA D 228 10.71 -27.66 18.11
C ALA D 228 11.25 -26.24 18.32
N GLY D 229 12.54 -26.08 18.53
CA GLY D 229 13.09 -24.77 18.79
C GLY D 229 12.87 -24.27 20.20
N MET D 230 12.81 -25.16 21.18
CA MET D 230 12.56 -24.78 22.56
C MET D 230 13.81 -24.77 23.41
N ALA D 231 14.99 -24.97 22.81
CA ALA D 231 16.26 -24.92 23.52
C ALA D 231 17.10 -23.71 23.11
N ARG D 232 16.52 -22.75 22.40
CA ARG D 232 17.26 -21.59 21.95
C ARG D 232 17.71 -20.75 23.15
N ASP D 233 18.91 -20.20 23.06
CA ASP D 233 19.43 -19.25 24.04
C ASP D 233 19.57 -19.86 25.42
N TRP D 234 19.64 -21.18 25.53
CA TRP D 234 19.77 -21.80 26.84
C TRP D 234 21.10 -21.38 27.47
N PRO D 235 21.11 -21.09 28.79
CA PRO D 235 20.02 -21.10 29.76
C PRO D 235 19.45 -19.70 30.03
N ASP D 236 19.47 -18.82 29.04
CA ASP D 236 19.04 -17.45 29.26
C ASP D 236 17.56 -17.39 29.59
N ALA D 237 17.24 -16.84 30.76
CA ALA D 237 15.87 -16.58 31.20
C ALA D 237 15.11 -17.84 31.61
N ARG D 238 15.82 -18.90 31.96
CA ARG D 238 15.20 -20.10 32.52
C ARG D 238 15.56 -20.17 34.00
N GLY D 239 14.59 -20.50 34.84
CA GLY D 239 14.82 -20.50 36.27
C GLY D 239 13.90 -21.43 37.01
N ILE D 240 14.08 -21.48 38.34
CA ILE D 240 13.26 -22.31 39.20
C ILE D 240 12.97 -21.54 40.48
N TRP D 241 11.71 -21.33 40.78
CA TRP D 241 11.29 -20.71 42.04
C TRP D 241 10.72 -21.81 42.93
N HIS D 242 11.32 -22.00 44.10
CA HIS D 242 10.87 -23.05 45.01
C HIS D 242 10.70 -22.50 46.41
N ASN D 243 9.73 -23.07 47.12
CA ASN D 243 9.46 -22.68 48.50
C ASN D 243 10.55 -23.22 49.42
N ASN D 244 10.57 -22.72 50.66
CA ASN D 244 11.61 -23.10 51.60
C ASN D 244 11.58 -24.61 51.87
N GLU D 245 10.38 -25.17 52.05
CA GLU D 245 10.25 -26.60 52.26
C GLU D 245 10.52 -27.40 50.98
N LYS D 246 10.64 -26.73 49.83
CA LYS D 246 10.85 -27.40 48.55
C LYS D 246 9.69 -28.32 48.20
N SER D 247 8.52 -28.05 48.76
CA SER D 247 7.31 -28.78 48.43
C SER D 247 6.45 -28.07 47.40
N PHE D 248 6.89 -26.92 46.90
CA PHE D 248 6.15 -26.16 45.89
C PHE D 248 7.17 -25.51 44.97
N LEU D 249 7.19 -25.93 43.72
CA LEU D 249 8.18 -25.47 42.75
C LEU D 249 7.48 -24.91 41.52
N ILE D 250 8.21 -24.06 40.79
CA ILE D 250 7.73 -23.45 39.57
C ILE D 250 8.91 -23.33 38.63
N TRP D 251 8.89 -24.08 37.53
CA TRP D 251 9.89 -23.97 36.49
C TRP D 251 9.50 -22.87 35.52
N VAL D 252 10.43 -21.95 35.26
CA VAL D 252 10.19 -20.80 34.39
C VAL D 252 10.98 -21.01 33.11
N ASN D 253 10.24 -21.13 32.00
CA ASN D 253 10.81 -21.21 30.66
C ASN D 253 11.70 -22.44 30.48
N GLU D 254 11.09 -23.62 30.65
CA GLU D 254 11.76 -24.87 30.30
C GLU D 254 11.02 -25.60 29.18
N GLU D 255 9.74 -25.93 29.40
CA GLU D 255 8.88 -26.48 28.37
C GLU D 255 7.67 -25.60 28.09
N ASP D 256 7.28 -24.78 29.04
CA ASP D 256 6.19 -23.83 28.90
C ASP D 256 6.58 -22.57 29.65
N HIS D 257 5.73 -21.55 29.59
CA HIS D 257 6.02 -20.32 30.31
C HIS D 257 6.20 -20.58 31.80
N THR D 258 5.28 -21.34 32.39
CA THR D 258 5.39 -21.72 33.79
C THR D 258 4.94 -23.16 33.97
N ARG D 259 5.67 -23.90 34.79
CA ARG D 259 5.31 -25.26 35.18
C ARG D 259 5.21 -25.31 36.69
N VAL D 260 3.99 -25.45 37.21
CA VAL D 260 3.73 -25.42 38.65
C VAL D 260 3.67 -26.86 39.15
N ILE D 261 4.46 -27.16 40.19
CA ILE D 261 4.58 -28.50 40.73
C ILE D 261 4.37 -28.45 42.23
N SER D 262 3.54 -29.35 42.75
CA SER D 262 3.36 -29.55 44.18
C SER D 262 3.82 -30.96 44.51
N MET D 263 4.76 -31.07 45.45
CA MET D 263 5.46 -32.32 45.71
C MET D 263 5.32 -32.70 47.18
N GLU D 264 5.46 -33.99 47.46
CA GLU D 264 5.51 -34.46 48.84
C GLU D 264 6.19 -35.82 48.86
N LYS D 265 7.13 -36.00 49.80
CA LYS D 265 7.81 -37.28 49.98
C LYS D 265 7.00 -38.17 50.91
N GLY D 266 5.77 -38.46 50.47
CA GLY D 266 4.87 -39.28 51.25
C GLY D 266 3.73 -39.84 50.42
N GLY D 267 2.53 -39.85 50.99
CA GLY D 267 1.37 -40.37 50.29
C GLY D 267 0.10 -39.58 50.56
N ASN D 268 0.22 -38.46 51.26
CA ASN D 268 -0.93 -37.62 51.60
C ASN D 268 -1.31 -36.77 50.38
N MET D 269 -1.84 -37.45 49.36
CA MET D 269 -2.19 -36.77 48.13
C MET D 269 -3.18 -35.64 48.36
N LYS D 270 -4.04 -35.77 49.37
CA LYS D 270 -4.97 -34.69 49.67
C LYS D 270 -4.24 -33.41 50.03
N ARG D 271 -3.22 -33.51 50.90
CA ARG D 271 -2.45 -32.33 51.28
C ARG D 271 -1.72 -31.75 50.09
N VAL D 272 -1.13 -32.61 49.26
CA VAL D 272 -0.39 -32.14 48.08
C VAL D 272 -1.32 -31.38 47.16
N PHE D 273 -2.51 -31.92 46.91
CA PHE D 273 -3.45 -31.26 46.01
C PHE D 273 -3.99 -29.97 46.61
N GLU D 274 -4.20 -29.94 47.93
CA GLU D 274 -4.65 -28.71 48.57
C GLU D 274 -3.61 -27.61 48.43
N ARG D 275 -2.35 -27.95 48.70
CA ARG D 275 -1.27 -26.97 48.51
C ARG D 275 -1.21 -26.52 47.06
N PHE D 276 -1.32 -27.46 46.13
CA PHE D 276 -1.31 -27.14 44.72
C PHE D 276 -2.41 -26.13 44.38
N CYS D 277 -3.63 -26.41 44.82
CA CYS D 277 -4.76 -25.54 44.49
C CYS D 277 -4.57 -24.15 45.06
N ARG D 278 -4.22 -24.06 46.35
CA ARG D 278 -4.11 -22.74 46.96
C ARG D 278 -2.95 -21.95 46.36
N GLY D 279 -1.82 -22.61 46.11
CA GLY D 279 -0.71 -21.92 45.48
C GLY D 279 -1.05 -21.44 44.09
N LEU D 280 -1.73 -22.26 43.30
CA LEU D 280 -2.12 -21.85 41.95
C LEU D 280 -3.08 -20.67 42.01
N LYS D 281 -4.03 -20.69 42.95
CA LYS D 281 -4.95 -19.57 43.08
C LYS D 281 -4.21 -18.29 43.44
N GLU D 282 -3.28 -18.37 44.39
CA GLU D 282 -2.52 -17.18 44.77
C GLU D 282 -1.68 -16.67 43.61
N VAL D 283 -1.05 -17.58 42.86
CA VAL D 283 -0.21 -17.16 41.73
C VAL D 283 -1.07 -16.48 40.68
N GLU D 284 -2.24 -17.04 40.39
CA GLU D 284 -3.12 -16.42 39.40
C GLU D 284 -3.58 -15.04 39.87
N ARG D 285 -3.92 -14.91 41.15
CA ARG D 285 -4.34 -13.61 41.67
C ARG D 285 -3.22 -12.58 41.51
N LEU D 286 -1.99 -12.97 41.85
CA LEU D 286 -0.88 -12.03 41.74
C LEU D 286 -0.59 -11.69 40.28
N ILE D 287 -0.74 -12.66 39.38
CA ILE D 287 -0.56 -12.37 37.95
C ILE D 287 -1.59 -11.34 37.50
N GLN D 288 -2.85 -11.55 37.88
CA GLN D 288 -3.91 -10.63 37.47
C GLN D 288 -3.72 -9.26 38.09
N GLU D 289 -3.10 -9.19 39.26
CA GLU D 289 -2.90 -7.89 39.91
C GLU D 289 -2.17 -6.92 39.00
N ARG D 290 -1.13 -7.38 38.31
CA ARG D 290 -0.32 -6.52 37.46
C ARG D 290 -0.89 -6.35 36.05
N GLY D 291 -1.99 -7.02 35.73
CA GLY D 291 -2.61 -6.88 34.42
C GLY D 291 -2.31 -7.98 33.44
N TRP D 292 -1.79 -9.11 33.89
CA TRP D 292 -1.50 -10.26 33.03
C TRP D 292 -2.53 -11.35 33.26
N GLU D 293 -2.80 -12.13 32.22
CA GLU D 293 -3.74 -13.23 32.29
C GLU D 293 -3.10 -14.50 31.74
N PHE D 294 -3.61 -15.63 32.19
CA PHE D 294 -3.24 -16.92 31.63
C PHE D 294 -4.03 -17.17 30.35
N MET D 295 -3.37 -17.71 29.33
CA MET D 295 -4.08 -18.11 28.13
C MET D 295 -5.13 -19.14 28.47
N TRP D 296 -6.35 -18.91 28.00
CA TRP D 296 -7.45 -19.82 28.33
C TRP D 296 -8.67 -19.53 27.47
N ASN D 297 -9.25 -20.58 26.89
CA ASN D 297 -10.51 -20.46 26.16
C ASN D 297 -11.37 -21.68 26.46
N GLU D 298 -12.68 -21.52 26.27
CA GLU D 298 -13.62 -22.54 26.72
C GLU D 298 -13.39 -23.87 26.00
N ARG D 299 -13.14 -23.83 24.70
CA ARG D 299 -13.03 -25.07 23.94
C ARG D 299 -11.86 -25.92 24.41
N LEU D 300 -10.71 -25.29 24.63
CA LEU D 300 -9.47 -26.02 24.89
C LEU D 300 -9.00 -25.93 26.34
N GLY D 301 -9.54 -25.01 27.12
CA GLY D 301 -9.03 -24.81 28.47
C GLY D 301 -7.75 -24.00 28.45
N TYR D 302 -6.78 -24.38 29.26
CA TYR D 302 -5.51 -23.68 29.32
C TYR D 302 -4.65 -24.04 28.12
N ILE D 303 -4.15 -23.03 27.43
CA ILE D 303 -3.40 -23.22 26.19
C ILE D 303 -1.94 -23.45 26.53
N LEU D 304 -1.35 -24.48 25.92
CA LEU D 304 0.04 -24.84 26.15
C LEU D 304 0.67 -25.21 24.80
N THR D 305 1.95 -25.55 24.82
CA THR D 305 2.67 -25.81 23.57
C THR D 305 2.28 -27.16 22.98
N CYS D 306 2.55 -28.24 23.69
CA CYS D 306 2.23 -29.56 23.18
C CYS D 306 0.71 -29.79 23.25
N PRO D 307 0.06 -30.14 22.15
CA PRO D 307 -1.39 -30.39 22.22
C PRO D 307 -1.76 -31.49 23.20
N SER D 308 -0.83 -32.37 23.55
CA SER D 308 -1.12 -33.40 24.53
C SER D 308 -1.39 -32.83 25.92
N ASN D 309 -0.92 -31.61 26.19
CA ASN D 309 -1.06 -31.00 27.51
C ASN D 309 -2.24 -30.05 27.61
N LEU D 310 -3.04 -29.92 26.55
CA LEU D 310 -4.15 -28.98 26.56
C LEU D 310 -5.14 -29.34 27.67
N GLY D 311 -6.09 -28.44 27.89
CA GLY D 311 -7.11 -28.65 28.89
C GLY D 311 -6.70 -28.17 30.26
N THR D 312 -6.26 -29.10 31.11
CA THR D 312 -5.80 -28.76 32.45
C THR D 312 -4.29 -28.88 32.60
N GLY D 313 -3.63 -29.68 31.77
CA GLY D 313 -2.21 -29.90 31.94
C GLY D 313 -1.85 -30.67 33.19
N LEU D 314 -2.83 -31.23 33.88
CA LEU D 314 -2.58 -31.88 35.16
C LEU D 314 -2.00 -33.28 34.96
N ARG D 315 -0.97 -33.60 35.73
CA ARG D 315 -0.33 -34.91 35.66
C ARG D 315 -0.08 -35.45 37.07
N ALA D 316 -1.13 -35.45 37.90
CA ALA D 316 -1.02 -36.04 39.23
C ALA D 316 -0.51 -37.47 39.12
N GLY D 317 0.51 -37.79 39.90
CA GLY D 317 1.14 -39.09 39.78
C GLY D 317 1.92 -39.46 41.02
N VAL D 318 2.52 -40.64 40.97
CA VAL D 318 3.26 -41.20 42.10
C VAL D 318 4.35 -42.13 41.59
N HIS D 319 5.46 -42.17 42.33
CA HIS D 319 6.46 -43.21 42.11
C HIS D 319 5.92 -44.56 42.56
N ILE D 320 6.28 -45.61 41.83
CA ILE D 320 5.82 -46.97 42.12
C ILE D 320 6.98 -47.92 41.97
N LYS D 321 7.06 -48.91 42.87
CA LYS D 321 8.19 -49.82 42.93
C LYS D 321 7.91 -51.09 42.12
N LEU D 322 8.90 -51.98 42.10
CA LEU D 322 8.86 -53.22 41.32
C LEU D 322 8.11 -54.37 42.00
N PRO D 323 8.31 -54.61 43.32
CA PRO D 323 8.08 -55.96 43.86
C PRO D 323 6.75 -56.59 43.47
N LEU D 324 5.63 -55.95 43.84
CA LEU D 324 4.32 -56.52 43.55
C LEU D 324 3.82 -56.16 42.17
N LEU D 325 4.13 -54.96 41.69
CA LEU D 325 3.63 -54.50 40.40
C LEU D 325 4.39 -55.12 39.24
N SER D 326 5.71 -55.30 39.39
CA SER D 326 6.51 -55.85 38.30
C SER D 326 6.06 -57.26 37.96
N LYS D 327 5.78 -58.09 38.97
CA LYS D 327 5.32 -59.45 38.77
C LYS D 327 3.80 -59.54 38.64
N ASP D 328 3.14 -58.45 38.27
CA ASP D 328 1.70 -58.46 38.14
C ASP D 328 1.26 -59.36 36.99
N SER D 329 0.04 -59.89 37.09
CA SER D 329 -0.46 -60.81 36.08
C SER D 329 -0.75 -60.10 34.77
N ARG D 330 -1.68 -59.15 34.80
CA ARG D 330 -2.11 -58.43 33.60
C ARG D 330 -2.07 -56.93 33.85
N PHE D 331 -0.94 -56.46 34.38
CA PHE D 331 -0.81 -55.06 34.80
C PHE D 331 -1.21 -54.06 33.71
N PRO D 332 -0.73 -54.18 32.47
CA PRO D 332 -1.11 -53.18 31.46
C PRO D 332 -2.62 -53.10 31.25
N LYS D 333 -3.31 -54.24 31.30
CA LYS D 333 -4.75 -54.23 31.15
C LYS D 333 -5.42 -53.46 32.28
N ILE D 334 -4.95 -53.68 33.52
CA ILE D 334 -5.53 -52.96 34.66
C ILE D 334 -5.27 -51.46 34.53
N LEU D 335 -4.05 -51.08 34.13
CA LEU D 335 -3.74 -49.67 33.98
C LEU D 335 -4.62 -49.03 32.92
N GLU D 336 -4.76 -49.69 31.76
CA GLU D 336 -5.60 -49.13 30.70
C GLU D 336 -7.05 -49.02 31.15
N ASN D 337 -7.55 -50.04 31.84
CA ASN D 337 -8.94 -50.01 32.29
C ASN D 337 -9.16 -48.89 33.30
N LEU D 338 -8.19 -48.66 34.19
CA LEU D 338 -8.29 -47.59 35.16
C LEU D 338 -7.91 -46.23 34.60
N ARG D 339 -7.41 -46.18 33.36
CA ARG D 339 -6.99 -44.93 32.74
C ARG D 339 -5.78 -44.34 33.47
N LEU D 340 -4.78 -45.18 33.70
CA LEU D 340 -3.54 -44.79 34.36
C LEU D 340 -2.37 -45.01 33.41
N GLN D 341 -1.56 -43.99 33.21
CA GLN D 341 -0.36 -44.06 32.40
C GLN D 341 0.82 -44.44 33.27
N LYS D 342 1.72 -45.26 32.72
CA LYS D 342 2.93 -45.68 33.42
C LYS D 342 4.13 -45.36 32.53
N ARG D 343 5.08 -44.61 33.07
CA ARG D 343 6.28 -44.23 32.33
C ARG D 343 7.52 -44.51 33.17
N GLY D 344 8.69 -44.35 32.54
CA GLY D 344 9.94 -44.65 33.22
C GLY D 344 10.33 -43.56 34.20
N THR D 345 10.81 -43.98 35.36
CA THR D 345 11.24 -43.04 36.37
C THR D 345 12.46 -42.26 35.89
N GLY D 346 12.60 -41.03 36.38
CA GLY D 346 13.69 -40.16 36.01
C GLY D 346 13.41 -39.28 34.80
N GLY D 347 12.27 -39.44 34.14
CA GLY D 347 11.91 -38.63 32.99
C GLY D 347 11.27 -39.47 31.92
N VAL D 348 10.54 -38.80 31.03
CA VAL D 348 9.89 -39.50 29.92
C VAL D 348 10.93 -40.12 28.99
N ASP D 349 12.01 -39.38 28.71
CA ASP D 349 13.05 -39.91 27.84
C ASP D 349 13.71 -41.15 28.44
N THR D 350 13.97 -41.12 29.76
CA THR D 350 14.60 -42.25 30.41
C THR D 350 13.66 -43.44 30.44
N ALA D 351 14.25 -44.64 30.46
CA ALA D 351 13.51 -45.89 30.51
C ALA D 351 13.44 -46.42 31.94
N ALA D 352 12.44 -47.26 32.18
CA ALA D 352 12.25 -47.84 33.50
C ALA D 352 13.45 -48.69 33.89
N THR D 353 13.91 -48.51 35.12
CA THR D 353 15.05 -49.25 35.66
C THR D 353 14.68 -49.81 37.03
N GLY D 354 15.11 -51.05 37.27
CA GLY D 354 14.84 -51.68 38.55
C GLY D 354 13.38 -51.90 38.84
N GLY D 355 12.52 -51.88 37.81
CA GLY D 355 11.11 -52.09 38.02
C GLY D 355 10.41 -50.96 38.74
N VAL D 356 10.97 -49.75 38.71
CA VAL D 356 10.39 -48.58 39.34
C VAL D 356 9.88 -47.66 38.24
N PHE D 357 8.60 -47.31 38.29
CA PHE D 357 7.96 -46.50 37.27
C PHE D 357 7.26 -45.32 37.93
N ASP D 358 6.64 -44.49 37.08
CA ASP D 358 5.80 -43.38 37.51
C ASP D 358 4.41 -43.60 36.97
N ILE D 359 3.43 -43.58 37.86
CA ILE D 359 2.03 -43.84 37.52
C ILE D 359 1.26 -42.53 37.67
N SER D 360 0.68 -42.06 36.57
CA SER D 360 -0.05 -40.80 36.55
C SER D 360 -1.33 -41.00 35.74
N ASN D 361 -2.01 -39.91 35.44
CA ASN D 361 -3.21 -39.96 34.61
C ASN D 361 -2.82 -39.86 33.14
N LEU D 362 -3.75 -40.27 32.27
CA LEU D 362 -3.50 -40.29 30.83
C LEU D 362 -3.98 -39.01 30.14
N ASP D 363 -5.24 -38.63 30.36
CA ASP D 363 -5.87 -37.55 29.62
C ASP D 363 -5.87 -36.28 30.42
N ARG D 364 -5.74 -35.15 29.72
CA ARG D 364 -5.75 -33.82 30.31
C ARG D 364 -7.00 -33.05 29.93
N LEU D 365 -7.29 -32.93 28.64
CA LEU D 365 -8.49 -32.26 28.18
C LEU D 365 -9.72 -33.10 28.48
N GLY D 366 -10.85 -32.42 28.67
CA GLY D 366 -12.08 -33.11 29.02
C GLY D 366 -12.40 -33.05 30.50
N LYS D 367 -12.02 -34.09 31.24
CA LYS D 367 -12.27 -34.12 32.67
C LYS D 367 -11.57 -32.95 33.36
N SER D 368 -11.99 -32.67 34.58
CA SER D 368 -11.47 -31.56 35.36
C SER D 368 -10.36 -32.03 36.30
N GLU D 369 -9.69 -31.05 36.93
CA GLU D 369 -8.56 -31.37 37.78
C GLU D 369 -8.98 -32.25 38.95
N VAL D 370 -10.08 -31.90 39.60
CA VAL D 370 -10.57 -32.70 40.73
C VAL D 370 -10.91 -34.10 40.24
N GLU D 371 -11.57 -34.20 39.09
CA GLU D 371 -11.92 -35.52 38.55
C GLU D 371 -10.67 -36.33 38.26
N LEU D 372 -9.65 -35.71 37.66
CA LEU D 372 -8.43 -36.44 37.34
C LEU D 372 -7.71 -36.91 38.60
N VAL D 373 -7.65 -36.06 39.62
CA VAL D 373 -6.99 -36.44 40.86
C VAL D 373 -7.75 -37.58 41.53
N GLN D 374 -9.09 -37.49 41.54
CA GLN D 374 -9.89 -38.57 42.11
C GLN D 374 -9.68 -39.87 41.35
N LEU D 375 -9.61 -39.79 40.02
CA LEU D 375 -9.37 -40.98 39.21
C LEU D 375 -8.02 -41.60 39.55
N VAL D 376 -6.99 -40.78 39.68
CA VAL D 376 -5.66 -41.30 40.01
C VAL D 376 -5.68 -41.95 41.38
N ILE D 377 -6.34 -41.30 42.35
CA ILE D 377 -6.39 -41.85 43.71
C ILE D 377 -7.12 -43.19 43.71
N ASP D 378 -8.25 -43.27 43.01
CA ASP D 378 -8.98 -44.53 42.95
C ASP D 378 -8.16 -45.62 42.27
N GLY D 379 -7.47 -45.28 41.19
CA GLY D 379 -6.67 -46.27 40.50
C GLY D 379 -5.53 -46.79 41.35
N VAL D 380 -4.83 -45.89 42.05
CA VAL D 380 -3.72 -46.33 42.90
C VAL D 380 -4.24 -47.13 44.09
N ASN D 381 -5.41 -46.74 44.63
CA ASN D 381 -6.00 -47.54 45.69
C ASN D 381 -6.33 -48.94 45.21
N TYR D 382 -6.90 -49.06 44.00
CA TYR D 382 -7.20 -50.38 43.45
C TYR D 382 -5.93 -51.18 43.26
N LEU D 383 -4.88 -50.53 42.75
CA LEU D 383 -3.63 -51.24 42.47
C LEU D 383 -2.98 -51.74 43.75
N ILE D 384 -2.93 -50.90 44.79
CA ILE D 384 -2.38 -51.34 46.07
C ILE D 384 -3.27 -52.41 46.68
N ASP D 385 -4.57 -52.37 46.39
CA ASP D 385 -5.45 -53.46 46.80
C ASP D 385 -5.29 -54.68 45.89
N CYS D 386 -5.01 -54.47 44.61
CA CYS D 386 -4.80 -55.55 43.66
C CYS D 386 -3.33 -55.73 43.31
N GLU D 387 -2.45 -55.56 44.29
CA GLU D 387 -1.04 -55.94 44.17
C GLU D 387 -0.80 -57.37 44.59
N ARG D 388 -1.82 -58.24 44.47
CA ARG D 388 -1.87 -59.52 45.16
C ARG D 388 -0.57 -60.31 45.04
N ARG D 389 0.10 -60.49 46.18
CA ARG D 389 1.20 -61.44 46.31
C ARG D 389 0.92 -62.31 47.52
N LEU D 390 0.25 -61.73 48.52
CA LEU D 390 -0.26 -62.51 49.65
C LEU D 390 -1.26 -63.56 49.18
N GLU D 391 -2.13 -63.17 48.24
CA GLU D 391 -3.09 -64.10 47.65
C GLU D 391 -3.19 -63.77 46.16
N ARG D 392 -4.19 -64.34 45.50
CA ARG D 392 -4.46 -64.09 44.09
C ARG D 392 -5.91 -63.62 43.93
N GLY D 393 -6.29 -63.35 42.68
CA GLY D 393 -7.64 -62.93 42.39
C GLY D 393 -7.73 -61.52 41.81
N GLN D 394 -6.71 -61.10 41.07
CA GLN D 394 -6.76 -59.82 40.40
C GLN D 394 -8.01 -59.73 39.51
N ASP D 395 -8.76 -58.66 39.66
CA ASP D 395 -10.06 -58.52 39.01
C ASP D 395 -10.08 -57.54 37.86
N ILE D 396 -9.07 -56.69 37.72
CA ILE D 396 -9.03 -55.70 36.66
C ILE D 396 -10.21 -54.73 36.82
N ARG D 397 -11.43 -55.24 36.61
CA ARG D 397 -12.66 -54.52 36.90
C ARG D 397 -12.74 -53.20 36.10
N ILE D 398 -12.81 -53.37 34.78
CA ILE D 398 -13.00 -52.24 33.88
C ILE D 398 -14.22 -51.45 34.34
N SER E 31 -0.76 10.23 -12.05
CA SER E 31 -2.08 10.78 -11.80
C SER E 31 -3.16 9.72 -12.02
N GLU E 32 -4.17 9.73 -11.16
CA GLU E 32 -5.30 8.81 -11.27
C GLU E 32 -6.44 9.39 -12.10
N ARG E 33 -6.27 10.60 -12.66
CA ARG E 33 -7.31 11.19 -13.49
C ARG E 33 -7.30 10.67 -14.92
N ARG E 34 -6.28 9.91 -15.30
CA ARG E 34 -6.25 9.33 -16.64
C ARG E 34 -7.34 8.27 -16.77
N ARG E 35 -7.88 8.16 -17.98
CA ARG E 35 -9.00 7.26 -18.26
C ARG E 35 -8.52 6.01 -18.98
N LEU E 36 -9.06 4.87 -18.57
CA LEU E 36 -8.77 3.61 -19.25
C LEU E 36 -9.66 3.47 -20.48
N TYR E 37 -9.22 2.63 -21.40
CA TYR E 37 -10.04 2.29 -22.54
C TYR E 37 -11.34 1.63 -22.06
N PRO E 38 -12.50 2.07 -22.53
CA PRO E 38 -13.74 1.40 -22.12
C PRO E 38 -13.71 -0.06 -22.52
N PRO E 39 -14.31 -0.95 -21.71
CA PRO E 39 -14.27 -2.37 -22.07
C PRO E 39 -14.83 -2.64 -23.45
N SER E 40 -15.88 -1.91 -23.85
CA SER E 40 -16.45 -2.10 -25.18
C SER E 40 -15.44 -1.77 -26.28
N ALA E 41 -14.41 -0.98 -25.97
CA ALA E 41 -13.38 -0.72 -26.97
C ALA E 41 -12.57 -1.97 -27.27
N GLU E 42 -12.44 -2.87 -26.29
CA GLU E 42 -11.69 -4.11 -26.46
C GLU E 42 -12.54 -5.26 -26.97
N TYR E 43 -13.84 -5.06 -27.14
CA TYR E 43 -14.72 -6.17 -27.49
C TYR E 43 -14.32 -6.75 -28.83
N PRO E 44 -14.18 -8.07 -28.96
CA PRO E 44 -13.77 -8.65 -30.24
C PRO E 44 -14.83 -8.48 -31.31
N ASP E 45 -14.38 -8.48 -32.56
CA ASP E 45 -15.28 -8.40 -33.72
C ASP E 45 -15.62 -9.83 -34.13
N LEU E 46 -16.79 -10.31 -33.70
CA LEU E 46 -17.20 -11.68 -33.90
C LEU E 46 -18.33 -11.81 -34.91
N ARG E 47 -18.42 -10.87 -35.86
CA ARG E 47 -19.53 -10.86 -36.80
C ARG E 47 -19.49 -12.02 -37.79
N LYS E 48 -18.38 -12.76 -37.85
CA LYS E 48 -18.25 -13.88 -38.78
C LYS E 48 -17.58 -15.06 -38.09
N HIS E 49 -18.02 -15.35 -36.86
CA HIS E 49 -17.44 -16.43 -36.06
C HIS E 49 -18.48 -17.52 -35.84
N ASN E 50 -17.99 -18.75 -35.68
CA ASN E 50 -18.85 -19.93 -35.61
C ASN E 50 -18.38 -20.87 -34.50
N ASN E 51 -18.10 -20.32 -33.31
CA ASN E 51 -17.76 -21.12 -32.15
C ASN E 51 -18.66 -20.72 -30.99
N CYS E 52 -18.80 -21.64 -30.03
CA CYS E 52 -19.70 -21.39 -28.90
C CYS E 52 -19.32 -20.12 -28.15
N MET E 53 -18.04 -19.80 -28.10
CA MET E 53 -17.61 -18.56 -27.44
C MET E 53 -18.22 -17.35 -28.15
N ALA E 54 -18.17 -17.34 -29.48
CA ALA E 54 -18.71 -16.21 -30.22
C ALA E 54 -20.22 -16.10 -30.01
N SER E 55 -20.92 -17.23 -29.97
CA SER E 55 -22.37 -17.19 -29.84
C SER E 55 -22.80 -16.82 -28.42
N HIS E 56 -21.98 -17.13 -27.42
CA HIS E 56 -22.35 -16.90 -26.03
C HIS E 56 -21.67 -15.69 -25.41
N LEU E 57 -20.74 -15.05 -26.12
CA LEU E 57 -20.10 -13.84 -25.62
C LEU E 57 -20.93 -12.64 -26.03
N THR E 58 -21.28 -11.81 -25.05
CA THR E 58 -22.08 -10.62 -25.25
C THR E 58 -21.39 -9.43 -24.62
N PRO E 59 -21.70 -8.21 -25.08
CA PRO E 59 -21.01 -7.03 -24.53
C PRO E 59 -21.13 -6.93 -23.01
N ALA E 60 -22.30 -7.26 -22.46
CA ALA E 60 -22.47 -7.17 -21.02
C ALA E 60 -21.53 -8.13 -20.30
N VAL E 61 -21.48 -9.38 -20.75
CA VAL E 61 -20.61 -10.37 -20.11
C VAL E 61 -19.15 -9.96 -20.23
N TYR E 62 -18.74 -9.53 -21.42
CA TYR E 62 -17.36 -9.12 -21.63
C TYR E 62 -16.99 -7.97 -20.71
N ALA E 63 -17.85 -6.96 -20.63
CA ALA E 63 -17.58 -5.83 -19.76
C ALA E 63 -17.51 -6.25 -18.30
N ARG E 64 -18.40 -7.17 -17.90
CA ARG E 64 -18.41 -7.64 -16.52
C ARG E 64 -17.11 -8.35 -16.18
N LEU E 65 -16.62 -9.20 -17.08
CA LEU E 65 -15.45 -10.03 -16.81
C LEU E 65 -14.15 -9.41 -17.31
N CYS E 66 -14.19 -8.22 -17.91
CA CYS E 66 -13.00 -7.65 -18.53
C CYS E 66 -11.89 -7.35 -17.52
N ASP E 67 -12.24 -7.16 -16.25
CA ASP E 67 -11.28 -6.71 -15.25
C ASP E 67 -10.88 -7.78 -14.25
N LYS E 68 -11.51 -8.94 -14.26
CA LYS E 68 -11.17 -9.99 -13.32
C LYS E 68 -9.98 -10.80 -13.83
N THR E 69 -9.41 -11.61 -12.95
CA THR E 69 -8.27 -12.44 -13.29
C THR E 69 -8.09 -13.50 -12.22
N THR E 70 -7.60 -14.66 -12.63
CA THR E 70 -7.27 -15.71 -11.69
C THR E 70 -6.04 -15.33 -10.89
N PRO E 71 -5.81 -15.96 -9.74
CA PRO E 71 -4.65 -15.58 -8.92
C PRO E 71 -3.32 -15.68 -9.66
N THR E 72 -3.23 -16.54 -10.67
CA THR E 72 -2.01 -16.67 -11.45
C THR E 72 -1.93 -15.69 -12.62
N GLY E 73 -2.93 -14.83 -12.79
CA GLY E 73 -2.89 -13.79 -13.80
C GLY E 73 -3.64 -14.10 -15.08
N TRP E 74 -4.33 -15.23 -15.16
CA TRP E 74 -5.10 -15.55 -16.35
C TRP E 74 -6.29 -14.60 -16.48
N THR E 75 -6.51 -14.10 -17.69
CA THR E 75 -7.54 -13.11 -17.97
C THR E 75 -8.49 -13.63 -19.04
N LEU E 76 -9.62 -12.95 -19.17
CA LEU E 76 -10.66 -13.38 -20.11
C LEU E 76 -10.15 -13.35 -21.55
N ASP E 77 -9.42 -12.30 -21.91
CA ASP E 77 -8.89 -12.21 -23.27
C ASP E 77 -8.00 -13.41 -23.59
N GLN E 78 -7.18 -13.83 -22.61
CA GLN E 78 -6.37 -15.01 -22.82
C GLN E 78 -7.24 -16.25 -22.97
N CYS E 79 -8.36 -16.31 -22.26
CA CYS E 79 -9.26 -17.45 -22.42
C CYS E 79 -9.82 -17.52 -23.84
N ILE E 80 -10.25 -16.38 -24.38
CA ILE E 80 -11.00 -16.36 -25.64
C ILE E 80 -10.13 -16.06 -26.85
N GLN E 81 -8.81 -15.93 -26.67
CA GLN E 81 -7.95 -15.62 -27.80
C GLN E 81 -8.01 -16.70 -28.87
N THR E 82 -8.00 -17.97 -28.47
CA THR E 82 -8.03 -19.05 -29.45
C THR E 82 -9.30 -18.98 -30.29
N GLY E 83 -10.44 -18.73 -29.66
CA GLY E 83 -11.68 -18.61 -30.41
C GLY E 83 -11.70 -17.38 -31.30
N VAL E 84 -11.17 -16.26 -30.80
CA VAL E 84 -11.18 -15.04 -31.60
C VAL E 84 -10.31 -15.21 -32.84
N ASP E 85 -9.12 -15.79 -32.68
CA ASP E 85 -8.20 -15.93 -33.82
C ASP E 85 -8.79 -16.84 -34.89
N ASN E 86 -9.44 -17.93 -34.48
N ASN E 86 -9.45 -17.92 -34.48
CA ASN E 86 -10.00 -18.88 -35.43
CA ASN E 86 -10.01 -18.87 -35.43
C ASN E 86 -11.50 -18.68 -35.51
C ASN E 86 -11.51 -18.66 -35.51
N PRO E 87 -12.04 -18.09 -36.58
N PRO E 87 -12.03 -18.11 -36.62
CA PRO E 87 -13.50 -17.93 -36.65
CA PRO E 87 -13.49 -17.87 -36.67
C PRO E 87 -14.26 -19.24 -36.61
C PRO E 87 -14.31 -19.13 -36.63
N GLY E 88 -13.63 -20.33 -37.07
N GLY E 88 -14.02 -20.11 -37.50
CA GLY E 88 -14.27 -21.63 -37.04
CA GLY E 88 -14.77 -21.34 -37.54
C GLY E 88 -15.00 -21.94 -38.33
C GLY E 88 -13.92 -22.54 -37.89
N HIS E 89 -14.77 -23.14 -38.87
N HIS E 89 -13.99 -23.58 -37.07
CA HIS E 89 -15.44 -23.53 -40.10
CA HIS E 89 -13.20 -24.77 -37.33
C HIS E 89 -16.94 -23.69 -39.83
C HIS E 89 -13.68 -25.44 -38.61
N PRO E 90 -17.81 -23.19 -40.72
N PRO E 90 -12.76 -25.97 -39.45
CA PRO E 90 -19.24 -23.39 -40.51
CA PRO E 90 -13.19 -26.57 -40.71
C PRO E 90 -19.60 -24.87 -40.51
C PRO E 90 -14.11 -27.76 -40.55
N PHE E 91 -20.59 -25.22 -39.69
N PHE E 91 -13.93 -28.57 -39.50
CA PHE E 91 -21.11 -26.57 -39.49
CA PHE E 91 -14.66 -29.82 -39.36
C PHE E 91 -20.18 -27.39 -38.60
C PHE E 91 -15.83 -29.72 -38.41
N ILE E 92 -19.04 -26.86 -38.16
N ILE E 92 -15.59 -29.33 -37.15
CA ILE E 92 -18.13 -27.55 -37.27
CA ILE E 92 -16.59 -29.36 -36.10
C ILE E 92 -18.12 -26.79 -35.94
C ILE E 92 -16.68 -27.99 -35.44
N LYS E 93 -18.36 -27.51 -34.85
N LYS E 93 -17.83 -27.73 -34.82
CA LYS E 93 -18.50 -26.91 -33.53
CA LYS E 93 -18.00 -26.51 -34.04
C LYS E 93 -17.17 -27.01 -32.79
C LYS E 93 -17.13 -26.60 -32.79
N THR E 94 -16.63 -25.86 -32.38
N THR E 94 -16.20 -25.67 -32.65
CA THR E 94 -15.43 -25.80 -31.55
CA THR E 94 -15.23 -25.71 -31.57
C THR E 94 -15.71 -24.87 -30.38
C THR E 94 -15.69 -24.87 -30.39
N VAL E 95 -15.19 -25.24 -29.20
CA VAL E 95 -15.49 -24.46 -28.01
C VAL E 95 -14.94 -23.05 -28.14
N GLY E 96 -13.71 -22.92 -28.61
CA GLY E 96 -13.11 -21.62 -28.81
C GLY E 96 -12.54 -20.98 -27.57
N MET E 97 -12.49 -21.70 -26.44
CA MET E 97 -11.92 -21.17 -25.22
C MET E 97 -11.07 -22.24 -24.55
N VAL E 98 -10.13 -21.79 -23.72
CA VAL E 98 -9.30 -22.66 -22.91
C VAL E 98 -9.18 -22.04 -21.53
N ALA E 99 -8.74 -22.86 -20.57
CA ALA E 99 -8.52 -22.42 -19.20
C ALA E 99 -7.04 -22.46 -18.88
N GLY E 100 -6.57 -21.44 -18.15
CA GLY E 100 -5.18 -21.38 -17.75
C GLY E 100 -4.86 -21.97 -16.41
N ASP E 101 -5.87 -22.33 -15.62
CA ASP E 101 -5.65 -22.94 -14.32
C ASP E 101 -7.01 -23.39 -13.79
N GLU E 102 -6.99 -24.01 -12.62
CA GLU E 102 -8.23 -24.53 -12.03
C GLU E 102 -9.19 -23.40 -11.71
N GLU E 103 -8.69 -22.30 -11.16
CA GLU E 103 -9.56 -21.21 -10.73
C GLU E 103 -10.33 -20.59 -11.90
N THR E 104 -9.85 -20.76 -13.13
CA THR E 104 -10.50 -20.11 -14.26
C THR E 104 -11.98 -20.45 -14.32
N TYR E 105 -12.32 -21.74 -14.29
CA TYR E 105 -13.71 -22.15 -14.41
C TYR E 105 -14.58 -21.55 -13.32
N GLU E 106 -13.98 -21.15 -12.19
CA GLU E 106 -14.73 -20.48 -11.14
C GLU E 106 -14.76 -18.97 -11.36
N VAL E 107 -13.64 -18.39 -11.79
CA VAL E 107 -13.58 -16.94 -11.92
C VAL E 107 -14.43 -16.48 -13.10
N PHE E 108 -14.32 -17.16 -14.23
CA PHE E 108 -15.06 -16.81 -15.45
C PHE E 108 -16.22 -17.76 -15.69
N ALA E 109 -16.87 -18.21 -14.61
CA ALA E 109 -17.99 -19.13 -14.76
C ALA E 109 -19.13 -18.50 -15.54
N ASP E 110 -19.30 -17.18 -15.45
CA ASP E 110 -20.41 -16.54 -16.14
C ASP E 110 -20.36 -16.77 -17.64
N LEU E 111 -19.17 -16.98 -18.20
CA LEU E 111 -19.03 -17.26 -19.62
C LEU E 111 -18.86 -18.74 -19.92
N PHE E 112 -18.18 -19.48 -19.05
CA PHE E 112 -17.94 -20.89 -19.32
C PHE E 112 -19.20 -21.73 -19.13
N ASP E 113 -20.02 -21.40 -18.14
CA ASP E 113 -21.17 -22.23 -17.82
C ASP E 113 -22.12 -22.38 -19.01
N PRO E 114 -22.53 -21.32 -19.69
CA PRO E 114 -23.34 -21.53 -20.90
C PRO E 114 -22.64 -22.37 -21.95
N VAL E 115 -21.33 -22.18 -22.11
CA VAL E 115 -20.58 -22.94 -23.10
C VAL E 115 -20.54 -24.41 -22.72
N ILE E 116 -20.25 -24.71 -21.45
CA ILE E 116 -20.24 -26.09 -20.99
C ILE E 116 -21.62 -26.72 -21.18
N GLN E 117 -22.67 -25.98 -20.85
CA GLN E 117 -24.01 -26.51 -20.99
C GLN E 117 -24.33 -26.81 -22.45
N GLU E 118 -23.97 -25.91 -23.37
CA GLU E 118 -24.24 -26.13 -24.77
C GLU E 118 -23.45 -27.32 -25.30
N ARG E 119 -22.18 -27.45 -24.89
CA ARG E 119 -21.34 -28.53 -25.41
C ARG E 119 -21.87 -29.89 -24.96
N HIS E 120 -22.11 -30.05 -23.66
CA HIS E 120 -22.48 -31.34 -23.10
C HIS E 120 -24.00 -31.50 -23.00
N ASN E 121 -24.66 -31.32 -24.15
CA ASN E 121 -26.09 -31.63 -24.34
C ASN E 121 -26.92 -31.33 -23.09
N GLY E 122 -26.75 -30.11 -22.57
CA GLY E 122 -27.64 -29.58 -21.56
C GLY E 122 -27.20 -29.77 -20.12
N TYR E 123 -26.06 -30.41 -19.87
CA TYR E 123 -25.58 -30.53 -18.51
C TYR E 123 -25.38 -29.14 -17.91
N ASP E 124 -25.91 -28.93 -16.71
CA ASP E 124 -25.85 -27.62 -16.07
C ASP E 124 -24.81 -27.65 -14.96
N PRO E 125 -23.65 -27.02 -15.12
CA PRO E 125 -22.66 -27.03 -14.03
C PRO E 125 -23.16 -26.38 -12.75
N ARG E 126 -24.02 -25.37 -12.86
CA ARG E 126 -24.45 -24.63 -11.67
C ARG E 126 -25.32 -25.48 -10.76
N THR E 127 -26.10 -26.40 -11.32
CA THR E 127 -27.06 -27.19 -10.55
C THR E 127 -26.67 -28.65 -10.44
N MET E 128 -26.34 -29.29 -11.55
CA MET E 128 -26.10 -30.73 -11.54
C MET E 128 -24.70 -31.04 -10.99
N LYS E 129 -24.49 -32.32 -10.70
CA LYS E 129 -23.23 -32.80 -10.15
C LYS E 129 -22.74 -33.98 -10.98
N HIS E 130 -21.42 -34.18 -10.96
CA HIS E 130 -20.76 -35.21 -11.75
C HIS E 130 -20.29 -36.33 -10.83
N THR E 131 -20.51 -37.57 -11.27
CA THR E 131 -20.08 -38.75 -10.53
C THR E 131 -19.06 -39.53 -11.37
N THR E 132 -17.94 -39.89 -10.75
CA THR E 132 -16.88 -40.63 -11.41
C THR E 132 -16.90 -42.08 -10.94
N ASP E 133 -16.87 -43.00 -11.89
CA ASP E 133 -16.87 -44.43 -11.58
C ASP E 133 -16.04 -45.15 -12.62
N LEU E 134 -14.95 -45.77 -12.18
CA LEU E 134 -14.02 -46.45 -13.08
C LEU E 134 -13.99 -47.95 -12.89
N ASP E 135 -14.95 -48.51 -12.14
CA ASP E 135 -14.94 -49.93 -11.86
C ASP E 135 -15.13 -50.74 -13.13
N ALA E 136 -14.06 -51.40 -13.59
CA ALA E 136 -14.13 -52.22 -14.81
C ALA E 136 -14.92 -53.50 -14.60
N SER E 137 -15.28 -53.84 -13.37
CA SER E 137 -16.08 -55.04 -13.13
C SER E 137 -17.51 -54.86 -13.64
N LYS E 138 -18.06 -53.65 -13.55
CA LYS E 138 -19.44 -53.43 -13.93
C LYS E 138 -19.69 -53.73 -15.41
N ILE E 139 -18.75 -53.31 -16.27
CA ILE E 139 -18.95 -53.49 -17.70
C ILE E 139 -19.11 -54.98 -18.01
N ARG E 140 -19.99 -55.28 -18.95
CA ARG E 140 -20.25 -56.63 -19.42
C ARG E 140 -19.87 -56.74 -20.90
N SER E 141 -20.22 -57.88 -21.51
CA SER E 141 -19.90 -58.13 -22.91
C SER E 141 -18.39 -58.11 -23.12
N GLY E 142 -17.86 -57.03 -23.70
CA GLY E 142 -16.42 -56.91 -23.87
C GLY E 142 -15.92 -57.49 -25.18
N TYR E 143 -16.08 -58.79 -25.36
CA TYR E 143 -15.59 -59.44 -26.58
C TYR E 143 -16.31 -58.89 -27.80
N PHE E 144 -15.54 -58.55 -28.83
CA PHE E 144 -16.04 -58.01 -30.08
C PHE E 144 -15.81 -59.02 -31.21
N ASP E 145 -16.25 -58.64 -32.41
CA ASP E 145 -16.05 -59.42 -33.62
C ASP E 145 -15.08 -58.67 -34.53
N GLU E 146 -14.03 -59.36 -34.96
CA GLU E 146 -12.97 -58.75 -35.78
C GLU E 146 -13.48 -58.60 -37.22
N ARG E 147 -14.41 -57.65 -37.39
CA ARG E 147 -14.96 -57.32 -38.70
C ARG E 147 -14.50 -55.94 -39.17
N TYR E 148 -14.74 -54.91 -38.36
CA TYR E 148 -14.28 -53.56 -38.68
C TYR E 148 -13.65 -52.85 -37.50
N VAL E 149 -13.58 -53.49 -36.33
CA VAL E 149 -13.04 -52.84 -35.15
C VAL E 149 -11.54 -52.63 -35.30
N LEU E 150 -10.83 -53.65 -35.78
CA LEU E 150 -9.38 -53.57 -35.94
C LEU E 150 -8.70 -53.43 -34.58
N SER E 151 -8.86 -52.26 -33.94
CA SER E 151 -8.24 -51.98 -32.66
C SER E 151 -9.17 -51.14 -31.81
N SER E 152 -8.95 -51.20 -30.50
CA SER E 152 -9.74 -50.44 -29.54
C SER E 152 -8.81 -49.58 -28.67
N ARG E 153 -9.35 -48.45 -28.22
CA ARG E 153 -8.56 -47.48 -27.47
C ARG E 153 -9.46 -46.78 -26.46
N VAL E 154 -8.86 -46.36 -25.35
CA VAL E 154 -9.51 -45.56 -24.33
C VAL E 154 -8.53 -44.48 -23.89
N ARG E 155 -9.04 -43.27 -23.67
CA ARG E 155 -8.17 -42.13 -23.37
C ARG E 155 -8.83 -41.23 -22.34
N THR E 156 -8.02 -40.70 -21.43
CA THR E 156 -8.45 -39.65 -20.52
C THR E 156 -7.31 -38.67 -20.31
N GLY E 157 -7.61 -37.60 -19.58
CA GLY E 157 -6.60 -36.60 -19.28
C GLY E 157 -6.68 -36.20 -17.81
N ARG E 158 -5.53 -35.83 -17.27
CA ARG E 158 -5.43 -35.45 -15.87
C ARG E 158 -4.49 -34.25 -15.73
N SER E 159 -4.81 -33.40 -14.78
CA SER E 159 -4.04 -32.19 -14.48
C SER E 159 -3.60 -32.21 -13.03
N ILE E 160 -2.35 -31.88 -12.79
CA ILE E 160 -1.81 -31.85 -11.43
C ILE E 160 -2.22 -30.55 -10.76
N ARG E 161 -2.83 -30.65 -9.58
CA ARG E 161 -3.28 -29.46 -8.87
C ARG E 161 -2.09 -28.62 -8.42
N GLY E 162 -2.28 -27.30 -8.43
CA GLY E 162 -1.25 -26.38 -8.03
C GLY E 162 -0.35 -25.90 -9.16
N LEU E 163 -0.49 -26.46 -10.35
CA LEU E 163 0.34 -26.10 -11.50
C LEU E 163 -0.53 -25.56 -12.61
N SER E 164 -0.06 -24.51 -13.26
CA SER E 164 -0.82 -23.88 -14.33
C SER E 164 -0.99 -24.85 -15.51
N LEU E 165 -2.10 -24.69 -16.21
CA LEU E 165 -2.40 -25.55 -17.34
C LEU E 165 -1.55 -25.16 -18.55
N PRO E 166 -1.48 -26.04 -19.56
CA PRO E 166 -0.54 -25.83 -20.66
C PRO E 166 -0.67 -24.46 -21.29
N PRO E 167 -1.89 -23.93 -21.45
CA PRO E 167 -1.99 -22.58 -22.05
C PRO E 167 -1.25 -21.52 -21.28
N ALA E 168 -1.15 -21.64 -19.95
CA ALA E 168 -0.56 -20.61 -19.12
C ALA E 168 0.72 -21.05 -18.42
N CYS E 169 1.06 -22.33 -18.42
CA CYS E 169 2.20 -22.80 -17.64
C CYS E 169 3.49 -22.19 -18.16
N THR E 170 4.37 -21.82 -17.23
CA THR E 170 5.70 -21.37 -17.57
C THR E 170 6.61 -22.57 -17.80
N ARG E 171 7.88 -22.29 -18.13
CA ARG E 171 8.84 -23.38 -18.33
C ARG E 171 9.04 -24.15 -17.04
N ALA E 172 9.17 -23.45 -15.92
CA ALA E 172 9.39 -24.13 -14.64
C ALA E 172 8.21 -25.02 -14.28
N GLU E 173 6.98 -24.53 -14.48
CA GLU E 173 5.81 -25.33 -14.15
C GLU E 173 5.72 -26.57 -15.04
N ARG E 174 6.01 -26.43 -16.33
CA ARG E 174 6.00 -27.57 -17.22
C ARG E 174 7.05 -28.60 -16.80
N ARG E 175 8.24 -28.14 -16.45
CA ARG E 175 9.27 -29.06 -15.99
C ARG E 175 8.86 -29.74 -14.70
N GLU E 176 8.19 -29.01 -13.80
CA GLU E 176 7.70 -29.62 -12.57
C GLU E 176 6.67 -30.69 -12.85
N VAL E 177 5.75 -30.44 -13.78
CA VAL E 177 4.76 -31.45 -14.15
C VAL E 177 5.46 -32.70 -14.67
N GLU E 178 6.44 -32.49 -15.55
CA GLU E 178 7.17 -33.63 -16.10
C GLU E 178 7.87 -34.42 -15.00
N ARG E 179 8.51 -33.71 -14.06
N ARG E 179 8.51 -33.71 -14.06
CA ARG E 179 9.21 -34.38 -12.98
CA ARG E 179 9.21 -34.38 -12.98
C ARG E 179 8.25 -35.20 -12.12
C ARG E 179 8.25 -35.20 -12.13
N VAL E 180 7.12 -34.60 -11.75
CA VAL E 180 6.16 -35.30 -10.91
C VAL E 180 5.67 -36.57 -11.61
N VAL E 181 5.27 -36.43 -12.87
CA VAL E 181 4.70 -37.57 -13.57
C VAL E 181 5.75 -38.66 -13.76
N VAL E 182 6.97 -38.28 -14.14
CA VAL E 182 8.00 -39.29 -14.39
C VAL E 182 8.38 -40.01 -13.09
N ASP E 183 8.55 -39.26 -11.99
CA ASP E 183 8.88 -39.90 -10.73
C ASP E 183 7.77 -40.84 -10.29
N ALA E 184 6.51 -40.43 -10.45
CA ALA E 184 5.41 -41.31 -10.09
C ALA E 184 5.43 -42.58 -10.95
N LEU E 185 5.50 -42.42 -12.27
CA LEU E 185 5.46 -43.58 -13.15
C LEU E 185 6.66 -44.50 -12.94
N SER E 186 7.77 -43.99 -12.42
CA SER E 186 8.89 -44.86 -12.13
C SER E 186 8.51 -45.95 -11.14
N GLY E 187 7.51 -45.70 -10.30
CA GLY E 187 7.08 -46.67 -9.31
C GLY E 187 6.14 -47.74 -9.83
N LEU E 188 5.67 -47.63 -11.07
CA LEU E 188 4.82 -48.66 -11.63
C LEU E 188 5.58 -49.98 -11.74
N LYS E 189 4.91 -51.07 -11.39
CA LYS E 189 5.49 -52.41 -11.43
C LYS E 189 4.56 -53.34 -12.18
N GLY E 190 4.95 -54.60 -12.28
CA GLY E 190 4.12 -55.58 -12.96
C GLY E 190 4.06 -55.33 -14.45
N ASP E 191 2.92 -55.73 -15.05
CA ASP E 191 2.76 -55.57 -16.49
C ASP E 191 2.84 -54.11 -16.91
N LEU E 192 2.34 -53.19 -16.08
CA LEU E 192 2.38 -51.78 -16.42
C LEU E 192 3.73 -51.17 -16.09
N ALA E 193 4.80 -51.80 -16.55
CA ALA E 193 6.16 -51.31 -16.35
C ALA E 193 6.77 -50.95 -17.70
N GLY E 194 7.27 -49.73 -17.79
CA GLY E 194 7.76 -49.24 -19.06
C GLY E 194 8.83 -48.19 -18.90
N ARG E 195 8.98 -47.39 -19.96
CA ARG E 195 10.02 -46.37 -20.01
C ARG E 195 9.45 -45.04 -20.45
N TYR E 196 10.10 -43.97 -20.01
CA TYR E 196 9.78 -42.61 -20.40
C TYR E 196 10.78 -42.12 -21.43
N TYR E 197 10.29 -41.65 -22.57
CA TYR E 197 11.11 -41.13 -23.64
C TYR E 197 10.85 -39.64 -23.79
N ARG E 198 11.91 -38.85 -23.77
CA ARG E 198 11.83 -37.40 -23.90
C ARG E 198 11.87 -37.04 -25.38
N LEU E 199 10.98 -36.14 -25.79
CA LEU E 199 10.95 -35.73 -27.19
C LEU E 199 12.27 -35.09 -27.60
N SER E 200 12.81 -34.24 -26.74
CA SER E 200 14.07 -33.57 -27.07
C SER E 200 15.20 -34.57 -27.32
N GLU E 201 15.11 -35.76 -26.73
CA GLU E 201 16.14 -36.79 -26.86
C GLU E 201 15.77 -37.87 -27.87
N MET E 202 14.68 -37.69 -28.62
CA MET E 202 14.20 -38.69 -29.55
C MET E 202 14.49 -38.25 -30.98
N THR E 203 14.99 -39.18 -31.80
CA THR E 203 15.31 -38.87 -33.17
C THR E 203 14.05 -38.57 -33.97
N GLU E 204 14.22 -37.77 -35.03
CA GLU E 204 13.08 -37.42 -35.87
C GLU E 204 12.47 -38.66 -36.51
N ALA E 205 13.30 -39.59 -36.98
CA ALA E 205 12.78 -40.81 -37.59
C ALA E 205 11.99 -41.63 -36.57
N GLU E 206 12.51 -41.76 -35.35
CA GLU E 206 11.79 -42.50 -34.32
C GLU E 206 10.46 -41.84 -33.99
N GLN E 207 10.46 -40.52 -33.88
CA GLN E 207 9.21 -39.80 -33.59
C GLN E 207 8.20 -40.00 -34.71
N GLN E 208 8.65 -39.92 -35.97
CA GLN E 208 7.74 -40.13 -37.09
C GLN E 208 7.18 -41.56 -37.08
N GLN E 209 8.04 -42.55 -36.80
CA GLN E 209 7.57 -43.92 -36.75
C GLN E 209 6.54 -44.10 -35.65
N LEU E 210 6.79 -43.52 -34.47
CA LEU E 210 5.84 -43.62 -33.38
C LEU E 210 4.52 -42.96 -33.73
N ILE E 211 4.58 -41.79 -34.38
CA ILE E 211 3.35 -41.09 -34.77
C ILE E 211 2.56 -41.93 -35.76
N ASP E 212 3.24 -42.47 -36.77
CA ASP E 212 2.54 -43.28 -37.77
C ASP E 212 1.90 -44.51 -37.15
N ASP E 213 2.51 -45.07 -36.10
CA ASP E 213 1.96 -46.22 -35.40
C ASP E 213 0.88 -45.85 -34.39
N HIS E 214 0.40 -44.60 -34.40
CA HIS E 214 -0.63 -44.14 -33.49
C HIS E 214 -0.17 -44.17 -32.03
N PHE E 215 1.15 -44.16 -31.81
CA PHE E 215 1.71 -44.26 -30.46
C PHE E 215 2.46 -42.99 -30.05
N LEU E 216 2.17 -41.85 -30.68
CA LEU E 216 2.88 -40.62 -30.35
C LEU E 216 2.07 -39.44 -30.87
N PHE E 217 2.43 -38.26 -30.38
CA PHE E 217 1.80 -37.00 -30.76
C PHE E 217 2.79 -36.15 -31.54
N ASP E 218 2.28 -35.42 -32.53
CA ASP E 218 3.12 -34.56 -33.36
C ASP E 218 3.12 -33.14 -32.82
N LYS E 219 4.04 -32.33 -33.35
CA LYS E 219 4.11 -30.94 -32.94
C LYS E 219 2.79 -30.25 -33.30
N PRO E 220 2.18 -29.51 -32.37
CA PRO E 220 0.91 -28.84 -32.70
C PRO E 220 1.07 -27.89 -33.88
N VAL E 221 0.35 -28.17 -34.96
CA VAL E 221 0.41 -27.36 -36.16
C VAL E 221 -0.96 -26.71 -36.40
N SER E 222 -2.01 -27.37 -35.93
CA SER E 222 -3.35 -26.82 -36.11
C SER E 222 -3.45 -25.49 -35.37
N PRO E 223 -4.09 -24.48 -35.96
CA PRO E 223 -4.10 -23.16 -35.31
C PRO E 223 -4.77 -23.13 -33.96
N LEU E 224 -5.64 -24.10 -33.66
CA LEU E 224 -6.36 -24.07 -32.39
C LEU E 224 -5.40 -24.11 -31.21
N LEU E 225 -4.42 -25.01 -31.25
CA LEU E 225 -3.48 -25.13 -30.14
C LEU E 225 -2.48 -23.99 -30.13
N THR E 226 -1.95 -23.61 -31.29
CA THR E 226 -0.95 -22.55 -31.34
C THR E 226 -1.53 -21.22 -30.87
N ALA E 227 -2.74 -20.89 -31.31
CA ALA E 227 -3.36 -19.65 -30.86
C ALA E 227 -3.63 -19.68 -29.36
N ALA E 228 -3.90 -20.86 -28.81
CA ALA E 228 -4.09 -21.00 -27.37
C ALA E 228 -2.79 -20.87 -26.59
N GLY E 229 -1.65 -20.84 -27.26
CA GLY E 229 -0.38 -20.76 -26.57
C GLY E 229 0.07 -22.07 -25.96
N MET E 230 -0.29 -23.20 -26.56
CA MET E 230 0.05 -24.51 -26.03
C MET E 230 1.20 -25.16 -26.78
N ALA E 231 1.85 -24.45 -27.69
CA ALA E 231 3.03 -24.94 -28.39
C ALA E 231 4.29 -24.21 -28.00
N ARG E 232 4.25 -23.44 -26.91
CA ARG E 232 5.42 -22.68 -26.49
C ARG E 232 6.53 -23.62 -26.04
N ASP E 233 7.77 -23.25 -26.38
CA ASP E 233 8.96 -23.95 -25.91
C ASP E 233 9.03 -25.39 -26.39
N TRP E 234 8.32 -25.71 -27.46
CA TRP E 234 8.35 -27.08 -27.97
C TRP E 234 9.76 -27.44 -28.42
N PRO E 235 10.25 -28.66 -28.14
CA PRO E 235 9.63 -29.77 -27.43
C PRO E 235 10.07 -29.85 -25.97
N ASP E 236 10.39 -28.73 -25.33
CA ASP E 236 10.93 -28.76 -23.98
C ASP E 236 9.90 -29.30 -23.01
N ALA E 237 10.25 -30.38 -22.32
CA ALA E 237 9.45 -30.97 -21.24
C ALA E 237 8.21 -31.70 -21.73
N ARG E 238 8.19 -32.12 -23.00
CA ARG E 238 7.14 -32.99 -23.52
C ARG E 238 7.70 -34.38 -23.73
N GLY E 239 6.94 -35.40 -23.32
CA GLY E 239 7.46 -36.75 -23.40
C GLY E 239 6.36 -37.77 -23.53
N ILE E 240 6.77 -39.05 -23.61
CA ILE E 240 5.84 -40.16 -23.72
C ILE E 240 6.37 -41.31 -22.87
N TRP E 241 5.58 -41.76 -21.90
CA TRP E 241 5.91 -42.93 -21.10
C TRP E 241 5.03 -44.08 -21.56
N HIS E 242 5.64 -45.17 -22.02
CA HIS E 242 4.87 -46.29 -22.51
C HIS E 242 5.39 -47.59 -21.91
N ASN E 243 4.47 -48.53 -21.72
CA ASN E 243 4.80 -49.83 -21.18
C ASN E 243 5.53 -50.67 -22.24
N ASN E 244 6.12 -51.78 -21.79
CA ASN E 244 6.91 -52.61 -22.70
C ASN E 244 6.06 -53.14 -23.83
N GLU E 245 4.84 -53.60 -23.53
CA GLU E 245 3.93 -54.07 -24.56
C GLU E 245 3.38 -52.93 -25.42
N LYS E 246 3.61 -51.67 -25.02
CA LYS E 246 3.08 -50.51 -25.74
C LYS E 246 1.56 -50.52 -25.77
N SER E 247 0.94 -51.19 -24.79
CA SER E 247 -0.50 -51.18 -24.63
C SER E 247 -0.98 -50.17 -23.59
N PHE E 248 -0.06 -49.43 -22.99
CA PHE E 248 -0.41 -48.42 -21.98
C PHE E 248 0.56 -47.26 -22.15
N LEU E 249 0.03 -46.10 -22.56
CA LEU E 249 0.85 -44.93 -22.86
C LEU E 249 0.36 -43.73 -22.05
N ILE E 250 1.27 -42.78 -21.87
CA ILE E 250 0.97 -41.55 -21.15
C ILE E 250 1.75 -40.43 -21.84
N TRP E 251 1.04 -39.50 -22.47
CA TRP E 251 1.64 -38.33 -23.07
C TRP E 251 1.78 -37.25 -22.00
N VAL E 252 2.98 -36.69 -21.87
CA VAL E 252 3.28 -35.67 -20.87
C VAL E 252 3.46 -34.35 -21.59
N ASN E 253 2.57 -33.39 -21.29
CA ASN E 253 2.66 -32.01 -21.76
C ASN E 253 2.57 -31.92 -23.29
N GLU E 254 1.45 -32.41 -23.83
CA GLU E 254 1.12 -32.18 -25.23
C GLU E 254 -0.14 -31.35 -25.39
N GLU E 255 -1.26 -31.81 -24.85
CA GLU E 255 -2.50 -31.04 -24.80
C GLU E 255 -2.98 -30.80 -23.38
N ASP E 256 -2.57 -31.64 -22.44
CA ASP E 256 -2.87 -31.48 -21.03
C ASP E 256 -1.63 -31.91 -20.25
N HIS E 257 -1.69 -31.79 -18.93
CA HIS E 257 -0.56 -32.22 -18.11
C HIS E 257 -0.25 -33.69 -18.36
N THR E 258 -1.28 -34.55 -18.35
CA THR E 258 -1.10 -35.95 -18.64
C THR E 258 -2.27 -36.45 -19.48
N ARG E 259 -1.96 -37.28 -20.47
CA ARG E 259 -2.96 -37.95 -21.29
C ARG E 259 -2.72 -39.45 -21.19
N VAL E 260 -3.62 -40.17 -20.52
CA VAL E 260 -3.49 -41.60 -20.28
C VAL E 260 -4.27 -42.35 -21.33
N ILE E 261 -3.61 -43.29 -22.00
CA ILE E 261 -4.19 -44.04 -23.11
C ILE E 261 -3.98 -45.53 -22.86
N SER E 262 -5.03 -46.32 -23.03
CA SER E 262 -4.96 -47.77 -23.01
C SER E 262 -5.38 -48.26 -24.39
N MET E 263 -4.52 -49.05 -25.03
CA MET E 263 -4.68 -49.43 -26.42
C MET E 263 -4.65 -50.94 -26.55
N GLU E 264 -5.26 -51.44 -27.63
CA GLU E 264 -5.17 -52.86 -27.95
C GLU E 264 -5.46 -53.04 -29.43
N LYS E 265 -4.62 -53.83 -30.11
CA LYS E 265 -4.82 -54.13 -31.52
C LYS E 265 -5.78 -55.31 -31.68
N GLY E 266 -6.99 -55.13 -31.17
CA GLY E 266 -8.00 -56.16 -31.21
C GLY E 266 -9.40 -55.63 -30.99
N GLY E 267 -10.21 -56.36 -30.23
CA GLY E 267 -11.56 -55.94 -29.95
C GLY E 267 -12.02 -56.27 -28.55
N ASN E 268 -11.09 -56.69 -27.69
CA ASN E 268 -11.41 -57.05 -26.30
C ASN E 268 -11.46 -55.78 -25.46
N MET E 269 -12.51 -54.99 -25.71
CA MET E 269 -12.65 -53.71 -25.02
C MET E 269 -12.69 -53.89 -23.51
N LYS E 270 -13.19 -55.02 -23.02
CA LYS E 270 -13.21 -55.27 -21.59
C LYS E 270 -11.79 -55.28 -21.03
N ARG E 271 -10.88 -55.99 -21.69
CA ARG E 271 -9.50 -56.03 -21.22
C ARG E 271 -8.85 -54.66 -21.28
N VAL E 272 -9.10 -53.92 -22.37
CA VAL E 272 -8.51 -52.59 -22.51
C VAL E 272 -8.98 -51.70 -21.37
N PHE E 273 -10.28 -51.73 -21.08
CA PHE E 273 -10.82 -50.87 -20.03
C PHE E 273 -10.33 -51.30 -18.66
N GLU E 274 -10.18 -52.61 -18.44
CA GLU E 274 -9.65 -53.08 -17.16
C GLU E 274 -8.22 -52.59 -16.95
N ARG E 275 -7.38 -52.73 -17.98
CA ARG E 275 -6.02 -52.22 -17.89
C ARG E 275 -6.03 -50.71 -17.64
N PHE E 276 -6.89 -50.00 -18.37
CA PHE E 276 -7.00 -48.55 -18.18
C PHE E 276 -7.33 -48.21 -16.74
N CYS E 277 -8.34 -48.87 -16.17
CA CYS E 277 -8.77 -48.56 -14.81
C CYS E 277 -7.66 -48.84 -13.81
N ARG E 278 -7.05 -50.02 -13.89
CA ARG E 278 -6.04 -50.37 -12.89
C ARG E 278 -4.81 -49.46 -13.03
N GLY E 279 -4.39 -49.18 -14.26
CA GLY E 279 -3.26 -48.27 -14.44
C GLY E 279 -3.55 -46.88 -13.92
N LEU E 280 -4.75 -46.36 -14.19
CA LEU E 280 -5.11 -45.04 -13.68
C LEU E 280 -5.13 -45.03 -12.15
N LYS E 281 -5.67 -46.08 -11.54
CA LYS E 281 -5.68 -46.14 -10.09
C LYS E 281 -4.26 -46.15 -9.52
N GLU E 282 -3.38 -46.96 -10.11
CA GLU E 282 -2.00 -47.00 -9.64
C GLU E 282 -1.31 -45.65 -9.81
N VAL E 283 -1.53 -45.00 -10.95
CA VAL E 283 -0.90 -43.70 -11.20
C VAL E 283 -1.39 -42.68 -10.19
N GLU E 284 -2.70 -42.67 -9.91
CA GLU E 284 -3.23 -41.74 -8.93
C GLU E 284 -2.65 -42.01 -7.55
N ARG E 285 -2.55 -43.28 -7.18
CA ARG E 285 -1.97 -43.61 -5.87
C ARG E 285 -0.54 -43.11 -5.76
N LEU E 286 0.26 -43.33 -6.81
CA LEU E 286 1.64 -42.89 -6.76
C LEU E 286 1.75 -41.37 -6.74
N ILE E 287 0.87 -40.69 -7.47
CA ILE E 287 0.85 -39.22 -7.43
C ILE E 287 0.55 -38.74 -6.01
N GLN E 288 -0.46 -39.33 -5.38
CA GLN E 288 -0.82 -38.92 -4.03
C GLN E 288 0.28 -39.25 -3.04
N GLU E 289 1.07 -40.29 -3.31
CA GLU E 289 2.14 -40.67 -2.39
C GLU E 289 3.07 -39.50 -2.11
N ARG E 290 3.43 -38.74 -3.15
CA ARG E 290 4.38 -37.64 -3.01
C ARG E 290 3.73 -36.34 -2.61
N GLY E 291 2.41 -36.31 -2.46
CA GLY E 291 1.72 -35.10 -2.03
C GLY E 291 1.07 -34.30 -3.13
N TRP E 292 0.89 -34.86 -4.32
CA TRP E 292 0.24 -34.18 -5.43
C TRP E 292 -1.15 -34.76 -5.64
N GLU E 293 -2.06 -33.92 -6.13
CA GLU E 293 -3.43 -34.33 -6.42
C GLU E 293 -3.81 -33.92 -7.83
N PHE E 294 -4.77 -34.65 -8.37
CA PHE E 294 -5.38 -34.27 -9.64
C PHE E 294 -6.44 -33.19 -9.41
N MET E 295 -6.48 -32.21 -10.31
CA MET E 295 -7.53 -31.20 -10.23
C MET E 295 -8.88 -31.88 -10.36
N TRP E 296 -9.79 -31.57 -9.45
CA TRP E 296 -11.11 -32.21 -9.46
C TRP E 296 -12.07 -31.50 -8.52
N ASN E 297 -13.27 -31.21 -9.01
CA ASN E 297 -14.34 -30.66 -8.18
C ASN E 297 -15.66 -31.31 -8.58
N GLU E 298 -16.62 -31.28 -7.66
CA GLU E 298 -17.85 -32.04 -7.84
C GLU E 298 -18.62 -31.56 -9.07
N ARG E 299 -18.70 -30.24 -9.25
CA ARG E 299 -19.53 -29.70 -10.33
C ARG E 299 -19.03 -30.15 -11.70
N LEU E 300 -17.71 -30.08 -11.92
CA LEU E 300 -17.14 -30.27 -13.24
C LEU E 300 -16.39 -31.59 -13.39
N GLY E 301 -16.07 -32.28 -12.29
CA GLY E 301 -15.26 -33.47 -12.39
C GLY E 301 -13.80 -33.12 -12.55
N TYR E 302 -13.09 -33.84 -13.41
CA TYR E 302 -11.67 -33.59 -13.64
C TYR E 302 -11.50 -32.35 -14.52
N ILE E 303 -10.66 -31.43 -14.08
CA ILE E 303 -10.47 -30.15 -14.75
C ILE E 303 -9.42 -30.31 -15.83
N LEU E 304 -9.72 -29.81 -17.03
CA LEU E 304 -8.81 -29.87 -18.16
C LEU E 304 -8.88 -28.54 -18.90
N THR E 305 -8.08 -28.43 -19.97
CA THR E 305 -7.96 -27.15 -20.68
C THR E 305 -9.20 -26.87 -21.52
N CYS E 306 -9.47 -27.72 -22.50
CA CYS E 306 -10.63 -27.53 -23.35
C CYS E 306 -11.90 -27.85 -22.58
N PRO E 307 -12.87 -26.94 -22.52
CA PRO E 307 -14.12 -27.26 -21.81
C PRO E 307 -14.84 -28.47 -22.38
N SER E 308 -14.56 -28.84 -23.63
CA SER E 308 -15.18 -30.02 -24.21
C SER E 308 -14.73 -31.30 -23.53
N ASN E 309 -13.58 -31.28 -22.85
CA ASN E 309 -13.02 -32.47 -22.22
C ASN E 309 -13.35 -32.57 -20.73
N LEU E 310 -14.13 -31.64 -20.19
CA LEU E 310 -14.42 -31.64 -18.77
C LEU E 310 -15.15 -32.93 -18.38
N GLY E 311 -15.29 -33.12 -17.07
CA GLY E 311 -15.98 -34.28 -16.55
C GLY E 311 -15.06 -35.47 -16.36
N THR E 312 -15.09 -36.40 -17.30
CA THR E 312 -14.23 -37.58 -17.27
C THR E 312 -13.10 -37.53 -18.28
N GLY E 313 -13.24 -36.75 -19.36
CA GLY E 313 -12.25 -36.75 -20.41
C GLY E 313 -12.14 -38.04 -21.17
N LEU E 314 -13.08 -38.97 -20.97
CA LEU E 314 -12.98 -40.29 -21.57
C LEU E 314 -13.42 -40.25 -23.02
N ARG E 315 -12.64 -40.91 -23.88
CA ARG E 315 -12.93 -41.00 -25.31
C ARG E 315 -12.75 -42.43 -25.80
N ALA E 316 -13.37 -43.38 -25.11
CA ALA E 316 -13.34 -44.77 -25.57
C ALA E 316 -13.84 -44.84 -27.00
N GLY E 317 -13.08 -45.52 -27.85
CA GLY E 317 -13.40 -45.55 -29.26
C GLY E 317 -12.74 -46.72 -29.96
N VAL E 318 -12.94 -46.75 -31.29
CA VAL E 318 -12.45 -47.84 -32.12
C VAL E 318 -12.22 -47.32 -33.53
N HIS E 319 -11.33 -48.00 -34.27
CA HIS E 319 -11.18 -47.80 -35.70
C HIS E 319 -12.27 -48.57 -36.43
N ILE E 320 -12.80 -47.96 -37.50
CA ILE E 320 -13.90 -48.55 -38.26
C ILE E 320 -13.59 -48.38 -39.75
N LYS E 321 -13.96 -49.39 -40.55
CA LYS E 321 -13.60 -49.45 -41.95
C LYS E 321 -14.76 -48.96 -42.82
N LEU E 322 -14.51 -48.94 -44.14
CA LEU E 322 -15.45 -48.42 -45.13
C LEU E 322 -16.53 -49.42 -45.55
N PRO E 323 -16.20 -50.70 -45.79
CA PRO E 323 -17.05 -51.53 -46.65
C PRO E 323 -18.52 -51.56 -46.24
N LEU E 324 -18.82 -52.00 -45.03
CA LEU E 324 -20.20 -52.06 -44.56
C LEU E 324 -20.65 -50.77 -43.90
N LEU E 325 -19.76 -49.79 -43.77
CA LEU E 325 -20.06 -48.54 -43.07
C LEU E 325 -20.02 -47.32 -43.98
N SER E 326 -19.55 -47.46 -45.22
CA SER E 326 -19.41 -46.30 -46.09
C SER E 326 -20.66 -46.09 -46.95
N LYS E 327 -21.33 -47.18 -47.35
CA LYS E 327 -22.36 -47.13 -48.36
C LYS E 327 -23.69 -47.75 -47.91
N ASP E 328 -24.09 -47.49 -46.66
CA ASP E 328 -25.41 -47.88 -46.20
C ASP E 328 -26.35 -46.67 -46.28
N SER E 329 -27.52 -46.77 -45.65
CA SER E 329 -28.57 -45.77 -45.86
C SER E 329 -28.36 -44.50 -45.05
N ARG E 330 -28.54 -44.57 -43.74
CA ARG E 330 -28.70 -43.38 -42.90
C ARG E 330 -27.84 -43.46 -41.66
N PHE E 331 -26.56 -43.80 -41.84
CA PHE E 331 -25.65 -43.92 -40.70
C PHE E 331 -25.62 -42.70 -39.80
N PRO E 332 -25.51 -41.47 -40.29
CA PRO E 332 -25.41 -40.32 -39.36
C PRO E 332 -26.56 -40.27 -38.36
N LYS E 333 -27.78 -40.59 -38.82
CA LYS E 333 -28.91 -40.64 -37.89
C LYS E 333 -28.70 -41.72 -36.83
N ILE E 334 -28.20 -42.88 -37.23
CA ILE E 334 -27.96 -43.95 -36.27
C ILE E 334 -26.91 -43.53 -35.25
N LEU E 335 -25.85 -42.88 -35.70
CA LEU E 335 -24.80 -42.43 -34.79
C LEU E 335 -25.36 -41.40 -33.81
N GLU E 336 -26.11 -40.42 -34.32
CA GLU E 336 -26.67 -39.40 -33.43
C GLU E 336 -27.62 -40.03 -32.41
N ASN E 337 -28.46 -40.96 -32.86
CA ASN E 337 -29.40 -41.62 -31.96
C ASN E 337 -28.66 -42.44 -30.91
N LEU E 338 -27.59 -43.12 -31.31
CA LEU E 338 -26.80 -43.95 -30.40
C LEU E 338 -25.81 -43.13 -29.59
N ARG E 339 -25.68 -41.84 -29.86
CA ARG E 339 -24.74 -40.97 -29.15
C ARG E 339 -23.30 -41.41 -29.42
N LEU E 340 -22.96 -41.56 -30.69
CA LEU E 340 -21.63 -41.93 -31.13
C LEU E 340 -21.09 -40.87 -32.08
N GLN E 341 -19.85 -40.45 -31.84
CA GLN E 341 -19.16 -39.49 -32.69
C GLN E 341 -18.26 -40.23 -33.67
N LYS E 342 -18.18 -39.71 -34.90
CA LYS E 342 -17.34 -40.29 -35.94
C LYS E 342 -16.43 -39.18 -36.47
N ARG E 343 -15.13 -39.42 -36.44
CA ARG E 343 -14.15 -38.45 -36.91
C ARG E 343 -13.17 -39.13 -37.86
N GLY E 344 -12.32 -38.31 -38.48
CA GLY E 344 -11.38 -38.83 -39.47
C GLY E 344 -10.21 -39.53 -38.80
N THR E 345 -9.83 -40.67 -39.37
CA THR E 345 -8.70 -41.43 -38.85
C THR E 345 -7.40 -40.64 -39.02
N GLY E 346 -6.47 -40.88 -38.09
CA GLY E 346 -5.19 -40.19 -38.11
C GLY E 346 -5.15 -38.90 -37.31
N GLY E 347 -6.27 -38.47 -36.77
CA GLY E 347 -6.33 -37.26 -35.96
C GLY E 347 -7.58 -36.45 -36.28
N VAL E 348 -7.94 -35.57 -35.35
CA VAL E 348 -9.10 -34.72 -35.55
C VAL E 348 -8.88 -33.78 -36.73
N ASP E 349 -7.67 -33.22 -36.84
CA ASP E 349 -7.38 -32.30 -37.94
C ASP E 349 -7.48 -33.02 -39.29
N THR E 350 -6.97 -34.25 -39.36
CA THR E 350 -7.01 -34.99 -40.61
C THR E 350 -8.44 -35.38 -40.96
N ALA E 351 -8.68 -35.52 -42.26
CA ALA E 351 -9.99 -35.89 -42.78
C ALA E 351 -10.05 -37.38 -43.08
N ALA E 352 -11.26 -37.92 -43.10
CA ALA E 352 -11.45 -39.35 -43.36
C ALA E 352 -10.95 -39.69 -44.76
N THR E 353 -10.20 -40.80 -44.85
CA THR E 353 -9.66 -41.27 -46.11
C THR E 353 -9.95 -42.75 -46.26
N GLY E 354 -10.32 -43.16 -47.47
CA GLY E 354 -10.62 -44.56 -47.74
C GLY E 354 -11.81 -45.09 -46.97
N GLY E 355 -12.67 -44.21 -46.48
CA GLY E 355 -13.84 -44.66 -45.74
C GLY E 355 -13.53 -45.28 -44.40
N VAL E 356 -12.38 -44.94 -43.81
CA VAL E 356 -11.99 -45.44 -42.50
C VAL E 356 -12.08 -44.29 -41.51
N PHE E 357 -12.84 -44.48 -40.44
CA PHE E 357 -13.08 -43.42 -39.46
C PHE E 357 -12.77 -43.95 -38.05
N ASP E 358 -12.91 -43.06 -37.09
CA ASP E 358 -12.80 -43.38 -35.67
C ASP E 358 -14.14 -43.12 -35.02
N ILE E 359 -14.68 -44.14 -34.35
CA ILE E 359 -15.99 -44.07 -33.71
C ILE E 359 -15.77 -44.08 -32.21
N SER E 360 -16.20 -43.01 -31.55
CA SER E 360 -16.03 -42.86 -30.11
C SER E 360 -17.32 -42.29 -29.52
N ASN E 361 -17.28 -41.86 -28.27
CA ASN E 361 -18.42 -41.22 -27.63
C ASN E 361 -18.34 -39.71 -27.82
N LEU E 362 -19.49 -39.05 -27.65
CA LEU E 362 -19.59 -37.61 -27.86
C LEU E 362 -19.37 -36.83 -26.56
N ASP E 363 -20.12 -37.16 -25.53
CA ASP E 363 -20.16 -36.37 -24.30
C ASP E 363 -19.19 -36.94 -23.26
N ARG E 364 -18.61 -36.04 -22.48
CA ARG E 364 -17.70 -36.39 -21.39
C ARG E 364 -18.29 -36.08 -20.03
N LEU E 365 -18.72 -34.83 -19.82
CA LEU E 365 -19.34 -34.45 -18.57
C LEU E 365 -20.73 -35.08 -18.45
N GLY E 366 -21.15 -35.31 -17.21
CA GLY E 366 -22.43 -35.95 -16.96
C GLY E 366 -22.30 -37.43 -16.64
N LYS E 367 -22.46 -38.28 -17.66
CA LYS E 367 -22.35 -39.72 -17.46
C LYS E 367 -20.95 -40.07 -16.94
N SER E 368 -20.83 -41.28 -16.40
CA SER E 368 -19.59 -41.76 -15.82
C SER E 368 -18.81 -42.59 -16.83
N GLU E 369 -17.57 -42.93 -16.45
CA GLU E 369 -16.69 -43.65 -17.36
C GLU E 369 -17.26 -45.01 -17.73
N VAL E 370 -17.76 -45.75 -16.73
CA VAL E 370 -18.37 -47.04 -17.01
C VAL E 370 -19.57 -46.88 -17.92
N GLU E 371 -20.40 -45.88 -17.65
CA GLU E 371 -21.57 -45.64 -18.49
C GLU E 371 -21.16 -45.32 -19.91
N LEU E 372 -20.14 -44.47 -20.08
CA LEU E 372 -19.71 -44.11 -21.43
C LEU E 372 -19.16 -45.32 -22.17
N VAL E 373 -18.36 -46.15 -21.50
CA VAL E 373 -17.80 -47.32 -22.14
C VAL E 373 -18.91 -48.29 -22.53
N GLN E 374 -19.89 -48.49 -21.64
CA GLN E 374 -21.00 -49.36 -21.96
C GLN E 374 -21.79 -48.82 -23.14
N LEU E 375 -22.00 -47.50 -23.18
CA LEU E 375 -22.71 -46.89 -24.30
C LEU E 375 -21.97 -47.13 -25.61
N VAL E 376 -20.66 -46.95 -25.60
CA VAL E 376 -19.87 -47.16 -26.81
C VAL E 376 -19.95 -48.63 -27.25
N ILE E 377 -19.85 -49.55 -26.29
CA ILE E 377 -19.90 -50.97 -26.62
C ILE E 377 -21.26 -51.33 -27.22
N ASP E 378 -22.34 -50.84 -26.60
CA ASP E 378 -23.66 -51.12 -27.14
C ASP E 378 -23.84 -50.52 -28.53
N GLY E 379 -23.35 -49.30 -28.73
CA GLY E 379 -23.49 -48.68 -30.04
C GLY E 379 -22.73 -49.43 -31.12
N VAL E 380 -21.51 -49.86 -30.82
CA VAL E 380 -20.73 -50.58 -31.82
C VAL E 380 -21.35 -51.96 -32.08
N ASN E 381 -21.88 -52.60 -31.04
CA ASN E 381 -22.57 -53.86 -31.23
C ASN E 381 -23.78 -53.68 -32.14
N TYR E 382 -24.55 -52.61 -31.92
CA TYR E 382 -25.70 -52.34 -32.78
C TYR E 382 -25.25 -52.06 -34.21
N LEU E 383 -24.15 -51.31 -34.37
CA LEU E 383 -23.67 -50.99 -35.71
C LEU E 383 -23.23 -52.24 -36.46
N ILE E 384 -22.41 -53.08 -35.83
CA ILE E 384 -22.00 -54.33 -36.48
C ILE E 384 -23.21 -55.22 -36.69
N ASP E 385 -24.25 -55.06 -35.88
CA ASP E 385 -25.52 -55.74 -36.15
C ASP E 385 -26.29 -55.04 -37.26
N CYS E 386 -26.21 -53.71 -37.34
CA CYS E 386 -26.90 -52.92 -38.35
C CYS E 386 -25.98 -52.47 -39.48
N GLU E 387 -24.97 -53.28 -39.80
CA GLU E 387 -24.13 -53.04 -40.98
C GLU E 387 -24.69 -53.73 -42.22
N ARG E 388 -26.00 -53.91 -42.27
CA ARG E 388 -26.64 -54.84 -43.21
C ARG E 388 -26.12 -54.68 -44.63
N ARG E 389 -25.45 -55.72 -45.12
CA ARG E 389 -25.13 -55.85 -46.54
C ARG E 389 -25.59 -57.23 -46.99
N LEU E 390 -25.55 -58.20 -46.07
CA LEU E 390 -26.15 -59.50 -46.32
C LEU E 390 -27.65 -59.38 -46.54
N GLU E 391 -28.31 -58.54 -45.76
CA GLU E 391 -29.73 -58.26 -45.91
C GLU E 391 -29.94 -56.77 -45.66
N ARG E 392 -31.20 -56.37 -45.52
CA ARG E 392 -31.58 -55.00 -45.23
C ARG E 392 -32.45 -54.97 -43.97
N GLY E 393 -32.86 -53.77 -43.58
CA GLY E 393 -33.72 -53.61 -42.42
C GLY E 393 -33.08 -52.80 -41.30
N GLN E 394 -32.22 -51.84 -41.65
CA GLN E 394 -31.64 -50.97 -40.64
C GLN E 394 -32.75 -50.29 -39.85
N ASP E 395 -32.66 -50.34 -38.53
CA ASP E 395 -33.73 -49.88 -37.65
C ASP E 395 -33.41 -48.59 -36.92
N ILE E 396 -32.16 -48.15 -36.89
CA ILE E 396 -31.77 -46.94 -36.17
C ILE E 396 -32.07 -47.12 -34.69
N ARG E 397 -33.37 -47.19 -34.34
CA ARG E 397 -33.80 -47.52 -32.99
C ARG E 397 -33.28 -46.51 -31.97
N ILE E 398 -33.74 -45.28 -32.11
CA ILE E 398 -33.44 -44.24 -31.13
C ILE E 398 -33.85 -44.72 -29.74
N SER F 31 2.75 13.43 7.84
CA SER F 31 2.13 13.13 9.12
C SER F 31 0.62 12.99 8.97
N GLU F 32 0.05 11.98 9.64
CA GLU F 32 -1.39 11.76 9.64
C GLU F 32 -2.10 12.51 10.74
N ARG F 33 -1.39 13.27 11.56
CA ARG F 33 -2.01 14.03 12.63
C ARG F 33 -2.63 15.33 12.15
N ARG F 34 -2.41 15.72 10.89
CA ARG F 34 -3.04 16.92 10.35
C ARG F 34 -4.53 16.71 10.20
N ARG F 35 -5.29 17.78 10.39
CA ARG F 35 -6.75 17.73 10.38
C ARG F 35 -7.29 18.28 9.06
N LEU F 36 -8.29 17.59 8.52
CA LEU F 36 -8.97 18.07 7.33
C LEU F 36 -10.02 19.11 7.70
N TYR F 37 -10.40 19.91 6.72
CA TYR F 37 -11.50 20.85 6.91
C TYR F 37 -12.77 20.07 7.22
N PRO F 38 -13.51 20.43 8.25
CA PRO F 38 -14.77 19.73 8.53
C PRO F 38 -15.71 19.85 7.35
N PRO F 39 -16.52 18.83 7.06
CA PRO F 39 -17.42 18.93 5.91
C PRO F 39 -18.33 20.14 5.97
N SER F 40 -18.79 20.51 7.18
CA SER F 40 -19.64 21.68 7.31
C SER F 40 -18.92 22.96 6.90
N ALA F 41 -17.59 22.95 6.87
CA ALA F 41 -16.86 24.11 6.40
C ALA F 41 -17.05 24.31 4.90
N GLU F 42 -17.27 23.22 4.16
CA GLU F 42 -17.47 23.27 2.73
C GLU F 42 -18.92 23.43 2.32
N TYR F 43 -19.85 23.44 3.28
CA TYR F 43 -21.26 23.45 2.94
C TYR F 43 -21.60 24.72 2.17
N PRO F 44 -22.31 24.62 1.04
CA PRO F 44 -22.63 25.82 0.27
C PRO F 44 -23.59 26.74 1.01
N ASP F 45 -23.53 28.02 0.67
CA ASP F 45 -24.44 29.03 1.22
C ASP F 45 -25.64 29.13 0.30
N LEU F 46 -26.72 28.43 0.67
CA LEU F 46 -27.91 28.33 -0.16
C LEU F 46 -29.09 29.11 0.40
N ARG F 47 -28.81 30.19 1.13
CA ARG F 47 -29.87 30.95 1.78
C ARG F 47 -30.75 31.70 0.80
N LYS F 48 -30.36 31.80 -0.47
CA LYS F 48 -31.15 32.52 -1.47
C LYS F 48 -31.18 31.73 -2.78
N HIS F 49 -31.40 30.42 -2.68
CA HIS F 49 -31.41 29.53 -3.83
C HIS F 49 -32.80 28.95 -4.04
N ASN F 50 -33.14 28.69 -5.30
CA ASN F 50 -34.48 28.27 -5.68
C ASN F 50 -34.42 27.09 -6.66
N ASN F 51 -33.63 26.07 -6.33
CA ASN F 51 -33.58 24.85 -7.11
C ASN F 51 -33.76 23.65 -6.18
N CYS F 52 -34.21 22.54 -6.76
CA CYS F 52 -34.49 21.36 -5.96
C CYS F 52 -33.27 20.91 -5.16
N MET F 53 -32.07 21.10 -5.71
CA MET F 53 -30.87 20.75 -4.97
C MET F 53 -30.77 21.56 -3.68
N ALA F 54 -31.02 22.86 -3.77
CA ALA F 54 -30.94 23.72 -2.59
C ALA F 54 -31.99 23.31 -1.55
N SER F 55 -33.19 22.97 -2.00
CA SER F 55 -34.26 22.63 -1.07
C SER F 55 -34.05 21.25 -0.44
N HIS F 56 -33.37 20.34 -1.14
CA HIS F 56 -33.21 18.98 -0.66
C HIS F 56 -31.82 18.70 -0.09
N LEU F 57 -30.88 19.63 -0.24
CA LEU F 57 -29.55 19.45 0.35
C LEU F 57 -29.57 19.94 1.79
N THR F 58 -29.11 19.09 2.70
CA THR F 58 -29.08 19.38 4.12
C THR F 58 -27.69 19.09 4.66
N PRO F 59 -27.31 19.71 5.78
CA PRO F 59 -25.95 19.48 6.30
C PRO F 59 -25.64 18.02 6.53
N ALA F 60 -26.61 17.24 7.03
CA ALA F 60 -26.36 15.82 7.28
C ALA F 60 -26.04 15.09 5.98
N VAL F 61 -26.84 15.32 4.95
CA VAL F 61 -26.62 14.64 3.67
C VAL F 61 -25.28 15.05 3.08
N TYR F 62 -24.98 16.36 3.10
CA TYR F 62 -23.72 16.83 2.55
C TYR F 62 -22.55 16.19 3.28
N ALA F 63 -22.59 16.17 4.61
CA ALA F 63 -21.50 15.57 5.36
C ALA F 63 -21.37 14.08 5.06
N ARG F 64 -22.51 13.39 4.92
CA ARG F 64 -22.48 11.97 4.62
C ARG F 64 -21.83 11.70 3.27
N LEU F 65 -22.16 12.49 2.26
CA LEU F 65 -21.69 12.27 0.90
C LEU F 65 -20.44 13.06 0.56
N CYS F 66 -19.89 13.85 1.48
CA CYS F 66 -18.78 14.72 1.15
C CYS F 66 -17.52 13.96 0.77
N ASP F 67 -17.39 12.70 1.19
CA ASP F 67 -16.14 11.96 1.00
C ASP F 67 -16.24 10.86 -0.05
N LYS F 68 -17.43 10.56 -0.55
CA LYS F 68 -17.57 9.51 -1.54
C LYS F 68 -17.26 10.04 -2.93
N THR F 69 -17.11 9.10 -3.87
CA THR F 69 -16.80 9.47 -5.25
C THR F 69 -17.05 8.25 -6.14
N THR F 70 -17.45 8.53 -7.38
CA THR F 70 -17.61 7.48 -8.36
C THR F 70 -16.25 6.95 -8.78
N PRO F 71 -16.19 5.75 -9.36
CA PRO F 71 -14.88 5.19 -9.75
C PRO F 71 -14.09 6.10 -10.68
N THR F 72 -14.76 6.93 -11.46
CA THR F 72 -14.08 7.85 -12.38
C THR F 72 -13.69 9.16 -11.71
N GLY F 73 -14.00 9.35 -10.43
CA GLY F 73 -13.57 10.51 -9.69
C GLY F 73 -14.62 11.59 -9.52
N TRP F 74 -15.84 11.37 -9.99
CA TRP F 74 -16.91 12.35 -9.82
C TRP F 74 -17.27 12.48 -8.34
N THR F 75 -17.45 13.71 -7.88
CA THR F 75 -17.71 13.99 -6.48
C THR F 75 -18.99 14.81 -6.35
N LEU F 76 -19.48 14.90 -5.11
CA LEU F 76 -20.75 15.58 -4.87
C LEU F 76 -20.67 17.06 -5.22
N ASP F 77 -19.56 17.72 -4.87
CA ASP F 77 -19.41 19.13 -5.20
C ASP F 77 -19.51 19.35 -6.70
N GLN F 78 -18.91 18.45 -7.48
CA GLN F 78 -19.03 18.56 -8.93
C GLN F 78 -20.47 18.36 -9.38
N CYS F 79 -21.21 17.50 -8.69
CA CYS F 79 -22.62 17.31 -9.03
C CYS F 79 -23.41 18.60 -8.80
N ILE F 80 -23.19 19.26 -7.67
CA ILE F 80 -24.05 20.37 -7.26
C ILE F 80 -23.46 21.74 -7.62
N GLN F 81 -22.33 21.78 -8.32
CA GLN F 81 -21.74 23.06 -8.68
C GLN F 81 -22.67 23.89 -9.54
N THR F 82 -23.34 23.28 -10.52
CA THR F 82 -24.23 24.03 -11.40
C THR F 82 -25.35 24.67 -10.60
N GLY F 83 -25.94 23.94 -9.65
CA GLY F 83 -26.99 24.50 -8.83
C GLY F 83 -26.48 25.59 -7.90
N VAL F 84 -25.29 25.39 -7.33
CA VAL F 84 -24.74 26.39 -6.41
C VAL F 84 -24.46 27.69 -7.14
N ASP F 85 -23.85 27.60 -8.32
CA ASP F 85 -23.49 28.81 -9.06
C ASP F 85 -24.72 29.60 -9.46
N ASN F 86 -25.79 28.92 -9.88
N ASN F 86 -25.79 28.92 -9.88
CA ASN F 86 -27.00 29.59 -10.34
CA ASN F 86 -27.01 29.58 -10.33
C ASN F 86 -28.06 29.47 -9.25
C ASN F 86 -28.06 29.48 -9.24
N PRO F 87 -28.37 30.54 -8.51
N PRO F 87 -28.39 30.57 -8.52
CA PRO F 87 -29.41 30.42 -7.49
CA PRO F 87 -29.37 30.45 -7.44
C PRO F 87 -30.77 30.04 -8.05
C PRO F 87 -30.75 30.05 -7.91
N GLY F 88 -31.04 30.38 -9.31
N GLY F 88 -31.27 30.77 -8.90
CA GLY F 88 -32.29 30.03 -9.93
CA GLY F 88 -32.61 30.50 -9.40
C GLY F 88 -33.34 31.11 -9.79
C GLY F 88 -32.74 30.75 -10.89
N HIS F 89 -33.99 31.46 -10.89
N HIS F 89 -33.23 29.76 -11.62
CA HIS F 89 -35.03 32.48 -10.85
CA HIS F 89 -33.40 29.91 -13.06
C HIS F 89 -36.22 31.98 -10.04
C HIS F 89 -34.46 30.97 -13.36
N PRO F 90 -36.79 32.80 -9.14
N PRO F 90 -34.25 31.81 -14.37
CA PRO F 90 -37.98 32.34 -8.41
CA PRO F 90 -35.23 32.88 -14.64
C PRO F 90 -39.12 32.02 -9.34
C PRO F 90 -36.61 32.37 -14.99
N PHE F 91 -39.91 31.02 -8.96
N PHE F 91 -36.72 31.23 -15.68
CA PHE F 91 -41.07 30.51 -9.69
CA PHE F 91 -37.99 30.75 -16.21
C PHE F 91 -40.65 29.62 -10.86
C PHE F 91 -38.63 29.67 -15.34
N ILE F 92 -39.35 29.47 -11.14
N ILE F 92 -37.91 28.56 -15.13
CA ILE F 92 -38.85 28.60 -12.19
CA ILE F 92 -38.48 27.39 -14.48
C ILE F 92 -38.09 27.46 -11.53
C ILE F 92 -37.58 26.98 -13.33
N LYS F 93 -38.45 26.23 -11.87
N LYS F 93 -38.16 26.27 -12.37
CA LYS F 93 -37.89 25.04 -11.24
CA LYS F 93 -37.39 25.69 -11.28
C LYS F 93 -36.76 24.50 -12.12
C LYS F 93 -36.50 24.59 -11.83
N THR F 94 -35.57 24.39 -11.54
N THR F 94 -35.18 24.76 -11.67
CA THR F 94 -34.42 23.78 -12.18
CA THR F 94 -34.22 23.84 -12.25
C THR F 94 -33.81 22.77 -11.24
C THR F 94 -33.81 22.77 -11.25
N VAL F 95 -33.37 21.63 -11.78
CA VAL F 95 -32.87 20.56 -10.93
C VAL F 95 -31.62 21.03 -10.18
N GLY F 96 -30.71 21.70 -10.87
CA GLY F 96 -29.51 22.21 -10.25
C GLY F 96 -28.42 21.19 -10.03
N MET F 97 -28.55 19.98 -10.56
CA MET F 97 -27.53 18.96 -10.44
C MET F 97 -27.35 18.25 -11.77
N VAL F 98 -26.17 17.66 -11.95
CA VAL F 98 -25.86 16.84 -13.11
C VAL F 98 -25.08 15.62 -12.63
N ALA F 99 -25.02 14.61 -13.49
CA ALA F 99 -24.28 13.39 -13.22
C ALA F 99 -23.08 13.29 -14.15
N GLY F 100 -21.96 12.83 -13.60
CA GLY F 100 -20.76 12.67 -14.39
C GLY F 100 -20.56 11.30 -15.00
N ASP F 101 -21.37 10.32 -14.61
CA ASP F 101 -21.27 8.98 -15.15
C ASP F 101 -22.46 8.18 -14.64
N GLU F 102 -22.56 6.92 -15.08
CA GLU F 102 -23.68 6.08 -14.69
C GLU F 102 -23.67 5.82 -13.18
N GLU F 103 -22.51 5.57 -12.61
CA GLU F 103 -22.43 5.22 -11.20
C GLU F 103 -22.92 6.35 -10.29
N THR F 104 -22.93 7.59 -10.78
CA THR F 104 -23.31 8.72 -9.93
C THR F 104 -24.66 8.49 -9.28
N TYR F 105 -25.67 8.17 -10.09
CA TYR F 105 -27.02 8.01 -9.56
C TYR F 105 -27.09 6.93 -8.49
N GLU F 106 -26.14 6.00 -8.48
CA GLU F 106 -26.09 4.99 -7.43
C GLU F 106 -25.24 5.46 -6.25
N VAL F 107 -24.13 6.14 -6.52
CA VAL F 107 -23.24 6.55 -5.43
C VAL F 107 -23.89 7.65 -4.60
N PHE F 108 -24.48 8.64 -5.26
CA PHE F 108 -25.12 9.77 -4.59
C PHE F 108 -26.64 9.66 -4.61
N ALA F 109 -27.17 8.44 -4.52
CA ALA F 109 -28.62 8.26 -4.55
C ALA F 109 -29.30 8.96 -3.39
N ASP F 110 -28.62 9.09 -2.25
CA ASP F 110 -29.23 9.71 -1.09
C ASP F 110 -29.68 11.13 -1.37
N LEU F 111 -29.02 11.82 -2.30
CA LEU F 111 -29.40 13.17 -2.68
C LEU F 111 -30.21 13.23 -3.97
N PHE F 112 -29.96 12.32 -4.91
CA PHE F 112 -30.66 12.38 -6.19
C PHE F 112 -32.08 11.86 -6.06
N ASP F 113 -32.29 10.83 -5.24
CA ASP F 113 -33.61 10.21 -5.15
C ASP F 113 -34.70 11.19 -4.74
N PRO F 114 -34.54 11.99 -3.68
CA PRO F 114 -35.57 13.01 -3.41
C PRO F 114 -35.75 13.99 -4.56
N VAL F 115 -34.67 14.36 -5.24
CA VAL F 115 -34.77 15.31 -6.34
C VAL F 115 -35.53 14.68 -7.50
N ILE F 116 -35.20 13.43 -7.84
CA ILE F 116 -35.90 12.74 -8.92
C ILE F 116 -37.38 12.61 -8.56
N GLN F 117 -37.68 12.25 -7.31
CA GLN F 117 -39.07 12.10 -6.90
C GLN F 117 -39.83 13.42 -7.01
N GLU F 118 -39.21 14.53 -6.56
CA GLU F 118 -39.88 15.82 -6.65
C GLU F 118 -40.09 16.22 -8.10
N ARG F 119 -39.10 16.00 -8.97
CA ARG F 119 -39.21 16.42 -10.36
C ARG F 119 -40.32 15.66 -11.08
N HIS F 120 -40.31 14.34 -10.98
CA HIS F 120 -41.23 13.50 -11.74
C HIS F 120 -42.46 13.14 -10.91
N ASN F 121 -43.14 14.19 -10.46
CA ASN F 121 -44.46 14.12 -9.83
C ASN F 121 -44.63 12.86 -8.98
N GLY F 122 -43.64 12.61 -8.13
CA GLY F 122 -43.77 11.60 -7.09
C GLY F 122 -43.22 10.23 -7.43
N TYR F 123 -42.69 10.02 -8.63
CA TYR F 123 -42.09 8.74 -8.96
C TYR F 123 -40.97 8.44 -7.97
N ASP F 124 -41.00 7.23 -7.40
CA ASP F 124 -40.02 6.85 -6.38
C ASP F 124 -38.98 5.92 -6.99
N PRO F 125 -37.75 6.37 -7.22
CA PRO F 125 -36.75 5.45 -7.81
C PRO F 125 -36.46 4.25 -6.93
N ARG F 126 -36.55 4.40 -5.60
CA ARG F 126 -36.17 3.31 -4.71
C ARG F 126 -37.14 2.14 -4.80
N THR F 127 -38.43 2.41 -5.02
CA THR F 127 -39.46 1.38 -5.00
C THR F 127 -40.01 1.06 -6.37
N MET F 128 -40.37 2.06 -7.16
CA MET F 128 -41.04 1.82 -8.43
C MET F 128 -40.02 1.44 -9.51
N LYS F 129 -40.55 0.98 -10.64
CA LYS F 129 -39.74 0.55 -11.77
C LYS F 129 -40.24 1.22 -13.04
N HIS F 130 -39.35 1.36 -14.01
CA HIS F 130 -39.63 2.03 -15.27
C HIS F 130 -39.74 1.00 -16.39
N THR F 131 -40.73 1.18 -17.26
CA THR F 131 -40.94 0.32 -18.41
C THR F 131 -40.82 1.14 -19.69
N THR F 132 -40.03 0.65 -20.63
CA THR F 132 -39.80 1.32 -21.90
C THR F 132 -40.56 0.59 -23.00
N ASP F 133 -41.31 1.35 -23.80
CA ASP F 133 -42.09 0.79 -24.89
C ASP F 133 -42.12 1.80 -26.03
N LEU F 134 -41.54 1.42 -27.17
CA LEU F 134 -41.44 2.32 -28.32
C LEU F 134 -42.28 1.85 -29.51
N ASP F 135 -43.17 0.89 -29.31
CA ASP F 135 -43.95 0.36 -30.42
C ASP F 135 -44.87 1.43 -31.00
N ALA F 136 -44.54 1.92 -32.19
CA ALA F 136 -45.35 2.93 -32.85
C ALA F 136 -46.68 2.38 -33.36
N SER F 137 -46.87 1.06 -33.34
CA SER F 137 -48.16 0.51 -33.76
C SER F 137 -49.26 0.82 -32.76
N LYS F 138 -48.94 0.87 -31.47
CA LYS F 138 -49.96 1.06 -30.45
C LYS F 138 -50.66 2.41 -30.61
N ILE F 139 -49.89 3.46 -30.90
CA ILE F 139 -50.48 4.80 -31.00
C ILE F 139 -51.56 4.80 -32.08
N ARG F 140 -52.63 5.54 -31.82
CA ARG F 140 -53.74 5.71 -32.75
C ARG F 140 -53.84 7.19 -33.13
N SER F 141 -54.93 7.52 -33.85
CA SER F 141 -55.15 8.89 -34.31
C SER F 141 -54.02 9.32 -35.23
N GLY F 142 -53.12 10.17 -34.74
CA GLY F 142 -51.97 10.58 -35.54
C GLY F 142 -52.23 11.82 -36.37
N TYR F 143 -53.16 11.74 -37.31
CA TYR F 143 -53.44 12.87 -38.18
C TYR F 143 -53.95 14.05 -37.38
N PHE F 144 -53.41 15.23 -37.65
CA PHE F 144 -53.75 16.47 -36.97
C PHE F 144 -54.42 17.42 -37.96
N ASP F 145 -54.82 18.59 -37.45
CA ASP F 145 -55.40 19.66 -38.25
C ASP F 145 -54.42 20.83 -38.28
N GLU F 146 -54.12 21.30 -39.49
CA GLU F 146 -53.14 22.37 -39.68
C GLU F 146 -53.78 23.71 -39.34
N ARG F 147 -53.97 23.92 -38.03
CA ARG F 147 -54.49 25.18 -37.51
C ARG F 147 -53.42 25.95 -36.74
N TYR F 148 -52.82 25.32 -35.73
CA TYR F 148 -51.71 25.91 -34.99
C TYR F 148 -50.56 24.93 -34.80
N VAL F 149 -50.70 23.68 -35.23
CA VAL F 149 -49.63 22.70 -35.03
C VAL F 149 -48.38 23.10 -35.79
N LEU F 150 -48.55 23.50 -37.06
CA LEU F 150 -47.43 23.89 -37.91
C LEU F 150 -46.50 22.70 -38.13
N SER F 151 -45.77 22.30 -37.09
CA SER F 151 -44.81 21.21 -37.20
C SER F 151 -44.81 20.40 -35.91
N SER F 152 -44.34 19.16 -36.02
CA SER F 152 -44.27 18.23 -34.91
C SER F 152 -42.85 17.70 -34.78
N ARG F 153 -42.48 17.36 -33.54
CA ARG F 153 -41.12 16.92 -33.23
C ARG F 153 -41.16 15.94 -32.07
N VAL F 154 -40.20 15.02 -32.07
CA VAL F 154 -39.99 14.08 -30.98
C VAL F 154 -38.49 13.99 -30.72
N ARG F 155 -38.12 13.91 -29.45
CA ARG F 155 -36.70 13.96 -29.07
C ARG F 155 -36.44 13.02 -27.92
N THR F 156 -35.29 12.36 -27.95
CA THR F 156 -34.79 11.60 -26.81
C THR F 156 -33.28 11.74 -26.75
N GLY F 157 -32.71 11.18 -25.68
CA GLY F 157 -31.26 11.21 -25.51
C GLY F 157 -30.77 9.84 -25.09
N ARG F 158 -29.53 9.55 -25.47
CA ARG F 158 -28.90 8.27 -25.16
C ARG F 158 -27.44 8.50 -24.81
N SER F 159 -26.95 7.67 -23.89
CA SER F 159 -25.58 7.72 -23.41
C SER F 159 -24.93 6.36 -23.62
N ILE F 160 -23.70 6.37 -24.12
CA ILE F 160 -22.96 5.13 -24.38
C ILE F 160 -22.35 4.66 -23.06
N ARG F 161 -22.61 3.41 -22.70
CA ARG F 161 -22.09 2.86 -21.47
C ARG F 161 -20.57 2.75 -21.52
N GLY F 162 -19.93 2.96 -20.38
CA GLY F 162 -18.50 2.90 -20.26
C GLY F 162 -17.77 4.20 -20.50
N LEU F 163 -18.49 5.25 -20.91
CA LEU F 163 -17.88 6.54 -21.20
C LEU F 163 -18.50 7.60 -20.30
N SER F 164 -17.65 8.50 -19.80
CA SER F 164 -18.11 9.54 -18.89
C SER F 164 -19.08 10.47 -19.59
N LEU F 165 -20.00 11.03 -18.82
CA LEU F 165 -21.01 11.93 -19.36
C LEU F 165 -20.41 13.30 -19.65
N PRO F 166 -21.10 14.13 -20.43
CA PRO F 166 -20.50 15.38 -20.91
C PRO F 166 -19.92 16.23 -19.79
N PRO F 167 -20.58 16.29 -18.62
CA PRO F 167 -20.00 17.10 -17.54
C PRO F 167 -18.61 16.66 -17.11
N ALA F 168 -18.31 15.36 -17.21
CA ALA F 168 -17.05 14.82 -16.73
C ALA F 168 -16.16 14.24 -17.83
N CYS F 169 -16.66 14.07 -19.04
CA CYS F 169 -15.90 13.40 -20.08
C CYS F 169 -14.65 14.19 -20.44
N THR F 170 -13.54 13.49 -20.64
CA THR F 170 -12.32 14.10 -21.13
C THR F 170 -12.39 14.24 -22.65
N ARG F 171 -11.33 14.81 -23.23
CA ARG F 171 -11.27 14.94 -24.68
C ARG F 171 -11.29 13.58 -25.35
N ALA F 172 -10.52 12.62 -24.83
CA ALA F 172 -10.46 11.30 -25.43
C ALA F 172 -11.82 10.61 -25.38
N GLU F 173 -12.52 10.71 -24.25
CA GLU F 173 -13.82 10.08 -24.13
C GLU F 173 -14.84 10.71 -25.08
N ARG F 174 -14.81 12.03 -25.22
CA ARG F 174 -15.71 12.69 -26.15
C ARG F 174 -15.42 12.26 -27.59
N ARG F 175 -14.14 12.18 -27.95
CA ARG F 175 -13.79 11.71 -29.28
C ARG F 175 -14.23 10.27 -29.50
N GLU F 176 -14.10 9.44 -28.46
CA GLU F 176 -14.56 8.05 -28.58
C GLU F 176 -16.06 7.97 -28.79
N VAL F 177 -16.82 8.79 -28.06
CA VAL F 177 -18.27 8.82 -28.27
C VAL F 177 -18.59 9.21 -29.70
N GLU F 178 -17.92 10.25 -30.20
CA GLU F 178 -18.16 10.69 -31.57
C GLU F 178 -17.85 9.58 -32.56
N ARG F 179 -16.72 8.90 -32.36
N ARG F 179 -16.72 8.90 -32.36
CA ARG F 179 -16.32 7.82 -33.26
CA ARG F 179 -16.33 7.82 -33.27
C ARG F 179 -17.36 6.70 -33.26
C ARG F 179 -17.36 6.71 -33.27
N VAL F 180 -17.79 6.28 -32.09
CA VAL F 180 -18.75 5.18 -31.99
C VAL F 180 -20.04 5.57 -32.71
N VAL F 181 -20.56 6.77 -32.42
CA VAL F 181 -21.84 7.16 -32.99
C VAL F 181 -21.72 7.30 -34.50
N VAL F 182 -20.63 7.91 -34.99
CA VAL F 182 -20.50 8.12 -36.43
C VAL F 182 -20.35 6.80 -37.16
N ASP F 183 -19.52 5.89 -36.62
CA ASP F 183 -19.35 4.59 -37.27
C ASP F 183 -20.67 3.84 -37.30
N ALA F 184 -21.43 3.88 -36.20
CA ALA F 184 -22.72 3.21 -36.20
C ALA F 184 -23.65 3.81 -37.24
N LEU F 185 -23.81 5.14 -37.23
CA LEU F 185 -24.73 5.78 -38.15
C LEU F 185 -24.32 5.59 -39.60
N SER F 186 -23.03 5.34 -39.87
CA SER F 186 -22.62 5.06 -41.23
C SER F 186 -23.34 3.84 -41.80
N GLY F 187 -23.77 2.93 -40.94
CA GLY F 187 -24.45 1.73 -41.38
C GLY F 187 -25.94 1.91 -41.67
N LEU F 188 -26.51 3.06 -41.35
CA LEU F 188 -27.91 3.30 -41.65
C LEU F 188 -28.12 3.28 -43.17
N LYS F 189 -29.20 2.64 -43.59
CA LYS F 189 -29.57 2.53 -45.00
C LYS F 189 -31.02 2.97 -45.18
N GLY F 190 -31.49 2.89 -46.42
CA GLY F 190 -32.87 3.25 -46.69
C GLY F 190 -33.11 4.74 -46.54
N ASP F 191 -34.35 5.07 -46.17
CA ASP F 191 -34.72 6.49 -46.03
C ASP F 191 -33.88 7.17 -44.97
N LEU F 192 -33.54 6.45 -43.90
CA LEU F 192 -32.74 7.03 -42.83
C LEU F 192 -31.26 7.02 -43.18
N ALA F 193 -30.91 7.52 -44.35
CA ALA F 193 -29.53 7.60 -44.81
C ALA F 193 -29.14 9.06 -44.95
N GLY F 194 -28.05 9.45 -44.31
CA GLY F 194 -27.68 10.84 -44.28
C GLY F 194 -26.19 11.04 -44.11
N ARG F 195 -25.83 12.24 -43.66
CA ARG F 195 -24.44 12.62 -43.51
C ARG F 195 -24.19 13.21 -42.13
N TYR F 196 -22.95 13.08 -41.67
CA TYR F 196 -22.48 13.65 -40.43
C TYR F 196 -21.65 14.89 -40.72
N TYR F 197 -22.00 16.00 -40.10
CA TYR F 197 -21.31 17.27 -40.25
C TYR F 197 -20.65 17.64 -38.94
N ARG F 198 -19.36 17.90 -38.98
CA ARG F 198 -18.59 18.29 -37.80
C ARG F 198 -18.68 19.80 -37.61
N LEU F 199 -18.93 20.23 -36.37
CA LEU F 199 -19.03 21.66 -36.12
C LEU F 199 -17.72 22.37 -36.44
N SER F 200 -16.58 21.76 -36.08
CA SER F 200 -15.30 22.38 -36.35
C SER F 200 -15.09 22.62 -37.84
N GLU F 201 -15.72 21.81 -38.69
CA GLU F 201 -15.57 21.92 -40.14
C GLU F 201 -16.73 22.65 -40.80
N MET F 202 -17.63 23.25 -40.03
CA MET F 202 -18.82 23.90 -40.55
C MET F 202 -18.65 25.41 -40.46
N THR F 203 -19.01 26.11 -41.54
CA THR F 203 -18.89 27.56 -41.57
C THR F 203 -19.86 28.20 -40.60
N GLU F 204 -19.50 29.40 -40.14
CA GLU F 204 -20.35 30.12 -39.19
C GLU F 204 -21.71 30.42 -39.81
N ALA F 205 -21.73 30.84 -41.09
CA ALA F 205 -22.99 31.14 -41.74
C ALA F 205 -23.86 29.89 -41.85
N GLU F 206 -23.26 28.75 -42.20
CA GLU F 206 -24.02 27.50 -42.29
C GLU F 206 -24.58 27.11 -40.93
N GLN F 207 -23.78 27.25 -39.88
CA GLN F 207 -24.24 26.92 -38.53
C GLN F 207 -25.39 27.82 -38.13
N GLN F 208 -25.29 29.12 -38.41
CA GLN F 208 -26.36 30.05 -38.07
C GLN F 208 -27.63 29.70 -38.83
N GLN F 209 -27.51 29.38 -40.12
CA GLN F 209 -28.68 29.01 -40.90
C GLN F 209 -29.32 27.75 -40.35
N LEU F 210 -28.52 26.75 -39.99
CA LEU F 210 -29.07 25.52 -39.43
C LEU F 210 -29.77 25.80 -38.11
N ILE F 211 -29.17 26.64 -37.26
CA ILE F 211 -29.78 26.94 -35.96
C ILE F 211 -31.11 27.65 -36.17
N ASP F 212 -31.14 28.67 -37.03
CA ASP F 212 -32.37 29.41 -37.26
C ASP F 212 -33.47 28.51 -37.83
N ASP F 213 -33.09 27.45 -38.54
CA ASP F 213 -34.05 26.52 -39.11
C ASP F 213 -34.46 25.43 -38.13
N HIS F 214 -33.95 25.45 -36.90
CA HIS F 214 -34.28 24.48 -35.86
C HIS F 214 -33.64 23.13 -36.11
N PHE F 215 -32.61 23.06 -36.96
CA PHE F 215 -31.91 21.82 -37.26
C PHE F 215 -30.47 21.84 -36.77
N LEU F 216 -30.20 22.53 -35.67
CA LEU F 216 -28.84 22.59 -35.13
C LEU F 216 -28.90 23.18 -33.73
N PHE F 217 -27.80 23.03 -33.00
CA PHE F 217 -27.66 23.56 -31.66
C PHE F 217 -26.57 24.61 -31.63
N ASP F 218 -26.75 25.61 -30.78
CA ASP F 218 -25.81 26.71 -30.65
C ASP F 218 -24.82 26.44 -29.52
N LYS F 219 -23.76 27.23 -29.48
CA LYS F 219 -22.78 27.10 -28.42
C LYS F 219 -23.45 27.38 -27.08
N PRO F 220 -23.26 26.51 -26.07
CA PRO F 220 -23.91 26.77 -24.78
C PRO F 220 -23.48 28.10 -24.19
N VAL F 221 -24.46 28.99 -24.01
CA VAL F 221 -24.21 30.32 -23.46
C VAL F 221 -24.92 30.45 -22.13
N SER F 222 -26.02 29.73 -21.97
CA SER F 222 -26.76 29.80 -20.72
C SER F 222 -25.88 29.31 -19.57
N PRO F 223 -25.90 29.97 -18.42
CA PRO F 223 -24.97 29.59 -17.34
C PRO F 223 -25.16 28.17 -16.84
N LEU F 224 -26.34 27.57 -17.04
CA LEU F 224 -26.59 26.24 -16.51
C LEU F 224 -25.61 25.22 -17.08
N LEU F 225 -25.40 25.25 -18.39
CA LEU F 225 -24.50 24.28 -19.01
C LEU F 225 -23.04 24.63 -18.74
N THR F 226 -22.68 25.92 -18.83
CA THR F 226 -21.28 26.30 -18.63
C THR F 226 -20.83 25.98 -17.21
N ALA F 227 -21.66 26.29 -16.21
CA ALA F 227 -21.31 25.99 -14.83
C ALA F 227 -21.18 24.48 -14.62
N ALA F 228 -21.96 23.70 -15.35
CA ALA F 228 -21.88 22.24 -15.27
C ALA F 228 -20.62 21.70 -15.93
N GLY F 229 -19.87 22.53 -16.65
CA GLY F 229 -18.69 22.05 -17.34
C GLY F 229 -18.97 21.28 -18.60
N MET F 230 -20.06 21.61 -19.30
CA MET F 230 -20.44 20.92 -20.51
C MET F 230 -20.11 21.70 -21.78
N ALA F 231 -19.41 22.83 -21.65
CA ALA F 231 -18.97 23.61 -22.79
C ALA F 231 -17.47 23.53 -23.00
N ARG F 232 -16.80 22.61 -22.31
CA ARG F 232 -15.35 22.50 -22.43
C ARG F 232 -14.95 22.06 -23.83
N ASP F 233 -13.85 22.62 -24.33
CA ASP F 233 -13.24 22.22 -25.59
C ASP F 233 -14.16 22.46 -26.79
N TRP F 234 -15.14 23.33 -26.65
CA TRP F 234 -16.05 23.58 -27.76
C TRP F 234 -15.27 24.16 -28.94
N PRO F 235 -15.56 23.75 -30.19
CA PRO F 235 -16.54 22.75 -30.64
C PRO F 235 -15.91 21.39 -30.90
N ASP F 236 -14.86 21.02 -30.19
CA ASP F 236 -14.15 19.79 -30.48
C ASP F 236 -15.06 18.59 -30.21
N ALA F 237 -15.28 17.77 -31.24
CA ALA F 237 -15.99 16.51 -31.15
C ALA F 237 -17.49 16.67 -30.98
N ARG F 238 -18.05 17.82 -31.36
CA ARG F 238 -19.49 18.01 -31.41
C ARG F 238 -19.94 18.05 -32.87
N GLY F 239 -21.03 17.36 -33.17
CA GLY F 239 -21.46 17.27 -34.55
C GLY F 239 -22.95 17.05 -34.68
N ILE F 240 -23.40 16.96 -35.94
CA ILE F 240 -24.81 16.72 -36.24
C ILE F 240 -24.89 15.78 -37.42
N TRP F 241 -25.55 14.63 -37.23
CA TRP F 241 -25.80 13.69 -38.32
C TRP F 241 -27.27 13.81 -38.69
N HIS F 242 -27.55 14.15 -39.95
CA HIS F 242 -28.93 14.32 -40.38
C HIS F 242 -29.17 13.58 -41.69
N ASN F 243 -30.39 13.08 -41.84
CA ASN F 243 -30.79 12.38 -43.05
C ASN F 243 -30.97 13.36 -44.20
N ASN F 244 -31.07 12.81 -45.41
CA ASN F 244 -31.16 13.66 -46.59
C ASN F 244 -32.40 14.55 -46.54
N GLU F 245 -33.54 13.99 -46.13
CA GLU F 245 -34.75 14.78 -45.98
C GLU F 245 -34.70 15.72 -44.79
N LYS F 246 -33.68 15.60 -43.93
CA LYS F 246 -33.57 16.43 -42.73
C LYS F 246 -34.74 16.23 -41.78
N SER F 247 -35.39 15.07 -41.88
CA SER F 247 -36.46 14.69 -40.98
C SER F 247 -35.99 13.79 -39.84
N PHE F 248 -34.71 13.47 -39.80
CA PHE F 248 -34.15 12.63 -38.74
C PHE F 248 -32.74 13.14 -38.44
N LEU F 249 -32.55 13.67 -37.23
CA LEU F 249 -31.30 14.30 -36.83
C LEU F 249 -30.77 13.65 -35.56
N ILE F 250 -29.47 13.79 -35.36
CA ILE F 250 -28.80 13.26 -34.17
C ILE F 250 -27.69 14.25 -33.82
N TRP F 251 -27.84 14.92 -32.68
CA TRP F 251 -26.80 15.80 -32.17
C TRP F 251 -25.81 14.97 -31.35
N VAL F 252 -24.52 15.13 -31.64
CA VAL F 252 -23.46 14.39 -30.98
C VAL F 252 -22.69 15.35 -30.09
N ASN F 253 -22.75 15.09 -28.79
CA ASN F 253 -21.96 15.81 -27.78
C ASN F 253 -22.33 17.29 -27.72
N GLU F 254 -23.61 17.56 -27.44
CA GLU F 254 -24.04 18.92 -27.12
C GLU F 254 -24.56 19.02 -25.69
N GLU F 255 -25.57 18.24 -25.32
CA GLU F 255 -26.06 18.13 -23.96
C GLU F 255 -25.95 16.73 -23.41
N ASP F 256 -25.94 15.72 -24.28
CA ASP F 256 -25.73 14.33 -23.91
C ASP F 256 -24.86 13.70 -24.98
N HIS F 257 -24.54 12.42 -24.79
CA HIS F 257 -23.73 11.72 -25.79
C HIS F 257 -24.43 11.74 -27.15
N THR F 258 -25.73 11.45 -27.17
CA THR F 258 -26.51 11.52 -28.39
C THR F 258 -27.88 12.06 -28.10
N ARG F 259 -28.36 12.93 -28.98
CA ARG F 259 -29.73 13.46 -28.93
C ARG F 259 -30.41 13.12 -30.25
N VAL F 260 -31.37 12.22 -30.21
CA VAL F 260 -32.06 11.74 -31.41
C VAL F 260 -33.36 12.52 -31.57
N ILE F 261 -33.56 13.10 -32.74
CA ILE F 261 -34.71 13.96 -33.02
C ILE F 261 -35.38 13.48 -34.31
N SER F 262 -36.69 13.34 -34.27
CA SER F 262 -37.49 13.06 -35.46
C SER F 262 -38.43 14.25 -35.66
N MET F 263 -38.39 14.84 -36.86
CA MET F 263 -39.04 16.10 -37.14
C MET F 263 -39.97 15.97 -38.33
N GLU F 264 -40.96 16.87 -38.39
CA GLU F 264 -41.83 16.95 -39.56
C GLU F 264 -42.50 18.31 -39.59
N LYS F 265 -42.45 18.97 -40.74
CA LYS F 265 -43.11 20.26 -40.93
C LYS F 265 -44.59 20.04 -41.28
N GLY F 266 -45.30 19.39 -40.36
CA GLY F 266 -46.70 19.09 -40.56
C GLY F 266 -47.42 18.77 -39.27
N GLY F 267 -48.30 17.76 -39.30
CA GLY F 267 -49.03 17.37 -38.12
C GLY F 267 -49.26 15.87 -38.02
N ASN F 268 -48.60 15.11 -38.90
CA ASN F 268 -48.74 13.65 -38.91
C ASN F 268 -47.84 13.05 -37.82
N MET F 269 -48.25 13.26 -36.57
CA MET F 269 -47.46 12.79 -35.44
C MET F 269 -47.23 11.29 -35.50
N LYS F 270 -48.18 10.53 -36.06
CA LYS F 270 -48.01 9.09 -36.18
C LYS F 270 -46.78 8.77 -37.03
N ARG F 271 -46.65 9.43 -38.18
CA ARG F 271 -45.51 9.18 -39.05
C ARG F 271 -44.21 9.58 -38.37
N VAL F 272 -44.20 10.73 -37.69
CA VAL F 272 -43.00 11.19 -37.02
C VAL F 272 -42.57 10.18 -35.96
N PHE F 273 -43.52 9.70 -35.17
CA PHE F 273 -43.18 8.75 -34.11
C PHE F 273 -42.75 7.41 -34.69
N GLU F 274 -43.36 6.99 -35.80
CA GLU F 274 -42.94 5.73 -36.43
C GLU F 274 -41.51 5.83 -36.92
N ARG F 275 -41.17 6.93 -37.60
CA ARG F 275 -39.80 7.15 -38.03
C ARG F 275 -38.86 7.18 -36.84
N PHE F 276 -39.26 7.88 -35.78
CA PHE F 276 -38.44 7.94 -34.57
C PHE F 276 -38.17 6.55 -34.03
N CYS F 277 -39.21 5.74 -33.89
CA CYS F 277 -39.05 4.41 -33.31
C CYS F 277 -38.13 3.55 -34.16
N ARG F 278 -38.39 3.50 -35.48
CA ARG F 278 -37.58 2.61 -36.32
C ARG F 278 -36.13 3.09 -36.39
N GLY F 279 -35.91 4.40 -36.48
CA GLY F 279 -34.55 4.91 -36.48
C GLY F 279 -33.82 4.61 -35.18
N LEU F 280 -34.49 4.78 -34.05
CA LEU F 280 -33.87 4.48 -32.77
C LEU F 280 -33.54 2.99 -32.66
N LYS F 281 -34.44 2.13 -33.13
CA LYS F 281 -34.16 0.70 -33.09
C LYS F 281 -32.95 0.36 -33.95
N GLU F 282 -32.88 0.92 -35.16
CA GLU F 282 -31.73 0.66 -36.02
C GLU F 282 -30.43 1.16 -35.39
N VAL F 283 -30.47 2.36 -34.80
CA VAL F 283 -29.27 2.92 -34.19
C VAL F 283 -28.81 2.05 -33.04
N GLU F 284 -29.75 1.60 -32.20
CA GLU F 284 -29.39 0.73 -31.09
C GLU F 284 -28.81 -0.58 -31.59
N ARG F 285 -29.40 -1.15 -32.64
CA ARG F 285 -28.87 -2.40 -33.18
C ARG F 285 -27.44 -2.22 -33.66
N LEU F 286 -27.18 -1.13 -34.39
CA LEU F 286 -25.83 -0.90 -34.90
C LEU F 286 -24.85 -0.63 -33.77
N ILE F 287 -25.27 0.09 -32.73
CA ILE F 287 -24.40 0.31 -31.58
C ILE F 287 -24.04 -1.03 -30.93
N GLN F 288 -25.03 -1.88 -30.73
CA GLN F 288 -24.77 -3.18 -30.10
C GLN F 288 -23.89 -4.06 -30.99
N GLU F 289 -24.02 -3.93 -32.32
CA GLU F 289 -23.25 -4.78 -33.21
C GLU F 289 -21.75 -4.63 -32.99
N ARG F 290 -21.29 -3.43 -32.64
CA ARG F 290 -19.88 -3.18 -32.41
C ARG F 290 -19.45 -3.44 -30.98
N GLY F 291 -20.37 -3.76 -30.08
CA GLY F 291 -20.04 -4.06 -28.71
C GLY F 291 -20.31 -2.96 -27.71
N TRP F 292 -21.07 -1.93 -28.09
CA TRP F 292 -21.41 -0.83 -27.19
C TRP F 292 -22.87 -0.94 -26.78
N GLU F 293 -23.18 -0.44 -25.59
CA GLU F 293 -24.53 -0.44 -25.06
C GLU F 293 -24.90 0.95 -24.58
N PHE F 294 -26.21 1.21 -24.56
CA PHE F 294 -26.73 2.43 -23.95
C PHE F 294 -26.84 2.25 -22.46
N MET F 295 -26.50 3.28 -21.70
CA MET F 295 -26.70 3.23 -20.26
C MET F 295 -28.19 3.05 -19.96
N TRP F 296 -28.49 2.07 -19.11
CA TRP F 296 -29.88 1.77 -18.79
C TRP F 296 -30.00 0.85 -17.59
N ASN F 297 -30.88 1.19 -16.65
CA ASN F 297 -31.18 0.32 -15.53
C ASN F 297 -32.66 0.40 -15.23
N GLU F 298 -33.18 -0.63 -14.56
CA GLU F 298 -34.62 -0.76 -14.39
C GLU F 298 -35.21 0.40 -13.60
N ARG F 299 -34.53 0.81 -12.52
CA ARG F 299 -35.08 1.83 -11.65
C ARG F 299 -35.27 3.16 -12.37
N LEU F 300 -34.27 3.58 -13.15
CA LEU F 300 -34.24 4.91 -13.72
C LEU F 300 -34.48 4.93 -15.23
N GLY F 301 -34.40 3.79 -15.91
CA GLY F 301 -34.50 3.78 -17.35
C GLY F 301 -33.21 4.22 -17.99
N TYR F 302 -33.29 5.04 -19.04
CA TYR F 302 -32.09 5.51 -19.72
C TYR F 302 -31.43 6.62 -18.91
N ILE F 303 -30.13 6.47 -18.69
CA ILE F 303 -29.37 7.38 -17.83
C ILE F 303 -28.90 8.56 -18.66
N LEU F 304 -29.11 9.77 -18.14
CA LEU F 304 -28.71 11.00 -18.81
C LEU F 304 -28.13 11.95 -17.77
N THR F 305 -27.68 13.12 -18.22
CA THR F 305 -27.00 14.05 -17.34
C THR F 305 -27.97 14.74 -16.39
N CYS F 306 -28.92 15.50 -16.95
CA CYS F 306 -29.88 16.20 -16.11
C CYS F 306 -30.89 15.21 -15.54
N PRO F 307 -31.07 15.16 -14.21
CA PRO F 307 -32.07 14.23 -13.67
C PRO F 307 -33.47 14.47 -14.19
N SER F 308 -33.76 15.66 -14.71
CA SER F 308 -35.08 15.92 -15.29
C SER F 308 -35.33 15.08 -16.54
N ASN F 309 -34.28 14.61 -17.20
CA ASN F 309 -34.42 13.86 -18.45
C ASN F 309 -34.39 12.35 -18.25
N LEU F 310 -34.31 11.88 -17.01
CA LEU F 310 -34.22 10.45 -16.76
C LEU F 310 -35.45 9.73 -17.30
N GLY F 311 -35.38 8.40 -17.29
CA GLY F 311 -36.49 7.58 -17.75
C GLY F 311 -36.43 7.32 -19.24
N THR F 312 -37.24 8.07 -20.00
CA THR F 312 -37.27 7.95 -21.45
C THR F 312 -36.60 9.11 -22.16
N GLY F 313 -36.49 10.28 -21.53
CA GLY F 313 -35.96 11.45 -22.19
C GLY F 313 -36.83 11.97 -23.31
N LEU F 314 -38.05 11.47 -23.44
CA LEU F 314 -38.90 11.83 -24.56
C LEU F 314 -39.55 13.18 -24.33
N ARG F 315 -39.54 14.02 -25.37
CA ARG F 315 -40.13 15.36 -25.34
C ARG F 315 -40.96 15.60 -26.59
N ALA F 316 -41.85 14.68 -26.92
CA ALA F 316 -42.75 14.88 -28.05
C ALA F 316 -43.50 16.20 -27.88
N GLY F 317 -43.50 17.01 -28.93
CA GLY F 317 -44.08 18.33 -28.83
C GLY F 317 -44.44 18.90 -30.18
N VAL F 318 -44.94 20.14 -30.15
CA VAL F 318 -45.42 20.82 -31.35
C VAL F 318 -45.31 22.33 -31.15
N HIS F 319 -45.08 23.04 -32.25
CA HIS F 319 -45.21 24.48 -32.26
C HIS F 319 -46.68 24.88 -32.22
N ILE F 320 -46.98 25.96 -31.49
CA ILE F 320 -48.34 26.42 -31.31
C ILE F 320 -48.36 27.94 -31.43
N LYS F 321 -49.42 28.47 -32.03
CA LYS F 321 -49.53 29.88 -32.35
C LYS F 321 -50.31 30.63 -31.26
N LEU F 322 -50.44 31.94 -31.46
CA LEU F 322 -51.10 32.84 -30.51
C LEU F 322 -52.62 32.87 -30.61
N PRO F 323 -53.20 32.92 -31.83
CA PRO F 323 -54.55 33.51 -31.97
C PRO F 323 -55.59 33.00 -30.98
N LEU F 324 -55.86 31.69 -30.99
CA LEU F 324 -56.88 31.14 -30.10
C LEU F 324 -56.33 30.79 -28.73
N LEU F 325 -55.08 30.36 -28.65
CA LEU F 325 -54.50 29.94 -27.38
C LEU F 325 -54.10 31.14 -26.52
N SER F 326 -53.58 32.20 -27.15
CA SER F 326 -53.14 33.35 -26.38
C SER F 326 -54.29 33.98 -25.61
N LYS F 327 -55.46 34.11 -26.26
CA LYS F 327 -56.64 34.68 -25.64
C LYS F 327 -57.49 33.63 -24.93
N ASP F 328 -56.89 32.51 -24.53
CA ASP F 328 -57.64 31.47 -23.86
C ASP F 328 -58.10 31.93 -22.47
N SER F 329 -59.17 31.31 -21.98
CA SER F 329 -59.74 31.71 -20.71
C SER F 329 -58.84 31.31 -19.55
N ARG F 330 -58.59 30.02 -19.39
CA ARG F 330 -57.80 29.47 -18.28
C ARG F 330 -56.76 28.50 -18.81
N PHE F 331 -56.02 28.94 -19.84
CA PHE F 331 -55.07 28.06 -20.53
C PHE F 331 -54.11 27.35 -19.59
N PRO F 332 -53.45 28.03 -18.65
CA PRO F 332 -52.52 27.29 -17.76
C PRO F 332 -53.20 26.17 -17.01
N LYS F 333 -54.43 26.37 -16.55
CA LYS F 333 -55.15 25.32 -15.86
C LYS F 333 -55.38 24.12 -16.77
N ILE F 334 -55.78 24.37 -18.02
CA ILE F 334 -56.01 23.28 -18.95
C ILE F 334 -54.71 22.52 -19.22
N LEU F 335 -53.61 23.26 -19.41
CA LEU F 335 -52.33 22.60 -19.65
C LEU F 335 -51.92 21.74 -18.46
N GLU F 336 -52.02 22.28 -17.25
CA GLU F 336 -51.64 21.52 -16.06
C GLU F 336 -52.51 20.28 -15.91
N ASN F 337 -53.82 20.43 -16.11
CA ASN F 337 -54.72 19.29 -15.98
C ASN F 337 -54.42 18.23 -17.04
N LEU F 338 -54.09 18.66 -18.25
CA LEU F 338 -53.75 17.74 -19.34
C LEU F 338 -52.31 17.26 -19.28
N ARG F 339 -51.51 17.78 -18.35
CA ARG F 339 -50.11 17.39 -18.22
C ARG F 339 -49.31 17.77 -19.47
N LEU F 340 -49.46 19.02 -19.89
CA LEU F 340 -48.74 19.56 -21.03
C LEU F 340 -47.91 20.75 -20.60
N GLN F 341 -46.63 20.72 -20.94
CA GLN F 341 -45.72 21.83 -20.66
C GLN F 341 -45.68 22.78 -21.84
N LYS F 342 -45.60 24.08 -21.55
CA LYS F 342 -45.53 25.11 -22.57
C LYS F 342 -44.30 25.97 -22.30
N ARG F 343 -43.43 26.10 -23.30
CA ARG F 343 -42.22 26.89 -23.17
C ARG F 343 -42.09 27.83 -24.37
N GLY F 344 -41.09 28.71 -24.29
CA GLY F 344 -40.91 29.71 -25.32
C GLY F 344 -40.27 29.12 -26.57
N THR F 345 -40.79 29.52 -27.72
CA THR F 345 -40.25 29.05 -28.99
C THR F 345 -38.82 29.56 -29.19
N GLY F 346 -38.03 28.77 -29.91
CA GLY F 346 -36.64 29.11 -30.16
C GLY F 346 -35.66 28.57 -29.14
N GLY F 347 -36.13 27.96 -28.07
CA GLY F 347 -35.27 27.39 -27.06
C GLY F 347 -35.82 27.65 -25.67
N VAL F 348 -35.36 26.85 -24.71
CA VAL F 348 -35.79 27.01 -23.33
C VAL F 348 -35.33 28.36 -22.78
N ASP F 349 -34.09 28.76 -23.10
CA ASP F 349 -33.59 30.04 -22.62
C ASP F 349 -34.40 31.19 -23.19
N THR F 350 -34.76 31.12 -24.46
CA THR F 350 -35.52 32.20 -25.10
C THR F 350 -36.93 32.26 -24.52
N ALA F 351 -37.51 33.45 -24.55
CA ALA F 351 -38.85 33.69 -24.05
C ALA F 351 -39.85 33.71 -25.21
N ALA F 352 -41.11 33.43 -24.87
CA ALA F 352 -42.16 33.41 -25.89
C ALA F 352 -42.31 34.77 -26.54
N THR F 353 -42.42 34.78 -27.86
CA THR F 353 -42.57 35.99 -28.65
C THR F 353 -43.73 35.84 -29.62
N GLY F 354 -44.52 36.88 -29.76
CA GLY F 354 -45.65 36.84 -30.68
C GLY F 354 -46.71 35.83 -30.32
N GLY F 355 -46.74 35.38 -29.07
CA GLY F 355 -47.73 34.40 -28.67
C GLY F 355 -47.54 33.03 -29.28
N VAL F 356 -46.33 32.70 -29.69
CA VAL F 356 -46.02 31.39 -30.27
C VAL F 356 -45.16 30.64 -29.26
N PHE F 357 -45.61 29.44 -28.87
CA PHE F 357 -44.93 28.64 -27.86
C PHE F 357 -44.69 27.24 -28.40
N ASP F 358 -44.07 26.42 -27.56
CA ASP F 358 -43.86 25.00 -27.83
C ASP F 358 -44.57 24.21 -26.74
N ILE F 359 -45.44 23.29 -27.16
CA ILE F 359 -46.25 22.49 -26.26
C ILE F 359 -45.74 21.06 -26.34
N SER F 360 -45.29 20.53 -25.20
CA SER F 360 -44.73 19.18 -25.13
C SER F 360 -45.25 18.52 -23.87
N ASN F 361 -44.70 17.36 -23.54
CA ASN F 361 -45.04 16.67 -22.30
C ASN F 361 -44.18 17.19 -21.15
N LEU F 362 -44.62 16.89 -19.93
CA LEU F 362 -43.94 17.35 -18.72
C LEU F 362 -43.00 16.31 -18.15
N ASP F 363 -43.48 15.10 -17.92
CA ASP F 363 -42.73 14.07 -17.20
C ASP F 363 -42.08 13.10 -18.18
N ARG F 364 -40.90 12.62 -17.81
CA ARG F 364 -40.16 11.64 -18.59
C ARG F 364 -40.11 10.28 -17.91
N LEU F 365 -39.66 10.24 -16.65
CA LEU F 365 -39.64 8.99 -15.90
C LEU F 365 -41.05 8.56 -15.54
N GLY F 366 -41.24 7.25 -15.42
CA GLY F 366 -42.55 6.71 -15.12
C GLY F 366 -43.27 6.18 -16.35
N LYS F 367 -44.11 7.00 -16.95
CA LYS F 367 -44.85 6.56 -18.13
C LYS F 367 -43.90 6.26 -19.28
N SER F 368 -44.35 5.40 -20.19
CA SER F 368 -43.54 4.95 -21.31
C SER F 368 -43.67 5.91 -22.49
N GLU F 369 -42.82 5.68 -23.50
CA GLU F 369 -42.78 6.57 -24.66
C GLU F 369 -44.12 6.60 -25.38
N VAL F 370 -44.71 5.42 -25.60
CA VAL F 370 -46.01 5.37 -26.26
C VAL F 370 -47.05 6.10 -25.44
N GLU F 371 -47.04 5.89 -24.12
CA GLU F 371 -48.00 6.57 -23.25
C GLU F 371 -47.82 8.09 -23.33
N LEU F 372 -46.57 8.56 -23.31
CA LEU F 372 -46.33 10.00 -23.36
C LEU F 372 -46.79 10.59 -24.68
N VAL F 373 -46.51 9.91 -25.79
CA VAL F 373 -46.93 10.40 -27.10
C VAL F 373 -48.44 10.44 -27.18
N GLN F 374 -49.11 9.41 -26.66
CA GLN F 374 -50.57 9.38 -26.68
C GLN F 374 -51.13 10.51 -25.82
N LEU F 375 -50.51 10.77 -24.68
CA LEU F 375 -50.96 11.85 -23.82
C LEU F 375 -50.83 13.18 -24.54
N VAL F 376 -49.70 13.40 -25.23
CA VAL F 376 -49.50 14.66 -25.95
C VAL F 376 -50.52 14.79 -27.08
N ILE F 377 -50.78 13.70 -27.81
CA ILE F 377 -51.73 13.76 -28.91
C ILE F 377 -53.13 14.06 -28.38
N ASP F 378 -53.54 13.40 -27.29
CA ASP F 378 -54.85 13.66 -26.72
C ASP F 378 -54.96 15.09 -26.22
N GLY F 379 -53.91 15.59 -25.57
CA GLY F 379 -53.95 16.96 -25.07
C GLY F 379 -54.05 17.99 -26.18
N VAL F 380 -53.27 17.80 -27.26
CA VAL F 380 -53.33 18.76 -28.37
C VAL F 380 -54.68 18.65 -29.08
N ASN F 381 -55.23 17.43 -29.19
CA ASN F 381 -56.57 17.30 -29.77
C ASN F 381 -57.60 18.03 -28.93
N TYR F 382 -57.51 17.91 -27.61
CA TYR F 382 -58.42 18.63 -26.74
C TYR F 382 -58.25 20.14 -26.88
N LEU F 383 -57.00 20.60 -26.97
CA LEU F 383 -56.74 22.04 -27.07
C LEU F 383 -57.29 22.60 -28.38
N ILE F 384 -57.05 21.91 -29.49
CA ILE F 384 -57.59 22.37 -30.77
C ILE F 384 -59.11 22.26 -30.76
N ASP F 385 -59.67 21.32 -30.00
CA ASP F 385 -61.10 21.29 -29.79
C ASP F 385 -61.56 22.35 -28.80
N CYS F 386 -60.72 22.67 -27.81
CA CYS F 386 -61.03 23.68 -26.80
C CYS F 386 -60.29 24.98 -27.05
N GLU F 387 -60.09 25.34 -28.32
CA GLU F 387 -59.57 26.65 -28.70
C GLU F 387 -60.68 27.66 -28.92
N ARG F 388 -61.81 27.48 -28.24
CA ARG F 388 -63.06 28.14 -28.60
C ARG F 388 -62.90 29.63 -28.86
N ARG F 389 -63.12 30.03 -30.11
CA ARG F 389 -63.28 31.43 -30.47
C ARG F 389 -64.56 31.56 -31.27
N LEU F 390 -64.90 30.50 -32.02
CA LEU F 390 -66.20 30.43 -32.67
C LEU F 390 -67.32 30.45 -31.65
N GLU F 391 -67.15 29.73 -30.54
CA GLU F 391 -68.11 29.72 -29.45
C GLU F 391 -67.32 29.70 -28.14
N ARG F 392 -68.01 29.45 -27.04
CA ARG F 392 -67.42 29.35 -25.72
C ARG F 392 -67.79 28.00 -25.10
N GLY F 393 -67.30 27.78 -23.88
CA GLY F 393 -67.60 26.55 -23.17
C GLY F 393 -66.38 25.69 -22.88
N GLN F 394 -65.23 26.34 -22.68
CA GLN F 394 -64.03 25.60 -22.32
C GLN F 394 -64.29 24.79 -21.04
N ASP F 395 -63.94 23.51 -21.09
CA ASP F 395 -64.27 22.57 -20.02
C ASP F 395 -63.10 22.15 -19.17
N ILE F 396 -61.86 22.39 -19.60
CA ILE F 396 -60.68 21.98 -18.85
C ILE F 396 -60.67 20.45 -18.73
N ARG F 397 -61.63 19.92 -17.97
CA ARG F 397 -61.85 18.47 -17.88
C ARG F 397 -60.60 17.74 -17.37
N ILE F 398 -60.25 18.05 -16.12
CA ILE F 398 -59.17 17.34 -15.45
C ILE F 398 -59.43 15.84 -15.50
N SER G 31 11.90 -4.81 9.21
CA SER G 31 11.53 -6.20 9.44
C SER G 31 10.25 -6.31 10.25
N GLU G 32 9.37 -7.22 9.85
CA GLU G 32 8.12 -7.46 10.57
C GLU G 32 8.27 -8.51 11.65
N ARG G 33 9.47 -9.06 11.84
CA ARG G 33 9.68 -10.06 12.89
C ARG G 33 9.87 -9.45 14.27
N ARG G 34 9.98 -8.12 14.37
CA ARG G 34 10.10 -7.49 15.67
C ARG G 34 8.78 -7.59 16.42
N ARG G 35 8.88 -7.69 17.74
CA ARG G 35 7.72 -7.91 18.60
C ARG G 35 7.32 -6.60 19.30
N LEU G 36 6.03 -6.35 19.36
CA LEU G 36 5.51 -5.21 20.09
C LEU G 36 5.40 -5.54 21.58
N TYR G 37 5.37 -4.50 22.39
CA TYR G 37 5.12 -4.68 23.82
C TYR G 37 3.76 -5.31 24.01
N PRO G 38 3.63 -6.37 24.81
CA PRO G 38 2.31 -6.94 25.05
C PRO G 38 1.40 -5.91 25.68
N PRO G 39 0.11 -5.94 25.36
CA PRO G 39 -0.81 -4.95 25.96
C PRO G 39 -0.76 -4.93 27.48
N SER G 40 -0.62 -6.09 28.11
CA SER G 40 -0.54 -6.14 29.56
C SER G 40 0.68 -5.40 30.09
N ALA G 41 1.69 -5.18 29.25
CA ALA G 41 2.84 -4.39 29.68
C ALA G 41 2.47 -2.92 29.87
N GLU G 42 1.48 -2.44 29.13
CA GLU G 42 1.03 -1.05 29.21
C GLU G 42 -0.10 -0.85 30.21
N TYR G 43 -0.59 -1.91 30.84
CA TYR G 43 -1.74 -1.80 31.71
C TYR G 43 -1.43 -0.86 32.87
N PRO G 44 -2.29 0.11 33.18
CA PRO G 44 -1.99 1.03 34.28
C PRO G 44 -2.02 0.33 35.63
N ASP G 45 -1.29 0.89 36.58
CA ASP G 45 -1.26 0.41 37.95
C ASP G 45 -2.34 1.14 38.74
N LEU G 46 -3.50 0.50 38.88
CA LEU G 46 -4.67 1.11 39.49
C LEU G 46 -4.98 0.52 40.87
N ARG G 47 -3.95 0.06 41.57
CA ARG G 47 -4.17 -0.60 42.86
C ARG G 47 -4.63 0.37 43.95
N LYS G 48 -4.56 1.67 43.72
CA LYS G 48 -4.95 2.67 44.72
C LYS G 48 -5.75 3.79 44.05
N HIS G 49 -6.68 3.42 43.18
CA HIS G 49 -7.48 4.38 42.43
C HIS G 49 -8.94 4.27 42.83
N ASN G 50 -9.64 5.40 42.76
CA ASN G 50 -11.02 5.50 43.25
C ASN G 50 -11.89 6.24 42.23
N ASN G 51 -11.82 5.86 40.97
CA ASN G 51 -12.68 6.40 39.94
C ASN G 51 -13.33 5.26 39.16
N CYS G 52 -14.47 5.56 38.54
CA CYS G 52 -15.21 4.52 37.81
C CYS G 52 -14.35 3.86 36.75
N MET G 53 -13.44 4.60 36.14
CA MET G 53 -12.55 4.00 35.15
C MET G 53 -11.69 2.92 35.79
N ALA G 54 -11.14 3.19 36.97
CA ALA G 54 -10.30 2.20 37.63
C ALA G 54 -11.11 0.96 38.01
N SER G 55 -12.35 1.16 38.47
CA SER G 55 -13.15 0.04 38.91
C SER G 55 -13.67 -0.79 37.74
N HIS G 56 -13.85 -0.18 36.57
CA HIS G 56 -14.42 -0.87 35.43
C HIS G 56 -13.39 -1.27 34.38
N LEU G 57 -12.15 -0.82 34.51
CA LEU G 57 -11.09 -1.21 33.58
C LEU G 57 -10.50 -2.53 34.05
N THR G 58 -10.45 -3.50 33.15
CA THR G 58 -9.93 -4.84 33.43
C THR G 58 -8.91 -5.21 32.36
N PRO G 59 -7.98 -6.12 32.68
CA PRO G 59 -6.96 -6.47 31.69
C PRO G 59 -7.53 -6.92 30.36
N ALA G 60 -8.63 -7.68 30.38
CA ALA G 60 -9.23 -8.14 29.12
C ALA G 60 -9.71 -6.97 28.28
N VAL G 61 -10.42 -6.03 28.91
CA VAL G 61 -10.95 -4.89 28.18
C VAL G 61 -9.81 -4.04 27.63
N TYR G 62 -8.81 -3.78 28.47
CA TYR G 62 -7.67 -2.97 28.04
C TYR G 62 -6.98 -3.61 26.85
N ALA G 63 -6.71 -4.92 26.93
CA ALA G 63 -6.04 -5.60 25.83
C ALA G 63 -6.89 -5.56 24.57
N ARG G 64 -8.22 -5.71 24.73
CA ARG G 64 -9.10 -5.68 23.57
C ARG G 64 -9.07 -4.32 22.89
N LEU G 65 -9.09 -3.24 23.66
CA LEU G 65 -9.26 -1.90 23.12
C LEU G 65 -7.95 -1.15 22.89
N CYS G 66 -6.79 -1.76 23.18
CA CYS G 66 -5.54 -1.02 23.10
C CYS G 66 -5.03 -0.85 21.68
N ASP G 67 -5.64 -1.51 20.69
CA ASP G 67 -5.24 -1.32 19.30
C ASP G 67 -6.16 -0.38 18.52
N LYS G 68 -7.38 -0.18 18.99
CA LYS G 68 -8.35 0.61 18.24
C LYS G 68 -8.06 2.10 18.41
N THR G 69 -8.66 2.89 17.53
CA THR G 69 -8.51 4.33 17.56
C THR G 69 -9.61 4.97 16.72
N THR G 70 -10.05 6.15 17.13
CA THR G 70 -11.02 6.89 16.36
C THR G 70 -10.37 7.42 15.09
N PRO G 71 -11.18 7.78 14.08
CA PRO G 71 -10.58 8.24 12.82
C PRO G 71 -9.65 9.42 12.99
N THR G 72 -9.84 10.24 14.02
CA THR G 72 -8.97 11.37 14.27
C THR G 72 -7.73 11.02 15.08
N GLY G 73 -7.59 9.76 15.49
CA GLY G 73 -6.40 9.30 16.18
C GLY G 73 -6.53 9.17 17.69
N TRP G 74 -7.70 9.42 18.24
CA TRP G 74 -7.89 9.27 19.68
C TRP G 74 -7.78 7.80 20.08
N THR G 75 -7.05 7.55 21.16
CA THR G 75 -6.77 6.20 21.63
C THR G 75 -7.24 6.02 23.07
N LEU G 76 -7.30 4.77 23.51
CA LEU G 76 -7.80 4.46 24.84
C LEU G 76 -6.95 5.09 25.92
N ASP G 77 -5.62 5.03 25.77
CA ASP G 77 -4.74 5.62 26.77
C ASP G 77 -5.02 7.10 26.93
N GLN G 78 -5.27 7.79 25.81
CA GLN G 78 -5.63 9.20 25.90
C GLN G 78 -6.96 9.38 26.62
N CYS G 79 -7.89 8.45 26.43
CA CYS G 79 -9.17 8.53 27.14
C CYS G 79 -8.96 8.43 28.64
N ILE G 80 -8.14 7.48 29.10
CA ILE G 80 -8.03 7.16 30.51
C ILE G 80 -6.86 7.84 31.21
N GLN G 81 -6.13 8.70 30.49
CA GLN G 81 -4.98 9.37 31.11
C GLN G 81 -5.40 10.22 32.31
N THR G 82 -6.51 10.95 32.19
CA THR G 82 -6.93 11.80 33.29
C THR G 82 -7.24 10.97 34.53
N GLY G 83 -7.91 9.84 34.36
CA GLY G 83 -8.20 8.99 35.49
C GLY G 83 -6.95 8.35 36.07
N VAL G 84 -6.02 7.93 35.21
CA VAL G 84 -4.80 7.31 35.70
C VAL G 84 -3.97 8.29 36.50
N ASP G 85 -3.83 9.52 36.00
CA ASP G 85 -2.99 10.50 36.68
C ASP G 85 -3.56 10.85 38.05
N ASN G 86 -4.88 10.99 38.16
N ASN G 86 -4.89 10.99 38.16
CA ASN G 86 -5.52 11.36 39.40
CA ASN G 86 -5.53 11.36 39.40
C ASN G 86 -6.17 10.14 40.03
C ASN G 86 -6.14 10.12 40.04
N PRO G 87 -5.60 9.57 41.09
N PRO G 87 -5.59 9.59 41.13
CA PRO G 87 -6.23 8.38 41.70
CA PRO G 87 -6.18 8.36 41.70
C PRO G 87 -7.63 8.65 42.20
C PRO G 87 -7.59 8.56 42.23
N GLY G 88 -7.94 9.89 42.58
N GLY G 88 -7.80 9.56 43.08
CA GLY G 88 -9.26 10.24 43.05
CA GLY G 88 -9.11 9.81 43.65
C GLY G 88 -9.39 10.17 44.55
C GLY G 88 -9.40 11.28 43.85
N HIS G 89 -9.95 11.21 45.16
N HIS G 89 -10.54 11.74 43.34
CA HIS G 89 -10.14 11.23 46.60
CA HIS G 89 -10.89 13.14 43.49
C HIS G 89 -11.16 10.17 46.99
C HIS G 89 -11.15 13.47 44.96
N PRO G 90 -10.89 9.37 48.02
N PRO G 90 -10.71 14.64 45.44
CA PRO G 90 -11.90 8.38 48.46
CA PRO G 90 -10.89 14.95 46.85
C PRO G 90 -13.19 9.07 48.87
C PRO G 90 -12.34 15.00 47.30
N PHE G 91 -14.30 8.40 48.60
N PHE G 91 -13.26 15.44 46.44
CA PHE G 91 -15.67 8.85 48.88
CA PHE G 91 -14.64 15.70 46.84
C PHE G 91 -16.15 9.89 47.87
C PHE G 91 -15.57 14.56 46.42
N ILE G 92 -15.29 10.32 46.94
N ILE G 92 -15.64 14.26 45.12
CA ILE G 92 -15.67 11.25 45.88
CA ILE G 92 -16.62 13.33 44.59
C ILE G 92 -15.62 10.51 44.55
C ILE G 92 -15.90 12.26 43.76
N LYS G 93 -16.70 10.57 43.80
N LYS G 93 -16.57 11.12 43.62
CA LYS G 93 -16.83 9.84 42.55
CA LYS G 93 -16.07 10.07 42.75
C LYS G 93 -16.48 10.75 41.38
C LYS G 93 -16.16 10.52 41.29
N THR G 94 -15.50 10.34 40.59
N THR G 94 -15.01 10.59 40.63
CA THR G 94 -15.12 11.03 39.36
CA THR G 94 -14.94 11.14 39.28
C THR G 94 -15.05 10.00 38.23
C THR G 94 -15.04 10.02 38.25
N VAL G 95 -15.51 10.41 37.05
CA VAL G 95 -15.57 9.45 35.95
C VAL G 95 -14.16 8.98 35.58
N GLY G 96 -13.21 9.90 35.50
CA GLY G 96 -11.85 9.56 35.19
C GLY G 96 -11.55 9.34 33.73
N MET G 97 -12.50 9.62 32.84
CA MET G 97 -12.28 9.48 31.40
C MET G 97 -12.88 10.68 30.67
N VAL G 98 -12.36 10.92 29.47
CA VAL G 98 -12.88 11.95 28.58
C VAL G 98 -12.89 11.38 27.17
N ALA G 99 -13.64 12.04 26.29
CA ALA G 99 -13.74 11.66 24.89
C ALA G 99 -13.08 12.73 24.02
N GLY G 100 -12.36 12.29 23.00
CA GLY G 100 -11.71 13.19 22.08
C GLY G 100 -12.51 13.56 20.86
N ASP G 101 -13.63 12.89 20.62
CA ASP G 101 -14.48 13.20 19.47
C ASP G 101 -15.76 12.39 19.61
N GLU G 102 -16.68 12.57 18.66
CA GLU G 102 -17.96 11.87 18.73
C GLU G 102 -17.77 10.36 18.59
N GLU G 103 -16.88 9.93 17.70
CA GLU G 103 -16.71 8.50 17.45
C GLU G 103 -16.21 7.75 18.68
N THR G 104 -15.60 8.45 19.64
CA THR G 104 -15.02 7.78 20.80
C THR G 104 -16.05 6.90 21.49
N TYR G 105 -17.21 7.48 21.83
CA TYR G 105 -18.21 6.73 22.56
C TYR G 105 -18.67 5.49 21.81
N GLU G 106 -18.49 5.45 20.49
CA GLU G 106 -18.81 4.26 19.73
C GLU G 106 -17.61 3.32 19.62
N VAL G 107 -16.41 3.86 19.46
CA VAL G 107 -15.24 3.02 19.28
C VAL G 107 -14.89 2.31 20.59
N PHE G 108 -14.91 3.04 21.70
CA PHE G 108 -14.58 2.49 23.01
C PHE G 108 -15.82 2.27 23.87
N ALA G 109 -16.93 1.89 23.25
CA ALA G 109 -18.16 1.68 24.01
C ALA G 109 -18.00 0.56 25.03
N ASP G 110 -17.14 -0.42 24.77
CA ASP G 110 -16.98 -1.53 25.70
C ASP G 110 -16.55 -1.06 27.07
N LEU G 111 -15.84 0.07 27.15
CA LEU G 111 -15.42 0.63 28.42
C LEU G 111 -16.29 1.76 28.91
N PHE G 112 -16.86 2.56 27.99
CA PHE G 112 -17.65 3.70 28.41
C PHE G 112 -19.03 3.27 28.89
N ASP G 113 -19.61 2.25 28.25
CA ASP G 113 -20.98 1.87 28.59
C ASP G 113 -21.14 1.49 30.06
N PRO G 114 -20.31 0.62 30.64
CA PRO G 114 -20.43 0.39 32.09
C PRO G 114 -20.24 1.65 32.90
N VAL G 115 -19.34 2.53 32.49
CA VAL G 115 -19.11 3.77 33.24
C VAL G 115 -20.33 4.68 33.17
N ILE G 116 -20.90 4.83 31.96
CA ILE G 116 -22.10 5.64 31.81
C ILE G 116 -23.23 5.06 32.64
N GLN G 117 -23.39 3.74 32.61
CA GLN G 117 -24.46 3.09 33.37
C GLN G 117 -24.28 3.33 34.87
N GLU G 118 -23.05 3.19 35.37
CA GLU G 118 -22.81 3.41 36.79
C GLU G 118 -23.06 4.86 37.17
N ARG G 119 -22.63 5.80 36.33
CA ARG G 119 -22.78 7.22 36.67
C ARG G 119 -24.26 7.61 36.72
N HIS G 120 -25.01 7.28 35.69
CA HIS G 120 -26.39 7.74 35.56
C HIS G 120 -27.37 6.69 36.09
N ASN G 121 -27.16 6.33 37.36
CA ASN G 121 -28.08 5.52 38.14
C ASN G 121 -28.76 4.44 37.31
N GLY G 122 -27.96 3.71 36.54
CA GLY G 122 -28.42 2.51 35.88
C GLY G 122 -28.90 2.67 34.46
N TYR G 123 -28.88 3.88 33.90
CA TYR G 123 -29.25 4.05 32.51
C TYR G 123 -28.35 3.20 31.63
N ASP G 124 -28.96 2.42 30.73
CA ASP G 124 -28.20 1.52 29.88
C ASP G 124 -28.10 2.09 28.48
N PRO G 125 -26.93 2.58 28.05
CA PRO G 125 -26.84 3.12 26.68
C PRO G 125 -27.13 2.11 25.60
N ARG G 126 -26.81 0.83 25.84
CA ARG G 126 -26.97 -0.18 24.80
C ARG G 126 -28.43 -0.45 24.48
N THR G 127 -29.31 -0.38 25.48
CA THR G 127 -30.72 -0.73 25.31
C THR G 127 -31.64 0.47 25.33
N MET G 128 -31.50 1.36 26.30
CA MET G 128 -32.44 2.46 26.48
C MET G 128 -32.13 3.59 25.50
N LYS G 129 -33.07 4.52 25.38
CA LYS G 129 -32.96 5.66 24.49
C LYS G 129 -33.23 6.94 25.27
N HIS G 130 -32.68 8.04 24.77
CA HIS G 130 -32.80 9.35 25.42
C HIS G 130 -33.74 10.24 24.62
N THR G 131 -34.60 10.96 25.33
CA THR G 131 -35.54 11.89 24.73
C THR G 131 -35.24 13.30 25.24
N THR G 132 -35.14 14.25 24.31
CA THR G 132 -34.85 15.64 24.64
C THR G 132 -36.12 16.47 24.48
N ASP G 133 -36.43 17.27 25.49
CA ASP G 133 -37.61 18.11 25.49
C ASP G 133 -37.29 19.39 26.23
N LEU G 134 -37.33 20.53 25.53
CA LEU G 134 -36.98 21.82 26.10
C LEU G 134 -38.17 22.76 26.21
N ASP G 135 -39.38 22.27 26.01
CA ASP G 135 -40.56 23.14 26.02
C ASP G 135 -40.76 23.76 27.40
N ALA G 136 -40.49 25.06 27.50
CA ALA G 136 -40.67 25.76 28.77
C ALA G 136 -42.13 25.96 29.14
N SER G 137 -43.06 25.67 28.24
CA SER G 137 -44.47 25.79 28.56
C SER G 137 -44.92 24.70 29.54
N LYS G 138 -44.33 23.51 29.44
CA LYS G 138 -44.77 22.40 30.29
C LYS G 138 -44.54 22.69 31.75
N ILE G 139 -43.40 23.28 32.10
CA ILE G 139 -43.08 23.52 33.50
C ILE G 139 -44.15 24.40 34.12
N ARG G 140 -44.48 24.12 35.38
CA ARG G 140 -45.46 24.87 36.15
C ARG G 140 -44.75 25.51 37.36
N SER G 141 -45.55 26.09 38.25
CA SER G 141 -45.02 26.76 39.44
C SER G 141 -44.11 27.91 39.03
N GLY G 142 -42.79 27.73 39.14
CA GLY G 142 -41.86 28.75 38.71
C GLY G 142 -41.51 29.75 39.79
N TYR G 143 -42.50 30.51 40.25
CA TYR G 143 -42.24 31.52 41.27
C TYR G 143 -41.73 30.87 42.55
N PHE G 144 -40.67 31.44 43.11
CA PHE G 144 -40.04 30.95 44.33
C PHE G 144 -40.21 31.99 45.45
N ASP G 145 -39.71 31.64 46.62
CA ASP G 145 -39.69 32.53 47.78
C ASP G 145 -38.26 32.92 48.09
N GLU G 146 -38.01 34.23 48.20
CA GLU G 146 -36.66 34.76 48.42
C GLU G 146 -36.28 34.56 49.89
N ARG G 147 -36.00 33.30 50.22
CA ARG G 147 -35.55 32.92 51.55
C ARG G 147 -34.09 32.46 51.54
N TYR G 148 -33.76 31.47 50.73
CA TYR G 148 -32.39 31.02 50.57
C TYR G 148 -31.99 30.83 49.11
N VAL G 149 -32.90 31.07 48.17
CA VAL G 149 -32.58 30.84 46.76
C VAL G 149 -31.55 31.85 46.27
N LEU G 150 -31.73 33.13 46.62
CA LEU G 150 -30.83 34.18 46.18
C LEU G 150 -30.88 34.33 44.65
N SER G 151 -30.35 33.35 43.94
CA SER G 151 -30.31 33.39 42.48
C SER G 151 -30.50 31.98 41.92
N SER G 152 -30.93 31.93 40.67
CA SER G 152 -31.17 30.68 39.97
C SER G 152 -30.37 30.65 38.67
N ARG G 153 -29.99 29.44 38.25
CA ARG G 153 -29.14 29.26 37.09
C ARG G 153 -29.50 27.95 36.40
N VAL G 154 -29.32 27.93 35.09
CA VAL G 154 -29.47 26.73 34.27
C VAL G 154 -28.31 26.68 33.29
N ARG G 155 -27.76 25.49 33.07
CA ARG G 155 -26.56 25.35 32.26
C ARG G 155 -26.66 24.09 31.41
N THR G 156 -26.16 24.17 30.17
CA THR G 156 -25.99 23.01 29.32
C THR G 156 -24.72 23.19 28.50
N GLY G 157 -24.37 22.14 27.76
CA GLY G 157 -23.20 22.20 26.90
C GLY G 157 -23.54 21.61 25.54
N ARG G 158 -22.85 22.12 24.53
CA ARG G 158 -23.05 21.67 23.15
C ARG G 158 -21.71 21.59 22.44
N SER G 159 -21.62 20.61 21.54
CA SER G 159 -20.42 20.36 20.74
C SER G 159 -20.78 20.43 19.27
N ILE G 160 -19.94 21.09 18.48
CA ILE G 160 -20.17 21.22 17.05
C ILE G 160 -19.68 19.96 16.36
N ARG G 161 -20.55 19.35 15.56
CA ARG G 161 -20.19 18.12 14.87
C ARG G 161 -19.10 18.38 13.85
N GLY G 162 -18.22 17.39 13.67
CA GLY G 162 -17.12 17.48 12.74
C GLY G 162 -15.85 18.06 13.30
N LEU G 163 -15.87 18.55 14.55
CA LEU G 163 -14.70 19.15 15.17
C LEU G 163 -14.33 18.36 16.42
N SER G 164 -13.04 18.17 16.63
CA SER G 164 -12.57 17.40 17.77
C SER G 164 -12.91 18.11 19.07
N LEU G 165 -13.12 17.33 20.12
CA LEU G 165 -13.48 17.86 21.41
C LEU G 165 -12.27 18.48 22.10
N PRO G 166 -12.48 19.28 23.14
CA PRO G 166 -11.38 20.06 23.72
C PRO G 166 -10.17 19.20 24.08
N PRO G 167 -10.38 17.98 24.60
CA PRO G 167 -9.20 17.16 24.93
C PRO G 167 -8.31 16.87 23.74
N ALA G 168 -8.87 16.78 22.53
CA ALA G 168 -8.11 16.41 21.36
C ALA G 168 -8.02 17.50 20.29
N CYS G 169 -8.78 18.59 20.41
CA CYS G 169 -8.83 19.58 19.36
C CYS G 169 -7.48 20.26 19.19
N THR G 170 -7.08 20.48 17.94
CA THR G 170 -5.89 21.25 17.64
C THR G 170 -6.20 22.74 17.71
N ARG G 171 -5.18 23.57 17.47
CA ARG G 171 -5.39 25.01 17.47
C ARG G 171 -6.37 25.43 16.38
N ALA G 172 -6.23 24.85 15.18
CA ALA G 172 -7.10 25.22 14.08
C ALA G 172 -8.55 24.83 14.39
N GLU G 173 -8.77 23.66 14.96
CA GLU G 173 -10.13 23.24 15.27
C GLU G 173 -10.75 24.12 16.35
N ARG G 174 -9.97 24.49 17.36
CA ARG G 174 -10.49 25.39 18.38
C ARG G 174 -10.85 26.74 17.79
N ARG G 175 -9.99 27.28 16.92
CA ARG G 175 -10.30 28.54 16.28
C ARG G 175 -11.55 28.43 15.41
N GLU G 176 -11.72 27.29 14.73
CA GLU G 176 -12.91 27.09 13.92
C GLU G 176 -14.17 27.06 14.78
N VAL G 177 -14.10 26.39 15.93
CA VAL G 177 -15.24 26.37 16.85
C VAL G 177 -15.59 27.79 17.27
N GLU G 178 -14.56 28.56 17.64
CA GLU G 178 -14.80 29.93 18.07
C GLU G 178 -15.43 30.75 16.96
N ARG G 179 -14.94 30.59 15.73
N ARG G 179 -14.93 30.59 15.73
CA ARG G 179 -15.49 31.34 14.60
CA ARG G 179 -15.47 31.33 14.60
C ARG G 179 -16.94 30.99 14.36
C ARG G 179 -16.94 30.99 14.37
N VAL G 180 -17.26 29.69 14.36
CA VAL G 180 -18.63 29.27 14.11
C VAL G 180 -19.55 29.84 15.17
N VAL G 181 -19.17 29.69 16.44
CA VAL G 181 -20.05 30.14 17.51
C VAL G 181 -20.23 31.66 17.48
N VAL G 182 -19.13 32.39 17.26
CA VAL G 182 -19.23 33.84 17.26
C VAL G 182 -20.06 34.34 16.10
N ASP G 183 -19.85 33.79 14.90
CA ASP G 183 -20.64 34.21 13.76
C ASP G 183 -22.11 33.91 13.97
N ALA G 184 -22.43 32.73 14.53
CA ALA G 184 -23.83 32.42 14.81
C ALA G 184 -24.42 33.40 15.80
N LEU G 185 -23.74 33.61 16.94
CA LEU G 185 -24.28 34.49 17.97
C LEU G 185 -24.40 35.92 17.49
N SER G 186 -23.62 36.32 16.49
CA SER G 186 -23.78 37.66 15.94
C SER G 186 -25.19 37.89 15.41
N GLY G 187 -25.86 36.82 15.01
CA GLY G 187 -27.22 36.93 14.47
C GLY G 187 -28.31 37.03 15.50
N LEU G 188 -27.99 36.83 16.78
CA LEU G 188 -29.00 36.98 17.83
C LEU G 188 -29.52 38.41 17.87
N LYS G 189 -30.84 38.54 18.02
CA LYS G 189 -31.50 39.83 18.08
C LYS G 189 -32.39 39.89 19.31
N GLY G 190 -33.09 41.00 19.47
CA GLY G 190 -34.00 41.14 20.60
C GLY G 190 -33.26 41.22 21.92
N ASP G 191 -33.92 40.73 22.97
CA ASP G 191 -33.35 40.78 24.31
C ASP G 191 -32.05 39.99 24.38
N LEU G 192 -31.96 38.88 23.65
CA LEU G 192 -30.76 38.05 23.68
C LEU G 192 -29.70 38.61 22.73
N ALA G 193 -29.41 39.90 22.84
CA ALA G 193 -28.40 40.56 22.02
C ALA G 193 -27.27 41.02 22.93
N GLY G 194 -26.05 40.65 22.58
CA GLY G 194 -24.93 40.93 23.44
C GLY G 194 -23.63 41.00 22.68
N ARG G 195 -22.53 40.83 23.42
CA ARG G 195 -21.20 40.95 22.88
C ARG G 195 -20.34 39.76 23.25
N TYR G 196 -19.37 39.48 22.39
CA TYR G 196 -18.37 38.43 22.62
C TYR G 196 -17.06 39.07 23.06
N TYR G 197 -16.53 38.62 24.18
CA TYR G 197 -15.28 39.10 24.73
C TYR G 197 -14.25 37.97 24.68
N ARG G 198 -13.11 38.26 24.09
CA ARG G 198 -12.02 37.30 23.97
C ARG G 198 -11.14 37.38 25.21
N LEU G 199 -10.80 36.21 25.76
CA LEU G 199 -9.96 36.20 26.97
C LEU G 199 -8.61 36.84 26.70
N SER G 200 -8.02 36.54 25.53
CA SER G 200 -6.71 37.10 25.21
C SER G 200 -6.75 38.63 25.18
N GLU G 201 -7.91 39.21 24.91
CA GLU G 201 -8.06 40.65 24.82
C GLU G 201 -8.66 41.27 26.07
N MET G 202 -8.82 40.49 27.14
CA MET G 202 -9.48 40.95 28.35
C MET G 202 -8.44 41.15 29.45
N THR G 203 -8.54 42.27 30.15
CA THR G 203 -7.59 42.57 31.22
C THR G 203 -7.74 41.60 32.37
N GLU G 204 -6.64 41.41 33.12
CA GLU G 204 -6.67 40.51 34.25
C GLU G 204 -7.66 40.96 35.30
N ALA G 205 -7.72 42.26 35.58
CA ALA G 205 -8.67 42.77 36.56
C ALA G 205 -10.10 42.52 36.11
N GLU G 206 -10.40 42.76 34.83
CA GLU G 206 -11.75 42.51 34.33
C GLU G 206 -12.10 41.03 34.43
N GLN G 207 -11.16 40.15 34.08
CA GLN G 207 -11.42 38.72 34.18
C GLN G 207 -11.68 38.31 35.62
N GLN G 208 -10.88 38.83 36.55
CA GLN G 208 -11.10 38.51 37.96
C GLN G 208 -12.45 39.01 38.45
N GLN G 209 -12.83 40.22 38.04
CA GLN G 209 -14.13 40.75 38.44
C GLN G 209 -15.26 39.89 37.88
N LEU G 210 -15.15 39.48 36.62
CA LEU G 210 -16.17 38.63 36.03
C LEU G 210 -16.25 37.28 36.74
N ILE G 211 -15.10 36.71 37.09
CA ILE G 211 -15.09 35.42 37.78
C ILE G 211 -15.75 35.56 39.15
N ASP G 212 -15.40 36.60 39.89
CA ASP G 212 -15.99 36.79 41.21
C ASP G 212 -17.50 36.98 41.13
N ASP G 213 -17.99 37.59 40.06
CA ASP G 213 -19.42 37.79 39.86
C ASP G 213 -20.12 36.56 39.30
N HIS G 214 -19.45 35.41 39.27
CA HIS G 214 -20.01 34.17 38.76
C HIS G 214 -20.36 34.25 37.27
N PHE G 215 -19.73 35.18 36.55
CA PHE G 215 -20.02 35.41 35.14
C PHE G 215 -18.83 35.09 34.24
N LEU G 216 -17.90 34.25 34.70
CA LEU G 216 -16.72 33.92 33.90
C LEU G 216 -16.08 32.66 34.45
N PHE G 217 -15.20 32.08 33.66
CA PHE G 217 -14.46 30.88 34.00
C PHE G 217 -12.98 31.22 34.16
N ASP G 218 -12.32 30.57 35.11
CA ASP G 218 -10.91 30.80 35.36
C ASP G 218 -10.06 29.79 34.60
N LYS G 219 -8.75 30.04 34.57
CA LYS G 219 -7.84 29.12 33.92
C LYS G 219 -7.90 27.77 34.63
N PRO G 220 -8.04 26.67 33.89
CA PRO G 220 -8.10 25.36 34.56
C PRO G 220 -6.85 25.09 35.37
N VAL G 221 -7.03 24.93 36.68
CA VAL G 221 -5.91 24.68 37.59
C VAL G 221 -6.08 23.30 38.21
N SER G 222 -7.32 22.85 38.33
CA SER G 222 -7.56 21.53 38.92
C SER G 222 -6.93 20.47 38.04
N PRO G 223 -6.28 19.45 38.63
CA PRO G 223 -5.56 18.48 37.80
C PRO G 223 -6.43 17.72 36.83
N LEU G 224 -7.74 17.63 37.08
CA LEU G 224 -8.61 16.83 36.23
C LEU G 224 -8.59 17.35 34.79
N LEU G 225 -8.71 18.66 34.61
CA LEU G 225 -8.73 19.22 33.26
C LEU G 225 -7.34 19.24 32.64
N THR G 226 -6.31 19.60 33.42
CA THR G 226 -4.96 19.68 32.87
C THR G 226 -4.48 18.31 32.41
N ALA G 227 -4.71 17.28 33.22
CA ALA G 227 -4.30 15.93 32.83
C ALA G 227 -5.06 15.47 31.59
N ALA G 228 -6.30 15.93 31.42
CA ALA G 228 -7.07 15.60 30.23
C ALA G 228 -6.58 16.33 29.00
N GLY G 229 -5.67 17.30 29.15
CA GLY G 229 -5.20 18.06 28.02
C GLY G 229 -6.17 19.11 27.53
N MET G 230 -6.98 19.66 28.43
CA MET G 230 -7.98 20.66 28.07
C MET G 230 -7.56 22.07 28.43
N ALA G 231 -6.30 22.28 28.83
CA ALA G 231 -5.78 23.60 29.11
C ALA G 231 -4.69 24.01 28.11
N ARG G 232 -4.55 23.28 27.01
CA ARG G 232 -3.52 23.59 26.03
C ARG G 232 -3.79 24.92 25.36
N ASP G 233 -2.73 25.67 25.10
CA ASP G 233 -2.78 26.92 24.36
C ASP G 233 -3.62 27.98 25.04
N TRP G 234 -3.82 27.87 26.34
CA TRP G 234 -4.63 28.86 27.04
C TRP G 234 -3.95 30.23 26.96
N PRO G 235 -4.70 31.31 26.75
CA PRO G 235 -6.15 31.43 26.55
C PRO G 235 -6.53 31.55 25.09
N ASP G 236 -5.80 30.91 24.18
CA ASP G 236 -6.05 31.08 22.76
C ASP G 236 -7.39 30.47 22.37
N ALA G 237 -8.28 31.31 21.84
CA ALA G 237 -9.57 30.90 21.29
C ALA G 237 -10.60 30.55 22.36
N ARG G 238 -10.43 31.03 23.58
CA ARG G 238 -11.43 30.89 24.63
C ARG G 238 -12.07 32.26 24.86
N GLY G 239 -13.40 32.27 24.99
CA GLY G 239 -14.09 33.53 25.11
C GLY G 239 -15.41 33.39 25.85
N ILE G 240 -16.09 34.53 26.01
CA ILE G 240 -17.39 34.57 26.68
C ILE G 240 -18.28 35.54 25.92
N TRP G 241 -19.43 35.06 25.44
CA TRP G 241 -20.43 35.91 24.82
C TRP G 241 -21.58 36.07 25.80
N HIS G 242 -21.88 37.31 26.17
CA HIS G 242 -22.94 37.56 27.13
C HIS G 242 -23.86 38.67 26.65
N ASN G 243 -25.13 38.54 27.01
CA ASN G 243 -26.13 39.53 26.64
C ASN G 243 -25.94 40.80 27.46
N ASN G 244 -26.63 41.87 27.03
CA ASN G 244 -26.46 43.16 27.70
C ASN G 244 -26.88 43.08 29.16
N GLU G 245 -28.00 42.42 29.44
CA GLU G 245 -28.43 42.23 30.82
C GLU G 245 -27.56 41.25 31.60
N LYS G 246 -26.65 40.54 30.91
CA LYS G 246 -25.79 39.54 31.55
C LYS G 246 -26.60 38.41 32.16
N SER G 247 -27.82 38.20 31.65
CA SER G 247 -28.65 37.09 32.08
C SER G 247 -28.57 35.90 31.14
N PHE G 248 -27.76 35.98 30.09
CA PHE G 248 -27.59 34.89 29.14
C PHE G 248 -26.13 34.89 28.68
N LEU G 249 -25.40 33.84 29.04
CA LEU G 249 -23.97 33.76 28.78
C LEU G 249 -23.66 32.48 28.01
N ILE G 250 -22.53 32.50 27.31
CA ILE G 250 -22.05 31.36 26.55
C ILE G 250 -20.53 31.35 26.66
N TRP G 251 -19.98 30.35 27.32
CA TRP G 251 -18.54 30.15 27.39
C TRP G 251 -18.08 29.35 26.17
N VAL G 252 -17.07 29.86 25.48
CA VAL G 252 -16.55 29.25 24.27
C VAL G 252 -15.18 28.67 24.59
N ASN G 253 -15.07 27.35 24.49
CA ASN G 253 -13.81 26.62 24.61
C ASN G 253 -13.20 26.79 26.01
N GLU G 254 -13.95 26.36 27.03
CA GLU G 254 -13.41 26.24 28.38
C GLU G 254 -13.40 24.80 28.86
N GLU G 255 -14.56 24.15 28.90
CA GLU G 255 -14.67 22.73 29.19
C GLU G 255 -15.31 21.95 28.05
N ASP G 256 -16.10 22.61 27.22
CA ASP G 256 -16.69 22.02 26.03
C ASP G 256 -16.64 23.07 24.93
N HIS G 257 -17.12 22.70 23.75
CA HIS G 257 -17.15 23.66 22.65
C HIS G 257 -17.97 24.88 23.03
N THR G 258 -19.17 24.66 23.58
CA THR G 258 -20.00 25.76 24.04
C THR G 258 -20.67 25.37 25.35
N ARG G 259 -20.73 26.31 26.28
CA ARG G 259 -21.45 26.15 27.54
C ARG G 259 -22.48 27.28 27.63
N VAL G 260 -23.76 26.93 27.52
CA VAL G 260 -24.84 27.90 27.51
C VAL G 260 -25.41 28.00 28.92
N ILE G 261 -25.49 29.23 29.44
CA ILE G 261 -25.93 29.49 30.81
C ILE G 261 -27.02 30.55 30.78
N SER G 262 -28.11 30.30 31.48
CA SER G 262 -29.16 31.28 31.72
C SER G 262 -29.22 31.55 33.22
N MET G 263 -29.09 32.82 33.59
CA MET G 263 -28.90 33.22 34.97
C MET G 263 -29.97 34.23 35.38
N GLU G 264 -30.24 34.30 36.68
CA GLU G 264 -31.12 35.32 37.22
C GLU G 264 -30.83 35.50 38.69
N LYS G 265 -30.71 36.76 39.12
CA LYS G 265 -30.48 37.08 40.53
C LYS G 265 -31.82 37.16 41.26
N GLY G 266 -32.55 36.05 41.24
CA GLY G 266 -33.84 35.98 41.87
C GLY G 266 -34.29 34.55 42.12
N GLY G 267 -35.57 34.27 41.88
CA GLY G 267 -36.10 32.93 42.09
C GLY G 267 -37.13 32.54 41.05
N ASN G 268 -37.30 33.35 40.01
CA ASN G 268 -38.27 33.08 38.95
C ASN G 268 -37.69 32.05 37.98
N MET G 269 -37.58 30.83 38.48
CA MET G 269 -36.97 29.76 37.67
C MET G 269 -37.71 29.57 36.37
N LYS G 270 -39.02 29.82 36.34
CA LYS G 270 -39.77 29.70 35.09
C LYS G 270 -39.23 30.65 34.03
N ARG G 271 -39.00 31.90 34.41
CA ARG G 271 -38.47 32.88 33.45
C ARG G 271 -37.07 32.48 32.99
N VAL G 272 -36.23 32.03 33.93
CA VAL G 272 -34.87 31.64 33.57
C VAL G 272 -34.90 30.49 32.57
N PHE G 273 -35.74 29.49 32.82
CA PHE G 273 -35.81 28.35 31.93
C PHE G 273 -36.40 28.73 30.58
N GLU G 274 -37.38 29.65 30.57
CA GLU G 274 -37.94 30.09 29.30
C GLU G 274 -36.89 30.80 28.46
N ARG G 275 -36.14 31.71 29.08
CA ARG G 275 -35.04 32.37 28.37
C ARG G 275 -34.03 31.35 27.88
N PHE G 276 -33.68 30.39 28.72
CA PHE G 276 -32.74 29.35 28.34
C PHE G 276 -33.23 28.61 27.09
N CYS G 277 -34.49 28.18 27.10
CA CYS G 277 -35.03 27.40 25.99
C CYS G 277 -35.03 28.22 24.70
N ARG G 278 -35.54 29.44 24.76
CA ARG G 278 -35.64 30.23 23.53
C ARG G 278 -34.26 30.58 23.00
N GLY G 279 -33.33 30.95 23.89
CA GLY G 279 -31.98 31.24 23.43
C GLY G 279 -31.30 30.04 22.81
N LEU G 280 -31.46 28.86 23.43
CA LEU G 280 -30.88 27.65 22.86
C LEU G 280 -31.48 27.35 21.50
N LYS G 281 -32.79 27.51 21.36
CA LYS G 281 -33.42 27.25 20.06
C LYS G 281 -32.88 28.20 19.01
N GLU G 282 -32.76 29.50 19.34
CA GLU G 282 -32.24 30.46 18.38
C GLU G 282 -30.80 30.14 18.01
N VAL G 283 -29.97 29.78 19.00
CA VAL G 283 -28.58 29.46 18.74
C VAL G 283 -28.47 28.25 17.82
N GLU G 284 -29.29 27.22 18.08
CA GLU G 284 -29.26 26.03 17.23
C GLU G 284 -29.70 26.37 15.81
N ARG G 285 -30.74 27.21 15.67
CA ARG G 285 -31.18 27.59 14.33
C ARG G 285 -30.07 28.31 13.58
N LEU G 286 -29.40 29.25 14.24
CA LEU G 286 -28.34 29.99 13.57
C LEU G 286 -27.16 29.08 13.23
N ILE G 287 -26.84 28.12 14.11
CA ILE G 287 -25.78 27.18 13.80
C ILE G 287 -26.15 26.38 12.55
N GLN G 288 -27.38 25.88 12.49
CA GLN G 288 -27.79 25.09 11.33
C GLN G 288 -27.84 25.93 10.07
N GLU G 289 -28.08 27.23 10.20
CA GLU G 289 -28.14 28.09 9.01
C GLU G 289 -26.87 27.99 8.18
N ARG G 290 -25.71 27.98 8.84
CA ARG G 290 -24.43 27.95 8.15
C ARG G 290 -23.97 26.55 7.78
N GLY G 291 -24.72 25.51 8.17
CA GLY G 291 -24.36 24.16 7.83
C GLY G 291 -23.69 23.36 8.92
N TRP G 292 -23.73 23.82 10.16
CA TRP G 292 -23.15 23.12 11.29
C TRP G 292 -24.25 22.48 12.13
N GLU G 293 -23.92 21.37 12.77
CA GLU G 293 -24.85 20.66 13.64
C GLU G 293 -24.21 20.39 14.99
N PHE G 294 -25.05 20.23 16.00
CA PHE G 294 -24.60 19.78 17.31
C PHE G 294 -24.46 18.27 17.30
N MET G 295 -23.39 17.77 17.92
CA MET G 295 -23.24 16.33 18.09
C MET G 295 -24.43 15.78 18.88
N TRP G 296 -25.05 14.73 18.35
CA TRP G 296 -26.23 14.17 18.99
C TRP G 296 -26.60 12.81 18.40
N ASN G 297 -26.86 11.83 19.26
CA ASN G 297 -27.35 10.54 18.82
C ASN G 297 -28.39 10.05 19.83
N GLU G 298 -29.24 9.13 19.37
CA GLU G 298 -30.40 8.74 20.17
C GLU G 298 -29.97 8.08 21.48
N ARG G 299 -28.97 7.22 21.43
CA ARG G 299 -28.59 6.46 22.62
C ARG G 299 -28.10 7.38 23.74
N LEU G 300 -27.26 8.35 23.40
CA LEU G 300 -26.57 9.16 24.41
C LEU G 300 -27.09 10.59 24.50
N GLY G 301 -27.86 11.05 23.52
CA GLY G 301 -28.27 12.44 23.50
C GLY G 301 -27.15 13.33 23.01
N TYR G 302 -26.97 14.48 23.64
CA TYR G 302 -25.92 15.41 23.24
C TYR G 302 -24.57 14.92 23.74
N ILE G 303 -23.60 14.87 22.82
CA ILE G 303 -22.28 14.31 23.11
C ILE G 303 -21.40 15.41 23.70
N LEU G 304 -20.73 15.09 24.81
CA LEU G 304 -19.84 16.03 25.48
C LEU G 304 -18.59 15.27 25.93
N THR G 305 -17.65 15.98 26.54
CA THR G 305 -16.37 15.39 26.89
C THR G 305 -16.50 14.45 28.08
N CYS G 306 -16.90 14.99 29.23
CA CYS G 306 -17.03 14.15 30.42
C CYS G 306 -18.27 13.27 30.30
N PRO G 307 -18.14 11.95 30.44
CA PRO G 307 -19.34 11.10 30.36
C PRO G 307 -20.40 11.45 31.38
N SER G 308 -20.03 12.12 32.48
CA SER G 308 -21.01 12.53 33.46
C SER G 308 -22.00 13.57 32.91
N ASN G 309 -21.62 14.27 31.85
CA ASN G 309 -22.44 15.33 31.29
C ASN G 309 -23.28 14.88 30.09
N LEU G 310 -23.23 13.59 29.74
CA LEU G 310 -23.95 13.11 28.58
C LEU G 310 -25.45 13.32 28.75
N GLY G 311 -26.19 13.09 27.67
CA GLY G 311 -27.63 13.23 27.69
C GLY G 311 -28.09 14.63 27.38
N THR G 312 -28.42 15.39 28.43
CA THR G 312 -28.84 16.78 28.27
C THR G 312 -27.80 17.79 28.74
N GLY G 313 -26.89 17.39 29.63
CA GLY G 313 -25.94 18.33 30.17
C GLY G 313 -26.55 19.38 31.06
N LEU G 314 -27.82 19.23 31.43
CA LEU G 314 -28.51 20.26 32.18
C LEU G 314 -28.15 20.19 33.66
N ARG G 315 -27.88 21.35 34.25
CA ARG G 315 -27.53 21.46 35.66
C ARG G 315 -28.30 22.61 36.31
N ALA G 316 -29.61 22.63 36.12
CA ALA G 316 -30.43 23.62 36.78
C ALA G 316 -30.19 23.58 38.28
N GLY G 317 -29.93 24.75 38.87
CA GLY G 317 -29.57 24.81 40.27
C GLY G 317 -29.81 26.17 40.87
N VAL G 318 -29.48 26.29 42.15
CA VAL G 318 -29.72 27.51 42.92
C VAL G 318 -28.69 27.59 44.04
N HIS G 319 -28.29 28.82 44.37
CA HIS G 319 -27.55 29.06 45.60
C HIS G 319 -28.45 28.84 46.82
N ILE G 320 -27.88 28.31 47.89
CA ILE G 320 -28.62 28.01 49.10
C ILE G 320 -27.78 28.41 50.31
N LYS G 321 -28.43 28.95 51.33
CA LYS G 321 -27.74 29.51 52.49
C LYS G 321 -27.65 28.49 53.62
N LEU G 322 -27.01 28.89 54.71
CA LEU G 322 -26.75 28.04 55.87
C LEU G 322 -27.93 27.92 56.84
N PRO G 323 -28.62 29.02 57.18
CA PRO G 323 -29.34 29.07 58.47
C PRO G 323 -30.22 27.86 58.76
N LEU G 324 -31.21 27.58 57.91
CA LEU G 324 -32.11 26.47 58.15
C LEU G 324 -31.58 25.16 57.61
N LEU G 325 -30.87 25.20 56.48
CA LEU G 325 -30.38 23.98 55.85
C LEU G 325 -29.15 23.42 56.57
N SER G 326 -28.26 24.29 57.05
CA SER G 326 -27.06 23.81 57.72
C SER G 326 -27.39 23.02 58.96
N LYS G 327 -28.35 23.49 59.76
CA LYS G 327 -28.78 22.81 60.97
C LYS G 327 -29.90 21.79 60.72
N ASP G 328 -30.02 21.30 59.49
CA ASP G 328 -31.06 20.35 59.17
C ASP G 328 -30.82 19.03 59.89
N SER G 329 -31.91 18.28 60.11
CA SER G 329 -31.81 17.03 60.85
C SER G 329 -31.10 15.96 60.03
N ARG G 330 -31.69 15.59 58.89
CA ARG G 330 -31.16 14.54 58.01
C ARG G 330 -31.05 15.04 56.59
N PHE G 331 -30.45 16.21 56.42
CA PHE G 331 -30.40 16.86 55.11
C PHE G 331 -29.88 15.96 54.00
N PRO G 332 -28.75 15.26 54.16
CA PRO G 332 -28.28 14.41 53.04
C PRO G 332 -29.30 13.38 52.61
N LYS G 333 -30.03 12.80 53.57
CA LYS G 333 -31.05 11.82 53.22
C LYS G 333 -32.16 12.46 52.37
N ILE G 334 -32.60 13.67 52.76
CA ILE G 334 -33.64 14.34 52.00
C ILE G 334 -33.14 14.67 50.60
N LEU G 335 -31.89 15.15 50.49
CA LEU G 335 -31.35 15.47 49.17
C LEU G 335 -31.28 14.23 48.30
N GLU G 336 -30.77 13.12 48.84
CA GLU G 336 -30.66 11.90 48.05
C GLU G 336 -32.04 11.39 47.63
N ASN G 337 -33.01 11.45 48.55
CA ASN G 337 -34.36 10.99 48.22
C ASN G 337 -34.99 11.86 47.14
N LEU G 338 -34.76 13.18 47.21
CA LEU G 338 -35.27 14.10 46.20
C LEU G 338 -34.42 14.13 44.94
N ARG G 339 -33.28 13.44 44.93
CA ARG G 339 -32.38 13.42 43.79
C ARG G 339 -31.82 14.82 43.51
N LEU G 340 -31.30 15.45 44.57
CA LEU G 340 -30.68 16.77 44.49
C LEU G 340 -29.23 16.67 44.93
N GLN G 341 -28.33 17.18 44.09
CA GLN G 341 -26.92 17.23 44.41
C GLN G 341 -26.58 18.56 45.07
N LYS G 342 -25.68 18.51 46.05
CA LYS G 342 -25.23 19.71 46.76
C LYS G 342 -23.72 19.78 46.68
N ARG G 343 -23.20 20.92 46.22
CA ARG G 343 -21.76 21.11 46.10
C ARG G 343 -21.38 22.47 46.69
N GLY G 344 -20.07 22.69 46.77
CA GLY G 344 -19.56 23.91 47.38
C GLY G 344 -19.70 25.10 46.45
N THR G 345 -20.13 26.23 47.02
CA THR G 345 -20.27 27.45 46.25
C THR G 345 -18.91 27.94 45.75
N GLY G 346 -18.93 28.63 44.61
CA GLY G 346 -17.73 29.14 44.00
C GLY G 346 -17.06 28.20 43.02
N GLY G 347 -17.55 26.98 42.88
CA GLY G 347 -17.00 26.01 41.95
C GLY G 347 -16.95 24.63 42.57
N VAL G 348 -16.87 23.62 41.70
CA VAL G 348 -16.79 22.23 42.17
C VAL G 348 -15.51 22.03 42.97
N ASP G 349 -14.39 22.58 42.50
CA ASP G 349 -13.13 22.43 43.20
C ASP G 349 -13.18 23.07 44.59
N THR G 350 -13.79 24.25 44.68
CA THR G 350 -13.89 24.93 45.96
C THR G 350 -14.81 24.18 46.91
N ALA G 351 -14.55 24.33 48.20
CA ALA G 351 -15.33 23.70 49.26
C ALA G 351 -16.35 24.68 49.83
N ALA G 352 -17.40 24.12 50.44
CA ALA G 352 -18.44 24.95 51.02
C ALA G 352 -17.89 25.81 52.14
N THR G 353 -18.30 27.07 52.15
CA THR G 353 -17.87 28.04 53.15
C THR G 353 -19.08 28.79 53.68
N GLY G 354 -19.11 29.01 54.99
CA GLY G 354 -20.20 29.74 55.61
C GLY G 354 -21.53 29.05 55.50
N GLY G 355 -21.55 27.75 55.23
CA GLY G 355 -22.80 27.03 55.11
C GLY G 355 -23.60 27.38 53.88
N VAL G 356 -22.97 27.91 52.84
CA VAL G 356 -23.63 28.27 51.60
C VAL G 356 -23.20 27.27 50.53
N PHE G 357 -24.16 26.61 49.90
CA PHE G 357 -23.88 25.58 48.92
C PHE G 357 -24.65 25.88 47.63
N ASP G 358 -24.48 25.01 46.64
CA ASP G 358 -25.21 25.05 45.40
C ASP G 358 -25.99 23.75 45.26
N ILE G 359 -27.30 23.87 45.06
CA ILE G 359 -28.20 22.72 44.99
C ILE G 359 -28.68 22.62 43.54
N SER G 360 -28.39 21.49 42.90
CA SER G 360 -28.75 21.27 41.51
C SER G 360 -29.26 19.85 41.38
N ASN G 361 -29.44 19.39 40.14
CA ASN G 361 -29.84 18.02 39.88
C ASN G 361 -28.62 17.12 39.81
N LEU G 362 -28.86 15.80 39.91
CA LEU G 362 -27.79 14.81 39.92
C LEU G 362 -27.55 14.21 38.54
N ASP G 363 -28.59 13.69 37.90
CA ASP G 363 -28.44 12.93 36.67
C ASP G 363 -28.75 13.80 35.45
N ARG G 364 -28.05 13.53 34.37
CA ARG G 364 -28.23 14.22 33.10
C ARG G 364 -28.85 13.32 32.04
N LEU G 365 -28.24 12.16 31.79
CA LEU G 365 -28.79 11.21 30.84
C LEU G 365 -30.05 10.57 31.40
N GLY G 366 -30.95 10.18 30.50
CA GLY G 366 -32.22 9.60 30.90
C GLY G 366 -33.36 10.59 30.86
N LYS G 367 -33.67 11.19 31.99
CA LYS G 367 -34.76 12.16 32.05
C LYS G 367 -34.48 13.36 31.16
N SER G 368 -35.54 14.05 30.75
CA SER G 368 -35.44 15.17 29.84
C SER G 368 -35.23 16.48 30.61
N GLU G 369 -34.95 17.54 29.86
CA GLU G 369 -34.65 18.83 30.47
C GLU G 369 -35.83 19.34 31.28
N VAL G 370 -37.04 19.26 30.72
CA VAL G 370 -38.22 19.70 31.45
C VAL G 370 -38.40 18.87 32.71
N GLU G 371 -38.20 17.55 32.61
CA GLU G 371 -38.33 16.69 33.78
C GLU G 371 -37.31 17.06 34.84
N LEU G 372 -36.07 17.32 34.43
CA LEU G 372 -35.04 17.66 35.41
C LEU G 372 -35.34 18.99 36.09
N VAL G 373 -35.79 19.98 35.32
CA VAL G 373 -36.12 21.28 35.91
C VAL G 373 -37.28 21.14 36.88
N GLN G 374 -38.31 20.38 36.49
CA GLN G 374 -39.44 20.15 37.38
C GLN G 374 -39.00 19.44 38.65
N LEU G 375 -38.10 18.46 38.52
CA LEU G 375 -37.59 17.76 39.69
C LEU G 375 -36.87 18.71 40.62
N VAL G 376 -36.02 19.58 40.06
CA VAL G 376 -35.29 20.54 40.90
C VAL G 376 -36.25 21.49 41.59
N ILE G 377 -37.26 21.97 40.86
CA ILE G 377 -38.22 22.90 41.45
C ILE G 377 -38.99 22.22 42.59
N ASP G 378 -39.45 20.99 42.37
CA ASP G 378 -40.17 20.27 43.41
C ASP G 378 -39.26 20.03 44.63
N GLY G 379 -38.01 19.65 44.39
CA GLY G 379 -37.10 19.41 45.50
C GLY G 379 -36.84 20.65 46.31
N VAL G 380 -36.62 21.79 45.65
CA VAL G 380 -36.35 23.02 46.38
C VAL G 380 -37.62 23.50 47.10
N ASN G 381 -38.80 23.30 46.49
CA ASN G 381 -40.03 23.63 47.19
C ASN G 381 -40.20 22.78 48.44
N TYR G 382 -39.90 21.49 48.34
CA TYR G 382 -39.97 20.64 49.52
C TYR G 382 -38.97 21.07 50.58
N LEU G 383 -37.76 21.45 50.16
CA LEU G 383 -36.73 21.85 51.12
C LEU G 383 -37.14 23.11 51.85
N ILE G 384 -37.58 24.14 51.12
CA ILE G 384 -38.04 25.37 51.77
C ILE G 384 -39.28 25.08 52.60
N ASP G 385 -40.04 24.05 52.24
CA ASP G 385 -41.12 23.59 53.10
C ASP G 385 -40.60 22.78 54.27
N CYS G 386 -39.53 22.00 54.07
CA CYS G 386 -38.93 21.18 55.12
C CYS G 386 -37.65 21.78 55.67
N GLU G 387 -37.57 23.11 55.73
CA GLU G 387 -36.48 23.81 56.40
C GLU G 387 -36.80 24.07 57.87
N ARG G 388 -37.64 23.23 58.48
CA ARG G 388 -38.29 23.52 59.74
C ARG G 388 -37.34 24.08 60.78
N ARG G 389 -37.57 25.34 61.16
CA ARG G 389 -36.95 25.95 62.32
C ARG G 389 -38.05 26.57 63.17
N LEU G 390 -39.11 27.05 62.51
CA LEU G 390 -40.30 27.49 63.22
C LEU G 390 -40.94 26.33 63.99
N GLU G 391 -40.97 25.14 63.38
CA GLU G 391 -41.47 23.94 64.03
C GLU G 391 -40.57 22.78 63.61
N ARG G 392 -41.01 21.57 63.91
CA ARG G 392 -40.32 20.34 63.52
C ARG G 392 -41.26 19.44 62.74
N GLY G 393 -40.75 18.28 62.32
CA GLY G 393 -41.55 17.33 61.58
C GLY G 393 -41.06 17.08 60.17
N GLN G 394 -39.74 17.17 59.96
CA GLN G 394 -39.18 16.85 58.66
C GLN G 394 -39.58 15.44 58.25
N ASP G 395 -40.09 15.30 57.02
CA ASP G 395 -40.67 14.04 56.57
C ASP G 395 -39.80 13.30 55.55
N ILE G 396 -38.81 13.95 54.95
CA ILE G 396 -37.98 13.32 53.94
C ILE G 396 -38.84 12.92 52.76
N ARG G 397 -39.72 11.94 52.95
CA ARG G 397 -40.74 11.56 51.98
C ARG G 397 -40.10 11.13 50.65
N ILE G 398 -39.36 10.03 50.73
CA ILE G 398 -38.79 9.39 49.54
C ILE G 398 -39.89 9.17 48.52
N SER H 31 -3.41 0.24 15.47
CA SER H 31 -2.81 1.52 15.81
C SER H 31 -1.29 1.48 15.68
N GLU H 32 -0.73 2.57 15.17
CA GLU H 32 0.72 2.70 15.03
C GLU H 32 1.38 3.32 16.25
N ARG H 33 0.61 3.63 17.29
CA ARG H 33 1.17 4.21 18.51
C ARG H 33 1.79 3.16 19.42
N ARG H 34 1.61 1.87 19.13
CA ARG H 34 2.23 0.84 19.94
C ARG H 34 3.74 0.83 19.74
N ARG H 35 4.46 0.49 20.80
CA ARG H 35 5.91 0.54 20.81
C ARG H 35 6.50 -0.85 20.67
N LEU H 36 7.54 -0.97 19.84
CA LEU H 36 8.26 -2.22 19.71
C LEU H 36 9.26 -2.38 20.84
N TYR H 37 9.66 -3.63 21.08
CA TYR H 37 10.72 -3.88 22.04
C TYR H 37 12.00 -3.20 21.56
N PRO H 38 12.69 -2.45 22.42
CA PRO H 38 13.95 -1.84 21.99
C PRO H 38 14.93 -2.91 21.56
N PRO H 39 15.76 -2.65 20.56
CA PRO H 39 16.72 -3.68 20.12
C PRO H 39 17.59 -4.18 21.26
N SER H 40 17.99 -3.30 22.17
CA SER H 40 18.81 -3.74 23.30
C SER H 40 18.08 -4.74 24.18
N ALA H 41 16.74 -4.78 24.11
CA ALA H 41 16.01 -5.79 24.86
C ALA H 41 16.25 -7.19 24.30
N GLU H 42 16.55 -7.29 23.01
CA GLU H 42 16.79 -8.57 22.36
C GLU H 42 18.26 -8.96 22.35
N TYR H 43 19.14 -8.11 22.88
CA TYR H 43 20.57 -8.38 22.79
C TYR H 43 20.91 -9.66 23.52
N PRO H 44 21.66 -10.58 22.92
CA PRO H 44 21.99 -11.83 23.61
C PRO H 44 22.89 -11.61 24.81
N ASP H 45 22.82 -12.54 25.76
CA ASP H 45 23.67 -12.52 26.94
C ASP H 45 24.92 -13.34 26.62
N LEU H 46 26.00 -12.65 26.26
CA LEU H 46 27.23 -13.30 25.80
C LEU H 46 28.36 -13.16 26.82
N ARG H 47 28.02 -13.06 28.10
CA ARG H 47 29.04 -12.84 29.12
C ARG H 47 29.95 -14.04 29.33
N LYS H 48 29.60 -15.20 28.78
CA LYS H 48 30.40 -16.41 28.96
C LYS H 48 30.51 -17.17 27.63
N HIS H 49 30.77 -16.43 26.55
CA HIS H 49 30.84 -17.00 25.21
C HIS H 49 32.26 -16.87 24.68
N ASN H 50 32.65 -17.83 23.83
CA ASN H 50 34.02 -17.92 23.33
C ASN H 50 34.03 -18.21 21.84
N ASN H 51 33.25 -17.44 21.07
CA ASN H 51 33.27 -17.53 19.62
C ASN H 51 33.43 -16.12 19.04
N CYS H 52 33.93 -16.08 17.80
CA CYS H 52 34.21 -14.79 17.17
C CYS H 52 32.97 -13.91 17.12
N MET H 53 31.78 -14.51 16.97
CA MET H 53 30.56 -13.72 16.98
C MET H 53 30.38 -13.00 18.31
N ALA H 54 30.62 -13.70 19.41
CA ALA H 54 30.47 -13.09 20.72
C ALA H 54 31.47 -11.96 20.92
N SER H 55 32.71 -12.16 20.45
CA SER H 55 33.74 -11.15 20.65
C SER H 55 33.54 -9.93 19.75
N HIS H 56 32.91 -10.11 18.59
CA HIS H 56 32.76 -9.03 17.63
C HIS H 56 31.36 -8.44 17.60
N LEU H 57 30.39 -9.03 18.30
CA LEU H 57 29.05 -8.48 18.38
C LEU H 57 28.99 -7.46 19.50
N THR H 58 28.54 -6.26 19.18
CA THR H 58 28.43 -5.16 20.14
C THR H 58 27.03 -4.59 20.08
N PRO H 59 26.59 -3.92 21.15
CA PRO H 59 25.21 -3.39 21.15
C PRO H 59 24.93 -2.48 19.97
N ALA H 60 25.90 -1.64 19.58
CA ALA H 60 25.68 -0.74 18.46
C ALA H 60 25.43 -1.52 17.17
N VAL H 61 26.26 -2.51 16.90
CA VAL H 61 26.11 -3.30 15.68
C VAL H 61 24.79 -4.05 15.70
N TYR H 62 24.46 -4.67 16.83
CA TYR H 62 23.20 -5.42 16.92
C TYR H 62 22.02 -4.51 16.67
N ALA H 63 22.00 -3.34 17.30
CA ALA H 63 20.90 -2.41 17.10
C ALA H 63 20.83 -1.94 15.66
N ARG H 64 21.99 -1.70 15.03
CA ARG H 64 22.00 -1.26 13.64
C ARG H 64 21.42 -2.33 12.72
N LEU H 65 21.77 -3.59 12.93
CA LEU H 65 21.36 -4.68 12.05
C LEU H 65 20.10 -5.39 12.52
N CYS H 66 19.51 -4.99 13.64
CA CYS H 66 18.39 -5.73 14.19
C CYS H 66 17.16 -5.73 13.28
N ASP H 67 17.04 -4.75 12.39
CA ASP H 67 15.83 -4.58 11.60
C ASP H 67 16.01 -4.95 10.13
N LYS H 68 17.22 -5.22 9.67
CA LYS H 68 17.43 -5.57 8.28
C LYS H 68 17.15 -7.05 8.06
N THR H 69 17.07 -7.43 6.78
CA THR H 69 16.80 -8.81 6.41
C THR H 69 17.11 -8.99 4.93
N THR H 70 17.56 -10.18 4.58
CA THR H 70 17.80 -10.51 3.19
C THR H 70 16.46 -10.67 2.46
N PRO H 71 16.46 -10.59 1.14
CA PRO H 71 15.18 -10.68 0.41
C PRO H 71 14.40 -11.94 0.71
N THR H 72 15.08 -13.02 1.09
CA THR H 72 14.41 -14.27 1.41
C THR H 72 13.96 -14.35 2.87
N GLY H 73 14.22 -13.31 3.66
CA GLY H 73 13.75 -13.25 5.03
C GLY H 73 14.76 -13.63 6.10
N TRP H 74 16.01 -13.85 5.73
CA TRP H 74 17.04 -14.19 6.71
C TRP H 74 17.36 -12.96 7.55
N THR H 75 17.42 -13.14 8.87
CA THR H 75 17.63 -12.06 9.81
C THR H 75 18.89 -12.31 10.63
N LEU H 76 19.34 -11.27 11.33
CA LEU H 76 20.58 -11.35 12.10
C LEU H 76 20.47 -12.39 13.21
N ASP H 77 19.34 -12.43 13.90
CA ASP H 77 19.18 -13.40 14.97
C ASP H 77 19.33 -14.82 14.44
N GLN H 78 18.78 -15.08 13.24
CA GLN H 78 18.96 -16.39 12.63
C GLN H 78 20.42 -16.64 12.30
N CYS H 79 21.16 -15.60 11.91
CA CYS H 79 22.58 -15.77 11.65
C CYS H 79 23.34 -16.18 12.90
N ILE H 80 23.04 -15.54 14.03
CA ILE H 80 23.85 -15.70 15.24
C ILE H 80 23.25 -16.69 16.23
N GLN H 81 22.15 -17.36 15.87
CA GLN H 81 21.54 -18.30 16.79
C GLN H 81 22.50 -19.44 17.14
N THR H 82 23.21 -19.97 16.15
CA THR H 82 24.11 -21.09 16.44
C THR H 82 25.20 -20.68 17.43
N GLY H 83 25.76 -19.48 17.26
CA GLY H 83 26.76 -19.01 18.20
C GLY H 83 26.19 -18.75 19.58
N VAL H 84 24.98 -18.18 19.64
CA VAL H 84 24.37 -17.87 20.93
C VAL H 84 24.09 -19.15 21.70
N ASP H 85 23.54 -20.16 21.02
CA ASP H 85 23.17 -21.40 21.70
C ASP H 85 24.39 -22.11 22.25
N ASN H 86 25.49 -22.12 21.50
N ASN H 86 25.49 -22.12 21.50
CA ASN H 86 26.70 -22.81 21.91
CA ASN H 86 26.70 -22.81 21.91
C ASN H 86 27.72 -21.78 22.38
C ASN H 86 27.72 -21.78 22.40
N PRO H 87 27.97 -21.66 23.69
N PRO H 87 27.99 -21.69 23.70
CA PRO H 87 28.97 -20.68 24.13
CA PRO H 87 28.93 -20.67 24.17
C PRO H 87 30.35 -20.93 23.58
C PRO H 87 30.35 -20.87 23.65
N GLY H 88 30.68 -22.19 23.27
N GLY H 88 30.91 -22.06 23.82
CA GLY H 88 31.97 -22.51 22.71
CA GLY H 88 32.26 -22.32 23.38
C GLY H 88 32.99 -22.93 23.76
C GLY H 88 32.45 -23.74 22.88
N HIS H 89 33.65 -24.04 23.52
N HIS H 89 32.99 -23.88 21.67
CA HIS H 89 34.67 -24.51 24.46
CA HIS H 89 33.20 -25.21 21.12
C HIS H 89 35.84 -23.53 24.48
C HIS H 89 34.25 -25.96 21.94
N PRO H 90 36.33 -23.13 25.66
N PRO H 90 34.05 -27.26 22.16
CA PRO H 90 37.50 -22.25 25.69
CA PRO H 90 35.01 -28.00 23.00
C PRO H 90 38.70 -22.88 25.00
C PRO H 90 36.43 -28.02 22.44
N PHE H 91 39.50 -22.04 24.35
N PHE H 91 36.58 -28.07 21.11
CA PHE H 91 40.70 -22.39 23.60
CA PHE H 91 37.89 -28.28 20.50
C PHE H 91 40.35 -22.99 22.23
C PHE H 91 38.52 -26.98 20.00
N ILE H 92 39.08 -23.18 21.92
N ILE H 92 37.82 -26.26 19.11
CA ILE H 92 38.64 -23.68 20.61
CA ILE H 92 38.38 -25.10 18.43
C ILE H 92 37.89 -22.56 19.91
C ILE H 92 37.46 -23.91 18.60
N LYS H 93 38.30 -22.25 18.69
N LYS H 93 38.02 -22.72 18.46
CA LYS H 93 37.75 -21.14 17.94
CA LYS H 93 37.22 -21.50 18.47
C LYS H 93 36.67 -21.66 17.00
C LYS H 93 36.37 -21.45 17.20
N THR H 94 35.46 -21.12 17.14
N THR H 94 35.06 -21.43 17.38
CA THR H 94 34.35 -21.41 16.24
CA THR H 94 34.13 -21.50 16.26
C THR H 94 33.73 -20.10 15.80
C THR H 94 33.71 -20.11 15.80
N VAL H 95 33.33 -20.03 14.52
CA VAL H 95 32.82 -18.77 13.99
C VAL H 95 31.54 -18.38 14.71
N GLY H 96 30.64 -19.33 14.91
CA GLY H 96 29.40 -19.07 15.62
C GLY H 96 28.32 -18.41 14.79
N MET H 97 28.51 -18.28 13.48
CA MET H 97 27.51 -17.70 12.60
C MET H 97 27.40 -18.52 11.34
N VAL H 98 26.24 -18.41 10.68
CA VAL H 98 26.00 -19.03 9.38
C VAL H 98 25.23 -18.04 8.53
N ALA H 99 25.23 -18.30 7.22
CA ALA H 99 24.51 -17.47 6.26
C ALA H 99 23.36 -18.26 5.67
N GLY H 100 22.23 -17.60 5.49
CA GLY H 100 21.06 -18.24 4.91
C GLY H 100 20.92 -18.10 3.42
N ASP H 101 21.73 -17.27 2.79
CA ASP H 101 21.69 -17.08 1.34
C ASP H 101 22.88 -16.22 0.94
N GLU H 102 23.02 -15.99 -0.36
CA GLU H 102 24.15 -15.21 -0.86
C GLU H 102 24.10 -13.77 -0.35
N GLU H 103 22.90 -13.18 -0.34
CA GLU H 103 22.79 -11.77 0.04
C GLU H 103 23.20 -11.52 1.48
N THR H 104 23.21 -12.56 2.33
CA THR H 104 23.51 -12.36 3.74
C THR H 104 24.85 -11.64 3.92
N TYR H 105 25.90 -12.17 3.30
CA TYR H 105 27.23 -11.58 3.48
C TYR H 105 27.28 -10.13 3.04
N GLU H 106 26.36 -9.69 2.20
CA GLU H 106 26.28 -8.29 1.82
C GLU H 106 25.38 -7.51 2.78
N VAL H 107 24.27 -8.10 3.19
CA VAL H 107 23.33 -7.36 4.05
C VAL H 107 23.91 -7.17 5.44
N PHE H 108 24.50 -8.21 6.01
CA PHE H 108 25.07 -8.17 7.35
C PHE H 108 26.60 -8.11 7.31
N ALA H 109 27.14 -7.40 6.32
CA ALA H 109 28.59 -7.31 6.20
C ALA H 109 29.22 -6.62 7.40
N ASP H 110 28.48 -5.70 8.04
CA ASP H 110 29.05 -4.98 9.17
C ASP H 110 29.48 -5.91 10.29
N LEU H 111 28.84 -7.08 10.40
CA LEU H 111 29.19 -8.06 11.41
C LEU H 111 30.06 -9.18 10.87
N PHE H 112 29.85 -9.59 9.63
CA PHE H 112 30.61 -10.70 9.07
C PHE H 112 32.04 -10.30 8.74
N ASP H 113 32.24 -9.07 8.25
CA ASP H 113 33.56 -8.66 7.80
C ASP H 113 34.61 -8.76 8.90
N PRO H 114 34.39 -8.23 10.11
CA PRO H 114 35.37 -8.46 11.17
C PRO H 114 35.59 -9.93 11.47
N VAL H 115 34.52 -10.73 11.43
CA VAL H 115 34.65 -12.16 11.71
C VAL H 115 35.47 -12.84 10.64
N ILE H 116 35.18 -12.54 9.36
CA ILE H 116 35.95 -13.13 8.28
C ILE H 116 37.41 -12.72 8.39
N GLN H 117 37.67 -11.45 8.71
CA GLN H 117 39.05 -10.98 8.83
C GLN H 117 39.77 -11.70 9.96
N GLU H 118 39.12 -11.86 11.11
CA GLU H 118 39.75 -12.55 12.22
C GLU H 118 40.01 -14.02 11.89
N ARG H 119 39.07 -14.67 11.22
CA ARG H 119 39.23 -16.10 10.92
C ARG H 119 40.39 -16.32 9.96
N HIS H 120 40.40 -15.60 8.85
CA HIS H 120 41.38 -15.83 7.78
C HIS H 120 42.58 -14.90 7.93
N ASN H 121 43.22 -15.00 9.09
CA ASN H 121 44.51 -14.39 9.39
C ASN H 121 44.67 -13.02 8.71
N GLY H 122 43.66 -12.19 8.87
CA GLY H 122 43.77 -10.79 8.50
C GLY H 122 43.27 -10.42 7.12
N TYR H 123 42.79 -11.38 6.33
CA TYR H 123 42.24 -11.06 5.02
C TYR H 123 41.08 -10.07 5.20
N ASP H 124 41.11 -8.99 4.41
CA ASP H 124 40.11 -7.94 4.55
C ASP H 124 39.12 -8.04 3.40
N PRO H 125 37.88 -8.49 3.62
CA PRO H 125 36.93 -8.57 2.50
C PRO H 125 36.64 -7.22 1.86
N ARG H 126 36.66 -6.14 2.65
CA ARG H 126 36.26 -4.84 2.11
C ARG H 126 37.26 -4.31 1.10
N THR H 127 38.56 -4.64 1.26
CA THR H 127 39.61 -4.08 0.42
C THR H 127 40.23 -5.11 -0.51
N MET H 128 40.61 -6.28 0.00
CA MET H 128 41.32 -7.26 -0.79
C MET H 128 40.37 -8.04 -1.68
N LYS H 129 40.95 -8.77 -2.63
CA LYS H 129 40.20 -9.57 -3.60
C LYS H 129 40.74 -10.99 -3.61
N HIS H 130 39.88 -11.93 -3.98
CA HIS H 130 40.21 -13.35 -4.00
C HIS H 130 40.37 -13.83 -5.43
N THR H 131 41.41 -14.62 -5.67
CA THR H 131 41.69 -15.21 -6.98
C THR H 131 41.60 -16.71 -6.88
N THR H 132 40.85 -17.32 -7.80
CA THR H 132 40.67 -18.77 -7.84
C THR H 132 41.49 -19.35 -8.99
N ASP H 133 42.26 -20.39 -8.68
CA ASP H 133 43.10 -21.05 -9.67
C ASP H 133 43.14 -22.53 -9.34
N LEU H 134 42.62 -23.36 -10.25
CA LEU H 134 42.53 -24.80 -10.04
C LEU H 134 43.43 -25.59 -10.98
N ASP H 135 44.34 -24.92 -11.70
CA ASP H 135 45.17 -25.61 -12.67
C ASP H 135 46.09 -26.62 -11.99
N ALA H 136 45.80 -27.91 -12.18
CA ALA H 136 46.61 -28.97 -11.58
C ALA H 136 47.97 -29.11 -12.26
N SER H 137 48.20 -28.43 -13.38
CA SER H 137 49.51 -28.49 -14.03
C SER H 137 50.56 -27.74 -13.23
N LYS H 138 50.18 -26.65 -12.56
CA LYS H 138 51.15 -25.83 -11.85
C LYS H 138 51.82 -26.60 -10.72
N ILE H 139 51.04 -27.40 -9.98
CA ILE H 139 51.61 -28.12 -8.84
C ILE H 139 52.73 -29.02 -9.31
N ARG H 140 53.78 -29.13 -8.50
CA ARG H 140 54.92 -29.98 -8.75
C ARG H 140 55.02 -31.04 -7.66
N SER H 141 56.13 -31.79 -7.67
CA SER H 141 56.34 -32.85 -6.69
C SER H 141 55.25 -33.91 -6.82
N GLY H 142 54.30 -33.94 -5.89
CA GLY H 142 53.19 -34.86 -5.98
C GLY H 142 53.45 -36.19 -5.31
N TYR H 143 54.44 -36.93 -5.80
CA TYR H 143 54.74 -38.24 -5.22
C TYR H 143 55.16 -38.10 -3.76
N PHE H 144 54.59 -38.94 -2.91
CA PHE H 144 54.86 -38.96 -1.48
C PHE H 144 55.55 -40.27 -1.10
N ASP H 145 55.88 -40.38 0.18
CA ASP H 145 56.46 -41.59 0.75
C ASP H 145 55.46 -42.22 1.71
N GLU H 146 55.19 -43.50 1.51
CA GLU H 146 54.19 -44.22 2.30
C GLU H 146 54.78 -44.56 3.68
N ARG H 147 54.91 -43.51 4.50
CA ARG H 147 55.38 -43.65 5.88
C ARG H 147 54.27 -43.38 6.88
N TYR H 148 53.63 -42.22 6.80
CA TYR H 148 52.49 -41.91 7.65
C TYR H 148 51.32 -41.30 6.88
N VAL H 149 51.46 -41.10 5.56
CA VAL H 149 50.39 -40.47 4.80
C VAL H 149 49.17 -41.38 4.73
N LEU H 150 49.39 -42.67 4.47
CA LEU H 150 48.29 -43.62 4.34
C LEU H 150 47.40 -43.26 3.15
N SER H 151 46.66 -42.17 3.25
CA SER H 151 45.75 -41.74 2.21
C SER H 151 45.73 -40.22 2.13
N SER H 152 45.33 -39.71 0.97
CA SER H 152 45.23 -38.28 0.72
C SER H 152 43.83 -37.93 0.26
N ARG H 153 43.42 -36.69 0.57
CA ARG H 153 42.07 -36.24 0.27
C ARG H 153 42.09 -34.74 0.00
N VAL H 154 41.16 -34.31 -0.86
CA VAL H 154 40.93 -32.90 -1.15
C VAL H 154 39.43 -32.68 -1.16
N ARG H 155 38.99 -31.55 -0.60
CA ARG H 155 37.57 -31.28 -0.44
C ARG H 155 37.27 -29.82 -0.72
N THR H 156 36.13 -29.55 -1.34
CA THR H 156 35.61 -28.20 -1.49
C THR H 156 34.10 -28.25 -1.39
N GLY H 157 33.49 -27.06 -1.38
CA GLY H 157 32.05 -26.95 -1.34
C GLY H 157 31.57 -25.93 -2.34
N ARG H 158 30.35 -26.17 -2.85
CA ARG H 158 29.74 -25.28 -3.83
C ARG H 158 28.26 -25.12 -3.52
N SER H 159 27.76 -23.93 -3.82
CA SER H 159 26.37 -23.57 -3.60
C SER H 159 25.76 -23.10 -4.91
N ILE H 160 24.56 -23.58 -5.21
CA ILE H 160 23.86 -23.21 -6.44
C ILE H 160 23.20 -21.85 -6.24
N ARG H 161 23.49 -20.91 -7.15
CA ARG H 161 22.93 -19.58 -7.04
C ARG H 161 21.41 -19.61 -7.23
N GLY H 162 20.73 -18.73 -6.51
CA GLY H 162 19.29 -18.64 -6.57
C GLY H 162 18.55 -19.51 -5.58
N LEU H 163 19.24 -20.36 -4.83
CA LEU H 163 18.63 -21.26 -3.87
C LEU H 163 19.18 -20.97 -2.48
N SER H 164 18.28 -21.00 -1.49
CA SER H 164 18.69 -20.69 -0.12
C SER H 164 19.66 -21.75 0.39
N LEU H 165 20.54 -21.32 1.29
CA LEU H 165 21.54 -22.21 1.85
C LEU H 165 20.91 -23.14 2.89
N PRO H 166 21.61 -24.21 3.26
CA PRO H 166 21.01 -25.25 4.09
C PRO H 166 20.37 -24.70 5.35
N PRO H 167 20.96 -23.71 6.01
CA PRO H 167 20.33 -23.16 7.22
C PRO H 167 18.94 -22.61 6.97
N ALA H 168 18.67 -22.07 5.78
CA ALA H 168 17.40 -21.42 5.49
C ALA H 168 16.58 -22.12 4.41
N CYS H 169 17.13 -23.08 3.69
CA CYS H 169 16.43 -23.67 2.57
C CYS H 169 15.18 -24.40 3.05
N THR H 170 14.10 -24.26 2.28
CA THR H 170 12.88 -25.02 2.52
C THR H 170 13.00 -26.41 1.91
N ARG H 171 11.96 -27.22 2.07
CA ARG H 171 11.97 -28.56 1.48
C ARG H 171 12.04 -28.47 -0.03
N ALA H 172 11.27 -27.57 -0.63
CA ALA H 172 11.27 -27.45 -2.09
C ALA H 172 12.64 -27.04 -2.61
N GLU H 173 13.29 -26.08 -1.94
CA GLU H 173 14.61 -25.64 -2.39
C GLU H 173 15.63 -26.75 -2.26
N ARG H 174 15.60 -27.52 -1.17
CA ARG H 174 16.51 -28.64 -1.02
C ARG H 174 16.30 -29.67 -2.11
N ARG H 175 15.03 -29.98 -2.41
CA ARG H 175 14.74 -30.93 -3.48
C ARG H 175 15.22 -30.39 -4.82
N GLU H 176 15.09 -29.09 -5.05
CA GLU H 176 15.57 -28.50 -6.29
C GLU H 176 17.09 -28.62 -6.40
N VAL H 177 17.80 -28.38 -5.30
CA VAL H 177 19.25 -28.53 -5.31
C VAL H 177 19.62 -29.96 -5.67
N GLU H 178 18.93 -30.92 -5.03
CA GLU H 178 19.22 -32.33 -5.31
C GLU H 178 18.96 -32.65 -6.78
N ARG H 179 17.85 -32.15 -7.32
N ARG H 179 17.84 -32.16 -7.32
CA ARG H 179 17.52 -32.42 -8.72
CA ARG H 179 17.52 -32.41 -8.72
C ARG H 179 18.58 -31.86 -9.65
C ARG H 179 18.60 -31.86 -9.64
N VAL H 180 18.99 -30.61 -9.43
CA VAL H 180 19.99 -29.98 -10.30
C VAL H 180 21.29 -30.76 -10.25
N VAL H 181 21.75 -31.09 -9.04
CA VAL H 181 23.04 -31.75 -8.92
C VAL H 181 22.99 -33.15 -9.53
N VAL H 182 21.90 -33.89 -9.28
CA VAL H 182 21.82 -35.25 -9.80
C VAL H 182 21.73 -35.25 -11.31
N ASP H 183 20.90 -34.37 -11.88
CA ASP H 183 20.79 -34.30 -13.34
C ASP H 183 22.13 -33.93 -13.97
N ALA H 184 22.85 -32.98 -13.36
CA ALA H 184 24.16 -32.62 -13.89
C ALA H 184 25.12 -33.79 -13.83
N LEU H 185 25.25 -34.41 -12.66
CA LEU H 185 26.19 -35.52 -12.50
C LEU H 185 25.84 -36.69 -13.40
N SER H 186 24.57 -36.84 -13.78
CA SER H 186 24.22 -37.91 -14.72
C SER H 186 25.00 -37.77 -16.03
N GLY H 187 25.40 -36.56 -16.38
CA GLY H 187 26.15 -36.35 -17.62
C GLY H 187 27.62 -36.66 -17.55
N LEU H 188 28.16 -36.90 -16.35
CA LEU H 188 29.57 -37.25 -16.24
C LEU H 188 29.85 -38.55 -16.98
N LYS H 189 30.95 -38.57 -17.72
CA LYS H 189 31.37 -39.73 -18.50
C LYS H 189 32.82 -40.07 -18.13
N GLY H 190 33.34 -41.10 -18.78
CA GLY H 190 34.72 -41.49 -18.55
C GLY H 190 34.92 -42.09 -17.17
N ASP H 191 36.13 -41.90 -16.64
CA ASP H 191 36.47 -42.46 -15.34
C ASP H 191 35.57 -41.89 -14.24
N LEU H 192 35.20 -40.60 -14.36
CA LEU H 192 34.35 -39.97 -13.36
C LEU H 192 32.89 -40.31 -13.60
N ALA H 193 32.57 -41.59 -13.76
CA ALA H 193 31.21 -42.05 -13.96
C ALA H 193 30.80 -42.91 -12.78
N GLY H 194 29.67 -42.59 -12.18
CA GLY H 194 29.26 -43.27 -10.97
C GLY H 194 27.76 -43.23 -10.77
N ARG H 195 27.37 -43.43 -9.52
CA ARG H 195 25.96 -43.52 -9.16
C ARG H 195 25.63 -42.62 -7.99
N TYR H 196 24.37 -42.18 -7.94
CA TYR H 196 23.85 -41.38 -6.85
C TYR H 196 23.00 -42.26 -5.95
N TYR H 197 23.30 -42.26 -4.66
CA TYR H 197 22.57 -43.03 -3.66
C TYR H 197 21.86 -42.08 -2.72
N ARG H 198 20.56 -42.28 -2.56
CA ARG H 198 19.73 -41.45 -1.68
C ARG H 198 19.77 -42.03 -0.28
N LEU H 199 19.97 -41.16 0.71
CA LEU H 199 20.02 -41.62 2.09
C LEU H 199 18.71 -42.28 2.50
N SER H 200 17.58 -41.70 2.10
CA SER H 200 16.29 -42.26 2.46
C SER H 200 16.13 -43.68 1.92
N GLU H 201 16.83 -44.02 0.84
CA GLU H 201 16.73 -45.33 0.21
C GLU H 201 17.89 -46.24 0.57
N MET H 202 18.74 -45.85 1.51
CA MET H 202 19.93 -46.60 1.87
C MET H 202 19.74 -47.25 3.22
N THR H 203 20.11 -48.53 3.32
CA THR H 203 19.97 -49.26 4.57
C THR H 203 20.88 -48.70 5.64
N GLU H 204 20.48 -48.89 6.91
CA GLU H 204 21.28 -48.39 8.02
C GLU H 204 22.65 -49.05 8.04
N ALA H 205 22.71 -50.37 7.78
CA ALA H 205 23.99 -51.05 7.77
C ALA H 205 24.90 -50.51 6.67
N GLU H 206 24.34 -50.29 5.47
CA GLU H 206 25.13 -49.75 4.38
C GLU H 206 25.63 -48.35 4.71
N GLN H 207 24.78 -47.51 5.31
CA GLN H 207 25.21 -46.17 5.69
C GLN H 207 26.32 -46.22 6.72
N GLN H 208 26.19 -47.10 7.72
CA GLN H 208 27.23 -47.22 8.74
C GLN H 208 28.54 -47.69 8.12
N GLN H 209 28.47 -48.66 7.20
CA GLN H 209 29.68 -49.13 6.54
C GLN H 209 30.34 -48.02 5.74
N LEU H 210 29.54 -47.25 5.01
CA LEU H 210 30.10 -46.14 4.23
C LEU H 210 30.73 -45.10 5.15
N ILE H 211 30.08 -44.79 6.28
CA ILE H 211 30.63 -43.82 7.21
C ILE H 211 31.96 -44.30 7.77
N ASP H 212 32.01 -45.57 8.18
CA ASP H 212 33.25 -46.11 8.73
C ASP H 212 34.38 -46.09 7.72
N ASP H 213 34.06 -46.28 6.43
CA ASP H 213 35.06 -46.25 5.38
C ASP H 213 35.41 -44.83 4.95
N HIS H 214 34.99 -43.81 5.70
CA HIS H 214 35.27 -42.42 5.39
C HIS H 214 34.65 -41.98 4.07
N PHE H 215 33.60 -42.68 3.61
CA PHE H 215 32.97 -42.40 2.33
C PHE H 215 31.53 -41.94 2.49
N LEU H 216 31.15 -41.41 3.64
CA LEU H 216 29.78 -40.97 3.87
C LEU H 216 29.75 -40.05 5.07
N PHE H 217 28.63 -39.33 5.20
CA PHE H 217 28.39 -38.40 6.30
C PHE H 217 27.27 -38.93 7.18
N ASP H 218 27.39 -38.70 8.48
CA ASP H 218 26.40 -39.16 9.44
C ASP H 218 25.38 -38.06 9.72
N LYS H 219 24.30 -38.44 10.39
CA LYS H 219 23.28 -37.46 10.75
C LYS H 219 23.90 -36.41 11.68
N PRO H 220 23.70 -35.12 11.41
CA PRO H 220 24.30 -34.10 12.28
C PRO H 220 23.80 -34.25 13.71
N VAL H 221 24.75 -34.50 14.62
CA VAL H 221 24.45 -34.69 16.03
C VAL H 221 25.10 -33.58 16.84
N SER H 222 26.22 -33.06 16.34
CA SER H 222 26.90 -31.99 17.04
C SER H 222 25.99 -30.77 17.12
N PRO H 223 25.94 -30.07 18.27
CA PRO H 223 24.98 -28.97 18.40
C PRO H 223 25.18 -27.85 17.41
N LEU H 224 26.38 -27.70 16.84
CA LEU H 224 26.64 -26.58 15.95
C LEU H 224 25.71 -26.59 14.74
N LEU H 225 25.55 -27.77 14.12
CA LEU H 225 24.69 -27.84 12.94
C LEU H 225 23.22 -27.82 13.31
N THR H 226 22.83 -28.52 14.38
CA THR H 226 21.42 -28.57 14.76
C THR H 226 20.91 -27.19 15.16
N ALA H 227 21.70 -26.46 15.95
CA ALA H 227 21.30 -25.11 16.34
C ALA H 227 21.20 -24.20 15.12
N ALA H 228 22.04 -24.43 14.11
CA ALA H 228 21.97 -23.65 12.89
C ALA H 228 20.76 -24.00 12.04
N GLY H 229 20.02 -25.05 12.37
CA GLY H 229 18.89 -25.45 11.57
C GLY H 229 19.25 -26.17 10.30
N MET H 230 20.36 -26.90 10.29
CA MET H 230 20.83 -27.61 9.12
C MET H 230 20.53 -29.10 9.16
N ALA H 231 19.78 -29.56 10.17
CA ALA H 231 19.37 -30.95 10.26
C ALA H 231 17.88 -31.13 10.04
N ARG H 232 17.19 -30.10 9.55
CA ARG H 232 15.76 -30.19 9.34
C ARG H 232 15.43 -31.21 8.26
N ASP H 233 14.33 -31.94 8.47
CA ASP H 233 13.78 -32.86 7.47
C ASP H 233 14.75 -33.99 7.13
N TRP H 234 15.71 -34.27 8.01
CA TRP H 234 16.65 -35.34 7.72
C TRP H 234 15.90 -36.68 7.62
N PRO H 235 16.25 -37.56 6.67
CA PRO H 235 17.27 -37.44 5.62
C PRO H 235 16.70 -37.02 4.27
N ASP H 236 15.63 -36.24 4.25
CA ASP H 236 14.96 -35.91 3.01
C ASP H 236 15.88 -35.07 2.13
N ALA H 237 16.16 -35.56 0.93
CA ALA H 237 16.90 -34.85 -0.11
C ALA H 237 18.39 -34.74 0.18
N ARG H 238 18.94 -35.63 1.01
CA ARG H 238 20.38 -35.73 1.22
C ARG H 238 20.88 -37.00 0.57
N GLY H 239 22.00 -36.91 -0.14
CA GLY H 239 22.49 -38.05 -0.87
C GLY H 239 23.98 -38.02 -1.07
N ILE H 240 24.49 -39.06 -1.73
CA ILE H 240 25.92 -39.17 -2.03
C ILE H 240 26.07 -39.75 -3.43
N TRP H 241 26.74 -39.00 -4.31
CA TRP H 241 27.08 -39.48 -5.64
C TRP H 241 28.55 -39.83 -5.66
N HIS H 242 28.88 -41.08 -5.97
CA HIS H 242 30.27 -41.50 -5.98
C HIS H 242 30.58 -42.28 -7.25
N ASN H 243 31.83 -42.14 -7.70
CA ASN H 243 32.29 -42.83 -8.89
C ASN H 243 32.49 -44.32 -8.60
N ASN H 244 32.65 -45.10 -9.66
CA ASN H 244 32.78 -46.55 -9.50
C ASN H 244 33.99 -46.90 -8.64
N GLU H 245 35.12 -46.25 -8.89
CA GLU H 245 36.31 -46.48 -8.07
C GLU H 245 36.18 -45.90 -6.67
N LYS H 246 35.14 -45.12 -6.41
CA LYS H 246 34.94 -44.49 -5.10
C LYS H 246 36.08 -43.53 -4.76
N SER H 247 36.77 -43.03 -5.79
CA SER H 247 37.82 -42.03 -5.63
C SER H 247 37.32 -40.61 -5.87
N PHE H 248 36.03 -40.45 -6.19
CA PHE H 248 35.45 -39.13 -6.43
C PHE H 248 34.02 -39.15 -5.89
N LEU H 249 33.77 -38.36 -4.85
CA LEU H 249 32.49 -38.35 -4.16
C LEU H 249 31.93 -36.93 -4.12
N ILE H 250 30.61 -36.86 -3.97
CA ILE H 250 29.90 -35.59 -3.87
C ILE H 250 28.76 -35.79 -2.88
N TRP H 251 28.84 -35.12 -1.74
CA TRP H 251 27.76 -35.12 -0.77
C TRP H 251 26.76 -34.03 -1.13
N VAL H 252 25.49 -34.40 -1.19
CA VAL H 252 24.42 -33.49 -1.57
C VAL H 252 23.58 -33.20 -0.33
N ASN H 253 23.58 -31.93 0.09
CA ASN H 253 22.74 -31.43 1.18
C ASN H 253 23.07 -32.10 2.51
N GLU H 254 24.32 -31.94 2.94
CA GLU H 254 24.72 -32.34 4.29
C GLU H 254 25.15 -31.13 5.12
N GLU H 255 26.18 -30.41 4.66
CA GLU H 255 26.60 -29.15 5.27
C GLU H 255 26.51 -27.99 4.30
N ASP H 256 26.55 -28.26 3.00
CA ASP H 256 26.38 -27.25 1.97
C ASP H 256 25.57 -27.88 0.84
N HIS H 257 25.27 -27.09 -0.18
CA HIS H 257 24.54 -27.65 -1.32
C HIS H 257 25.29 -28.83 -1.93
N THR H 258 26.58 -28.66 -2.16
CA THR H 258 27.41 -29.75 -2.67
C THR H 258 28.76 -29.72 -2.00
N ARG H 259 29.27 -30.90 -1.65
CA ARG H 259 30.61 -31.08 -1.11
C ARG H 259 31.35 -32.06 -2.01
N VAL H 260 32.33 -31.56 -2.75
CA VAL H 260 33.08 -32.35 -3.72
C VAL H 260 34.36 -32.83 -3.06
N ILE H 261 34.61 -34.14 -3.12
CA ILE H 261 35.74 -34.77 -2.47
C ILE H 261 36.47 -35.65 -3.48
N SER H 262 37.79 -35.52 -3.53
CA SER H 262 38.65 -36.40 -4.30
C SER H 262 39.56 -37.13 -3.32
N MET H 263 39.53 -38.46 -3.36
CA MET H 263 40.19 -39.29 -2.35
C MET H 263 41.13 -40.27 -3.03
N GLU H 264 42.13 -40.72 -2.27
CA GLU H 264 43.03 -41.76 -2.76
C GLU H 264 43.67 -42.45 -1.57
N LYS H 265 43.69 -43.78 -1.60
CA LYS H 265 44.32 -44.56 -0.53
C LYS H 265 45.82 -44.72 -0.82
N GLY H 266 46.50 -43.58 -0.91
CA GLY H 266 47.92 -43.56 -1.20
C GLY H 266 48.57 -42.25 -0.81
N GLY H 267 49.48 -41.77 -1.66
CA GLY H 267 50.16 -40.52 -1.40
C GLY H 267 50.41 -39.70 -2.65
N ASN H 268 49.84 -40.12 -3.78
CA ASN H 268 50.01 -39.42 -5.05
C ASN H 268 49.07 -38.20 -5.08
N MET H 269 49.41 -37.21 -4.25
CA MET H 269 48.57 -36.03 -4.13
C MET H 269 48.40 -35.33 -5.47
N LYS H 270 49.40 -35.42 -6.36
CA LYS H 270 49.26 -34.81 -7.68
C LYS H 270 48.09 -35.42 -8.44
N ARG H 271 48.00 -36.76 -8.43
CA ARG H 271 46.89 -37.41 -9.13
C ARG H 271 45.55 -37.06 -8.50
N VAL H 272 45.50 -37.02 -7.17
CA VAL H 272 44.25 -36.70 -6.48
C VAL H 272 43.80 -35.30 -6.86
N PHE H 273 44.73 -34.35 -6.86
CA PHE H 273 44.37 -32.97 -7.18
C PHE H 273 43.99 -32.82 -8.65
N GLU H 274 44.66 -33.57 -9.54
CA GLU H 274 44.31 -33.51 -10.96
C GLU H 274 42.88 -34.02 -11.17
N ARG H 275 42.55 -35.16 -10.55
CA ARG H 275 41.19 -35.68 -10.64
C ARG H 275 40.20 -34.68 -10.07
N PHE H 276 40.55 -34.09 -8.92
CA PHE H 276 39.68 -33.08 -8.31
C PHE H 276 39.41 -31.93 -9.27
N CYS H 277 40.47 -31.39 -9.88
CA CYS H 277 40.31 -30.25 -10.76
C CYS H 277 39.45 -30.59 -11.97
N ARG H 278 39.76 -31.70 -12.64
CA ARG H 278 39.02 -32.03 -13.85
C ARG H 278 37.55 -32.35 -13.52
N GLY H 279 37.31 -33.08 -12.44
CA GLY H 279 35.93 -33.36 -12.06
C GLY H 279 35.16 -32.11 -11.72
N LEU H 280 35.79 -31.18 -10.98
CA LEU H 280 35.12 -29.93 -10.65
C LEU H 280 34.81 -29.12 -11.91
N LYS H 281 35.75 -29.09 -12.85
CA LYS H 281 35.50 -28.36 -14.10
C LYS H 281 34.33 -28.98 -14.86
N GLU H 282 34.30 -30.31 -14.96
CA GLU H 282 33.19 -30.96 -15.66
C GLU H 282 31.87 -30.70 -14.97
N VAL H 283 31.85 -30.77 -13.64
CA VAL H 283 30.62 -30.54 -12.89
C VAL H 283 30.13 -29.12 -13.11
N GLU H 284 31.05 -28.15 -13.07
CA GLU H 284 30.65 -26.76 -13.30
C GLU H 284 30.11 -26.57 -14.71
N ARG H 285 30.75 -27.20 -15.70
CA ARG H 285 30.27 -27.08 -17.07
C ARG H 285 28.85 -27.63 -17.19
N LEU H 286 28.61 -28.80 -16.60
CA LEU H 286 27.28 -29.40 -16.68
C LEU H 286 26.25 -28.57 -15.94
N ILE H 287 26.64 -27.97 -14.80
CA ILE H 287 25.72 -27.09 -14.10
C ILE H 287 25.35 -25.91 -14.97
N GLN H 288 26.34 -25.28 -15.61
CA GLN H 288 26.07 -24.12 -16.46
C GLN H 288 25.25 -24.51 -17.68
N GLU H 289 25.37 -25.74 -18.14
CA GLU H 289 24.62 -26.17 -19.33
C GLU H 289 23.12 -25.94 -19.13
N ARG H 290 22.59 -26.28 -17.96
CA ARG H 290 21.17 -26.17 -17.69
C ARG H 290 20.74 -24.78 -17.22
N GLY H 291 21.67 -23.85 -17.06
CA GLY H 291 21.34 -22.51 -16.66
C GLY H 291 21.55 -22.19 -15.20
N TRP H 292 22.27 -23.02 -14.46
CA TRP H 292 22.56 -22.78 -13.05
C TRP H 292 24.02 -22.34 -12.89
N GLU H 293 24.26 -21.54 -11.86
CA GLU H 293 25.60 -21.06 -11.56
C GLU H 293 25.92 -21.30 -10.09
N PHE H 294 27.22 -21.39 -9.80
CA PHE H 294 27.70 -21.43 -8.43
C PHE H 294 27.74 -20.03 -7.86
N MET H 295 27.34 -19.89 -6.60
CA MET H 295 27.48 -18.60 -5.93
C MET H 295 28.94 -18.21 -5.88
N TRP H 296 29.24 -16.98 -6.31
CA TRP H 296 30.62 -16.54 -6.35
C TRP H 296 30.72 -15.03 -6.57
N ASN H 297 31.52 -14.35 -5.76
CA ASN H 297 31.80 -12.94 -5.96
C ASN H 297 33.28 -12.69 -5.68
N GLU H 298 33.79 -11.60 -6.25
CA GLU H 298 35.23 -11.35 -6.22
C GLU H 298 35.75 -11.20 -4.81
N ARG H 299 35.02 -10.48 -3.95
CA ARG H 299 35.52 -10.21 -2.61
C ARG H 299 35.70 -11.48 -1.80
N LEU H 300 34.72 -12.38 -1.85
CA LEU H 300 34.69 -13.55 -0.97
C LEU H 300 35.00 -14.86 -1.68
N GLY H 301 34.97 -14.89 -3.00
CA GLY H 301 35.15 -16.14 -3.71
C GLY H 301 33.87 -16.95 -3.70
N TYR H 302 33.96 -18.25 -3.46
CA TYR H 302 32.79 -19.11 -3.44
C TYR H 302 32.06 -18.96 -2.12
N ILE H 303 30.76 -18.70 -2.20
CA ILE H 303 29.94 -18.43 -1.02
C ILE H 303 29.47 -19.75 -0.41
N LEU H 304 29.63 -19.89 0.90
CA LEU H 304 29.22 -21.08 1.63
C LEU H 304 28.59 -20.65 2.94
N THR H 305 28.13 -21.64 3.72
CA THR H 305 27.39 -21.33 4.94
C THR H 305 28.31 -20.82 6.04
N CYS H 306 29.25 -21.65 6.47
CA CYS H 306 30.16 -21.25 7.54
C CYS H 306 31.16 -20.23 6.98
N PRO H 307 31.30 -19.05 7.59
CA PRO H 307 32.29 -18.09 7.10
C PRO H 307 33.71 -18.63 7.10
N SER H 308 33.98 -19.65 7.90
CA SER H 308 35.31 -20.26 7.91
C SER H 308 35.64 -20.94 6.58
N ASN H 309 34.64 -21.30 5.80
CA ASN H 309 34.84 -22.02 4.54
C ASN H 309 34.84 -21.11 3.32
N LEU H 310 34.73 -19.80 3.51
CA LEU H 310 34.66 -18.88 2.37
C LEU H 310 35.94 -18.97 1.54
N GLY H 311 35.90 -18.32 0.38
CA GLY H 311 37.04 -18.30 -0.51
C GLY H 311 37.06 -19.47 -1.46
N THR H 312 37.87 -20.49 -1.14
CA THR H 312 37.96 -21.69 -1.94
C THR H 312 37.29 -22.90 -1.30
N GLY H 313 37.13 -22.91 0.02
CA GLY H 313 36.60 -24.07 0.69
C GLY H 313 37.50 -25.28 0.64
N LEU H 314 38.75 -25.12 0.19
CA LEU H 314 39.63 -26.26 -0.01
C LEU H 314 40.23 -26.71 1.31
N ARG H 315 40.25 -28.03 1.52
CA ARG H 315 40.80 -28.62 2.74
C ARG H 315 41.67 -29.82 2.38
N ALA H 316 42.60 -29.63 1.44
CA ALA H 316 43.54 -30.69 1.11
C ALA H 316 44.25 -31.17 2.37
N GLY H 317 44.26 -32.48 2.58
CA GLY H 317 44.80 -33.02 3.81
C GLY H 317 45.20 -34.47 3.65
N VAL H 318 45.71 -35.04 4.75
CA VAL H 318 46.20 -36.40 4.78
C VAL H 318 46.06 -36.96 6.19
N HIS H 319 45.79 -38.26 6.26
CA HIS H 319 45.88 -38.97 7.54
C HIS H 319 47.33 -39.09 7.96
N ILE H 320 47.58 -38.99 9.27
CA ILE H 320 48.94 -39.05 9.80
C ILE H 320 48.94 -39.89 11.06
N LYS H 321 49.99 -40.69 11.23
CA LYS H 321 50.07 -41.65 12.32
C LYS H 321 50.79 -41.06 13.53
N LEU H 322 50.90 -41.87 14.59
CA LEU H 322 51.48 -41.46 15.86
C LEU H 322 53.01 -41.54 15.91
N PRO H 323 53.63 -42.61 15.39
CA PRO H 323 54.97 -43.00 15.88
C PRO H 323 55.98 -41.86 15.96
N LEU H 324 56.27 -41.22 14.84
CA LEU H 324 57.27 -40.15 14.83
C LEU H 324 56.68 -38.79 15.19
N LEU H 325 55.44 -38.54 14.77
CA LEU H 325 54.83 -37.23 15.01
C LEU H 325 54.35 -37.09 16.46
N SER H 326 53.84 -38.16 17.05
CA SER H 326 53.32 -38.08 18.41
C SER H 326 54.43 -37.69 19.39
N LYS H 327 55.62 -38.28 19.24
CA LYS H 327 56.75 -37.99 20.09
C LYS H 327 57.60 -36.83 19.57
N ASP H 328 57.01 -35.95 18.76
CA ASP H 328 57.76 -34.83 18.21
C ASP H 328 58.16 -33.86 19.31
N SER H 329 59.23 -33.11 19.05
CA SER H 329 59.75 -32.18 20.06
C SER H 329 58.83 -30.99 20.23
N ARG H 330 58.62 -30.22 19.17
CA ARG H 330 57.82 -29.00 19.20
C ARG H 330 56.81 -29.00 18.05
N PHE H 331 56.11 -30.11 17.91
CA PHE H 331 55.21 -30.29 16.77
C PHE H 331 54.23 -29.14 16.57
N PRO H 332 53.52 -28.65 17.58
CA PRO H 332 52.57 -27.55 17.33
C PRO H 332 53.23 -26.32 16.75
N LYS H 333 54.43 -25.98 17.20
CA LYS H 333 55.13 -24.84 16.65
C LYS H 333 55.43 -25.04 15.18
N ILE H 334 55.88 -26.23 14.80
CA ILE H 334 56.17 -26.52 13.40
C ILE H 334 54.90 -26.42 12.57
N LEU H 335 53.80 -26.99 13.07
CA LEU H 335 52.54 -26.93 12.32
C LEU H 335 52.09 -25.49 12.12
N GLU H 336 52.14 -24.68 13.18
CA GLU H 336 51.75 -23.28 13.06
C GLU H 336 52.64 -22.54 12.08
N ASN H 337 53.95 -22.78 12.15
CA ASN H 337 54.88 -22.09 11.25
C ASN H 337 54.63 -22.48 9.81
N LEU H 338 54.34 -23.76 9.55
CA LEU H 338 54.04 -24.22 8.21
C LEU H 338 52.60 -23.93 7.79
N ARG H 339 51.77 -23.42 8.70
CA ARG H 339 50.37 -23.13 8.41
C ARG H 339 49.61 -24.43 8.10
N LEU H 340 49.77 -25.41 8.97
CA LEU H 340 49.10 -26.70 8.85
C LEU H 340 48.22 -26.93 10.07
N GLN H 341 46.95 -27.23 9.83
CA GLN H 341 46.01 -27.56 10.89
C GLN H 341 46.01 -29.06 11.14
N LYS H 342 45.88 -29.44 12.41
CA LYS H 342 45.83 -30.84 12.81
C LYS H 342 44.57 -31.06 13.63
N ARG H 343 43.75 -32.02 13.22
CA ARG H 343 42.50 -32.32 13.92
C ARG H 343 42.40 -33.82 14.16
N GLY H 344 41.38 -34.21 14.93
CA GLY H 344 41.22 -35.61 15.28
C GLY H 344 40.64 -36.42 14.13
N THR H 345 41.18 -37.61 13.93
CA THR H 345 40.70 -38.49 12.88
C THR H 345 39.27 -38.94 13.17
N GLY H 346 38.51 -39.21 12.12
CA GLY H 346 37.14 -39.63 12.22
C GLY H 346 36.13 -38.50 12.21
N GLY H 347 36.58 -37.26 12.20
CA GLY H 347 35.69 -36.10 12.17
C GLY H 347 36.18 -35.02 13.09
N VAL H 348 35.70 -33.79 12.84
CA VAL H 348 36.08 -32.66 13.68
C VAL H 348 35.56 -32.86 15.10
N ASP H 349 34.33 -33.35 15.23
CA ASP H 349 33.76 -33.58 16.56
C ASP H 349 34.56 -34.62 17.33
N THR H 350 34.97 -35.69 16.66
CA THR H 350 35.73 -36.75 17.32
C THR H 350 37.12 -36.24 17.71
N ALA H 351 37.66 -36.84 18.76
CA ALA H 351 38.98 -36.50 19.27
C ALA H 351 40.02 -37.49 18.75
N ALA H 352 41.28 -37.05 18.76
CA ALA H 352 42.36 -37.89 18.29
C ALA H 352 42.50 -39.13 19.16
N THR H 353 42.66 -40.28 18.51
CA THR H 353 42.81 -41.56 19.19
C THR H 353 44.00 -42.30 18.63
N GLY H 354 44.78 -42.93 19.50
CA GLY H 354 45.93 -43.69 19.07
C GLY H 354 47.00 -42.85 18.41
N GLY H 355 47.00 -41.55 18.64
CA GLY H 355 48.01 -40.69 18.04
C GLY H 355 47.88 -40.54 16.54
N VAL H 356 46.70 -40.77 15.98
CA VAL H 356 46.45 -40.63 14.55
C VAL H 356 45.58 -39.38 14.36
N PHE H 357 46.05 -38.46 13.53
CA PHE H 357 45.36 -37.19 13.30
C PHE H 357 45.18 -36.99 11.80
N ASP H 358 44.58 -35.85 11.46
CA ASP H 358 44.42 -35.41 10.08
C ASP H 358 45.09 -34.05 9.94
N ILE H 359 46.00 -33.95 8.98
CA ILE H 359 46.78 -32.74 8.75
C ILE H 359 46.31 -32.12 7.44
N SER H 360 45.81 -30.90 7.52
CA SER H 360 45.28 -30.19 6.35
C SER H 360 45.77 -28.75 6.41
N ASN H 361 45.24 -27.91 5.54
CA ASN H 361 45.55 -26.49 5.56
C ASN H 361 44.63 -25.77 6.53
N LEU H 362 45.03 -24.54 6.89
CA LEU H 362 44.29 -23.73 7.86
C LEU H 362 43.33 -22.74 7.19
N ASP H 363 43.84 -21.94 6.26
CA ASP H 363 43.09 -20.83 5.69
C ASP H 363 42.52 -21.21 4.33
N ARG H 364 41.32 -20.70 4.05
CA ARG H 364 40.63 -20.91 2.78
C ARG H 364 40.59 -19.66 1.94
N LEU H 365 40.11 -18.56 2.49
CA LEU H 365 40.06 -17.29 1.77
C LEU H 365 41.47 -16.72 1.64
N GLY H 366 41.69 -15.96 0.57
CA GLY H 366 42.99 -15.40 0.29
C GLY H 366 43.77 -16.19 -0.75
N LYS H 367 44.64 -17.07 -0.30
CA LYS H 367 45.41 -17.89 -1.23
C LYS H 367 44.49 -18.71 -2.12
N SER H 368 45.04 -19.20 -3.23
CA SER H 368 44.30 -19.97 -4.21
C SER H 368 44.44 -21.46 -3.96
N GLU H 369 43.65 -22.24 -4.70
CA GLU H 369 43.64 -23.68 -4.50
C GLU H 369 45.00 -24.30 -4.77
N VAL H 370 45.63 -23.90 -5.88
CA VAL H 370 46.96 -24.41 -6.20
C VAL H 370 47.95 -24.02 -5.11
N GLU H 371 47.88 -22.77 -4.65
CA GLU H 371 48.77 -22.33 -3.59
C GLU H 371 48.56 -23.13 -2.32
N LEU H 372 47.30 -23.37 -1.94
CA LEU H 372 47.03 -24.12 -0.73
C LEU H 372 47.53 -25.55 -0.84
N VAL H 373 47.31 -26.20 -1.99
CA VAL H 373 47.78 -27.56 -2.17
C VAL H 373 49.30 -27.62 -2.13
N GLN H 374 49.96 -26.67 -2.77
CA GLN H 374 51.42 -26.62 -2.73
C GLN H 374 51.91 -26.42 -1.30
N LEU H 375 51.24 -25.55 -0.55
CA LEU H 375 51.61 -25.32 0.85
C LEU H 375 51.49 -26.60 1.65
N VAL H 376 50.38 -27.33 1.47
CA VAL H 376 50.19 -28.57 2.21
C VAL H 376 51.26 -29.58 1.83
N ILE H 377 51.56 -29.69 0.53
CA ILE H 377 52.57 -30.65 0.08
C ILE H 377 53.94 -30.31 0.67
N ASP H 378 54.30 -29.03 0.64
CA ASP H 378 55.58 -28.62 1.21
C ASP H 378 55.63 -28.89 2.70
N GLY H 379 54.54 -28.60 3.42
CA GLY H 379 54.52 -28.84 4.85
C GLY H 379 54.66 -30.32 5.19
N VAL H 380 53.93 -31.17 4.47
CA VAL H 380 54.01 -32.60 4.76
C VAL H 380 55.38 -33.16 4.37
N ASN H 381 55.95 -32.67 3.26
CA ASN H 381 57.30 -33.08 2.90
C ASN H 381 58.29 -32.69 3.99
N TYR H 382 58.18 -31.48 4.51
CA TYR H 382 59.07 -31.04 5.58
C TYR H 382 58.87 -31.90 6.82
N LEU H 383 57.61 -32.21 7.17
CA LEU H 383 57.34 -32.99 8.36
C LEU H 383 57.92 -34.40 8.24
N ILE H 384 57.70 -35.05 7.09
CA ILE H 384 58.28 -36.37 6.89
C ILE H 384 59.80 -36.29 6.85
N ASP H 385 60.35 -35.16 6.42
CA ASP H 385 61.78 -34.94 6.53
C ASP H 385 62.20 -34.62 7.96
N CYS H 386 61.36 -33.92 8.71
CA CYS H 386 61.64 -33.56 10.10
C CYS H 386 60.82 -34.39 11.09
N GLU H 387 60.61 -35.67 10.79
CA GLU H 387 60.06 -36.63 11.75
C GLU H 387 61.14 -37.29 12.59
N ARG H 388 62.26 -36.59 12.79
CA ARG H 388 63.50 -37.21 13.24
C ARG H 388 63.32 -38.17 14.40
N ARG H 389 63.57 -39.45 14.15
CA ARG H 389 63.73 -40.45 15.18
C ARG H 389 65.04 -41.19 14.94
N LEU H 390 65.41 -41.31 13.66
CA LEU H 390 66.73 -41.82 13.32
C LEU H 390 67.82 -40.90 13.86
N GLU H 391 67.63 -39.59 13.77
CA GLU H 391 68.55 -38.62 14.33
C GLU H 391 67.71 -37.48 14.93
N ARG H 392 68.39 -36.39 15.27
CA ARG H 392 67.74 -35.19 15.81
C ARG H 392 68.13 -33.99 14.96
N GLY H 393 67.59 -32.83 15.34
CA GLY H 393 67.92 -31.59 14.64
C GLY H 393 66.71 -30.93 14.00
N GLN H 394 65.53 -31.09 14.59
CA GLN H 394 64.35 -30.40 14.10
C GLN H 394 64.60 -28.90 14.08
N ASP H 395 64.29 -28.26 12.95
CA ASP H 395 64.61 -26.86 12.74
C ASP H 395 63.41 -25.94 12.74
N ILE H 396 62.19 -26.49 12.70
CA ILE H 396 60.98 -25.68 12.65
C ILE H 396 60.98 -24.86 11.36
N ARG H 397 61.91 -23.90 11.27
CA ARG H 397 62.15 -23.15 10.04
C ARG H 397 60.89 -22.40 9.59
N ILE H 398 60.49 -21.45 10.42
CA ILE H 398 59.39 -20.55 10.08
C ILE H 398 59.68 -19.90 8.73
PB ADP I . 10.13 -7.05 -46.03
O1B ADP I . 11.21 -8.03 -45.66
O2B ADP I . 10.60 -5.63 -46.20
O3B ADP I . 8.85 -7.21 -45.25
PA ADP I . 8.99 -8.91 -47.74
O1A ADP I . 10.02 -9.93 -48.13
O2A ADP I . 8.08 -9.14 -46.55
O3A ADP I . 9.71 -7.50 -47.52
O5' ADP I . 8.06 -8.60 -49.01
C5' ADP I . 6.68 -8.97 -49.00
C4' ADP I . 6.09 -8.76 -50.38
O4' ADP I . 6.66 -7.59 -50.97
C3' ADP I . 6.39 -9.92 -51.32
O3' ADP I . 5.21 -10.67 -51.57
C2' ADP I . 6.93 -9.31 -52.59
O2' ADP I . 6.12 -9.66 -53.71
C1' ADP I . 6.91 -7.80 -52.37
N9 ADP I . 8.21 -7.21 -52.76
C8 ADP I . 9.28 -7.07 -51.96
N7 ADP I . 10.31 -6.50 -52.63
C5 ADP I . 9.90 -6.26 -53.88
C6 ADP I . 10.49 -5.67 -55.11
N6 ADP I . 11.76 -5.21 -55.13
N1 ADP I . 9.71 -5.60 -56.21
C2 ADP I . 8.44 -6.06 -56.22
N3 ADP I . 7.85 -6.60 -55.14
C4 ADP I . 8.51 -6.73 -53.97
H5'1 ADP I . 6.59 -10.02 -48.72
H5'2 ADP I . 6.14 -8.37 -48.27
H4' ADP I . 5.01 -8.65 -50.29
H3' ADP I . 7.16 -10.56 -50.87
HO3' ADP I . 5.43 -11.49 -52.03
H2' ADP I . 7.97 -9.63 -52.74
HO2' ADP I . 6.23 -10.60 -53.90
H1' ADP I . 6.10 -7.36 -52.96
H8 ADP I . 9.31 -7.39 -50.92
HN61 ADP I . 12.14 -4.81 -55.97
HN62 ADP I . 12.33 -5.27 -54.29
H2 ADP I . 7.87 -5.98 -57.14
MG MG J . 7.88 -9.04 -44.11
PB ADP K . -6.87 45.03 -14.09
O1B ADP K . -6.50 44.67 -15.50
O2B ADP K . -5.72 45.53 -13.23
O3B ADP K . -7.77 44.03 -13.40
PA ADP K . -9.25 46.16 -14.93
O1A ADP K . -9.15 46.53 -16.39
O2A ADP K . -9.79 44.82 -14.51
O3A ADP K . -7.81 46.32 -14.25
O5' ADP K . -10.10 47.30 -14.17
C5' ADP K . -11.39 47.00 -13.64
C4' ADP K . -12.04 48.29 -13.17
O4' ADP K . -11.06 49.14 -12.58
C3' ADP K . -12.69 49.05 -14.32
O3' ADP K . -14.12 49.01 -14.18
C2' ADP K . -12.16 50.47 -14.22
O2' ADP K . -13.23 51.41 -14.07
C1' ADP K . -11.27 50.49 -12.99
N9 ADP K . -9.97 51.14 -13.32
C8 ADP K . -8.90 50.52 -13.85
N7 ADP K . -7.88 51.38 -14.02
C5 ADP K . -8.29 52.59 -13.60
C6 ADP K . -7.70 53.95 -13.51
N6 ADP K . -6.43 54.20 -13.91
N1 ADP K . -8.48 54.93 -13.01
C2 ADP K . -9.74 54.71 -12.60
N3 ADP K . -10.34 53.51 -12.66
C4 ADP K . -9.67 52.43 -13.13
H5'1 ADP K . -12.00 46.52 -14.41
H5'2 ADP K . -11.29 46.30 -12.81
H4' ADP K . -12.81 48.04 -12.42
H3' ADP K . -12.37 48.61 -15.27
HO3' ADP K . -14.52 49.38 -14.99
H2' ADP K . -11.56 50.69 -15.11
HO2' ADP K . -13.73 51.46 -14.90
H1' ADP K . -11.78 51.05 -12.19
H8 ADP K . -8.87 49.46 -14.10
HN61 ADP K . -6.06 55.13 -13.85
HN62 ADP K . -5.87 53.45 -14.29
H2 ADP K . -10.31 55.55 -12.20
MG MG L . -9.32 42.41 -14.14
PB ADP M . 18.33 20.76 38.83
O1B ADP M . 18.07 22.13 38.26
O2B ADP M . 19.70 20.21 38.54
O3B ADP M . 17.21 19.78 38.62
PA ADP M . 16.97 21.42 41.15
O1A ADP M . 16.94 22.92 41.30
O2A ADP M . 15.85 20.69 40.45
O3A ADP M . 18.33 21.00 40.42
O5' ADP M . 17.16 20.76 42.60
C5' ADP M . 16.10 20.01 43.20
C4' ADP M . 16.48 19.69 44.64
O4' ADP M . 17.88 19.42 44.72
C3' ADP M . 16.18 20.85 45.58
O3' ADP M . 15.08 20.50 46.44
C2' ADP M . 17.45 21.08 46.36
O2' ADP M . 17.21 20.95 47.78
C1' ADP M . 18.43 20.03 45.89
N9 ADP M . 19.73 20.66 45.57
C8 ADP M . 20.05 21.26 44.42
N7 ADP M . 21.32 21.73 44.44
C5 ADP M . 21.84 21.43 45.65
C6 ADP M . 23.13 21.64 46.33
N6 ADP M . 24.16 22.28 45.72
N1 ADP M . 23.26 21.16 47.59
C2 ADP M . 22.26 20.52 48.22
N3 ADP M . 21.06 20.30 47.65
C4 ADP M . 20.80 20.72 46.39
H5'1 ADP M . 15.18 20.59 43.18
H5'2 ADP M . 15.95 19.09 42.64
H4' ADP M . 15.92 18.80 44.97
H3' ADP M . 15.94 21.74 44.99
HO3' ADP M . 14.81 21.29 46.94
H2' ADP M . 17.85 22.08 46.13
HO2' ADP M . 16.67 21.69 48.08
H1' ADP M . 18.56 19.27 46.67
H8 ADP M . 19.38 21.35 43.57
HN61 ADP M . 25.03 22.41 46.21
HN62 ADP M . 24.05 22.63 44.79
H2 ADP M . 22.43 20.17 49.23
MG MG N . 14.87 20.00 38.31
PB ADP O . 6.34 -34.11 32.64
O1B ADP O . 6.10 -35.25 31.68
O2B ADP O . 5.12 -33.66 33.40
O3B ADP O . 7.17 -32.99 32.07
PA ADP O . 8.74 -35.32 33.40
O1A ADP O . 8.61 -36.78 33.03
O2A ADP O . 9.37 -34.33 32.45
O3A ADP O . 7.28 -34.75 33.78
O5' ADP O . 9.49 -35.21 34.81
C5' ADP O . 10.77 -34.59 34.89
C4' ADP O . 11.35 -34.81 36.28
O4' ADP O . 10.30 -34.78 37.25
C3' ADP O . 12.04 -36.16 36.40
O3' ADP O . 13.45 -36.00 36.49
C2' ADP O . 11.49 -36.80 37.67
O2' ADP O . 12.54 -37.08 38.60
C1' ADP O . 10.52 -35.78 38.25
N9 ADP O . 9.23 -36.45 38.60
C8 ADP O . 8.19 -36.63 37.77
N7 ADP O . 7.18 -37.27 38.39
C5 ADP O . 7.58 -37.52 39.66
C6 ADP O . 6.99 -38.16 40.85
N6 ADP O . 5.74 -38.69 40.82
N1 ADP O . 7.73 -38.21 41.97
C2 ADP O . 8.97 -37.70 42.02
N3 ADP O . 9.57 -37.10 40.97
C4 ADP O . 8.93 -36.97 39.79
H5'1 ADP O . 11.44 -35.02 34.14
H5'2 ADP O . 10.68 -33.52 34.69
H4' ADP O . 12.08 -34.02 36.49
H3' ADP O . 11.77 -36.79 35.54
HO3' ADP O . 13.89 -36.85 36.40
H2' ADP O . 10.95 -37.71 37.41
HO2' ADP O . 13.09 -37.79 38.24
H1' ADP O . 10.96 -35.33 39.15
H8 ADP O . 8.16 -36.29 36.73
HN61 ADP O . 5.35 -39.13 41.63
HN62 ADP O . 5.19 -38.64 39.96
H2 ADP O . 9.53 -37.77 42.96
MG MG P . 8.97 -32.99 30.69
PB ADP Q . -8.02 -36.92 -28.99
O1B ADP Q . -9.12 -36.26 -29.78
O2B ADP Q . -8.51 -37.75 -27.83
O3B ADP Q . -6.86 -36.01 -28.68
PA ADP Q . -6.73 -37.53 -31.38
O1A ADP Q . -7.77 -37.47 -32.45
O2A ADP Q . -5.87 -36.33 -31.06
O3A ADP Q . -7.41 -38.01 -30.00
O5' ADP Q . -5.74 -38.76 -31.69
C5' ADP Q . -4.37 -38.53 -31.99
C4' ADP Q . -3.74 -39.84 -32.45
O4' ADP Q . -4.30 -40.94 -31.73
C3' ADP Q . -3.97 -40.10 -33.92
O3' ADP Q . -2.76 -39.92 -34.66
C2' ADP Q . -4.47 -41.52 -34.03
O2' ADP Q . -3.62 -42.32 -34.85
C1' ADP Q . -4.49 -42.05 -32.60
N9 ADP Q . -5.79 -42.72 -32.31
C8 ADP Q . -6.91 -42.09 -31.87
N7 ADP Q . -7.92 -42.99 -31.71
C5 ADP Q . -7.45 -44.20 -32.06
C6 ADP Q . -8.00 -45.58 -32.12
N6 ADP Q . -9.28 -45.84 -31.77
N1 ADP Q . -7.17 -46.56 -32.52
C2 ADP Q . -5.90 -46.32 -32.87
N3 ADP Q . -5.34 -45.10 -32.85
C4 ADP Q . -6.06 -44.02 -32.45
H5'1 ADP Q . -4.29 -37.78 -32.78
H5'2 ADP Q . -3.86 -38.16 -31.10
H4' ADP Q . -2.65 -39.79 -32.27
H3' ADP Q . -4.75 -39.41 -34.30
HO3' ADP Q . -2.95 -39.94 -35.61
H2' ADP Q . -5.50 -41.52 -34.42
HO2' ADP Q . -3.68 -42.02 -35.77
H1' ADP Q . -3.67 -42.77 -32.47
H8 ADP Q . -6.98 -41.04 -31.67
HN61 ADP Q . -9.63 -46.79 -31.81
HN62 ADP Q . -9.89 -45.09 -31.46
H2 ADP Q . -5.29 -47.16 -33.20
MG MG R . -5.75 -34.41 -29.85
PB ADP S . -34.74 20.38 -25.38
O1B ADP S . -35.36 21.12 -24.20
O2B ADP S . -35.36 19.03 -25.65
O3B ADP S . -33.24 20.39 -25.40
PA ADP S . -34.66 22.79 -26.77
O1A ADP S . -35.66 23.70 -26.12
O2A ADP S . -33.21 22.82 -26.36
O3A ADP S . -35.16 21.27 -26.65
O5' ADP S . -34.72 23.01 -28.36
C5' ADP S . -33.61 23.57 -29.05
C4' ADP S . -34.02 23.87 -30.49
O4' ADP S . -34.93 22.88 -30.96
C3' ADP S . -34.69 25.22 -30.63
O3' ADP S . -33.83 26.15 -31.29
C2' ADP S . -35.95 24.98 -31.43
O2' ADP S . -35.96 25.76 -32.62
C1' ADP S . -35.96 23.50 -31.76
N9 ADP S . -37.28 22.90 -31.45
C8 ADP S . -37.64 22.37 -30.26
N7 ADP S . -38.92 21.92 -30.31
C5 ADP S . -39.39 22.16 -31.55
C6 ADP S . -40.66 21.92 -32.28
N6 ADP S . -41.71 21.33 -31.66
N1 ADP S . -40.74 22.32 -33.56
C2 ADP S . -39.70 22.91 -34.18
N3 ADP S . -38.52 23.14 -33.58
C4 ADP S . -38.30 22.80 -32.29
H5'1 ADP S . -33.29 24.49 -28.56
H5'2 ADP S . -32.79 22.86 -29.05
H4' ADP S . -33.11 23.87 -31.12
H3' ADP S . -34.97 25.60 -29.62
HO3' ADP S . -34.19 27.04 -31.21
H2' ADP S . -36.83 25.22 -30.81
HO2' ADP S . -36.03 26.70 -32.39
H1' ADP S . -35.72 23.36 -32.82
H8 ADP S . -37.01 22.32 -29.38
HN61 ADP S . -42.57 21.17 -32.16
HN62 ADP S . -41.63 21.04 -30.69
H2 ADP S . -39.82 23.21 -35.22
MG MG T . -31.72 22.00 -24.86
PB ADP U . -20.39 23.19 36.26
O1B ADP U . -20.16 22.10 37.26
O2B ADP U . -21.73 23.14 35.56
O3B ADP U . -19.22 23.44 35.33
PA ADP U . -19.21 25.00 38.00
O1A ADP U . -19.30 24.38 39.38
O2A ADP U . -17.98 24.82 37.16
O3A ADP U . -20.48 24.53 37.14
O5' ADP U . -19.49 26.58 38.15
C5' ADP U . -18.46 27.51 37.84
C4' ADP U . -18.91 28.90 38.25
O4' ADP U . -20.31 29.05 38.03
C3' ADP U . -18.65 29.17 39.73
O3' ADP U . -17.58 30.11 39.89
C2' ADP U . -19.95 29.72 40.28
O2' ADP U . -19.76 31.02 40.84
C1' ADP U . -20.91 29.78 39.11
N9 ADP U . -22.22 29.17 39.48
C8 ADP U . -22.52 27.88 39.39
N7 ADP U . -23.79 27.65 39.82
C5 ADP U . -24.31 28.84 40.19
C6 ADP U . -25.61 29.31 40.73
N6 ADP U . -26.62 28.45 40.97
N1 ADP U . -25.73 30.63 40.99
C2 ADP U . -24.73 31.50 40.76
N3 ADP U . -23.53 31.13 40.26
C4 ADP U . -23.27 29.83 39.96
H5'1 ADP U . -17.54 27.24 38.37
H5'2 ADP U . -18.24 27.49 36.77
H4' ADP U . -18.35 29.65 37.66
H3' ADP U . -18.42 28.22 40.23
HO3' ADP U . -17.32 30.14 40.81
H2' ADP U . -20.35 29.03 41.04
HO2' ADP U . -19.21 30.95 41.64
H1' ADP U . -21.05 30.82 38.80
H8 ADP U . -21.85 27.10 39.03
HN61 ADP U . -27.50 28.78 41.34
HN62 ADP U . -26.49 27.46 40.77
H2 ADP U . -24.90 32.55 40.99
MG MG V . -16.98 23.43 35.66
PB ADP W . 35.29 -31.25 6.86
O1B ADP W . 35.82 -30.56 8.11
O2B ADP W . 35.98 -30.82 5.59
O3B ADP W . 33.79 -31.32 6.78
PA ADP W . 35.20 -33.64 8.28
O1A ADP W . 36.16 -33.49 9.44
O2A ADP W . 33.74 -33.33 8.45
O3A ADP W . 35.75 -32.77 7.04
O5' ADP W . 35.32 -35.14 7.70
C5' ADP W . 34.22 -36.03 7.80
C4' ADP W . 34.66 -37.43 7.39
O4' ADP W . 35.64 -37.34 6.34
C3' ADP W . 35.31 -38.18 8.54
O3' ADP W . 34.45 -39.23 8.99
C2' ADP W . 36.61 -38.74 7.98
O2' ADP W . 36.63 -40.17 8.10
C1' ADP W . 36.67 -38.31 6.53
N9 ADP W . 37.99 -37.72 6.23
C8 ADP W . 38.35 -36.44 6.42
N7 ADP W . 39.63 -36.24 6.03
C5 ADP W . 40.12 -37.41 5.59
C6 ADP W . 41.41 -37.89 5.05
N6 ADP W . 42.46 -37.06 4.90
N1 ADP W . 41.49 -39.19 4.71
C2 ADP W . 40.46 -40.04 4.84
N3 ADP W . 39.26 -39.66 5.34
C4 ADP W . 39.04 -38.39 5.72
H5'1 ADP W . 33.84 -36.05 8.83
H5'2 ADP W . 33.41 -35.69 7.15
H4' ADP W . 33.78 -37.99 7.04
H3' ADP W . 35.54 -37.48 9.35
HO3' ADP W . 34.80 -39.60 9.81
H2' ADP W . 37.46 -38.30 8.53
HO2' ADP W . 36.69 -40.42 9.03
H1' ADP W . 36.48 -39.17 5.89
H8 ADP W . 37.69 -35.67 6.82
HN61 ADP W . 43.33 -37.41 4.52
HN62 ADP W . 42.38 -36.08 5.16
H2 ADP W . 40.60 -41.07 4.55
MG MG X . 32.24 -31.66 8.40
#